data_4ERP
#
_entry.id   4ERP
#
_cell.length_a   128.669
_cell.length_b   398.906
_cell.length_c   319.437
_cell.angle_alpha   90.00
_cell.angle_beta   90.00
_cell.angle_gamma   90.00
#
_symmetry.space_group_name_H-M   'C 2 2 21'
#
loop_
_entity.id
_entity.type
_entity.pdbx_description
1 polymer 'Ribonucleoside-diphosphate reductase 1 subunit alpha'
2 polymer 'Ribonucleoside-diphosphate reductase 1 subunit beta'
3 non-polymer "ADENOSINE-5'-TRIPHOSPHATE"
4 non-polymer MU-OXO-DIIRON
5 water water
#
loop_
_entity_poly.entity_id
_entity_poly.type
_entity_poly.pdbx_seq_one_letter_code
_entity_poly.pdbx_strand_id
1 'polypeptide(L)'
;MNQNLLVTKRDGSTERINLDKIHRVLDWAAEGLHNVSISQVELRSHIQFYDGIKTSDIHETIIKAAADLISRDAPDYQYL
AARLAIFHLRKKAYGQFEPPALYDHVVKMVEMGKYDNHLLEDYTEEEFKQMDTFIDHDRDMTFSYAAVKQLEGKYLVQNR
VTGEIYESAQFLYILVAACLFSNYPRETRLQYVKRFYDAVSTFKISLPTPIMSGVRTPTRQFSSCVLIECGDSLDSINAT
SSAIVKYVSQRAGIGINAGRIRALGSPIRGGEAFHTGCIPFYKHFQTAVKSCSQGGVRGGAATLFYPMWHLEVESLLVLK
NNRGVEGNRVRHMDYGVQINKLMYTRLLKGEDITLFSPSDVPGLYDAFFADQEEFERLYTKYEKDDSIRKQRVKAVELFS
LMMQERASTGRIYIQNVDHCNTHSPFDPAIAPVRQSNLCLEIALPTKPLNDVNDENGEIALCTLSAFNLGAINNLDELEE
LAILAVRALDALLDYQDYPIPAAKRGAMGRRTLGIGVINFAYYLAKHGKRYSDGSANNLTHKTFEAIQYYLLKASNELAK
EQGACPWFNETTYAKGILPIDTYKKDLDTIANEPLHYDWEALRESIKTHGLRNSTLSALMPSETSSQISNATNGIEPPRG
YVSIKASKDGILRQVVPDYEHLHDAYELLWEMPGNDGYLQLVGIMQKFIDQSISANTNYDPSRFPSGKVPMQQLLKDLLT
AYKFGVKTLYYQNTRDGAEDAQDDLVPSIQDDGCESGACKI
;
A,B,C,D
2 'polypeptide(L)'
;AYTTFSQTKNDQLKEPMFFGQPVNVARYDQQKYDIFEKLIEKQLSFFWRPEEVDVSRDRIDYQALPEHEKHIFISNLKYQ
TLLDSIQGRSPNVALLPLISIPELETWVETWAFSETIHSRSYTHIIRNIVNDPSVVFDDIVTNEQIQKRAEGISSYYDEL
IEMTSYWHLLGEGTHTVNGKTVTVSLRELKKKLYLCLMSVNALEAIRFYVSFACSFAFAERELMEGNAKIIRLIARDEAL
HLTGTQHMLNLLRSGADDPEMAEIAEECKQECYDLFVQAAQQEKDWADYLFRDGSMIGLNKDILCQYVEYITNIRMQAVG
LDLPFQTRSNPIPWINTWLVSDNVQVAPQEVEVSSYLVGQIDSEVDTDDLSNFQL
;
E,F,G,H
#
loop_
_chem_comp.id
_chem_comp.type
_chem_comp.name
_chem_comp.formula
ATP non-polymer ADENOSINE-5'-TRIPHOSPHATE 'C10 H16 N5 O13 P3'
FEO non-polymer MU-OXO-DIIRON 'Fe2 O'
#
# COMPACT_ATOMS: atom_id res chain seq x y z
N ASN A 4 13.77 -10.49 -15.93
CA ASN A 4 12.43 -11.02 -16.14
C ASN A 4 11.38 -10.26 -15.35
N LEU A 5 11.48 -8.94 -15.34
CA LEU A 5 10.54 -8.10 -14.62
C LEU A 5 9.78 -7.18 -15.58
N LEU A 6 8.45 -7.17 -15.45
CA LEU A 6 7.60 -6.34 -16.30
C LEU A 6 7.35 -4.97 -15.66
N VAL A 7 6.50 -4.18 -16.29
CA VAL A 7 6.17 -2.84 -15.79
C VAL A 7 4.98 -2.31 -16.58
N THR A 8 4.16 -1.48 -15.95
CA THR A 8 3.00 -0.89 -16.62
C THR A 8 3.10 0.62 -16.64
N LYS A 9 3.57 1.15 -17.78
CA LYS A 9 3.73 2.59 -17.95
C LYS A 9 2.40 3.30 -17.72
N ARG A 10 2.44 4.50 -17.13
CA ARG A 10 1.22 5.25 -16.87
C ARG A 10 0.40 5.37 -18.15
N ASP A 11 1.09 5.33 -19.28
CA ASP A 11 0.43 5.40 -20.58
C ASP A 11 -0.58 4.26 -20.68
N GLY A 12 -0.25 3.15 -20.05
CA GLY A 12 -1.13 1.99 -20.08
C GLY A 12 -0.42 0.77 -20.63
N SER A 13 0.38 0.98 -21.67
CA SER A 13 1.12 -0.10 -22.30
C SER A 13 2.07 -0.77 -21.31
N THR A 14 2.62 -1.90 -21.72
CA THR A 14 3.54 -2.65 -20.87
C THR A 14 4.99 -2.36 -21.27
N GLU A 15 5.91 -2.71 -20.37
CA GLU A 15 7.34 -2.57 -20.63
C GLU A 15 8.12 -3.48 -19.70
N ARG A 16 9.37 -3.76 -20.05
CA ARG A 16 10.26 -4.47 -19.14
C ARG A 16 10.85 -3.48 -18.14
N ILE A 17 11.23 -3.95 -16.96
CA ILE A 17 11.81 -3.07 -15.96
C ILE A 17 13.10 -2.49 -16.51
N ASN A 18 13.33 -1.21 -16.23
CA ASN A 18 14.52 -0.51 -16.70
C ASN A 18 15.22 0.18 -15.55
N LEU A 19 16.02 -0.54 -14.79
CA LEU A 19 16.43 -0.04 -13.50
C LEU A 19 17.04 1.34 -13.75
N ASP A 20 17.63 1.50 -14.93
CA ASP A 20 18.36 2.72 -15.30
C ASP A 20 17.49 3.97 -15.32
N LYS A 21 16.26 3.84 -15.78
CA LYS A 21 15.38 4.98 -15.98
C LYS A 21 15.13 5.70 -14.66
N ILE A 22 14.95 4.93 -13.59
CA ILE A 22 14.70 5.51 -12.28
C ILE A 22 15.84 6.40 -11.80
N HIS A 23 17.08 5.96 -12.07
CA HIS A 23 18.25 6.70 -11.66
C HIS A 23 18.32 8.06 -12.30
N ARG A 24 17.99 8.11 -13.58
CA ARG A 24 17.96 9.37 -14.31
C ARG A 24 16.93 10.34 -13.74
N VAL A 25 15.82 9.80 -13.25
CA VAL A 25 14.76 10.62 -12.68
C VAL A 25 15.25 11.32 -11.42
N LEU A 26 15.82 10.53 -10.51
CA LEU A 26 16.35 11.06 -9.25
C LEU A 26 17.39 12.13 -9.59
N ASP A 27 18.18 11.86 -10.61
CA ASP A 27 19.21 12.80 -11.05
C ASP A 27 18.59 14.14 -11.39
N TRP A 28 17.56 14.11 -12.24
CA TRP A 28 16.85 15.32 -12.64
C TRP A 28 16.58 16.16 -11.40
N ALA A 29 16.34 15.48 -10.28
CA ALA A 29 16.05 16.15 -9.01
C ALA A 29 17.32 16.57 -8.29
N ALA A 30 18.24 15.63 -8.13
CA ALA A 30 19.51 15.90 -7.44
C ALA A 30 20.31 16.99 -8.16
N GLU A 31 19.90 17.31 -9.39
CA GLU A 31 20.59 18.33 -10.17
C GLU A 31 20.70 19.64 -9.40
N GLY A 32 21.93 20.08 -9.19
CA GLY A 32 22.15 21.32 -8.46
C GLY A 32 21.80 21.21 -6.99
N LEU A 33 22.21 20.11 -6.37
CA LEU A 33 21.93 19.89 -4.96
C LEU A 33 23.12 19.20 -4.28
N HIS A 34 23.17 19.31 -2.96
CA HIS A 34 24.25 18.71 -2.18
C HIS A 34 23.69 17.88 -1.03
N ASN A 35 24.54 17.03 -0.46
CA ASN A 35 24.15 16.17 0.65
C ASN A 35 23.02 15.25 0.23
N VAL A 36 22.70 15.27 -1.06
CA VAL A 36 21.63 14.44 -1.61
C VAL A 36 22.18 13.22 -2.31
N SER A 37 21.99 12.06 -1.70
CA SER A 37 22.47 10.80 -2.26
C SER A 37 21.40 10.13 -3.12
N ILE A 38 21.70 10.01 -4.42
CA ILE A 38 20.77 9.40 -5.36
C ILE A 38 20.46 7.97 -4.93
N SER A 39 21.49 7.28 -4.45
CA SER A 39 21.36 5.90 -4.00
C SER A 39 20.55 5.79 -2.71
N GLN A 40 20.66 6.81 -1.86
CA GLN A 40 19.95 6.83 -0.59
C GLN A 40 18.46 6.62 -0.77
N VAL A 41 17.80 7.58 -1.41
CA VAL A 41 16.36 7.51 -1.64
C VAL A 41 15.86 6.14 -2.10
N GLU A 42 16.64 5.49 -2.96
CA GLU A 42 16.27 4.18 -3.48
C GLU A 42 16.09 3.19 -2.34
N LEU A 43 17.17 2.95 -1.59
CA LEU A 43 17.22 1.88 -0.60
C LEU A 43 16.19 2.08 0.50
N ARG A 44 16.02 3.33 0.91
CA ARG A 44 15.07 3.68 1.96
C ARG A 44 13.65 3.35 1.54
N SER A 45 13.33 3.60 0.27
CA SER A 45 11.96 3.47 -0.20
C SER A 45 11.51 2.02 -0.16
N HIS A 46 12.47 1.10 -0.07
CA HIS A 46 12.17 -0.33 -0.04
C HIS A 46 11.14 -0.65 -1.11
N ILE A 47 11.20 0.10 -2.21
CA ILE A 47 10.28 -0.09 -3.33
C ILE A 47 10.14 -1.58 -3.64
N GLN A 48 8.94 -2.10 -3.43
CA GLN A 48 8.68 -3.50 -3.69
C GLN A 48 8.14 -3.72 -5.09
N PHE A 49 8.95 -4.39 -5.92
CA PHE A 49 8.58 -4.66 -7.30
C PHE A 49 7.71 -5.91 -7.46
N TYR A 50 6.75 -5.82 -8.38
CA TYR A 50 5.86 -6.92 -8.68
C TYR A 50 5.22 -6.71 -10.05
N ASP A 51 4.97 -7.79 -10.78
CA ASP A 51 4.63 -7.68 -12.19
C ASP A 51 3.42 -6.78 -12.42
N GLY A 52 3.52 -5.94 -13.44
CA GLY A 52 2.58 -4.86 -13.68
C GLY A 52 3.05 -3.57 -13.04
N ILE A 53 2.80 -3.40 -11.74
CA ILE A 53 3.51 -2.37 -10.95
C ILE A 53 3.48 -0.96 -11.55
N LYS A 54 2.29 -0.50 -11.93
CA LYS A 54 2.13 0.63 -12.83
C LYS A 54 3.04 1.79 -12.44
N THR A 55 3.65 2.36 -13.46
CA THR A 55 4.80 3.25 -13.34
C THR A 55 4.51 4.41 -12.38
N SER A 56 3.24 4.83 -12.35
CA SER A 56 2.83 5.92 -11.49
C SER A 56 3.14 5.59 -10.04
N ASP A 57 2.70 4.42 -9.60
CA ASP A 57 2.94 3.98 -8.22
C ASP A 57 4.43 3.95 -7.92
N ILE A 58 5.21 3.39 -8.84
CA ILE A 58 6.66 3.30 -8.66
C ILE A 58 7.19 4.69 -8.37
N HIS A 59 6.82 5.65 -9.23
CA HIS A 59 7.24 7.03 -9.09
C HIS A 59 6.75 7.58 -7.75
N GLU A 60 5.55 7.18 -7.37
CA GLU A 60 4.94 7.62 -6.13
C GLU A 60 5.83 7.29 -4.94
N THR A 61 6.31 6.05 -4.90
CA THR A 61 7.17 5.57 -3.82
C THR A 61 8.35 6.49 -3.51
N ILE A 62 9.16 6.78 -4.54
CA ILE A 62 10.33 7.63 -4.35
C ILE A 62 9.98 9.00 -3.78
N ILE A 63 8.88 9.58 -4.23
CA ILE A 63 8.45 10.89 -3.75
C ILE A 63 8.39 10.94 -2.23
N LYS A 64 7.70 9.97 -1.63
CA LYS A 64 7.58 9.92 -0.17
C LYS A 64 8.92 9.60 0.47
N ALA A 65 9.70 8.76 -0.20
CA ALA A 65 11.01 8.37 0.31
C ALA A 65 11.93 9.57 0.42
N ALA A 66 12.02 10.35 -0.66
CA ALA A 66 12.86 11.54 -0.69
C ALA A 66 12.37 12.55 0.35
N ALA A 67 11.05 12.61 0.55
CA ALA A 67 10.46 13.53 1.51
C ALA A 67 10.79 13.14 2.94
N ASP A 68 11.00 11.84 3.18
CA ASP A 68 11.31 11.35 4.51
C ASP A 68 12.77 11.61 4.87
N LEU A 69 13.59 11.87 3.87
CA LEU A 69 15.01 12.13 4.09
C LEU A 69 15.28 13.62 4.25
N ILE A 70 14.21 14.39 4.39
CA ILE A 70 14.33 15.83 4.54
C ILE A 70 14.66 16.16 6.00
N SER A 71 15.94 16.07 6.34
CA SER A 71 16.39 16.34 7.70
C SER A 71 17.11 17.68 7.78
N ARG A 72 17.35 18.13 9.00
CA ARG A 72 17.95 19.44 9.19
C ARG A 72 19.30 19.42 8.48
N ASP A 73 19.98 18.27 8.57
CA ASP A 73 21.30 18.15 7.97
C ASP A 73 21.19 18.06 6.46
N ALA A 74 19.97 17.83 5.98
CA ALA A 74 19.71 17.71 4.56
C ALA A 74 18.61 18.67 4.11
N PRO A 75 18.87 19.98 4.18
CA PRO A 75 17.90 21.01 3.78
C PRO A 75 17.48 20.91 2.32
N ASP A 76 18.41 20.51 1.46
CA ASP A 76 18.15 20.37 0.03
C ASP A 76 17.14 19.29 -0.31
N TYR A 77 17.12 18.22 0.47
CA TYR A 77 16.19 17.12 0.24
C TYR A 77 14.77 17.64 0.13
N GLN A 78 14.48 18.73 0.84
CA GLN A 78 13.16 19.35 0.80
C GLN A 78 12.86 19.76 -0.63
N TYR A 79 13.86 20.31 -1.31
CA TYR A 79 13.71 20.75 -2.69
C TYR A 79 13.87 19.56 -3.63
N LEU A 80 14.70 18.60 -3.25
CA LEU A 80 14.92 17.40 -4.06
C LEU A 80 13.59 16.72 -4.36
N ALA A 81 12.92 16.28 -3.30
CA ALA A 81 11.62 15.61 -3.44
C ALA A 81 10.62 16.52 -4.14
N ALA A 82 10.72 17.82 -3.87
CA ALA A 82 9.83 18.80 -4.48
C ALA A 82 9.85 18.64 -6.00
N ARG A 83 11.05 18.56 -6.57
CA ARG A 83 11.19 18.41 -8.02
C ARG A 83 10.59 17.11 -8.55
N LEU A 84 10.83 16.02 -7.82
CA LEU A 84 10.21 14.72 -8.11
C LEU A 84 8.69 14.79 -8.07
N ALA A 85 8.17 15.67 -7.21
CA ALA A 85 6.73 15.83 -7.06
C ALA A 85 6.12 16.63 -8.21
N ILE A 86 6.62 17.85 -8.41
CA ILE A 86 6.11 18.72 -9.47
C ILE A 86 5.98 17.95 -10.78
N PHE A 87 6.93 17.07 -11.04
CA PHE A 87 6.94 16.26 -12.25
C PHE A 87 5.63 15.47 -12.39
N HIS A 88 5.39 14.61 -11.40
CA HIS A 88 4.20 13.77 -11.38
C HIS A 88 2.91 14.56 -11.68
N LEU A 89 2.68 15.61 -10.91
CA LEU A 89 1.49 16.44 -11.06
C LEU A 89 1.28 16.92 -12.50
N ARG A 90 2.23 17.69 -13.02
CA ARG A 90 2.15 18.22 -14.37
C ARG A 90 1.78 17.17 -15.41
N LYS A 91 2.42 16.00 -15.31
CA LYS A 91 2.18 14.91 -16.26
C LYS A 91 0.84 14.22 -16.03
N LYS A 92 0.33 14.29 -14.81
CA LYS A 92 -0.94 13.66 -14.47
C LYS A 92 -2.13 14.53 -14.86
N ALA A 93 -1.86 15.67 -15.49
CA ALA A 93 -2.93 16.57 -15.90
C ALA A 93 -2.69 17.17 -17.28
N TYR A 94 -1.60 16.78 -17.93
CA TYR A 94 -1.28 17.31 -19.25
C TYR A 94 -0.85 16.22 -20.22
N GLY A 95 -0.72 15.00 -19.72
CA GLY A 95 -0.31 13.89 -20.57
C GLY A 95 1.19 13.88 -20.78
N GLN A 96 1.76 15.08 -20.75
CA GLN A 96 3.17 15.38 -21.06
C GLN A 96 3.75 16.43 -20.10
N PHE A 97 5.08 16.49 -20.04
CA PHE A 97 5.81 17.27 -19.05
C PHE A 97 5.64 18.77 -19.26
N GLU A 98 5.40 19.19 -20.49
CA GLU A 98 5.25 20.60 -20.79
C GLU A 98 3.79 21.00 -21.03
N PRO A 99 3.22 21.81 -20.12
CA PRO A 99 1.83 22.28 -20.18
C PRO A 99 1.51 23.02 -21.48
N PRO A 100 0.26 22.88 -21.92
CA PRO A 100 -0.30 23.49 -23.13
C PRO A 100 -0.54 25.00 -23.02
N ALA A 101 -0.65 25.69 -24.16
CA ALA A 101 -0.66 27.14 -24.20
C ALA A 101 -1.78 27.66 -23.30
N LEU A 102 -1.59 28.89 -22.80
CA LEU A 102 -2.57 29.52 -21.92
C LEU A 102 -3.98 29.42 -22.52
N TYR A 103 -4.13 29.92 -23.73
CA TYR A 103 -5.42 29.91 -24.42
C TYR A 103 -5.99 28.51 -24.54
N ASP A 104 -5.31 27.65 -25.29
CA ASP A 104 -5.75 26.27 -25.50
C ASP A 104 -6.28 25.62 -24.22
N HIS A 105 -5.49 25.70 -23.15
CA HIS A 105 -5.86 25.11 -21.87
C HIS A 105 -7.13 25.74 -21.30
N VAL A 106 -7.09 27.05 -21.08
CA VAL A 106 -8.24 27.77 -20.53
C VAL A 106 -9.55 27.29 -21.16
N VAL A 107 -9.56 27.18 -22.48
CA VAL A 107 -10.74 26.74 -23.21
C VAL A 107 -11.11 25.29 -22.90
N LYS A 108 -10.13 24.39 -23.05
CA LYS A 108 -10.34 22.97 -22.80
C LYS A 108 -11.06 22.70 -21.48
N MET A 109 -10.52 23.26 -20.40
CA MET A 109 -11.09 23.06 -19.07
C MET A 109 -12.45 23.73 -18.89
N VAL A 110 -12.74 24.72 -19.72
CA VAL A 110 -14.01 25.44 -19.64
C VAL A 110 -15.18 24.49 -19.86
N GLU A 111 -15.23 23.87 -21.03
CA GLU A 111 -16.29 22.94 -21.39
C GLU A 111 -16.34 21.72 -20.47
N MET A 112 -15.29 21.51 -19.70
CA MET A 112 -15.23 20.38 -18.78
C MET A 112 -15.93 20.72 -17.46
N GLY A 113 -16.38 21.96 -17.33
CA GLY A 113 -17.06 22.38 -16.13
C GLY A 113 -16.12 22.89 -15.04
N LYS A 114 -14.82 22.60 -15.19
CA LYS A 114 -13.73 23.07 -14.29
C LYS A 114 -13.27 24.55 -14.24
N TYR A 115 -13.00 25.16 -15.40
CA TYR A 115 -12.79 26.60 -15.54
C TYR A 115 -14.07 27.29 -15.99
N ASP A 116 -14.27 28.50 -15.49
CA ASP A 116 -15.45 29.28 -15.83
C ASP A 116 -15.23 29.96 -17.18
N ASN A 117 -16.19 29.85 -18.08
CA ASN A 117 -16.09 30.45 -19.41
C ASN A 117 -16.00 31.98 -19.30
N HIS A 118 -16.25 32.49 -18.10
CA HIS A 118 -16.20 33.92 -17.83
C HIS A 118 -14.96 34.59 -18.40
N LEU A 119 -13.88 33.83 -18.51
CA LEU A 119 -12.61 34.35 -19.03
C LEU A 119 -12.57 34.42 -20.55
N LEU A 120 -13.07 33.39 -21.21
CA LEU A 120 -13.08 33.33 -22.67
C LEU A 120 -13.82 34.52 -23.27
N GLU A 121 -14.63 35.17 -22.44
CA GLU A 121 -15.42 36.31 -22.89
C GLU A 121 -14.76 37.65 -22.60
N ASP A 122 -14.04 37.73 -21.47
CA ASP A 122 -13.37 38.97 -21.08
C ASP A 122 -11.95 39.08 -21.65
N TYR A 123 -11.52 38.04 -22.36
CA TYR A 123 -10.18 38.03 -22.95
C TYR A 123 -10.15 37.32 -24.30
N THR A 124 -9.68 38.05 -25.31
CA THR A 124 -9.58 37.49 -26.66
C THR A 124 -8.32 36.64 -26.77
N GLU A 125 -8.33 35.69 -27.70
CA GLU A 125 -7.19 34.80 -27.90
C GLU A 125 -5.85 35.53 -27.82
N GLU A 126 -5.74 36.64 -28.55
CA GLU A 126 -4.50 37.42 -28.57
C GLU A 126 -4.01 37.71 -27.15
N GLU A 127 -4.86 38.36 -26.36
CA GLU A 127 -4.51 38.71 -24.99
C GLU A 127 -4.07 37.49 -24.18
N PHE A 128 -4.69 36.34 -24.45
CA PHE A 128 -4.35 35.11 -23.76
C PHE A 128 -2.95 34.65 -24.15
N LYS A 129 -2.74 34.51 -25.45
CA LYS A 129 -1.44 34.07 -25.98
C LYS A 129 -0.35 35.04 -25.57
N GLN A 130 -0.72 36.28 -25.27
CA GLN A 130 0.22 37.30 -24.85
C GLN A 130 0.61 37.04 -23.41
N MET A 131 -0.40 36.81 -22.57
CA MET A 131 -0.18 36.53 -21.15
C MET A 131 0.68 35.29 -20.98
N ASP A 132 0.65 34.42 -21.98
CA ASP A 132 1.42 33.18 -21.95
C ASP A 132 2.90 33.51 -21.77
N THR A 133 3.29 34.69 -22.23
CA THR A 133 4.67 35.15 -22.12
C THR A 133 5.06 35.36 -20.66
N PHE A 134 4.19 36.01 -19.91
CA PHE A 134 4.45 36.27 -18.50
C PHE A 134 4.58 34.96 -17.73
N ILE A 135 3.77 33.99 -18.10
CA ILE A 135 3.78 32.68 -17.45
C ILE A 135 5.16 32.03 -17.53
N ASP A 136 5.70 31.65 -16.38
CA ASP A 136 7.00 31.00 -16.30
C ASP A 136 6.82 29.61 -15.70
N HIS A 137 6.58 28.61 -16.54
CA HIS A 137 6.25 27.32 -16.01
C HIS A 137 7.38 26.91 -15.12
N ASP A 138 8.56 27.44 -15.42
CA ASP A 138 9.80 27.00 -14.78
C ASP A 138 9.77 27.34 -13.30
N ARG A 139 8.84 28.20 -12.92
CA ARG A 139 8.69 28.63 -11.54
C ARG A 139 8.21 27.47 -10.67
N ASP A 140 7.71 26.42 -11.32
CA ASP A 140 7.24 25.23 -10.62
C ASP A 140 8.42 24.54 -9.94
N MET A 141 9.61 24.81 -10.45
CA MET A 141 10.83 24.23 -9.92
C MET A 141 11.42 25.10 -8.81
N THR A 142 10.60 26.03 -8.31
CA THR A 142 11.05 26.91 -7.24
C THR A 142 10.21 26.66 -5.99
N PHE A 143 9.49 25.55 -5.98
CA PHE A 143 8.65 25.16 -4.86
C PHE A 143 9.33 24.18 -3.92
N SER A 144 9.08 24.35 -2.63
CA SER A 144 9.44 23.39 -1.61
C SER A 144 8.44 22.23 -1.65
N TYR A 145 8.84 21.08 -1.14
CA TYR A 145 7.95 19.93 -1.10
C TYR A 145 6.75 20.25 -0.23
N ALA A 146 7.01 20.94 0.88
CA ALA A 146 5.97 21.34 1.81
C ALA A 146 4.78 22.01 1.13
N ALA A 147 5.06 23.08 0.40
CA ALA A 147 4.02 23.82 -0.31
C ALA A 147 3.39 22.97 -1.41
N VAL A 148 4.23 22.29 -2.18
CA VAL A 148 3.77 21.44 -3.28
C VAL A 148 2.63 20.50 -2.88
N LYS A 149 2.85 19.72 -1.83
CA LYS A 149 1.85 18.77 -1.36
C LYS A 149 0.49 19.41 -1.11
N GLN A 150 0.50 20.67 -0.67
CA GLN A 150 -0.75 21.37 -0.41
C GLN A 150 -1.45 21.70 -1.73
N LEU A 151 -0.67 22.11 -2.72
CA LEU A 151 -1.20 22.45 -4.02
C LEU A 151 -1.96 21.28 -4.64
N GLU A 152 -1.57 20.06 -4.30
CA GLU A 152 -2.25 18.92 -4.88
C GLU A 152 -3.73 18.91 -4.51
N GLY A 153 -4.06 19.24 -3.26
CA GLY A 153 -5.45 19.28 -2.83
C GLY A 153 -6.04 20.62 -2.38
N LYS A 154 -5.17 21.51 -1.91
CA LYS A 154 -5.56 22.83 -1.45
C LYS A 154 -6.03 23.83 -2.50
N TYR A 155 -5.32 23.91 -3.63
CA TYR A 155 -5.56 24.97 -4.60
C TYR A 155 -6.04 24.54 -5.98
N LEU A 156 -5.24 23.69 -6.62
CA LEU A 156 -5.40 23.41 -8.04
C LEU A 156 -6.75 22.78 -8.30
N VAL A 157 -7.38 23.20 -9.39
CA VAL A 157 -8.67 22.66 -9.73
C VAL A 157 -8.49 21.18 -10.00
N GLN A 158 -9.39 20.38 -9.44
CA GLN A 158 -9.36 18.93 -9.64
C GLN A 158 -10.72 18.27 -9.49
N ASN A 159 -10.81 17.01 -9.88
CA ASN A 159 -12.06 16.25 -9.71
C ASN A 159 -11.88 15.48 -8.40
N ARG A 160 -12.74 15.75 -7.41
CA ARG A 160 -12.56 15.13 -6.10
C ARG A 160 -12.96 13.66 -6.07
N VAL A 161 -13.93 13.26 -6.89
CA VAL A 161 -14.30 11.85 -6.97
C VAL A 161 -13.21 11.08 -7.70
N THR A 162 -13.05 11.38 -8.99
CA THR A 162 -12.10 10.69 -9.83
C THR A 162 -10.63 10.86 -9.48
N GLY A 163 -10.28 12.01 -8.90
CA GLY A 163 -8.88 12.28 -8.55
C GLY A 163 -8.20 13.19 -9.55
N GLU A 164 -8.61 13.19 -10.81
CA GLU A 164 -8.02 14.01 -11.85
C GLU A 164 -7.64 15.43 -11.43
N ILE A 165 -6.41 15.81 -11.74
CA ILE A 165 -5.92 17.17 -11.46
C ILE A 165 -5.94 17.92 -12.80
N TYR A 166 -6.66 19.04 -12.88
CA TYR A 166 -6.81 19.79 -14.14
C TYR A 166 -5.95 21.05 -14.40
N GLU A 167 -5.08 21.47 -13.46
CA GLU A 167 -4.30 22.71 -13.65
C GLU A 167 -2.87 22.61 -13.10
N SER A 168 -1.95 23.47 -13.58
CA SER A 168 -0.59 23.37 -13.05
C SER A 168 -0.35 24.49 -12.05
N ALA A 169 0.88 24.60 -11.53
CA ALA A 169 1.19 25.65 -10.56
C ALA A 169 1.20 27.11 -11.04
N GLN A 170 1.89 27.37 -12.15
CA GLN A 170 1.93 28.72 -12.75
C GLN A 170 0.59 29.12 -13.32
N PHE A 171 -0.01 28.12 -13.98
CA PHE A 171 -1.28 28.21 -14.69
C PHE A 171 -2.32 28.76 -13.73
N LEU A 172 -2.35 28.20 -12.53
CA LEU A 172 -3.28 28.63 -11.50
C LEU A 172 -3.10 30.10 -11.17
N TYR A 173 -1.86 30.47 -10.86
CA TYR A 173 -1.52 31.85 -10.53
C TYR A 173 -2.07 32.88 -11.51
N ILE A 174 -1.57 32.86 -12.74
CA ILE A 174 -1.99 33.82 -13.76
C ILE A 174 -3.51 33.96 -13.91
N LEU A 175 -4.22 32.85 -14.11
CA LEU A 175 -5.67 32.91 -14.28
C LEU A 175 -6.33 33.76 -13.19
N VAL A 176 -5.96 33.50 -11.94
CA VAL A 176 -6.52 34.23 -10.82
C VAL A 176 -6.25 35.73 -10.96
N ALA A 177 -5.01 36.07 -11.28
CA ALA A 177 -4.61 37.46 -11.45
C ALA A 177 -5.51 38.19 -12.44
N ALA A 178 -5.70 37.58 -13.61
CA ALA A 178 -6.53 38.17 -14.66
C ALA A 178 -8.01 38.11 -14.31
N CYS A 179 -8.48 36.94 -13.91
CA CYS A 179 -9.89 36.75 -13.57
C CYS A 179 -10.30 37.68 -12.42
N LEU A 180 -9.32 38.32 -11.79
CA LEU A 180 -9.58 39.23 -10.69
C LEU A 180 -9.40 40.68 -11.17
N PHE A 181 -8.83 40.82 -12.36
CA PHE A 181 -8.59 42.12 -12.98
C PHE A 181 -9.29 42.24 -14.31
N SER A 182 -10.07 41.22 -14.66
CA SER A 182 -10.80 41.20 -15.92
C SER A 182 -11.55 42.51 -16.15
N ASN A 183 -12.48 42.82 -15.24
CA ASN A 183 -13.26 44.05 -15.34
C ASN A 183 -12.37 45.26 -15.03
N TYR A 184 -11.37 45.47 -15.89
CA TYR A 184 -10.44 46.59 -15.71
C TYR A 184 -10.19 47.29 -17.05
N PRO A 185 -9.80 48.57 -17.00
CA PRO A 185 -9.52 49.34 -18.23
C PRO A 185 -8.63 48.60 -19.21
N ARG A 186 -8.89 48.81 -20.50
CA ARG A 186 -8.14 48.15 -21.56
C ARG A 186 -6.64 48.41 -21.47
N GLU A 187 -6.28 49.67 -21.21
CA GLU A 187 -4.87 50.09 -21.04
C GLU A 187 -4.13 49.58 -19.80
N THR A 188 -4.78 49.62 -18.64
CA THR A 188 -4.13 49.30 -17.36
C THR A 188 -4.29 47.84 -16.97
N ARG A 189 -5.05 47.11 -17.78
CA ARG A 189 -5.37 45.72 -17.50
C ARG A 189 -4.18 44.78 -17.74
N LEU A 190 -3.92 44.49 -19.01
CA LEU A 190 -2.87 43.55 -19.34
C LEU A 190 -1.66 43.77 -18.44
N GLN A 191 -1.34 45.03 -18.17
CA GLN A 191 -0.19 45.38 -17.35
C GLN A 191 -0.33 44.79 -15.94
N TYR A 192 -1.34 45.25 -15.20
CA TYR A 192 -1.58 44.77 -13.85
C TYR A 192 -1.64 43.25 -13.79
N VAL A 193 -2.17 42.64 -14.84
CA VAL A 193 -2.29 41.19 -14.90
C VAL A 193 -0.94 40.52 -14.71
N LYS A 194 0.11 41.17 -15.19
CA LYS A 194 1.46 40.63 -15.07
C LYS A 194 2.12 41.05 -13.76
N ARG A 195 2.13 42.34 -13.48
CA ARG A 195 2.74 42.84 -12.26
C ARG A 195 2.18 42.16 -11.01
N PHE A 196 0.92 41.74 -11.07
CA PHE A 196 0.30 41.06 -9.94
C PHE A 196 0.72 39.59 -9.98
N TYR A 197 0.69 39.01 -11.16
CA TYR A 197 1.07 37.61 -11.35
C TYR A 197 2.44 37.34 -10.74
N ASP A 198 3.39 38.22 -11.03
CA ASP A 198 4.74 38.06 -10.50
C ASP A 198 4.80 38.29 -9.00
N ALA A 199 4.00 39.24 -8.52
CA ALA A 199 3.96 39.54 -7.09
C ALA A 199 3.53 38.33 -6.27
N VAL A 200 2.62 37.54 -6.81
CA VAL A 200 2.12 36.36 -6.12
C VAL A 200 2.86 35.08 -6.52
N SER A 201 3.25 35.01 -7.79
CA SER A 201 3.95 33.84 -8.31
C SER A 201 5.34 33.71 -7.68
N THR A 202 5.92 34.84 -7.27
CA THR A 202 7.24 34.84 -6.66
C THR A 202 7.15 34.73 -5.14
N PHE A 203 5.95 34.42 -4.65
CA PHE A 203 5.73 34.28 -3.21
C PHE A 203 5.96 35.59 -2.48
N LYS A 204 5.74 36.70 -3.18
CA LYS A 204 5.94 38.02 -2.58
C LYS A 204 4.67 38.51 -1.90
N ILE A 205 3.54 37.87 -2.24
CA ILE A 205 2.24 38.20 -1.67
C ILE A 205 1.34 36.97 -1.69
N SER A 206 1.13 36.36 -0.52
CA SER A 206 0.29 35.17 -0.43
C SER A 206 -1.16 35.55 -0.18
N LEU A 207 -2.08 34.80 -0.76
CA LEU A 207 -3.51 35.06 -0.62
C LEU A 207 -4.23 33.91 0.06
N PRO A 208 -5.41 34.17 0.66
CA PRO A 208 -6.22 33.16 1.36
C PRO A 208 -6.53 31.92 0.53
N THR A 209 -6.40 30.76 1.18
CA THR A 209 -6.66 29.47 0.54
C THR A 209 -7.92 29.45 -0.32
N PRO A 210 -9.06 29.89 0.24
CA PRO A 210 -10.32 29.90 -0.52
C PRO A 210 -10.22 30.55 -1.89
N ILE A 211 -9.52 31.69 -1.94
CA ILE A 211 -9.40 32.47 -3.17
C ILE A 211 -8.67 31.70 -4.26
N MET A 212 -7.59 31.01 -3.89
CA MET A 212 -6.86 30.19 -4.84
C MET A 212 -7.77 29.08 -5.35
N SER A 213 -8.54 28.52 -4.44
CA SER A 213 -9.53 27.49 -4.77
C SER A 213 -10.61 28.03 -5.68
N GLY A 214 -11.23 29.11 -5.20
CA GLY A 214 -12.43 29.69 -5.78
C GLY A 214 -12.30 30.33 -7.13
N VAL A 215 -11.22 31.09 -7.30
CA VAL A 215 -11.02 31.87 -8.52
C VAL A 215 -10.84 31.00 -9.75
N ARG A 216 -11.40 31.46 -10.87
CA ARG A 216 -11.25 30.77 -12.14
C ARG A 216 -12.22 29.60 -12.30
N THR A 217 -13.14 29.44 -11.36
CA THR A 217 -14.11 28.35 -11.46
C THR A 217 -15.54 28.88 -11.32
N PRO A 218 -16.54 28.03 -11.54
CA PRO A 218 -17.95 28.42 -11.44
C PRO A 218 -18.28 29.25 -10.20
N THR A 219 -17.88 28.76 -9.03
CA THR A 219 -18.30 29.37 -7.76
C THR A 219 -17.89 30.83 -7.63
N ARG A 220 -18.80 31.63 -7.08
CA ARG A 220 -18.65 33.08 -6.97
C ARG A 220 -18.33 33.56 -5.55
N GLN A 221 -18.04 32.60 -4.66
CA GLN A 221 -17.93 32.85 -3.23
C GLN A 221 -16.47 32.74 -2.81
N PHE A 222 -15.96 33.78 -2.15
CA PHE A 222 -14.59 33.81 -1.64
C PHE A 222 -14.43 34.12 -0.14
N SER A 223 -15.56 34.30 0.54
CA SER A 223 -15.63 34.74 1.94
C SER A 223 -15.09 33.72 2.93
N SER A 224 -14.55 34.21 4.04
CA SER A 224 -13.97 33.34 5.07
C SER A 224 -14.78 33.24 6.36
N CYS A 225 -15.20 34.40 6.88
CA CYS A 225 -15.99 34.48 8.10
C CYS A 225 -16.72 35.82 8.21
N VAL A 226 -17.78 35.85 9.01
CA VAL A 226 -18.51 37.08 9.24
C VAL A 226 -18.85 37.26 10.73
N LEU A 227 -18.88 38.51 11.18
CA LEU A 227 -19.32 38.83 12.54
C LEU A 227 -20.80 39.15 12.57
N ILE A 228 -21.46 38.83 13.67
CA ILE A 228 -22.89 39.08 13.85
C ILE A 228 -23.26 39.36 15.29
N GLU A 229 -23.96 40.47 15.51
CA GLU A 229 -24.40 40.86 16.84
C GLU A 229 -25.87 40.46 16.99
N CYS A 230 -26.19 39.77 18.08
CA CYS A 230 -27.55 39.33 18.31
C CYS A 230 -28.28 40.25 19.28
N GLY A 231 -29.59 40.42 19.05
CA GLY A 231 -30.39 41.28 19.90
C GLY A 231 -31.18 40.49 20.92
N ASP A 232 -31.23 40.99 22.15
CA ASP A 232 -31.97 40.34 23.23
C ASP A 232 -33.40 40.02 22.82
N SER A 233 -33.90 40.75 21.82
CA SER A 233 -35.25 40.54 21.33
C SER A 233 -35.39 39.16 20.68
N LEU A 234 -36.46 38.44 21.06
CA LEU A 234 -36.71 37.10 20.55
C LEU A 234 -36.49 36.98 19.04
N ASP A 235 -37.17 37.82 18.27
CA ASP A 235 -37.12 37.71 16.81
C ASP A 235 -35.71 37.86 16.27
N SER A 236 -34.94 38.79 16.84
CA SER A 236 -33.55 38.99 16.43
C SER A 236 -32.76 37.69 16.39
N ILE A 237 -32.75 36.97 17.51
CA ILE A 237 -32.02 35.72 17.62
C ILE A 237 -32.38 34.74 16.49
N ASN A 238 -33.67 34.60 16.21
CA ASN A 238 -34.13 33.70 15.16
C ASN A 238 -33.44 34.01 13.84
N ALA A 239 -33.22 35.30 13.58
CA ALA A 239 -32.55 35.71 12.36
C ALA A 239 -31.09 35.28 12.43
N THR A 240 -30.45 35.60 13.55
CA THR A 240 -29.05 35.23 13.76
C THR A 240 -28.91 33.74 13.49
N SER A 241 -29.86 32.98 14.03
CA SER A 241 -29.88 31.53 13.86
C SER A 241 -29.82 31.16 12.39
N SER A 242 -30.64 31.83 11.59
CA SER A 242 -30.70 31.58 10.15
C SER A 242 -29.43 32.02 9.44
N ALA A 243 -28.99 33.24 9.73
CA ALA A 243 -27.78 33.79 9.12
C ALA A 243 -26.59 32.85 9.28
N ILE A 244 -26.30 32.50 10.53
CA ILE A 244 -25.18 31.60 10.83
C ILE A 244 -25.23 30.36 9.95
N VAL A 245 -26.41 29.75 9.85
CA VAL A 245 -26.58 28.55 9.03
C VAL A 245 -26.24 28.84 7.56
N LYS A 246 -26.75 29.96 7.06
CA LYS A 246 -26.50 30.37 5.67
C LYS A 246 -25.03 30.36 5.32
N TYR A 247 -24.26 31.25 5.95
CA TYR A 247 -22.82 31.36 5.70
C TYR A 247 -22.04 30.09 6.00
N VAL A 248 -22.37 29.42 7.10
CA VAL A 248 -21.67 28.20 7.49
C VAL A 248 -21.54 27.21 6.33
N SER A 249 -22.59 27.06 5.53
CA SER A 249 -22.64 25.95 4.60
C SER A 249 -21.43 26.13 3.72
N GLN A 250 -20.99 27.38 3.65
CA GLN A 250 -19.98 27.80 2.71
C GLN A 250 -18.65 27.84 3.47
N ARG A 251 -18.46 26.88 4.37
CA ARG A 251 -17.24 26.71 5.12
C ARG A 251 -16.61 27.97 5.71
N ALA A 252 -17.38 28.86 6.33
CA ALA A 252 -16.79 30.07 6.90
C ALA A 252 -16.70 30.04 8.42
N GLY A 253 -15.63 30.63 8.96
CA GLY A 253 -15.44 30.73 10.40
C GLY A 253 -16.46 31.74 10.96
N ILE A 254 -17.05 31.44 12.10
CA ILE A 254 -18.27 32.13 12.54
C ILE A 254 -18.12 32.99 13.80
N GLY A 255 -18.65 34.20 13.74
CA GLY A 255 -18.64 35.12 14.86
C GLY A 255 -20.01 35.50 15.38
N ILE A 256 -20.18 35.38 16.70
CA ILE A 256 -21.40 35.77 17.40
C ILE A 256 -21.15 36.64 18.62
N ASN A 257 -22.09 37.55 18.88
CA ASN A 257 -22.01 38.46 20.02
C ASN A 257 -23.34 38.43 20.76
N ALA A 258 -23.46 37.54 21.74
CA ALA A 258 -24.69 37.41 22.51
C ALA A 258 -24.63 38.20 23.81
N GLY A 259 -23.62 39.06 23.94
CA GLY A 259 -23.48 39.85 25.14
C GLY A 259 -24.73 40.68 25.40
N ARG A 260 -25.62 40.71 24.41
CA ARG A 260 -26.87 41.45 24.51
C ARG A 260 -27.97 40.59 25.11
N ILE A 261 -27.91 39.28 24.90
CA ILE A 261 -28.98 38.44 25.42
C ILE A 261 -29.10 38.61 26.93
N ARG A 262 -30.32 38.76 27.41
CA ARG A 262 -30.59 39.02 28.82
C ARG A 262 -30.29 37.81 29.69
N ALA A 263 -29.86 38.06 30.94
CA ALA A 263 -29.53 36.98 31.82
C ALA A 263 -30.71 36.13 32.28
N LEU A 264 -30.35 34.95 32.79
CA LEU A 264 -31.29 34.01 33.38
C LEU A 264 -32.06 34.68 34.52
N GLY A 265 -33.38 34.44 34.53
CA GLY A 265 -34.23 35.02 35.58
C GLY A 265 -34.85 36.36 35.22
N SER A 266 -34.23 37.09 34.30
CA SER A 266 -34.73 38.39 33.88
C SER A 266 -36.17 38.30 33.42
N PRO A 267 -36.93 39.32 33.74
CA PRO A 267 -38.33 39.44 33.41
C PRO A 267 -38.55 39.35 31.91
N ILE A 268 -39.68 38.79 31.49
CA ILE A 268 -40.08 38.77 30.09
C ILE A 268 -41.57 39.14 29.99
N ARG A 269 -41.86 40.24 29.32
CA ARG A 269 -43.26 40.65 29.14
C ARG A 269 -43.87 41.33 30.37
N GLY A 270 -43.05 41.55 31.40
CA GLY A 270 -43.44 42.25 32.61
C GLY A 270 -43.09 41.36 33.81
N GLY A 271 -44.00 40.45 34.13
CA GLY A 271 -43.81 39.49 35.22
C GLY A 271 -44.57 38.22 34.84
N GLU A 272 -45.02 38.21 33.58
CA GLU A 272 -45.78 37.10 33.03
C GLU A 272 -44.91 35.88 32.78
N ALA A 273 -43.63 36.07 32.52
CA ALA A 273 -42.71 34.95 32.31
C ALA A 273 -41.26 35.39 32.54
N PHE A 274 -40.50 34.53 33.20
CA PHE A 274 -39.10 34.84 33.51
C PHE A 274 -38.20 34.15 32.48
N HIS A 275 -37.12 34.83 32.11
CA HIS A 275 -36.15 34.36 31.14
C HIS A 275 -35.49 33.04 31.51
N THR A 276 -35.05 32.32 30.49
CA THR A 276 -34.46 31.00 30.66
C THR A 276 -32.94 30.96 30.69
N GLY A 277 -32.29 32.03 30.27
CA GLY A 277 -30.84 32.17 30.29
C GLY A 277 -30.21 32.30 28.92
N CYS A 278 -28.91 32.54 28.89
CA CYS A 278 -28.16 32.64 27.65
C CYS A 278 -27.74 31.29 27.10
N ILE A 279 -27.43 30.35 27.99
CA ILE A 279 -26.90 29.04 27.61
C ILE A 279 -27.75 28.32 26.61
N PRO A 280 -29.12 28.32 26.90
CA PRO A 280 -30.05 27.66 25.99
C PRO A 280 -29.96 28.29 24.61
N PHE A 281 -29.87 29.62 24.58
CA PHE A 281 -29.68 30.35 23.34
C PHE A 281 -28.34 30.01 22.69
N TYR A 282 -27.30 29.89 23.51
CA TYR A 282 -25.96 29.61 23.03
C TYR A 282 -25.93 28.26 22.33
N LYS A 283 -26.58 27.27 22.95
CA LYS A 283 -26.65 25.91 22.42
C LYS A 283 -27.12 25.95 20.96
N HIS A 284 -28.19 26.69 20.71
CA HIS A 284 -28.76 26.82 19.37
C HIS A 284 -27.73 27.34 18.38
N PHE A 285 -27.06 28.43 18.74
CA PHE A 285 -26.05 29.03 17.87
C PHE A 285 -25.05 27.98 17.38
N GLN A 286 -24.74 27.02 18.25
CA GLN A 286 -23.81 25.96 17.91
C GLN A 286 -24.36 25.02 16.84
N THR A 287 -25.52 24.43 17.12
CA THR A 287 -26.14 23.51 16.17
C THR A 287 -26.19 24.09 14.77
N ALA A 288 -26.24 25.42 14.68
CA ALA A 288 -26.29 26.09 13.39
C ALA A 288 -24.95 26.03 12.67
N VAL A 289 -23.87 26.33 13.41
CA VAL A 289 -22.53 26.32 12.83
C VAL A 289 -22.11 24.90 12.45
N LYS A 290 -22.74 23.91 13.10
CA LYS A 290 -22.45 22.51 12.83
C LYS A 290 -23.45 21.91 11.85
N SER A 291 -24.44 22.72 11.46
CA SER A 291 -25.47 22.27 10.53
C SER A 291 -24.88 21.56 9.33
N CYS A 292 -23.63 21.88 9.00
CA CYS A 292 -22.96 21.19 7.91
C CYS A 292 -21.65 20.64 8.44
N SER A 293 -21.78 19.63 9.29
CA SER A 293 -20.66 18.93 9.88
C SER A 293 -21.01 17.46 10.06
N GLN A 294 -20.01 16.60 10.10
CA GLN A 294 -20.32 15.20 10.17
C GLN A 294 -20.80 15.03 11.59
N GLY A 295 -22.10 14.78 11.71
CA GLY A 295 -22.72 14.58 12.99
C GLY A 295 -22.31 15.65 13.99
N GLY A 296 -22.17 16.91 13.56
CA GLY A 296 -21.75 17.90 14.52
C GLY A 296 -20.30 17.98 14.98
N VAL A 297 -19.49 17.02 14.57
CA VAL A 297 -18.15 16.86 15.14
C VAL A 297 -17.01 17.28 14.21
N ARG A 298 -17.34 17.64 12.99
CA ARG A 298 -16.31 18.00 12.02
C ARG A 298 -16.51 19.42 11.51
N GLY A 299 -15.44 20.21 11.57
CA GLY A 299 -15.48 21.54 10.98
C GLY A 299 -16.58 22.42 11.57
N GLY A 300 -16.70 23.64 11.06
CA GLY A 300 -17.69 24.59 11.60
C GLY A 300 -17.09 25.11 12.91
N ALA A 301 -16.47 26.28 12.84
CA ALA A 301 -15.86 26.85 14.04
C ALA A 301 -16.52 28.18 14.37
N ALA A 302 -16.66 28.45 15.66
CA ALA A 302 -17.30 29.68 16.10
C ALA A 302 -16.71 30.22 17.39
N THR A 303 -16.73 31.54 17.53
CA THR A 303 -16.34 32.17 18.77
C THR A 303 -17.47 33.07 19.25
N LEU A 304 -17.87 32.91 20.51
CA LEU A 304 -18.85 33.80 21.11
C LEU A 304 -18.21 34.86 22.02
N PHE A 305 -18.73 36.08 21.95
CA PHE A 305 -18.21 37.18 22.76
C PHE A 305 -19.28 37.68 23.75
N TYR A 306 -18.82 38.17 24.90
CA TYR A 306 -19.71 38.67 25.92
C TYR A 306 -18.97 39.51 26.95
N PRO A 307 -19.68 40.38 27.68
CA PRO A 307 -19.07 41.24 28.70
C PRO A 307 -18.64 40.45 29.93
N MET A 308 -17.51 40.83 30.52
CA MET A 308 -17.01 40.15 31.71
C MET A 308 -17.83 40.51 32.94
N TRP A 309 -18.53 41.65 32.87
CA TRP A 309 -19.36 42.11 33.96
C TRP A 309 -20.78 41.56 33.88
N HIS A 310 -21.02 40.68 32.91
CA HIS A 310 -22.34 40.09 32.72
C HIS A 310 -22.80 39.38 33.99
N LEU A 311 -24.12 39.30 34.17
CA LEU A 311 -24.69 38.65 35.34
C LEU A 311 -24.54 37.13 35.30
N GLU A 312 -24.06 36.61 34.17
CA GLU A 312 -23.85 35.17 34.02
C GLU A 312 -22.40 34.85 33.67
N VAL A 313 -21.53 35.84 33.79
CA VAL A 313 -20.12 35.65 33.48
C VAL A 313 -19.60 34.35 34.11
N GLU A 314 -20.05 34.08 35.34
CA GLU A 314 -19.65 32.87 36.04
C GLU A 314 -20.20 31.63 35.35
N SER A 315 -21.45 31.72 34.89
CA SER A 315 -22.10 30.61 34.21
C SER A 315 -21.27 30.22 32.98
N LEU A 316 -20.91 31.23 32.19
CA LEU A 316 -20.26 31.07 30.89
C LEU A 316 -18.89 30.38 30.89
N LEU A 317 -18.08 30.68 31.90
CA LEU A 317 -16.69 30.21 31.94
C LEU A 317 -16.62 28.69 31.95
N VAL A 318 -17.55 28.07 32.66
CA VAL A 318 -17.61 26.62 32.83
C VAL A 318 -17.77 25.85 31.51
N LEU A 319 -18.52 26.42 30.57
CA LEU A 319 -19.05 25.66 29.44
C LEU A 319 -18.03 24.99 28.51
N LYS A 320 -16.92 25.65 28.17
CA LYS A 320 -15.95 24.98 27.32
C LYS A 320 -15.30 23.80 28.03
N ASN A 321 -15.38 23.79 29.35
CA ASN A 321 -14.79 22.70 30.14
C ASN A 321 -15.57 21.41 29.90
N ASN A 322 -14.84 20.30 29.82
CA ASN A 322 -15.47 19.00 29.59
C ASN A 322 -15.94 18.34 30.87
N ARG A 323 -15.42 18.81 32.00
CA ARG A 323 -15.80 18.28 33.31
C ARG A 323 -17.08 18.95 33.81
N GLY A 324 -18.23 18.38 33.45
CA GLY A 324 -19.50 18.95 33.89
C GLY A 324 -20.70 18.36 33.20
N VAL A 325 -21.88 18.66 33.74
CA VAL A 325 -23.14 18.16 33.18
C VAL A 325 -23.44 18.77 31.81
N GLU A 326 -23.94 17.95 30.91
CA GLU A 326 -24.28 18.35 29.55
C GLU A 326 -25.03 19.67 29.46
N GLY A 327 -26.25 19.69 30.00
CA GLY A 327 -27.07 20.89 29.95
C GLY A 327 -26.46 22.14 30.54
N ASN A 328 -25.25 22.03 31.07
CA ASN A 328 -24.57 23.18 31.67
C ASN A 328 -23.24 23.47 30.99
N ARG A 329 -23.09 22.94 29.78
CA ARG A 329 -21.92 23.20 28.96
C ARG A 329 -22.33 23.40 27.50
N VAL A 330 -21.57 24.26 26.81
CA VAL A 330 -21.73 24.45 25.37
C VAL A 330 -20.33 24.35 24.79
N ARG A 331 -19.81 23.12 24.80
CA ARG A 331 -18.40 22.85 24.52
C ARG A 331 -17.90 23.17 23.11
N HIS A 332 -18.69 22.86 22.08
CA HIS A 332 -18.18 22.98 20.74
C HIS A 332 -18.24 24.39 20.23
N MET A 333 -17.60 25.29 20.97
CA MET A 333 -17.39 26.67 20.54
C MET A 333 -16.24 27.29 21.30
N ASP A 334 -15.66 28.36 20.75
CA ASP A 334 -14.72 29.16 21.52
C ASP A 334 -15.41 30.40 22.09
N TYR A 335 -14.82 31.00 23.12
CA TYR A 335 -15.39 32.17 23.74
C TYR A 335 -14.34 33.26 23.97
N GLY A 336 -14.75 34.51 23.80
CA GLY A 336 -13.85 35.62 23.99
C GLY A 336 -14.37 36.58 25.04
N VAL A 337 -13.72 36.60 26.20
CA VAL A 337 -14.15 37.47 27.30
C VAL A 337 -13.79 38.93 27.03
N GLN A 338 -14.79 39.78 27.04
CA GLN A 338 -14.60 41.21 26.80
C GLN A 338 -14.23 41.93 28.10
N ILE A 339 -13.16 42.71 28.05
CA ILE A 339 -12.70 43.45 29.22
C ILE A 339 -12.40 44.90 28.87
N ASN A 340 -12.34 45.72 29.91
CA ASN A 340 -12.23 47.19 29.84
C ASN A 340 -11.37 47.73 30.98
N LYS A 341 -10.98 49.00 30.89
CA LYS A 341 -10.01 49.57 31.83
C LYS A 341 -10.44 49.58 33.30
N LEU A 342 -11.69 49.93 33.58
CA LEU A 342 -12.25 49.73 34.92
C LEU A 342 -12.12 48.30 35.43
N MET A 343 -12.40 47.32 34.58
CA MET A 343 -12.32 45.92 34.99
C MET A 343 -10.97 45.56 35.60
N TYR A 344 -9.90 45.72 34.82
CA TYR A 344 -8.56 45.41 35.30
C TYR A 344 -8.25 46.14 36.60
N THR A 345 -8.76 47.37 36.70
CA THR A 345 -8.54 48.20 37.89
C THR A 345 -8.99 47.48 39.15
N ARG A 346 -10.21 46.97 39.14
CA ARG A 346 -10.78 46.26 40.28
C ARG A 346 -9.88 45.12 40.76
N LEU A 347 -9.32 44.39 39.81
CA LEU A 347 -8.43 43.28 40.14
C LEU A 347 -7.21 43.74 40.91
N LEU A 348 -6.54 44.77 40.40
CA LEU A 348 -5.34 45.30 41.05
C LEU A 348 -5.63 45.91 42.42
N LYS A 349 -6.91 46.17 42.71
CA LYS A 349 -7.28 46.76 44.00
C LYS A 349 -7.98 45.74 44.89
N GLY A 350 -8.02 44.49 44.44
CA GLY A 350 -8.65 43.44 45.21
C GLY A 350 -10.11 43.69 45.53
N GLU A 351 -10.65 44.70 44.83
CA GLU A 351 -12.05 45.11 44.87
C GLU A 351 -12.96 44.21 44.03
N ASP A 352 -14.27 44.34 44.24
CA ASP A 352 -15.26 43.43 43.68
C ASP A 352 -15.72 43.91 42.31
N ILE A 353 -16.56 43.10 41.66
CA ILE A 353 -17.09 43.43 40.35
C ILE A 353 -18.59 43.14 40.31
N THR A 354 -19.40 44.20 40.43
CA THR A 354 -20.84 44.07 40.42
C THR A 354 -21.33 43.55 39.06
N LEU A 355 -21.99 42.40 39.08
CA LEU A 355 -22.51 41.80 37.85
C LEU A 355 -23.93 42.28 37.59
N PHE A 356 -24.17 42.76 36.38
CA PHE A 356 -25.49 43.24 35.98
C PHE A 356 -26.00 42.54 34.74
N SER A 357 -27.25 42.83 34.38
CA SER A 357 -27.87 42.23 33.20
C SER A 357 -28.04 43.28 32.11
N PRO A 358 -27.78 42.96 30.86
CA PRO A 358 -27.66 44.02 29.87
C PRO A 358 -28.95 44.84 29.86
N SER A 359 -30.01 44.24 30.38
CA SER A 359 -31.38 44.70 30.20
C SER A 359 -31.86 45.44 31.44
N ASP A 360 -31.18 45.22 32.56
CA ASP A 360 -31.48 45.92 33.80
C ASP A 360 -30.73 47.25 33.91
N VAL A 361 -29.77 47.46 33.01
CA VAL A 361 -28.93 48.67 33.04
C VAL A 361 -29.02 49.45 31.73
N PRO A 362 -29.19 50.76 31.83
CA PRO A 362 -29.32 51.60 30.64
C PRO A 362 -28.05 52.38 30.36
N GLY A 363 -27.51 52.19 29.16
CA GLY A 363 -26.30 52.86 28.73
C GLY A 363 -25.06 52.15 29.25
N LEU A 364 -25.29 51.10 30.03
CA LEU A 364 -24.20 50.28 30.56
C LEU A 364 -23.45 49.56 29.45
N TYR A 365 -24.20 49.07 28.46
CA TYR A 365 -23.66 48.24 27.40
C TYR A 365 -22.97 49.07 26.33
N ASP A 366 -23.75 49.92 25.67
CA ASP A 366 -23.24 50.78 24.60
C ASP A 366 -21.97 51.51 25.03
N ALA A 367 -21.97 52.02 26.25
CA ALA A 367 -20.83 52.75 26.79
C ALA A 367 -19.58 51.88 26.84
N PHE A 368 -19.76 50.61 27.19
CA PHE A 368 -18.63 49.67 27.28
C PHE A 368 -17.79 49.70 26.02
N PHE A 369 -18.45 49.68 24.87
CA PHE A 369 -17.80 49.89 23.58
C PHE A 369 -17.22 51.29 23.27
N ALA A 370 -17.96 52.35 23.59
CA ALA A 370 -17.62 53.70 23.04
C ALA A 370 -16.94 54.74 23.94
N ASP A 371 -17.49 55.01 25.12
CA ASP A 371 -16.92 55.98 26.03
C ASP A 371 -16.57 55.23 27.29
N GLN A 372 -15.29 55.21 27.60
CA GLN A 372 -14.80 54.49 28.78
C GLN A 372 -15.16 55.23 30.06
N GLU A 373 -15.51 56.50 29.93
CA GLU A 373 -15.87 57.32 31.08
C GLU A 373 -17.32 57.04 31.50
N GLU A 374 -18.23 57.15 30.55
CA GLU A 374 -19.65 56.91 30.82
C GLU A 374 -19.84 55.58 31.53
N PHE A 375 -19.33 54.50 30.92
CA PHE A 375 -19.44 53.17 31.51
C PHE A 375 -18.91 53.18 32.94
N GLU A 376 -17.94 54.06 33.20
CA GLU A 376 -17.33 54.17 34.52
C GLU A 376 -18.24 54.98 35.44
N ARG A 377 -18.85 56.03 34.90
CA ARG A 377 -19.74 56.87 35.68
C ARG A 377 -21.04 56.11 35.96
N LEU A 378 -21.61 55.55 34.91
CA LEU A 378 -22.86 54.79 35.01
C LEU A 378 -22.69 53.62 35.99
N TYR A 379 -21.68 52.79 35.73
CA TYR A 379 -21.40 51.62 36.56
C TYR A 379 -21.60 51.90 38.05
N THR A 380 -20.74 52.75 38.60
CA THR A 380 -20.81 53.11 40.02
C THR A 380 -22.20 53.53 40.48
N LYS A 381 -22.98 54.13 39.58
CA LYS A 381 -24.33 54.57 39.92
C LYS A 381 -25.20 53.38 40.31
N TYR A 382 -25.31 52.42 39.40
CA TYR A 382 -26.11 51.22 39.63
C TYR A 382 -25.44 50.36 40.69
N GLU A 383 -24.11 50.35 40.68
CA GLU A 383 -23.32 49.57 41.62
C GLU A 383 -23.76 49.87 43.06
N LYS A 384 -24.02 51.14 43.34
CA LYS A 384 -24.46 51.56 44.66
C LYS A 384 -25.98 51.65 44.72
N ASP A 385 -26.63 51.15 43.68
CA ASP A 385 -28.09 51.15 43.62
C ASP A 385 -28.59 49.74 43.91
N ASP A 386 -29.62 49.64 44.76
CA ASP A 386 -30.17 48.34 45.14
C ASP A 386 -31.36 47.92 44.30
N SER A 387 -32.04 48.86 43.65
CA SER A 387 -33.26 48.51 42.95
C SER A 387 -32.91 47.45 41.90
N ILE A 388 -31.65 47.44 41.50
CA ILE A 388 -31.21 46.77 40.28
C ILE A 388 -30.62 45.38 40.55
N ARG A 389 -31.11 44.38 39.83
CA ARG A 389 -30.65 43.05 40.10
C ARG A 389 -29.16 43.16 39.95
N LYS A 390 -28.44 42.69 40.96
CA LYS A 390 -27.01 42.86 41.03
C LYS A 390 -26.39 41.65 41.70
N GLN A 391 -25.12 41.42 41.42
CA GLN A 391 -24.41 40.30 42.04
C GLN A 391 -22.94 40.64 42.17
N ARG A 392 -22.46 40.82 43.40
CA ARG A 392 -21.05 41.14 43.63
C ARG A 392 -20.15 39.91 43.71
N VAL A 393 -18.95 40.05 43.17
CA VAL A 393 -17.96 38.97 43.17
C VAL A 393 -16.55 39.55 43.13
N LYS A 394 -15.77 39.29 44.16
CA LYS A 394 -14.40 39.79 44.24
C LYS A 394 -13.67 39.63 42.91
N ALA A 395 -13.09 40.74 42.43
CA ALA A 395 -12.35 40.73 41.17
C ALA A 395 -11.27 39.65 41.17
N VAL A 396 -10.49 39.61 42.23
CA VAL A 396 -9.42 38.63 42.38
C VAL A 396 -9.99 37.23 42.29
N GLU A 397 -11.30 37.13 42.46
CA GLU A 397 -12.00 35.85 42.42
C GLU A 397 -12.51 35.53 41.02
N LEU A 398 -12.83 36.58 40.26
CA LEU A 398 -13.34 36.41 38.91
C LEU A 398 -12.21 36.19 37.90
N PHE A 399 -11.35 37.19 37.74
CA PHE A 399 -10.22 37.07 36.80
C PHE A 399 -9.54 35.71 36.95
N SER A 400 -9.45 35.22 38.18
CA SER A 400 -8.81 33.94 38.45
C SER A 400 -9.51 32.80 37.72
N LEU A 401 -10.82 32.68 37.91
CA LEU A 401 -11.60 31.63 37.26
C LEU A 401 -11.36 31.68 35.75
N MET A 402 -11.66 32.83 35.16
CA MET A 402 -11.50 33.06 33.73
C MET A 402 -10.18 32.51 33.20
N MET A 403 -9.08 32.99 33.78
CA MET A 403 -7.75 32.58 33.38
C MET A 403 -7.55 31.07 33.38
N GLN A 404 -8.13 30.39 34.37
CA GLN A 404 -8.02 28.94 34.46
C GLN A 404 -8.55 28.26 33.21
N GLU A 405 -9.84 28.43 32.94
CA GLU A 405 -10.46 27.82 31.76
C GLU A 405 -9.63 28.11 30.51
N ARG A 406 -8.98 29.26 30.49
CA ARG A 406 -8.15 29.66 29.34
C ARG A 406 -6.96 28.73 29.12
N ALA A 407 -6.31 28.32 30.20
CA ALA A 407 -5.19 27.39 30.14
C ALA A 407 -5.70 25.95 30.15
N SER A 408 -6.89 25.75 30.72
CA SER A 408 -7.48 24.43 30.82
C SER A 408 -7.93 23.90 29.45
N THR A 409 -8.37 24.81 28.58
CA THR A 409 -8.84 24.42 27.26
C THR A 409 -7.98 25.05 26.15
N GLY A 410 -7.74 26.34 26.27
CA GLY A 410 -6.95 27.05 25.28
C GLY A 410 -7.84 27.57 24.17
N ARG A 411 -9.06 27.95 24.52
CA ARG A 411 -10.02 28.48 23.56
C ARG A 411 -10.66 29.77 24.06
N ILE A 412 -10.56 30.02 25.36
CA ILE A 412 -11.13 31.22 25.95
C ILE A 412 -10.18 32.39 25.72
N TYR A 413 -10.49 33.22 24.73
CA TYR A 413 -9.66 34.37 24.38
C TYR A 413 -10.05 35.60 25.17
N ILE A 414 -9.34 36.70 24.93
CA ILE A 414 -9.61 37.96 25.61
C ILE A 414 -9.61 39.11 24.60
N GLN A 415 -10.42 40.13 24.88
CA GLN A 415 -10.53 41.28 24.00
C GLN A 415 -10.72 42.59 24.78
N ASN A 416 -9.72 43.46 24.72
CA ASN A 416 -9.80 44.74 25.40
C ASN A 416 -10.58 45.71 24.52
N VAL A 417 -11.83 45.97 24.91
CA VAL A 417 -12.70 46.86 24.16
C VAL A 417 -12.18 48.27 23.96
N ASP A 418 -11.79 48.93 25.05
CA ASP A 418 -11.28 50.29 24.97
C ASP A 418 -10.21 50.49 23.91
N HIS A 419 -9.29 49.55 23.79
CA HIS A 419 -8.23 49.65 22.80
C HIS A 419 -8.76 49.45 21.38
N CYS A 420 -9.81 48.66 21.25
CA CYS A 420 -10.51 48.56 19.97
C CYS A 420 -11.14 49.90 19.58
N ASN A 421 -11.73 50.58 20.57
CA ASN A 421 -12.47 51.82 20.32
C ASN A 421 -11.69 53.14 20.38
N THR A 422 -10.44 53.11 20.82
CA THR A 422 -9.66 54.33 20.95
C THR A 422 -8.45 54.30 20.02
N HIS A 423 -8.25 53.16 19.36
CA HIS A 423 -7.15 53.00 18.42
C HIS A 423 -7.66 52.31 17.17
N SER A 424 -8.94 52.54 16.86
CA SER A 424 -9.58 51.96 15.69
C SER A 424 -9.86 53.01 14.62
N PRO A 425 -9.67 52.66 13.34
CA PRO A 425 -9.91 53.58 12.23
C PRO A 425 -11.35 54.10 12.24
N PHE A 426 -12.20 53.42 13.00
CA PHE A 426 -13.60 53.80 13.11
C PHE A 426 -13.83 54.70 14.32
N ASP A 427 -14.99 55.34 14.38
CA ASP A 427 -15.32 56.22 15.48
C ASP A 427 -16.16 55.49 16.53
N PRO A 428 -15.81 55.60 17.80
CA PRO A 428 -16.53 54.78 18.78
C PRO A 428 -18.04 55.07 18.76
N ALA A 429 -18.43 56.33 18.65
CA ALA A 429 -19.84 56.72 18.60
C ALA A 429 -20.65 56.23 17.38
N ILE A 430 -20.05 56.27 16.20
CA ILE A 430 -20.78 56.20 14.93
C ILE A 430 -20.82 54.75 14.45
N ALA A 431 -19.66 54.09 14.52
CA ALA A 431 -19.54 52.68 14.20
C ALA A 431 -18.69 51.98 15.24
N PRO A 432 -19.21 51.84 16.46
CA PRO A 432 -18.46 51.21 17.54
C PRO A 432 -18.21 49.73 17.24
N VAL A 433 -17.02 49.23 17.57
CA VAL A 433 -16.74 47.81 17.40
C VAL A 433 -17.19 47.09 18.67
N ARG A 434 -18.06 46.10 18.51
CA ARG A 434 -18.56 45.36 19.66
C ARG A 434 -18.00 43.95 19.77
N GLN A 435 -17.30 43.50 18.72
CA GLN A 435 -16.90 42.10 18.61
C GLN A 435 -15.76 41.85 17.60
N SER A 436 -15.19 40.64 17.71
CA SER A 436 -14.10 40.13 16.90
C SER A 436 -14.42 38.69 16.46
N ASN A 437 -13.77 38.22 15.40
CA ASN A 437 -14.17 36.99 14.72
C ASN A 437 -13.54 35.75 15.35
N LEU A 438 -13.74 34.60 14.72
CA LEU A 438 -13.20 33.34 15.19
C LEU A 438 -11.67 33.39 15.22
N CYS A 439 -11.09 34.01 14.21
CA CYS A 439 -9.64 34.13 14.12
C CYS A 439 -9.11 35.12 15.14
N LEU A 440 -10.00 35.96 15.65
CA LEU A 440 -9.67 36.95 16.68
C LEU A 440 -8.95 38.19 16.16
N GLU A 441 -8.80 38.29 14.85
CA GLU A 441 -7.99 39.37 14.25
C GLU A 441 -8.76 40.51 13.56
N ILE A 442 -10.08 40.54 13.69
CA ILE A 442 -10.88 41.47 12.88
C ILE A 442 -11.68 42.40 13.78
N ALA A 443 -11.43 43.69 13.66
CA ALA A 443 -12.13 44.70 14.46
C ALA A 443 -12.99 45.57 13.55
N LEU A 444 -14.23 45.12 13.29
CA LEU A 444 -15.15 45.86 12.44
C LEU A 444 -16.48 46.07 13.16
N PRO A 445 -17.18 47.17 12.82
CA PRO A 445 -18.48 47.48 13.44
C PRO A 445 -19.47 46.34 13.31
N THR A 446 -20.60 46.44 14.01
CA THR A 446 -21.62 45.41 13.96
C THR A 446 -23.00 45.92 14.35
N LYS A 447 -24.03 45.32 13.77
CA LYS A 447 -25.42 45.69 14.03
C LYS A 447 -26.31 44.46 14.04
N PRO A 448 -27.32 44.42 14.91
CA PRO A 448 -28.25 43.29 15.00
C PRO A 448 -29.26 43.31 13.85
N LEU A 449 -29.94 42.20 13.63
CA LEU A 449 -30.93 42.10 12.57
C LEU A 449 -32.30 41.67 13.09
N ASN A 450 -33.31 42.48 12.79
CA ASN A 450 -34.68 42.18 13.21
C ASN A 450 -35.14 40.96 12.44
N ASP A 451 -34.75 40.89 11.18
CA ASP A 451 -35.10 39.78 10.30
C ASP A 451 -33.83 39.17 9.71
N VAL A 452 -33.97 37.98 9.14
CA VAL A 452 -32.83 37.29 8.54
C VAL A 452 -32.28 38.09 7.37
N ASN A 453 -33.10 38.99 6.83
CA ASN A 453 -32.71 39.83 5.70
C ASN A 453 -33.00 41.29 6.01
N ASP A 454 -32.70 41.72 7.23
CA ASP A 454 -32.92 43.10 7.64
C ASP A 454 -32.12 44.07 6.78
N GLU A 455 -32.69 45.23 6.47
CA GLU A 455 -31.90 46.33 5.92
C GLU A 455 -30.89 46.97 6.89
N ASN A 456 -31.32 47.22 8.14
CA ASN A 456 -30.55 48.01 9.11
C ASN A 456 -29.22 47.48 9.67
N GLY A 457 -29.20 46.19 10.01
CA GLY A 457 -28.08 45.54 10.65
C GLY A 457 -26.95 45.26 9.69
N GLU A 458 -25.72 45.20 10.19
CA GLU A 458 -24.57 44.93 9.34
C GLU A 458 -23.86 43.64 9.74
N ILE A 459 -23.19 43.03 8.79
CA ILE A 459 -22.46 41.80 9.02
C ILE A 459 -21.01 41.97 8.57
N ALA A 460 -20.13 42.27 9.52
CA ALA A 460 -18.71 42.46 9.22
C ALA A 460 -18.23 41.37 8.26
N LEU A 461 -17.75 41.79 7.09
CA LEU A 461 -17.26 40.85 6.09
C LEU A 461 -15.74 40.80 6.06
N CYS A 462 -15.18 39.60 5.96
CA CYS A 462 -13.75 39.45 6.10
C CYS A 462 -13.07 39.11 4.79
N THR A 463 -12.14 39.97 4.39
CA THR A 463 -11.23 39.72 3.27
C THR A 463 -9.78 39.90 3.72
N LEU A 464 -8.89 38.96 3.37
CA LEU A 464 -7.50 39.03 3.83
C LEU A 464 -6.42 38.77 2.76
N SER A 465 -5.28 39.45 2.93
CA SER A 465 -4.09 39.26 2.09
C SER A 465 -2.84 39.34 2.97
N ALA A 466 -1.73 38.75 2.54
CA ALA A 466 -0.55 38.74 3.40
C ALA A 466 0.75 39.10 2.68
N PHE A 467 1.67 39.72 3.41
CA PHE A 467 2.97 40.11 2.87
C PHE A 467 4.04 39.17 3.38
N ASN A 468 4.95 38.78 2.49
CA ASN A 468 6.04 37.88 2.84
C ASN A 468 7.30 38.69 3.12
N LEU A 469 7.46 39.13 4.37
CA LEU A 469 8.63 39.91 4.76
C LEU A 469 9.93 39.24 4.36
N GLY A 470 9.89 37.94 4.13
CA GLY A 470 11.08 37.21 3.73
C GLY A 470 11.28 37.24 2.24
N ALA A 471 10.44 38.00 1.54
CA ALA A 471 10.57 38.16 0.09
C ALA A 471 11.21 39.47 -0.35
N ILE A 472 10.76 40.59 0.23
CA ILE A 472 11.26 41.92 -0.12
C ILE A 472 12.68 42.14 0.38
N ASN A 473 13.46 42.97 -0.32
CA ASN A 473 14.83 43.19 0.12
C ASN A 473 14.89 44.43 1.01
N ASN A 474 14.11 45.45 0.65
CA ASN A 474 14.07 46.68 1.42
C ASN A 474 12.62 47.11 1.65
N LEU A 475 12.39 47.84 2.74
CA LEU A 475 11.07 48.29 3.11
C LEU A 475 10.28 48.91 1.95
N ASP A 476 10.96 49.63 1.08
CA ASP A 476 10.32 50.29 -0.06
C ASP A 476 9.55 49.38 -1.00
N GLU A 477 10.14 48.24 -1.36
CA GLU A 477 9.49 47.30 -2.27
C GLU A 477 8.02 47.08 -1.97
N LEU A 478 7.64 47.31 -0.71
CA LEU A 478 6.25 47.14 -0.29
C LEU A 478 5.30 48.04 -1.06
N GLU A 479 5.73 49.26 -1.37
CA GLU A 479 4.82 50.26 -1.91
C GLU A 479 4.16 49.74 -3.19
N GLU A 480 4.91 49.02 -4.02
CA GLU A 480 4.34 48.43 -5.21
C GLU A 480 3.37 47.33 -4.81
N LEU A 481 3.91 46.32 -4.11
CA LEU A 481 3.12 45.18 -3.64
C LEU A 481 1.85 45.65 -2.93
N ALA A 482 1.95 46.79 -2.26
CA ALA A 482 0.82 47.36 -1.52
C ALA A 482 -0.35 47.61 -2.47
N ILE A 483 -0.10 48.39 -3.52
CA ILE A 483 -1.13 48.71 -4.49
C ILE A 483 -1.58 47.45 -5.21
N LEU A 484 -0.65 46.52 -5.43
CA LEU A 484 -0.96 45.27 -6.11
C LEU A 484 -1.91 44.42 -5.29
N ALA A 485 -1.84 44.55 -3.96
CA ALA A 485 -2.69 43.79 -3.07
C ALA A 485 -4.00 44.52 -2.81
N VAL A 486 -3.91 45.73 -2.27
CA VAL A 486 -5.09 46.53 -1.97
C VAL A 486 -6.04 46.60 -3.16
N ARG A 487 -5.50 46.92 -4.33
CA ARG A 487 -6.31 47.02 -5.55
C ARG A 487 -6.97 45.69 -5.86
N ALA A 488 -6.15 44.67 -6.07
CA ALA A 488 -6.63 43.33 -6.39
C ALA A 488 -7.68 42.85 -5.40
N LEU A 489 -7.41 43.07 -4.11
CA LEU A 489 -8.32 42.66 -3.05
C LEU A 489 -9.66 43.37 -3.14
N ASP A 490 -9.62 44.69 -3.21
CA ASP A 490 -10.83 45.50 -3.29
C ASP A 490 -11.73 45.06 -4.44
N ALA A 491 -11.13 44.42 -5.45
CA ALA A 491 -11.89 43.95 -6.61
C ALA A 491 -12.75 42.74 -6.27
N LEU A 492 -12.22 41.87 -5.43
CA LEU A 492 -12.94 40.66 -5.02
C LEU A 492 -14.30 41.00 -4.43
N LEU A 493 -14.35 42.09 -3.66
CA LEU A 493 -15.57 42.53 -3.01
C LEU A 493 -16.72 42.74 -3.99
N ASP A 494 -16.38 43.02 -5.25
CA ASP A 494 -17.38 43.23 -6.29
C ASP A 494 -17.59 41.99 -7.14
N TYR A 495 -16.79 40.97 -6.89
CA TYR A 495 -16.87 39.72 -7.64
C TYR A 495 -17.49 38.59 -6.83
N GLN A 496 -17.42 38.70 -5.50
CA GLN A 496 -17.97 37.67 -4.64
C GLN A 496 -19.39 38.00 -4.19
N ASP A 497 -20.32 37.07 -4.42
CA ASP A 497 -21.71 37.27 -4.03
C ASP A 497 -21.84 37.11 -2.51
N TYR A 498 -22.78 37.85 -1.93
CA TYR A 498 -23.00 37.80 -0.49
C TYR A 498 -24.30 37.11 -0.16
N PRO A 499 -24.24 35.96 0.53
CA PRO A 499 -25.41 35.17 0.91
C PRO A 499 -26.48 36.02 1.58
N ILE A 500 -26.16 36.59 2.74
CA ILE A 500 -27.08 37.42 3.49
C ILE A 500 -26.93 38.88 3.06
N PRO A 501 -28.06 39.59 2.86
CA PRO A 501 -28.04 40.99 2.45
C PRO A 501 -27.34 41.92 3.44
N ALA A 502 -27.59 41.70 4.72
CA ALA A 502 -26.97 42.52 5.77
C ALA A 502 -25.45 42.55 5.61
N ALA A 503 -24.93 41.56 4.91
CA ALA A 503 -23.49 41.47 4.68
C ALA A 503 -23.10 42.30 3.46
N LYS A 504 -23.81 42.10 2.36
CA LYS A 504 -23.53 42.83 1.12
C LYS A 504 -23.50 44.32 1.40
N ARG A 505 -24.55 44.83 2.04
CA ARG A 505 -24.64 46.24 2.37
C ARG A 505 -23.49 46.66 3.27
N GLY A 506 -23.29 45.92 4.36
CA GLY A 506 -22.22 46.24 5.28
C GLY A 506 -20.84 46.09 4.66
N ALA A 507 -20.76 45.29 3.59
CA ALA A 507 -19.49 45.05 2.90
C ALA A 507 -19.22 46.17 1.91
N MET A 508 -20.11 46.35 0.95
CA MET A 508 -19.82 47.28 -0.11
C MET A 508 -19.59 48.62 0.58
N GLY A 509 -20.16 48.74 1.77
CA GLY A 509 -20.20 50.02 2.45
C GLY A 509 -18.85 50.56 2.89
N ARG A 510 -18.04 49.72 3.51
CA ARG A 510 -16.74 50.16 3.97
C ARG A 510 -15.58 49.47 3.25
N ARG A 511 -15.87 48.33 2.64
CA ARG A 511 -14.85 47.57 1.90
C ARG A 511 -13.64 47.31 2.79
N THR A 512 -13.87 46.79 3.99
CA THR A 512 -12.77 46.61 4.92
C THR A 512 -12.05 45.31 4.62
N LEU A 513 -10.80 45.45 4.20
CA LEU A 513 -9.94 44.30 3.94
C LEU A 513 -8.65 44.47 4.74
N GLY A 514 -8.35 43.45 5.52
CA GLY A 514 -7.16 43.48 6.34
C GLY A 514 -6.13 42.59 5.73
N ILE A 515 -5.11 43.22 5.20
CA ILE A 515 -3.89 42.55 4.82
C ILE A 515 -3.09 42.28 6.08
N GLY A 516 -2.45 41.12 6.10
CA GLY A 516 -1.58 40.69 7.18
C GLY A 516 -0.14 40.51 6.74
N VAL A 517 0.67 39.85 7.56
CA VAL A 517 2.06 39.54 7.18
C VAL A 517 2.47 38.12 7.57
N ILE A 518 3.41 37.52 6.84
CA ILE A 518 3.91 36.20 7.22
C ILE A 518 5.44 36.14 7.10
N ASN A 519 6.01 35.05 7.59
CA ASN A 519 7.45 34.84 7.55
C ASN A 519 8.18 35.87 8.41
N PHE A 520 7.55 36.28 9.51
CA PHE A 520 8.14 37.26 10.41
C PHE A 520 9.30 36.64 11.18
N ALA A 521 9.22 35.34 11.46
CA ALA A 521 10.26 34.64 12.18
C ALA A 521 11.58 34.71 11.42
N TYR A 522 11.54 34.33 10.15
CA TYR A 522 12.73 34.35 9.30
C TYR A 522 13.30 35.76 9.21
N TYR A 523 12.42 36.75 9.10
CA TYR A 523 12.83 38.14 8.99
C TYR A 523 13.65 38.60 10.19
N LEU A 524 13.07 38.46 11.39
CA LEU A 524 13.77 38.86 12.61
C LEU A 524 15.10 38.16 12.77
N ALA A 525 15.19 36.93 12.25
CA ALA A 525 16.42 36.16 12.33
C ALA A 525 17.44 36.64 11.30
N LYS A 526 16.95 36.96 10.11
CA LYS A 526 17.81 37.44 9.03
C LYS A 526 18.48 38.75 9.40
N HIS A 527 18.04 39.36 10.50
CA HIS A 527 18.59 40.61 10.97
C HIS A 527 19.25 40.47 12.33
N GLY A 528 19.19 39.26 12.89
CA GLY A 528 19.83 38.95 14.16
C GLY A 528 19.01 39.38 15.36
N LYS A 529 17.89 40.07 15.12
CA LYS A 529 16.96 40.44 16.18
C LYS A 529 16.17 39.22 16.65
N ARG A 530 15.74 39.22 17.92
CA ARG A 530 14.91 38.11 18.39
C ARG A 530 13.63 38.64 19.05
N TYR A 531 12.86 37.73 19.65
CA TYR A 531 11.62 38.11 20.32
C TYR A 531 11.87 38.45 21.78
N SER A 532 12.54 37.56 22.52
CA SER A 532 12.78 37.73 23.98
C SER A 532 13.66 38.91 24.50
N ASP A 533 14.82 39.14 23.88
CA ASP A 533 15.62 40.33 24.12
C ASP A 533 14.90 41.61 23.68
N GLY A 534 14.01 41.48 22.70
CA GLY A 534 13.29 42.65 22.21
C GLY A 534 14.12 43.58 21.36
N SER A 535 15.28 43.10 20.92
CA SER A 535 16.15 43.91 20.08
C SER A 535 15.46 44.18 18.75
N ALA A 536 14.33 43.52 18.54
CA ALA A 536 13.56 43.69 17.31
C ALA A 536 12.47 44.73 17.47
N ASN A 537 12.35 45.28 18.67
CA ASN A 537 11.34 46.31 18.96
C ASN A 537 11.39 47.43 17.93
N ASN A 538 12.58 48.00 17.73
CA ASN A 538 12.75 49.08 16.76
C ASN A 538 12.62 48.56 15.34
N LEU A 539 13.34 47.49 15.03
CA LEU A 539 13.30 46.90 13.70
C LEU A 539 11.85 46.64 13.30
N THR A 540 11.05 46.25 14.29
CA THR A 540 9.63 45.98 14.06
C THR A 540 8.86 47.27 13.81
N HIS A 541 9.07 48.26 14.67
CA HIS A 541 8.41 49.54 14.54
C HIS A 541 8.64 50.13 13.15
N LYS A 542 9.90 50.15 12.72
CA LYS A 542 10.26 50.67 11.41
C LYS A 542 9.64 49.87 10.27
N THR A 543 9.64 48.55 10.42
CA THR A 543 9.07 47.66 9.42
C THR A 543 7.56 47.86 9.27
N PHE A 544 6.81 47.57 10.32
CA PHE A 544 5.36 47.72 10.30
C PHE A 544 4.93 49.14 9.97
N GLU A 545 5.76 50.11 10.31
CA GLU A 545 5.46 51.51 10.02
C GLU A 545 5.31 51.65 8.52
N ALA A 546 6.25 51.04 7.79
CA ALA A 546 6.25 51.09 6.33
C ALA A 546 5.05 50.35 5.77
N ILE A 547 4.99 49.05 6.02
CA ILE A 547 3.90 48.21 5.54
C ILE A 547 2.56 48.94 5.61
N GLN A 548 2.33 49.63 6.71
CA GLN A 548 1.09 50.37 6.91
C GLN A 548 1.02 51.63 6.04
N TYR A 549 2.11 52.40 6.03
CA TYR A 549 2.16 53.63 5.25
C TYR A 549 1.79 53.40 3.79
N TYR A 550 2.53 52.51 3.13
CA TYR A 550 2.29 52.21 1.72
C TYR A 550 0.88 51.69 1.44
N LEU A 551 0.30 50.96 2.38
CA LEU A 551 -1.04 50.42 2.20
C LEU A 551 -2.07 51.55 2.15
N LEU A 552 -1.94 52.50 3.07
CA LEU A 552 -2.84 53.64 3.12
C LEU A 552 -2.65 54.51 1.89
N LYS A 553 -1.42 54.56 1.40
CA LYS A 553 -1.09 55.35 0.22
C LYS A 553 -1.64 54.66 -1.03
N ALA A 554 -1.63 53.32 -0.99
CA ALA A 554 -2.13 52.54 -2.11
C ALA A 554 -3.65 52.66 -2.16
N SER A 555 -4.26 52.72 -0.99
CA SER A 555 -5.71 52.85 -0.88
C SER A 555 -6.11 54.28 -1.21
N ASN A 556 -5.52 55.23 -0.50
CA ASN A 556 -5.80 56.65 -0.70
C ASN A 556 -5.72 56.96 -2.20
N GLU A 557 -4.70 56.41 -2.85
CA GLU A 557 -4.52 56.62 -4.28
C GLU A 557 -5.72 56.11 -5.06
N LEU A 558 -6.20 54.93 -4.69
CA LEU A 558 -7.35 54.33 -5.34
C LEU A 558 -8.61 55.13 -5.05
N ALA A 559 -8.58 55.97 -4.03
CA ALA A 559 -9.80 56.67 -3.66
C ALA A 559 -10.32 57.54 -4.79
N LYS A 560 -9.43 58.28 -5.45
CA LYS A 560 -9.82 59.04 -6.62
C LYS A 560 -10.21 58.18 -7.83
N GLU A 561 -9.40 57.16 -8.11
CA GLU A 561 -9.56 56.34 -9.32
C GLU A 561 -10.83 55.49 -9.41
N GLN A 562 -11.16 54.83 -8.31
CA GLN A 562 -12.28 53.89 -8.29
C GLN A 562 -13.47 54.43 -7.52
N GLY A 563 -13.45 55.72 -7.22
CA GLY A 563 -14.52 56.38 -6.51
C GLY A 563 -14.33 56.44 -5.01
N ALA A 564 -15.05 57.34 -4.36
CA ALA A 564 -14.99 57.52 -2.91
C ALA A 564 -15.62 56.35 -2.15
N CYS A 565 -15.09 56.08 -0.96
CA CYS A 565 -15.64 55.04 -0.09
C CYS A 565 -17.04 55.41 0.36
N PRO A 566 -17.92 54.42 0.46
CA PRO A 566 -19.33 54.67 0.80
C PRO A 566 -19.52 55.24 2.20
N TRP A 567 -19.03 54.55 3.22
CA TRP A 567 -19.21 54.99 4.61
C TRP A 567 -18.07 55.78 5.20
N PHE A 568 -17.09 56.12 4.35
CA PHE A 568 -15.79 56.61 4.80
C PHE A 568 -15.95 57.62 5.93
N ASN A 569 -16.96 58.49 5.81
CA ASN A 569 -17.22 59.50 6.82
C ASN A 569 -17.25 58.96 8.25
N GLU A 570 -17.92 57.82 8.44
CA GLU A 570 -18.01 57.23 9.77
C GLU A 570 -16.63 57.05 10.39
N THR A 571 -15.72 56.43 9.65
CA THR A 571 -14.36 56.19 10.13
C THR A 571 -13.71 57.49 10.58
N THR A 572 -12.75 57.38 11.48
CA THR A 572 -12.03 58.55 11.99
C THR A 572 -11.02 59.05 10.97
N TYR A 573 -10.60 58.17 10.07
CA TYR A 573 -9.63 58.52 9.04
C TYR A 573 -10.06 59.78 8.30
N ALA A 574 -11.34 59.85 7.95
CA ALA A 574 -11.88 61.00 7.24
C ALA A 574 -11.84 62.24 8.13
N LYS A 575 -12.00 62.02 9.44
CA LYS A 575 -11.99 63.11 10.41
C LYS A 575 -10.57 63.64 10.59
N GLY A 576 -9.65 63.12 9.79
CA GLY A 576 -8.26 63.56 9.87
C GLY A 576 -7.44 62.81 10.90
N ILE A 577 -8.07 61.89 11.62
CA ILE A 577 -7.39 61.11 12.65
C ILE A 577 -6.57 59.99 12.01
N LEU A 578 -5.33 59.85 12.46
CA LEU A 578 -4.43 58.82 11.93
C LEU A 578 -4.12 57.78 13.00
N PRO A 579 -3.79 56.54 12.59
CA PRO A 579 -3.46 55.46 13.51
C PRO A 579 -2.09 55.60 14.14
N ILE A 580 -1.41 56.71 13.83
CA ILE A 580 -0.08 56.97 14.35
C ILE A 580 -0.12 57.92 15.54
N ASP A 581 -1.33 58.29 15.95
CA ASP A 581 -1.51 59.20 17.08
C ASP A 581 -2.65 58.74 17.99
N THR A 582 -2.89 57.43 18.02
CA THR A 582 -3.93 56.85 18.85
C THR A 582 -3.38 55.73 19.70
N TYR A 583 -2.24 55.19 19.29
CA TYR A 583 -1.58 54.10 20.02
C TYR A 583 -1.40 54.46 21.49
N LYS A 584 -1.26 53.45 22.34
CA LYS A 584 -1.08 53.66 23.76
C LYS A 584 0.28 54.33 23.99
N LYS A 585 0.29 55.39 24.79
CA LYS A 585 1.52 56.11 25.08
C LYS A 585 2.56 55.24 25.77
N ASP A 586 2.11 54.19 26.45
CA ASP A 586 3.02 53.29 27.15
C ASP A 586 3.82 52.44 26.16
N LEU A 587 3.75 52.80 24.89
CA LEU A 587 4.47 52.09 23.84
C LEU A 587 5.83 52.70 23.56
N ASP A 588 5.93 54.01 23.74
CA ASP A 588 7.11 54.77 23.33
C ASP A 588 8.33 54.20 24.04
N THR A 589 8.14 53.77 25.27
CA THR A 589 9.24 53.27 26.09
C THR A 589 9.94 52.04 25.49
N ILE A 590 9.19 51.10 24.90
CA ILE A 590 9.84 49.88 24.43
C ILE A 590 10.27 50.04 22.98
N ALA A 591 10.16 51.25 22.45
CA ALA A 591 10.54 51.54 21.08
C ALA A 591 10.85 53.02 20.90
N ASN A 592 12.04 53.30 20.38
CA ASN A 592 12.47 54.68 20.15
C ASN A 592 12.86 54.89 18.69
N GLU A 593 12.09 54.29 17.79
CA GLU A 593 12.31 54.40 16.35
C GLU A 593 11.28 55.34 15.74
N PRO A 594 11.60 56.64 15.65
CA PRO A 594 10.69 57.64 15.08
C PRO A 594 10.22 57.31 13.67
N LEU A 595 9.09 57.84 13.24
CA LEU A 595 8.52 57.44 11.93
C LEU A 595 9.36 57.76 10.67
N HIS A 596 9.51 56.76 9.81
CA HIS A 596 10.33 56.84 8.58
C HIS A 596 9.98 57.74 7.40
N TYR A 597 8.71 57.79 7.00
CA TYR A 597 8.32 58.44 5.73
C TYR A 597 7.19 59.42 5.97
N ASP A 598 7.00 60.43 5.11
CA ASP A 598 6.14 61.49 5.59
C ASP A 598 4.74 60.93 5.73
N TRP A 599 4.14 61.19 6.87
CA TRP A 599 2.77 60.79 7.14
C TRP A 599 1.77 61.90 6.87
N GLU A 600 2.13 63.12 7.24
CA GLU A 600 1.26 64.26 7.03
C GLU A 600 0.81 64.35 5.58
N ALA A 601 1.68 63.92 4.67
CA ALA A 601 1.37 63.93 3.25
C ALA A 601 0.04 63.21 3.02
N LEU A 602 -0.11 62.06 3.68
CA LEU A 602 -1.33 61.28 3.57
C LEU A 602 -2.40 61.81 4.50
N ARG A 603 -1.97 62.44 5.60
CA ARG A 603 -2.91 63.01 6.56
C ARG A 603 -3.84 63.98 5.85
N GLU A 604 -3.32 64.63 4.81
CA GLU A 604 -4.09 65.58 4.02
C GLU A 604 -4.64 64.94 2.76
N SER A 605 -3.79 64.20 2.06
CA SER A 605 -4.18 63.52 0.83
C SER A 605 -5.42 62.68 1.08
N ILE A 606 -5.57 62.18 2.30
CA ILE A 606 -6.71 61.37 2.70
C ILE A 606 -7.82 62.26 3.25
N LYS A 607 -7.47 63.42 3.80
CA LYS A 607 -8.53 64.37 4.09
C LYS A 607 -9.23 64.85 2.80
N THR A 608 -8.43 65.27 1.82
CA THR A 608 -8.96 65.74 0.54
C THR A 608 -9.66 64.69 -0.35
N HIS A 609 -9.05 63.51 -0.48
CA HIS A 609 -9.55 62.51 -1.41
C HIS A 609 -10.34 61.39 -0.79
N GLY A 610 -9.82 60.84 0.29
CA GLY A 610 -10.46 59.74 1.00
C GLY A 610 -9.72 58.42 0.89
N LEU A 611 -10.44 57.34 1.13
CA LEU A 611 -9.87 56.00 1.06
C LEU A 611 -10.82 55.03 0.37
N ARG A 612 -10.26 54.08 -0.37
CA ARG A 612 -11.06 53.08 -1.07
C ARG A 612 -11.51 52.00 -0.10
N ASN A 613 -10.86 51.95 1.06
CA ASN A 613 -11.19 50.97 2.09
C ASN A 613 -11.22 51.63 3.46
N SER A 614 -11.75 50.91 4.45
CA SER A 614 -11.83 51.44 5.80
C SER A 614 -10.74 50.85 6.69
N THR A 615 -10.20 49.71 6.29
CA THR A 615 -9.14 49.04 7.04
C THR A 615 -8.22 48.27 6.10
N LEU A 616 -6.92 48.35 6.35
CA LEU A 616 -5.94 47.67 5.52
C LEU A 616 -4.95 46.89 6.38
N SER A 617 -4.95 47.19 7.68
CA SER A 617 -3.96 46.61 8.56
C SER A 617 -4.58 45.63 9.53
N ALA A 618 -4.18 44.37 9.40
CA ALA A 618 -4.56 43.32 10.34
C ALA A 618 -3.49 42.24 10.31
N LEU A 619 -3.40 41.46 11.38
CA LEU A 619 -2.51 40.31 11.38
C LEU A 619 -3.21 39.05 11.88
N MET A 620 -3.39 38.09 10.98
CA MET A 620 -4.06 36.84 11.31
C MET A 620 -3.04 35.70 11.29
N PRO A 621 -3.33 34.60 12.00
CA PRO A 621 -2.43 33.46 12.05
C PRO A 621 -2.55 32.57 10.81
N SER A 622 -2.19 33.08 9.64
CA SER A 622 -2.29 32.27 8.44
C SER A 622 -1.34 31.07 8.54
N GLU A 623 -1.84 29.87 8.23
CA GLU A 623 -1.02 28.65 8.28
C GLU A 623 -0.77 27.98 6.91
N THR A 624 -1.84 27.72 6.18
CA THR A 624 -1.75 27.14 4.85
C THR A 624 -1.13 28.16 3.90
N SER A 625 -1.42 29.44 4.14
CA SER A 625 -0.71 30.47 3.40
C SER A 625 0.79 30.42 3.68
N SER A 626 1.16 30.20 4.94
CA SER A 626 2.56 30.20 5.37
C SER A 626 3.46 29.10 4.77
N GLN A 627 2.94 27.88 4.71
CA GLN A 627 3.69 26.75 4.18
C GLN A 627 3.72 26.69 2.65
N ILE A 628 2.84 27.46 2.00
CA ILE A 628 2.80 27.48 0.55
C ILE A 628 4.03 28.24 0.05
N SER A 629 4.54 29.12 0.90
CA SER A 629 5.72 29.93 0.57
C SER A 629 6.90 29.39 1.38
N ASN A 630 6.66 28.29 2.08
CA ASN A 630 7.68 27.67 2.92
C ASN A 630 8.10 28.65 4.01
N ALA A 631 7.29 29.69 4.18
CA ALA A 631 7.56 30.72 5.18
C ALA A 631 7.12 30.28 6.57
N THR A 632 7.35 31.14 7.56
CA THR A 632 6.96 30.83 8.93
C THR A 632 5.55 31.33 9.21
N ASN A 633 4.81 30.57 10.02
CA ASN A 633 3.44 30.92 10.36
C ASN A 633 3.31 32.35 10.89
N GLY A 634 2.33 33.08 10.35
CA GLY A 634 2.08 34.44 10.77
C GLY A 634 3.29 35.19 11.26
N ILE A 635 3.33 35.46 12.56
CA ILE A 635 4.45 36.17 13.18
C ILE A 635 5.10 35.30 14.24
N GLU A 636 4.30 34.45 14.88
CA GLU A 636 4.79 33.55 15.92
C GLU A 636 5.97 32.75 15.39
N PRO A 637 7.05 32.65 16.19
CA PRO A 637 8.23 31.88 15.77
C PRO A 637 7.94 30.39 15.72
N PRO A 638 8.67 29.64 14.88
CA PRO A 638 8.48 28.19 14.76
C PRO A 638 8.87 27.43 16.03
N ARG A 639 8.17 26.34 16.31
CA ARG A 639 8.45 25.53 17.49
C ARG A 639 9.70 24.68 17.29
N GLY A 640 10.16 24.61 16.04
CA GLY A 640 11.36 23.83 15.74
C GLY A 640 11.83 24.00 14.32
N TYR A 641 13.11 23.74 14.09
CA TYR A 641 13.72 23.85 12.77
C TYR A 641 13.03 22.90 11.79
N VAL A 642 12.83 21.66 12.22
CA VAL A 642 12.19 20.65 11.40
C VAL A 642 10.68 20.61 11.63
N SER A 643 9.95 21.38 10.84
CA SER A 643 8.50 21.43 10.97
C SER A 643 7.90 20.10 10.56
N ILE A 644 6.86 19.66 11.27
CA ILE A 644 6.21 18.39 10.97
C ILE A 644 4.70 18.49 10.98
N LYS A 645 4.06 17.79 10.05
CA LYS A 645 2.60 17.78 9.93
C LYS A 645 2.15 16.52 9.20
N ALA A 646 0.92 16.12 9.46
CA ALA A 646 0.37 14.95 8.78
C ALA A 646 -0.42 15.41 7.57
N SER A 647 0.11 15.04 6.40
CA SER A 647 -0.51 15.23 5.08
C SER A 647 -1.49 14.10 4.76
N LYS A 648 -2.31 14.30 3.73
CA LYS A 648 -3.31 13.31 3.39
C LYS A 648 -2.59 11.99 3.50
N ASP A 649 -1.34 11.97 3.08
CA ASP A 649 -0.48 10.81 3.25
C ASP A 649 -0.23 10.56 4.74
N GLY A 650 0.26 11.58 5.44
CA GLY A 650 0.52 11.42 6.86
C GLY A 650 1.86 11.97 7.29
N ILE A 651 2.77 12.20 6.34
CA ILE A 651 4.08 12.72 6.65
C ILE A 651 4.45 13.95 5.83
N LEU A 652 4.77 15.04 6.51
CA LEU A 652 5.16 16.28 5.87
C LEU A 652 6.32 16.90 6.63
N ARG A 653 7.29 17.45 5.90
CA ARG A 653 8.45 18.07 6.53
C ARG A 653 8.77 19.40 5.88
N GLN A 654 8.92 20.43 6.70
CA GLN A 654 9.21 21.78 6.20
C GLN A 654 10.33 22.42 6.99
N VAL A 655 11.50 22.55 6.37
CA VAL A 655 12.66 23.16 7.03
C VAL A 655 12.48 24.67 7.06
N VAL A 656 12.74 25.28 8.21
CA VAL A 656 12.66 26.73 8.29
C VAL A 656 13.67 27.22 7.27
N PRO A 657 13.32 28.30 6.57
CA PRO A 657 14.05 28.66 5.35
C PRO A 657 15.53 28.93 5.64
N ASP A 658 16.38 28.35 4.79
CA ASP A 658 17.82 28.53 4.88
C ASP A 658 18.39 28.10 6.22
N TYR A 659 18.12 26.87 6.62
CA TYR A 659 18.62 26.40 7.90
C TYR A 659 20.14 26.50 7.90
N GLU A 660 20.74 26.62 6.72
CA GLU A 660 22.20 26.62 6.58
C GLU A 660 22.96 27.73 7.34
N HIS A 661 22.49 28.97 7.34
CA HIS A 661 23.11 29.93 8.26
C HIS A 661 22.22 30.45 9.37
N LEU A 662 20.95 30.05 9.38
CA LEU A 662 19.96 30.63 10.30
C LEU A 662 19.68 29.84 11.58
N HIS A 663 20.46 28.82 11.89
CA HIS A 663 20.21 28.07 13.10
C HIS A 663 20.33 28.94 14.33
N ASP A 664 21.35 29.79 14.37
CA ASP A 664 21.61 30.68 15.50
C ASP A 664 20.55 31.77 15.77
N ALA A 665 20.05 32.39 14.71
CA ALA A 665 19.22 33.58 14.80
C ALA A 665 17.78 33.25 15.14
N TYR A 666 17.42 31.98 15.00
CA TYR A 666 16.06 31.54 15.30
C TYR A 666 15.84 31.29 16.78
N GLU A 667 14.81 31.93 17.32
CA GLU A 667 14.45 31.78 18.73
C GLU A 667 13.15 31.00 18.81
N LEU A 668 13.26 29.67 18.88
CA LEU A 668 12.09 28.80 18.84
C LEU A 668 11.12 29.02 19.99
N LEU A 669 9.83 28.92 19.67
CA LEU A 669 8.75 29.25 20.59
C LEU A 669 9.01 28.79 22.02
N TRP A 670 9.68 27.64 22.16
CA TRP A 670 9.99 27.10 23.48
C TRP A 670 11.32 27.60 24.02
N GLU A 671 12.17 28.10 23.12
CA GLU A 671 13.48 28.61 23.52
C GLU A 671 13.33 29.96 24.21
N MET A 672 12.16 30.57 24.07
CA MET A 672 11.91 31.87 24.69
C MET A 672 11.87 31.77 26.21
N PRO A 673 12.59 32.66 26.90
CA PRO A 673 12.64 32.67 28.37
C PRO A 673 11.24 32.90 28.96
N GLY A 674 10.62 34.01 28.57
CA GLY A 674 9.30 34.33 29.07
C GLY A 674 8.43 34.95 27.98
N ASN A 675 7.14 35.09 28.25
CA ASN A 675 6.21 35.66 27.29
C ASN A 675 6.37 37.17 27.12
N ASP A 676 7.02 37.83 28.08
CA ASP A 676 7.23 39.27 28.00
C ASP A 676 7.73 39.72 26.64
N GLY A 677 8.86 39.15 26.23
CA GLY A 677 9.44 39.50 24.94
C GLY A 677 8.42 39.54 23.81
N TYR A 678 7.66 38.46 23.67
CA TYR A 678 6.65 38.36 22.62
C TYR A 678 5.68 39.54 22.61
N LEU A 679 5.04 39.79 23.74
CA LEU A 679 4.08 40.89 23.84
C LEU A 679 4.63 42.24 23.37
N GLN A 680 5.76 42.64 23.95
CA GLN A 680 6.38 43.91 23.61
C GLN A 680 6.43 44.19 22.11
N LEU A 681 6.74 43.17 21.31
CA LEU A 681 6.79 43.36 19.86
C LEU A 681 5.37 43.52 19.32
N VAL A 682 4.45 42.72 19.82
CA VAL A 682 3.06 42.76 19.40
C VAL A 682 2.48 44.16 19.61
N GLY A 683 2.61 44.67 20.83
CA GLY A 683 2.08 45.99 21.14
C GLY A 683 2.53 47.04 20.14
N ILE A 684 3.73 46.86 19.60
CA ILE A 684 4.28 47.79 18.63
C ILE A 684 3.50 47.70 17.32
N MET A 685 3.28 46.47 16.86
CA MET A 685 2.56 46.23 15.62
C MET A 685 1.21 46.93 15.65
N GLN A 686 0.57 46.89 16.82
CA GLN A 686 -0.74 47.49 17.02
C GLN A 686 -0.75 48.98 16.72
N LYS A 687 0.36 49.66 16.98
CA LYS A 687 0.48 51.09 16.75
C LYS A 687 0.23 51.45 15.28
N PHE A 688 0.22 50.45 14.41
CA PHE A 688 0.01 50.66 12.98
C PHE A 688 -1.10 49.79 12.40
N ILE A 689 -1.56 48.80 13.16
CA ILE A 689 -2.56 47.90 12.60
C ILE A 689 -3.97 48.33 12.96
N ASP A 690 -4.78 48.60 11.94
CA ASP A 690 -6.20 48.88 12.16
C ASP A 690 -7.00 47.70 12.76
N GLN A 691 -6.71 46.50 12.27
CA GLN A 691 -7.32 45.27 12.79
C GLN A 691 -6.36 44.57 13.75
N SER A 692 -6.89 44.16 14.90
CA SER A 692 -6.07 43.59 15.97
C SER A 692 -5.40 42.26 15.59
N ILE A 693 -4.18 42.07 16.09
CA ILE A 693 -3.39 40.88 15.80
C ILE A 693 -3.79 39.66 16.62
N SER A 694 -3.61 38.48 16.04
CA SER A 694 -3.92 37.23 16.70
C SER A 694 -2.66 36.75 17.39
N ALA A 695 -2.30 37.46 18.46
CA ALA A 695 -1.07 37.16 19.19
C ALA A 695 -1.43 36.20 20.29
N ASN A 696 -0.77 35.05 20.28
CA ASN A 696 -1.07 33.98 21.23
C ASN A 696 0.01 33.90 22.29
N THR A 697 -0.37 33.49 23.50
CA THR A 697 0.58 33.36 24.59
C THR A 697 1.01 31.90 24.71
N ASN A 698 2.26 31.68 25.09
CA ASN A 698 2.79 30.33 25.23
C ASN A 698 3.49 30.15 26.57
N TYR A 699 3.15 29.08 27.28
CA TYR A 699 3.77 28.80 28.57
C TYR A 699 4.41 27.42 28.61
N ASP A 700 5.38 27.27 29.50
CA ASP A 700 6.10 26.01 29.64
C ASP A 700 6.11 25.58 31.10
N PRO A 701 5.28 24.60 31.47
CA PRO A 701 5.21 24.13 32.85
C PRO A 701 6.53 23.56 33.37
N SER A 702 7.30 22.94 32.48
CA SER A 702 8.59 22.37 32.86
C SER A 702 9.52 23.44 33.39
N ARG A 703 9.48 24.60 32.75
CA ARG A 703 10.19 25.78 33.21
C ARG A 703 9.32 26.54 34.20
N PHE A 704 9.06 25.93 35.34
CA PHE A 704 8.34 26.58 36.43
C PHE A 704 8.44 25.79 37.72
N PRO A 705 8.61 26.49 38.84
CA PRO A 705 8.76 25.83 40.14
C PRO A 705 7.48 25.08 40.52
N SER A 706 7.63 23.86 40.98
CA SER A 706 6.48 23.06 41.38
C SER A 706 5.83 22.50 40.12
N GLY A 707 6.49 22.72 38.99
CA GLY A 707 5.98 22.24 37.71
C GLY A 707 4.54 22.67 37.49
N LYS A 708 4.22 23.90 37.85
CA LYS A 708 2.83 24.34 37.78
C LYS A 708 2.72 25.83 37.45
N VAL A 709 2.30 26.14 36.23
CA VAL A 709 2.38 27.51 35.84
C VAL A 709 1.64 28.23 36.94
N PRO A 710 2.33 29.22 37.48
CA PRO A 710 1.82 30.12 38.52
C PRO A 710 0.77 31.10 38.01
N MET A 711 -0.36 31.16 38.71
CA MET A 711 -1.44 32.08 38.35
C MET A 711 -0.85 33.47 38.20
N GLN A 712 0.01 33.82 39.14
CA GLN A 712 0.68 35.12 39.17
C GLN A 712 1.15 35.53 37.78
N GLN A 713 2.00 34.69 37.18
CA GLN A 713 2.54 34.97 35.86
C GLN A 713 1.44 35.18 34.81
N LEU A 714 0.46 34.28 34.79
CA LEU A 714 -0.64 34.38 33.83
C LEU A 714 -1.33 35.74 33.89
N LEU A 715 -1.75 36.13 35.10
CA LEU A 715 -2.41 37.42 35.29
C LEU A 715 -1.46 38.56 34.95
N LYS A 716 -0.23 38.46 35.44
CA LYS A 716 0.79 39.47 35.20
C LYS A 716 0.86 39.82 33.71
N ASP A 717 0.93 38.80 32.88
CA ASP A 717 1.03 38.97 31.43
C ASP A 717 -0.17 39.70 30.82
N LEU A 718 -1.38 39.35 31.25
CA LEU A 718 -2.58 40.00 30.73
C LEU A 718 -2.48 41.51 30.88
N LEU A 719 -1.97 41.97 32.01
CA LEU A 719 -1.82 43.40 32.26
C LEU A 719 -0.80 43.97 31.28
N THR A 720 0.27 43.21 31.05
CA THR A 720 1.34 43.62 30.14
C THR A 720 0.76 43.93 28.76
N ALA A 721 -0.11 43.05 28.28
CA ALA A 721 -0.74 43.23 26.97
C ALA A 721 -1.58 44.49 26.95
N TYR A 722 -2.46 44.63 27.95
CA TYR A 722 -3.33 45.79 28.05
C TYR A 722 -2.53 47.09 28.18
N LYS A 723 -1.34 46.98 28.78
CA LYS A 723 -0.48 48.14 28.98
C LYS A 723 0.13 48.67 27.69
N PHE A 724 0.34 47.78 26.72
CA PHE A 724 0.93 48.18 25.45
C PHE A 724 -0.09 48.35 24.33
N GLY A 725 -1.37 48.30 24.71
CA GLY A 725 -2.43 48.47 23.73
C GLY A 725 -2.72 47.27 22.86
N VAL A 726 -2.42 46.07 23.36
CA VAL A 726 -2.69 44.85 22.61
C VAL A 726 -4.20 44.69 22.49
N LYS A 727 -4.68 44.40 21.29
CA LYS A 727 -6.12 44.27 21.07
C LYS A 727 -6.75 42.97 21.56
N THR A 728 -6.21 41.83 21.16
CA THR A 728 -6.77 40.56 21.60
C THR A 728 -5.74 39.49 21.96
N LEU A 729 -6.24 38.38 22.48
CA LEU A 729 -5.42 37.25 22.87
C LEU A 729 -5.92 36.00 22.14
N TYR A 730 -4.95 35.11 21.88
CA TYR A 730 -5.06 33.92 21.05
C TYR A 730 -4.43 32.70 21.73
N TYR A 731 -4.75 31.52 21.22
CA TYR A 731 -4.57 30.24 21.90
C TYR A 731 -3.42 30.32 22.90
N GLN A 732 -3.65 29.74 24.08
CA GLN A 732 -2.72 29.85 25.21
C GLN A 732 -2.08 28.49 25.46
N ASN A 733 -1.63 27.86 24.37
CA ASN A 733 -1.04 26.51 24.39
C ASN A 733 0.30 26.40 25.13
N THR A 734 0.57 25.21 25.67
CA THR A 734 1.70 24.98 26.58
C THR A 734 2.52 23.78 26.14
N ARG A 735 3.71 23.63 26.71
CA ARG A 735 4.60 22.53 26.36
C ARG A 735 4.28 21.25 27.14
N ASP A 736 4.54 20.14 26.48
CA ASP A 736 4.53 18.85 27.11
C ASP A 736 5.55 18.03 26.35
N GLY A 737 6.29 17.22 27.08
CA GLY A 737 7.07 16.16 26.49
C GLY A 737 6.31 14.84 26.44
N ASN B 4 -46.60 31.43 78.86
CA ASN B 4 -47.79 30.98 78.08
C ASN B 4 -47.34 30.46 76.71
N LEU B 5 -48.29 30.19 75.83
CA LEU B 5 -47.97 29.71 74.49
C LEU B 5 -48.38 30.77 73.47
N LEU B 6 -47.62 30.88 72.37
CA LEU B 6 -47.97 31.88 71.36
C LEU B 6 -48.34 31.30 70.00
N VAL B 7 -48.94 32.18 69.18
CA VAL B 7 -49.38 31.86 67.82
C VAL B 7 -49.47 33.16 67.03
N THR B 8 -49.23 33.08 65.73
CA THR B 8 -49.29 34.26 64.87
C THR B 8 -50.35 34.09 63.80
N LYS B 9 -51.54 34.64 64.07
CA LYS B 9 -52.67 34.56 63.15
C LYS B 9 -52.26 35.12 61.79
N ARG B 10 -52.80 34.54 60.72
CA ARG B 10 -52.49 35.01 59.36
C ARG B 10 -52.75 36.51 59.27
N ASP B 11 -53.67 36.99 60.09
CA ASP B 11 -54.01 38.41 60.12
C ASP B 11 -52.75 39.20 60.43
N GLY B 12 -51.87 38.61 61.23
CA GLY B 12 -50.62 39.26 61.59
C GLY B 12 -50.49 39.37 63.10
N SER B 13 -51.59 39.69 63.77
CA SER B 13 -51.60 39.83 65.22
C SER B 13 -51.20 38.53 65.90
N THR B 14 -50.95 38.61 67.21
CA THR B 14 -50.54 37.44 67.98
C THR B 14 -51.75 36.85 68.72
N GLU B 15 -51.58 35.61 69.17
CA GLU B 15 -52.61 34.94 69.96
C GLU B 15 -51.97 33.80 70.75
N ARG B 16 -52.66 33.34 71.79
CA ARG B 16 -52.21 32.14 72.50
C ARG B 16 -52.71 30.92 71.74
N ILE B 17 -52.02 29.79 71.91
CA ILE B 17 -52.42 28.57 71.23
C ILE B 17 -53.81 28.18 71.72
N ASN B 18 -54.65 27.73 70.78
CA ASN B 18 -56.00 27.31 71.12
C ASN B 18 -56.22 25.93 70.54
N LEU B 19 -55.86 24.90 71.29
CA LEU B 19 -55.79 23.58 70.71
C LEU B 19 -57.15 23.31 70.10
N ASP B 20 -58.20 23.81 70.74
CA ASP B 20 -59.56 23.56 70.25
C ASP B 20 -59.75 24.06 68.82
N LYS B 21 -59.33 25.27 68.52
CA LYS B 21 -59.73 25.88 67.27
C LYS B 21 -59.36 24.96 66.12
N ILE B 22 -58.21 24.30 66.22
CA ILE B 22 -57.83 23.31 65.22
C ILE B 22 -58.91 22.26 65.00
N HIS B 23 -59.22 21.51 66.06
CA HIS B 23 -60.23 20.46 65.98
C HIS B 23 -61.45 20.87 65.17
N ARG B 24 -62.07 21.98 65.55
CA ARG B 24 -63.26 22.48 64.86
C ARG B 24 -63.04 22.57 63.36
N VAL B 25 -61.82 22.92 62.95
CA VAL B 25 -61.50 23.04 61.54
C VAL B 25 -61.60 21.68 60.85
N LEU B 26 -60.95 20.68 61.44
CA LEU B 26 -60.97 19.33 60.90
C LEU B 26 -62.42 18.86 60.81
N ASP B 27 -63.21 19.22 61.83
CA ASP B 27 -64.62 18.85 61.88
C ASP B 27 -65.34 19.39 60.64
N TRP B 28 -65.16 20.68 60.38
CA TRP B 28 -65.78 21.32 59.23
C TRP B 28 -65.54 20.44 58.00
N ALA B 29 -64.40 19.76 57.97
CA ALA B 29 -64.05 18.89 56.86
C ALA B 29 -64.68 17.51 57.00
N ALA B 30 -64.48 16.88 58.16
CA ALA B 30 -65.02 15.55 58.42
C ALA B 30 -66.54 15.53 58.33
N GLU B 31 -67.14 16.72 58.30
CA GLU B 31 -68.59 16.86 58.21
C GLU B 31 -69.14 16.06 57.02
N GLY B 32 -70.01 15.11 57.32
CA GLY B 32 -70.61 14.29 56.27
C GLY B 32 -69.60 13.35 55.63
N LEU B 33 -68.78 12.71 56.46
CA LEU B 33 -67.77 11.78 55.96
C LEU B 33 -67.64 10.58 56.90
N HIS B 34 -67.08 9.49 56.38
CA HIS B 34 -66.88 8.28 57.16
C HIS B 34 -65.46 7.78 57.05
N ASN B 35 -65.08 6.88 57.96
CA ASN B 35 -63.74 6.31 58.00
C ASN B 35 -62.70 7.42 58.20
N VAL B 36 -63.19 8.64 58.42
CA VAL B 36 -62.32 9.79 58.63
C VAL B 36 -62.17 10.11 60.11
N SER B 37 -60.98 9.85 60.65
CA SER B 37 -60.70 10.11 62.05
C SER B 37 -60.10 11.49 62.25
N ILE B 38 -60.82 12.35 62.96
CA ILE B 38 -60.37 13.71 63.23
C ILE B 38 -59.05 13.67 63.98
N SER B 39 -58.91 12.72 64.89
CA SER B 39 -57.70 12.56 65.69
C SER B 39 -56.54 12.03 64.86
N GLN B 40 -56.86 11.22 63.86
CA GLN B 40 -55.84 10.64 63.00
C GLN B 40 -54.94 11.69 62.37
N VAL B 41 -55.54 12.53 61.53
CA VAL B 41 -54.81 13.60 60.83
C VAL B 41 -53.85 14.37 61.74
N GLU B 42 -54.29 14.64 62.96
CA GLU B 42 -53.46 15.39 63.92
C GLU B 42 -52.14 14.67 64.16
N LEU B 43 -52.21 13.44 64.64
CA LEU B 43 -51.02 12.64 64.92
C LEU B 43 -50.24 12.34 63.65
N ARG B 44 -50.93 12.28 62.52
CA ARG B 44 -50.25 11.97 61.27
C ARG B 44 -49.22 13.05 60.98
N SER B 45 -49.57 14.28 61.34
CA SER B 45 -48.95 15.48 60.83
C SER B 45 -47.71 15.85 61.62
N HIS B 46 -47.59 15.27 62.82
CA HIS B 46 -46.45 15.55 63.68
C HIS B 46 -46.20 17.05 63.73
N ILE B 47 -47.28 17.83 63.62
CA ILE B 47 -47.20 19.28 63.62
C ILE B 47 -46.31 19.73 64.78
N GLN B 48 -45.18 20.34 64.43
CA GLN B 48 -44.23 20.81 65.42
C GLN B 48 -44.50 22.27 65.78
N PHE B 49 -44.92 22.49 67.02
CA PHE B 49 -45.21 23.83 67.50
C PHE B 49 -43.99 24.59 68.00
N TYR B 50 -43.97 25.89 67.71
CA TYR B 50 -42.89 26.77 68.14
C TYR B 50 -43.36 28.21 68.10
N ASP B 51 -42.87 29.04 69.01
CA ASP B 51 -43.45 30.35 69.24
C ASP B 51 -43.49 31.18 67.96
N GLY B 52 -44.57 31.93 67.79
CA GLY B 52 -44.65 32.87 66.69
C GLY B 52 -44.88 32.10 65.42
N ILE B 53 -45.23 30.83 65.53
CA ILE B 53 -45.54 30.08 64.33
C ILE B 53 -46.75 30.73 63.68
N LYS B 54 -46.70 30.90 62.37
CA LYS B 54 -47.80 31.50 61.63
C LYS B 54 -49.00 30.55 61.60
N THR B 55 -50.20 31.08 61.67
CA THR B 55 -51.37 30.22 61.62
C THR B 55 -51.50 29.56 60.26
N SER B 56 -51.06 30.27 59.22
CA SER B 56 -51.12 29.74 57.86
C SER B 56 -50.36 28.43 57.76
N ASP B 57 -49.12 28.44 58.25
CA ASP B 57 -48.27 27.25 58.22
C ASP B 57 -48.93 26.11 58.98
N ILE B 58 -49.46 26.41 60.16
CA ILE B 58 -50.11 25.39 60.97
C ILE B 58 -51.19 24.72 60.13
N HIS B 59 -52.05 25.54 59.53
CA HIS B 59 -53.13 25.05 58.69
C HIS B 59 -52.56 24.25 57.53
N GLU B 60 -51.43 24.71 57.00
CA GLU B 60 -50.76 24.05 55.89
C GLU B 60 -50.46 22.59 56.23
N THR B 61 -49.85 22.39 57.39
CA THR B 61 -49.48 21.05 57.86
C THR B 61 -50.60 20.02 57.73
N ILE B 62 -51.76 20.31 58.32
CA ILE B 62 -52.88 19.39 58.28
C ILE B 62 -53.32 19.03 56.86
N ILE B 63 -53.30 20.02 55.97
CA ILE B 63 -53.67 19.79 54.57
C ILE B 63 -52.91 18.61 53.97
N LYS B 64 -51.59 18.63 54.11
CA LYS B 64 -50.76 17.57 53.56
C LYS B 64 -50.97 16.27 54.32
N ALA B 65 -51.17 16.39 55.64
CA ALA B 65 -51.38 15.21 56.49
C ALA B 65 -52.65 14.48 56.07
N ALA B 66 -53.74 15.22 55.93
CA ALA B 66 -55.02 14.64 55.52
C ALA B 66 -54.91 14.02 54.14
N ALA B 67 -54.10 14.65 53.28
CA ALA B 67 -53.91 14.18 51.92
C ALA B 67 -53.09 12.89 51.88
N ASP B 68 -52.29 12.67 52.91
CA ASP B 68 -51.45 11.47 52.99
C ASP B 68 -52.25 10.26 53.48
N LEU B 69 -53.39 10.52 54.11
CA LEU B 69 -54.23 9.45 54.63
C LEU B 69 -55.29 9.05 53.62
N ILE B 70 -55.15 9.54 52.39
CA ILE B 70 -56.09 9.23 51.32
C ILE B 70 -55.77 7.85 50.75
N SER B 71 -56.23 6.81 51.43
CA SER B 71 -55.99 5.44 50.99
C SER B 71 -57.24 4.82 50.38
N ARG B 72 -57.07 3.67 49.74
CA ARG B 72 -58.18 3.04 49.06
C ARG B 72 -59.27 2.79 50.09
N ASP B 73 -58.84 2.42 51.29
CA ASP B 73 -59.79 2.09 52.35
C ASP B 73 -60.43 3.37 52.88
N ALA B 74 -59.84 4.51 52.53
CA ALA B 74 -60.34 5.80 52.97
C ALA B 74 -60.57 6.74 51.79
N PRO B 75 -61.56 6.41 50.93
CA PRO B 75 -61.90 7.21 49.75
C PRO B 75 -62.33 8.64 50.10
N ASP B 76 -63.01 8.78 51.23
CA ASP B 76 -63.50 10.10 51.68
C ASP B 76 -62.38 11.07 52.04
N TYR B 77 -61.27 10.54 52.56
CA TYR B 77 -60.13 11.39 52.94
C TYR B 77 -59.74 12.30 51.78
N GLN B 78 -59.94 11.81 50.55
CA GLN B 78 -59.62 12.58 49.36
C GLN B 78 -60.43 13.87 49.39
N TYR B 79 -61.70 13.75 49.78
CA TYR B 79 -62.60 14.89 49.86
C TYR B 79 -62.39 15.65 51.17
N LEU B 80 -62.00 14.91 52.22
CA LEU B 80 -61.75 15.52 53.52
C LEU B 80 -60.72 16.62 53.39
N ALA B 81 -59.52 16.25 52.95
CA ALA B 81 -58.43 17.20 52.78
C ALA B 81 -58.82 18.29 51.77
N ALA B 82 -59.60 17.89 50.77
CA ALA B 82 -60.05 18.82 49.74
C ALA B 82 -60.72 20.02 50.41
N ARG B 83 -61.61 19.76 51.36
CA ARG B 83 -62.31 20.83 52.07
C ARG B 83 -61.38 21.73 52.89
N LEU B 84 -60.42 21.10 53.57
CA LEU B 84 -59.37 21.81 54.30
C LEU B 84 -58.54 22.69 53.37
N ALA B 85 -58.42 22.28 52.10
CA ALA B 85 -57.66 23.03 51.12
C ALA B 85 -58.42 24.24 50.59
N ILE B 86 -59.60 23.99 50.02
CA ILE B 86 -60.43 25.05 49.47
C ILE B 86 -60.51 26.24 50.43
N PHE B 87 -60.59 25.93 51.72
CA PHE B 87 -60.66 26.97 52.75
C PHE B 87 -59.47 27.93 52.65
N HIS B 88 -58.27 27.39 52.81
CA HIS B 88 -57.04 28.16 52.76
C HIS B 88 -56.99 29.10 51.55
N LEU B 89 -57.19 28.53 50.36
CA LEU B 89 -57.16 29.30 49.12
C LEU B 89 -58.07 30.52 49.14
N ARG B 90 -59.37 30.30 49.31
CA ARG B 90 -60.35 31.37 49.33
C ARG B 90 -59.97 32.50 50.28
N LYS B 91 -59.51 32.14 51.47
CA LYS B 91 -59.13 33.12 52.48
C LYS B 91 -57.81 33.82 52.16
N LYS B 92 -56.94 33.14 51.41
CA LYS B 92 -55.65 33.71 51.04
C LYS B 92 -55.76 34.67 49.86
N ALA B 93 -56.96 34.78 49.31
CA ALA B 93 -57.24 35.69 48.19
C ALA B 93 -58.37 36.70 48.43
N TYR B 94 -59.07 36.57 49.56
CA TYR B 94 -60.26 37.38 49.81
C TYR B 94 -60.26 37.98 51.21
N GLY B 95 -59.28 37.60 52.02
CA GLY B 95 -59.20 38.10 53.38
C GLY B 95 -60.14 37.38 54.31
N GLN B 96 -61.24 36.90 53.72
CA GLN B 96 -62.37 36.28 54.41
C GLN B 96 -62.92 35.08 53.63
N PHE B 97 -63.67 34.22 54.31
CA PHE B 97 -64.10 32.92 53.79
C PHE B 97 -65.10 33.05 52.65
N GLU B 98 -65.87 34.15 52.64
CA GLU B 98 -66.86 34.35 51.59
C GLU B 98 -66.42 35.38 50.56
N PRO B 99 -66.19 34.95 49.32
CA PRO B 99 -65.77 35.79 48.20
C PRO B 99 -66.72 36.96 47.93
N PRO B 100 -66.15 38.07 47.48
CA PRO B 100 -66.85 39.32 47.12
C PRO B 100 -67.66 39.25 45.83
N ALA B 101 -68.61 40.15 45.66
CA ALA B 101 -69.59 40.07 44.58
C ALA B 101 -68.87 39.99 43.24
N LEU B 102 -69.52 39.39 42.26
CA LEU B 102 -68.95 39.24 40.92
C LEU B 102 -68.41 40.56 40.41
N TYR B 103 -69.27 41.59 40.39
CA TYR B 103 -68.89 42.91 39.92
C TYR B 103 -67.69 43.48 40.68
N ASP B 104 -67.87 43.70 41.98
CA ASP B 104 -66.82 44.25 42.83
C ASP B 104 -65.46 43.62 42.55
N HIS B 105 -65.40 42.30 42.59
CA HIS B 105 -64.16 41.57 42.35
C HIS B 105 -63.60 41.82 40.96
N VAL B 106 -64.38 41.53 39.93
CA VAL B 106 -63.95 41.73 38.55
C VAL B 106 -63.22 43.06 38.38
N VAL B 107 -63.79 44.11 38.94
CA VAL B 107 -63.20 45.45 38.85
C VAL B 107 -61.88 45.54 39.61
N LYS B 108 -61.89 45.17 40.88
CA LYS B 108 -60.70 45.22 41.73
C LYS B 108 -59.47 44.62 41.06
N MET B 109 -59.61 43.40 40.56
CA MET B 109 -58.50 42.70 39.91
C MET B 109 -58.10 43.32 38.59
N VAL B 110 -59.00 44.07 37.97
CA VAL B 110 -58.72 44.73 36.70
C VAL B 110 -57.55 45.69 36.82
N GLU B 111 -57.70 46.69 37.67
CA GLU B 111 -56.67 47.70 37.89
C GLU B 111 -55.39 47.11 38.46
N MET B 112 -55.45 45.86 38.91
CA MET B 112 -54.27 45.19 39.46
C MET B 112 -53.44 44.54 38.36
N GLY B 113 -53.94 44.62 37.13
CA GLY B 113 -53.23 44.05 36.00
C GLY B 113 -53.56 42.58 35.78
N LYS B 114 -54.16 41.93 36.78
CA LYS B 114 -54.62 40.51 36.71
C LYS B 114 -55.85 40.06 35.86
N TYR B 115 -56.98 40.76 35.98
CA TYR B 115 -58.13 40.63 35.08
C TYR B 115 -58.09 41.70 34.01
N ASP B 116 -58.54 41.33 32.80
CA ASP B 116 -58.56 42.25 31.68
C ASP B 116 -59.82 43.12 31.77
N ASN B 117 -59.65 44.43 31.64
CA ASN B 117 -60.78 45.36 31.71
C ASN B 117 -61.78 45.09 30.60
N HIS B 118 -61.37 44.26 29.64
CA HIS B 118 -62.20 43.89 28.51
C HIS B 118 -63.63 43.52 28.91
N LEU B 119 -63.79 43.02 30.13
CA LEU B 119 -65.10 42.62 30.63
C LEU B 119 -65.94 43.79 31.14
N LEU B 120 -65.31 44.71 31.87
CA LEU B 120 -66.01 45.87 32.42
C LEU B 120 -66.67 46.69 31.32
N GLU B 121 -66.24 46.48 30.09
CA GLU B 121 -66.76 47.22 28.94
C GLU B 121 -67.88 46.46 28.22
N ASP B 122 -67.77 45.14 28.17
CA ASP B 122 -68.76 44.32 27.49
C ASP B 122 -69.90 43.90 28.41
N TYR B 123 -69.82 44.29 29.67
CA TYR B 123 -70.86 43.94 30.65
C TYR B 123 -71.09 45.05 31.67
N THR B 124 -72.34 45.51 31.77
CA THR B 124 -72.69 46.56 32.71
C THR B 124 -72.89 45.95 34.09
N GLU B 125 -72.73 46.76 35.13
CA GLU B 125 -72.88 46.32 36.51
C GLU B 125 -74.06 45.37 36.69
N GLU B 126 -75.23 45.78 36.19
CA GLU B 126 -76.44 44.98 36.32
C GLU B 126 -76.19 43.53 35.88
N GLU B 127 -75.77 43.36 34.63
CA GLU B 127 -75.50 42.04 34.09
C GLU B 127 -74.53 41.25 34.95
N PHE B 128 -73.57 41.94 35.55
CA PHE B 128 -72.59 41.29 36.42
C PHE B 128 -73.25 40.79 37.70
N LYS B 129 -73.94 41.69 38.38
CA LYS B 129 -74.63 41.35 39.62
C LYS B 129 -75.69 40.28 39.38
N GLN B 130 -76.14 40.18 38.13
CA GLN B 130 -77.13 39.19 37.75
C GLN B 130 -76.47 37.82 37.66
N MET B 131 -75.34 37.79 36.95
CA MET B 131 -74.57 36.56 36.79
C MET B 131 -74.13 36.01 38.13
N ASP B 132 -74.05 36.90 39.12
CA ASP B 132 -73.64 36.52 40.46
C ASP B 132 -74.58 35.45 41.00
N THR B 133 -75.81 35.46 40.50
CA THR B 133 -76.82 34.50 40.91
C THR B 133 -76.46 33.10 40.47
N PHE B 134 -76.02 32.97 39.22
CA PHE B 134 -75.65 31.67 38.67
C PHE B 134 -74.47 31.10 39.44
N ILE B 135 -73.56 31.97 39.86
CA ILE B 135 -72.38 31.56 40.61
C ILE B 135 -72.74 30.85 41.90
N ASP B 136 -72.23 29.63 42.06
CA ASP B 136 -72.48 28.84 43.25
C ASP B 136 -71.16 28.60 43.98
N HIS B 137 -70.80 29.49 44.89
CA HIS B 137 -69.48 29.39 45.48
C HIS B 137 -69.41 28.04 46.11
N ASP B 138 -70.56 27.51 46.47
CA ASP B 138 -70.64 26.29 47.29
C ASP B 138 -70.10 25.11 46.50
N ARG B 139 -69.98 25.29 45.19
CA ARG B 139 -69.48 24.25 44.30
C ARG B 139 -68.01 23.96 44.59
N ASP B 140 -67.37 24.88 45.31
CA ASP B 140 -65.96 24.72 45.67
C ASP B 140 -65.83 23.52 46.62
N MET B 141 -66.93 23.17 47.26
CA MET B 141 -66.95 22.06 48.19
C MET B 141 -67.30 20.75 47.48
N THR B 142 -67.19 20.76 46.17
CA THR B 142 -67.48 19.58 45.36
C THR B 142 -66.22 19.11 44.63
N PHE B 143 -65.08 19.64 45.08
CA PHE B 143 -63.79 19.30 44.48
C PHE B 143 -63.05 18.23 45.27
N SER B 144 -62.35 17.36 44.55
CA SER B 144 -61.56 16.30 45.15
C SER B 144 -60.10 16.75 45.19
N TYR B 145 -59.41 16.62 46.30
CA TYR B 145 -58.22 17.42 46.50
C TYR B 145 -57.29 17.30 45.29
N ALA B 146 -57.23 16.13 44.65
CA ALA B 146 -56.44 15.99 43.43
C ALA B 146 -56.57 17.21 42.51
N ALA B 147 -57.81 17.52 42.12
CA ALA B 147 -58.09 18.66 41.25
C ALA B 147 -57.72 19.97 41.90
N VAL B 148 -58.11 20.13 43.17
CA VAL B 148 -57.85 21.34 43.92
C VAL B 148 -56.39 21.80 43.84
N LYS B 149 -55.46 20.88 44.09
CA LYS B 149 -54.06 21.25 44.15
C LYS B 149 -53.65 21.86 42.83
N GLN B 150 -54.17 21.33 41.73
CA GLN B 150 -53.82 21.81 40.41
C GLN B 150 -54.30 23.25 40.24
N LEU B 151 -55.50 23.52 40.73
CA LEU B 151 -56.10 24.85 40.62
C LEU B 151 -55.20 25.89 41.28
N GLU B 152 -54.57 25.50 42.39
CA GLU B 152 -53.69 26.39 43.13
C GLU B 152 -52.44 26.81 42.34
N GLY B 153 -52.31 26.29 41.12
CA GLY B 153 -51.18 26.68 40.29
C GLY B 153 -51.53 27.14 38.89
N LYS B 154 -51.83 26.18 38.02
CA LYS B 154 -52.08 26.45 36.60
C LYS B 154 -53.29 27.32 36.28
N TYR B 155 -54.45 26.92 36.81
CA TYR B 155 -55.74 27.58 36.56
C TYR B 155 -56.01 28.96 37.15
N LEU B 156 -55.66 29.14 38.42
CA LEU B 156 -56.03 30.34 39.19
C LEU B 156 -55.21 31.55 38.80
N VAL B 157 -55.75 32.75 38.96
CA VAL B 157 -54.89 33.93 38.72
C VAL B 157 -54.12 34.24 39.98
N GLN B 158 -52.80 34.32 39.89
CA GLN B 158 -51.99 34.57 41.08
C GLN B 158 -50.69 35.30 40.79
N ASN B 159 -50.03 35.76 41.84
CA ASN B 159 -48.73 36.43 41.67
C ASN B 159 -47.68 35.34 41.91
N ARG B 160 -46.87 35.05 40.89
CA ARG B 160 -45.91 33.94 41.01
C ARG B 160 -44.72 34.26 41.91
N VAL B 161 -44.31 35.52 41.96
CA VAL B 161 -43.23 35.91 42.86
C VAL B 161 -43.73 35.89 44.31
N THR B 162 -44.66 36.79 44.61
CA THR B 162 -45.20 36.94 45.95
C THR B 162 -45.98 35.75 46.49
N GLY B 163 -46.63 35.00 45.61
CA GLY B 163 -47.44 33.87 46.04
C GLY B 163 -48.92 34.18 46.06
N GLU B 164 -49.31 35.44 46.27
CA GLU B 164 -50.70 35.84 46.34
C GLU B 164 -51.62 35.18 45.31
N ILE B 165 -52.74 34.65 45.80
CA ILE B 165 -53.76 34.03 44.93
C ILE B 165 -54.90 35.07 44.81
N TYR B 166 -55.21 35.55 43.61
CA TYR B 166 -56.21 36.59 43.49
C TYR B 166 -57.62 36.13 43.19
N GLU B 167 -57.86 34.83 43.00
CA GLU B 167 -59.11 34.33 42.39
C GLU B 167 -59.68 33.02 42.97
N SER B 168 -60.95 32.76 42.68
CA SER B 168 -61.68 31.60 43.22
C SER B 168 -62.26 30.61 42.18
N ALA B 169 -62.57 29.39 42.62
CA ALA B 169 -62.92 28.27 41.73
C ALA B 169 -64.17 28.38 40.84
N GLN B 170 -65.30 28.84 41.38
CA GLN B 170 -66.40 29.25 40.51
C GLN B 170 -66.17 30.62 39.88
N PHE B 171 -65.49 31.51 40.60
CA PHE B 171 -65.18 32.83 40.08
C PHE B 171 -64.50 32.67 38.73
N LEU B 172 -63.52 31.78 38.71
CA LEU B 172 -62.76 31.48 37.50
C LEU B 172 -63.69 30.99 36.39
N TYR B 173 -64.48 29.96 36.71
CA TYR B 173 -65.41 29.38 35.76
C TYR B 173 -66.27 30.40 35.01
N ILE B 174 -67.15 31.08 35.75
CA ILE B 174 -68.05 32.06 35.16
C ILE B 174 -67.37 33.09 34.26
N LEU B 175 -66.33 33.76 34.75
CA LEU B 175 -65.64 34.76 33.95
C LEU B 175 -65.28 34.25 32.56
N VAL B 176 -64.70 33.06 32.51
CA VAL B 176 -64.31 32.45 31.24
C VAL B 176 -65.53 32.26 30.34
N ALA B 177 -66.61 31.75 30.91
CA ALA B 177 -67.84 31.51 30.16
C ALA B 177 -68.33 32.78 29.47
N ALA B 178 -68.37 33.87 30.22
CA ALA B 178 -68.83 35.15 29.69
C ALA B 178 -67.80 35.78 28.76
N CYS B 179 -66.55 35.85 29.23
CA CYS B 179 -65.48 36.45 28.44
C CYS B 179 -65.29 35.71 27.11
N LEU B 180 -65.94 34.56 26.98
CA LEU B 180 -65.85 33.77 25.75
C LEU B 180 -67.15 33.92 24.96
N PHE B 181 -68.15 34.52 25.59
CA PHE B 181 -69.45 34.74 24.98
C PHE B 181 -69.81 36.23 24.98
N SER B 182 -68.86 37.06 25.40
CA SER B 182 -69.09 38.50 25.46
C SER B 182 -69.65 39.03 24.14
N ASN B 183 -68.89 38.85 23.06
CA ASN B 183 -69.33 39.29 21.74
C ASN B 183 -70.46 38.42 21.23
N TYR B 184 -71.59 38.45 21.93
CA TYR B 184 -72.76 37.67 21.56
C TYR B 184 -74.03 38.49 21.66
N PRO B 185 -75.08 38.12 20.92
CA PRO B 185 -76.35 38.84 20.92
C PRO B 185 -76.85 39.15 22.34
N ARG B 186 -77.48 40.30 22.49
CA ARG B 186 -78.00 40.74 23.78
C ARG B 186 -78.96 39.72 24.39
N GLU B 187 -79.86 39.14 23.58
CA GLU B 187 -80.87 38.14 24.03
C GLU B 187 -80.50 36.68 24.47
N THR B 188 -79.68 35.97 23.69
CA THR B 188 -79.08 34.70 24.08
C THR B 188 -77.80 34.79 24.90
N ARG B 189 -77.17 35.96 24.98
CA ARG B 189 -75.86 36.12 25.70
C ARG B 189 -75.72 35.90 27.25
N LEU B 190 -76.66 36.47 28.00
CA LEU B 190 -76.78 36.17 29.42
C LEU B 190 -77.15 34.70 29.61
N GLN B 191 -78.03 34.19 28.73
CA GLN B 191 -78.50 32.81 28.84
C GLN B 191 -77.34 31.83 28.71
N TYR B 192 -76.69 31.84 27.53
CA TYR B 192 -75.57 30.95 27.28
C TYR B 192 -74.50 31.08 28.35
N VAL B 193 -74.33 32.28 28.90
CA VAL B 193 -73.33 32.52 29.93
C VAL B 193 -73.55 31.60 31.13
N LYS B 194 -74.81 31.29 31.40
CA LYS B 194 -75.14 30.41 32.52
C LYS B 194 -75.13 28.94 32.12
N ARG B 195 -75.84 28.61 31.03
CA ARG B 195 -75.89 27.23 30.57
C ARG B 195 -74.51 26.65 30.33
N PHE B 196 -73.56 27.50 29.97
CA PHE B 196 -72.20 27.04 29.72
C PHE B 196 -71.48 26.92 31.06
N TYR B 197 -71.66 27.94 31.89
CA TYR B 197 -71.03 27.96 33.22
C TYR B 197 -71.32 26.67 33.97
N ASP B 198 -72.58 26.26 33.99
CA ASP B 198 -72.98 25.04 34.67
C ASP B 198 -72.42 23.80 34.00
N ALA B 199 -72.33 23.83 32.68
CA ALA B 199 -71.81 22.70 31.92
C ALA B 199 -70.36 22.41 32.28
N VAL B 200 -69.59 23.46 32.56
CA VAL B 200 -68.19 23.32 32.91
C VAL B 200 -67.96 23.29 34.42
N SER B 201 -68.74 24.08 35.15
CA SER B 201 -68.61 24.14 36.60
C SER B 201 -69.00 22.82 37.26
N THR B 202 -69.88 22.07 36.59
CA THR B 202 -70.32 20.78 37.13
C THR B 202 -69.44 19.64 36.61
N PHE B 203 -68.33 20.00 36.00
CA PHE B 203 -67.39 19.00 35.47
C PHE B 203 -68.02 18.17 34.36
N LYS B 204 -68.98 18.77 33.64
CA LYS B 204 -69.65 18.07 32.56
C LYS B 204 -68.92 18.26 31.23
N ILE B 205 -68.05 19.26 31.20
CA ILE B 205 -67.25 19.57 30.01
C ILE B 205 -65.95 20.24 30.43
N SER B 206 -64.85 19.49 30.35
CA SER B 206 -63.54 20.02 30.73
C SER B 206 -62.86 20.69 29.54
N LEU B 207 -62.14 21.76 29.80
CA LEU B 207 -61.44 22.49 28.75
C LEU B 207 -59.92 22.50 28.95
N PRO B 208 -59.15 22.72 27.88
CA PRO B 208 -57.69 22.75 27.92
C PRO B 208 -57.09 23.68 28.97
N THR B 209 -56.07 23.20 29.66
CA THR B 209 -55.39 23.95 30.70
C THR B 209 -55.10 25.40 30.32
N PRO B 210 -54.48 25.63 29.15
CA PRO B 210 -54.15 26.99 28.71
C PRO B 210 -55.34 27.95 28.75
N ILE B 211 -56.52 27.47 28.37
CA ILE B 211 -57.72 28.28 28.37
C ILE B 211 -58.08 28.81 29.74
N MET B 212 -58.29 27.94 30.72
CA MET B 212 -58.95 28.38 31.95
C MET B 212 -58.19 29.54 32.61
N SER B 213 -56.87 29.50 32.58
CA SER B 213 -56.04 30.55 33.19
C SER B 213 -56.15 31.96 32.58
N GLY B 214 -56.23 32.07 31.26
CA GLY B 214 -56.00 33.32 30.57
C GLY B 214 -57.23 33.95 29.97
N VAL B 215 -58.30 33.18 29.80
CA VAL B 215 -59.53 33.84 29.43
C VAL B 215 -59.73 34.77 30.61
N ARG B 216 -59.98 36.04 30.33
CA ARG B 216 -60.16 37.03 31.38
C ARG B 216 -58.86 37.67 31.87
N THR B 217 -57.71 37.30 31.29
CA THR B 217 -56.50 38.07 31.59
C THR B 217 -55.98 38.77 30.34
N PRO B 218 -54.96 39.62 30.49
CA PRO B 218 -54.38 40.37 29.36
C PRO B 218 -54.12 39.52 28.12
N THR B 219 -53.44 38.38 28.31
CA THR B 219 -52.98 37.58 27.18
C THR B 219 -54.12 37.12 26.26
N ARG B 220 -53.86 37.17 24.96
CA ARG B 220 -54.84 36.88 23.92
C ARG B 220 -54.62 35.53 23.24
N GLN B 221 -53.73 34.70 23.78
CA GLN B 221 -53.37 33.46 23.06
C GLN B 221 -53.82 32.16 23.74
N PHE B 222 -54.56 31.35 22.99
CA PHE B 222 -55.02 30.04 23.46
C PHE B 222 -54.40 28.82 22.76
N SER B 223 -53.41 29.03 21.91
CA SER B 223 -52.84 27.95 21.09
C SER B 223 -52.17 26.84 21.90
N SER B 224 -52.39 25.58 21.53
CA SER B 224 -51.90 24.48 22.35
C SER B 224 -50.89 23.55 21.66
N CYS B 225 -51.28 23.00 20.52
CA CYS B 225 -50.42 22.12 19.74
C CYS B 225 -50.40 22.59 18.29
N VAL B 226 -49.20 22.67 17.71
CA VAL B 226 -49.11 23.12 16.33
C VAL B 226 -48.25 22.19 15.48
N LEU B 227 -48.49 22.20 14.18
CA LEU B 227 -47.74 21.37 13.24
C LEU B 227 -47.03 22.23 12.19
N ILE B 228 -45.88 21.76 11.75
CA ILE B 228 -45.10 22.48 10.75
C ILE B 228 -44.31 21.52 9.85
N GLU B 229 -44.45 21.72 8.54
CA GLU B 229 -43.76 20.90 7.56
C GLU B 229 -42.57 21.70 7.05
N CYS B 230 -41.38 21.08 7.08
CA CYS B 230 -40.17 21.75 6.62
C CYS B 230 -39.82 21.37 5.19
N GLY B 231 -39.23 22.31 4.47
CA GLY B 231 -38.85 22.06 3.09
C GLY B 231 -37.36 21.78 2.95
N ASP B 232 -37.02 20.80 2.12
CA ASP B 232 -35.63 20.44 1.89
C ASP B 232 -34.78 21.65 1.53
N SER B 233 -35.44 22.70 1.04
CA SER B 233 -34.74 23.93 0.66
C SER B 233 -34.13 24.61 1.89
N LEU B 234 -32.85 24.96 1.78
CA LEU B 234 -32.13 25.60 2.88
C LEU B 234 -32.94 26.67 3.60
N ASP B 235 -33.37 27.67 2.84
CA ASP B 235 -34.15 28.79 3.39
C ASP B 235 -35.34 28.33 4.24
N SER B 236 -36.10 27.38 3.72
CA SER B 236 -37.27 26.86 4.42
C SER B 236 -36.98 26.48 5.86
N ILE B 237 -35.96 25.65 6.05
CA ILE B 237 -35.57 25.19 7.38
C ILE B 237 -35.32 26.35 8.34
N ASN B 238 -34.59 27.37 7.87
CA ASN B 238 -34.30 28.53 8.70
C ASN B 238 -35.58 29.14 9.27
N ALA B 239 -36.63 29.16 8.45
CA ALA B 239 -37.91 29.70 8.89
C ALA B 239 -38.49 28.78 9.96
N THR B 240 -38.51 27.49 9.67
CA THR B 240 -39.01 26.50 10.62
C THR B 240 -38.32 26.73 11.95
N SER B 241 -37.00 26.89 11.88
CA SER B 241 -36.19 27.13 13.07
C SER B 241 -36.75 28.29 13.89
N SER B 242 -37.08 29.37 13.19
CA SER B 242 -37.60 30.57 13.83
C SER B 242 -39.01 30.33 14.39
N ALA B 243 -39.88 29.77 13.57
CA ALA B 243 -41.26 29.49 13.96
C ALA B 243 -41.31 28.69 15.26
N ILE B 244 -40.62 27.55 15.28
CA ILE B 244 -40.58 26.68 16.45
C ILE B 244 -40.24 27.48 17.70
N VAL B 245 -39.22 28.34 17.61
CA VAL B 245 -38.83 29.16 18.75
C VAL B 245 -39.93 30.13 19.16
N LYS B 246 -40.60 30.73 18.17
CA LYS B 246 -41.68 31.67 18.45
C LYS B 246 -42.84 30.97 19.16
N TYR B 247 -43.14 29.75 18.72
CA TYR B 247 -44.17 28.94 19.33
C TYR B 247 -43.77 28.23 20.59
N VAL B 248 -42.51 27.82 20.76
CA VAL B 248 -42.13 27.18 22.02
C VAL B 248 -41.99 28.27 23.07
N SER B 249 -41.74 29.49 22.62
CA SER B 249 -41.61 30.65 23.50
C SER B 249 -42.93 30.99 24.18
N GLN B 250 -44.03 30.46 23.68
CA GLN B 250 -45.36 30.58 24.24
C GLN B 250 -45.78 29.17 24.66
N ARG B 251 -44.83 28.41 25.19
CA ARG B 251 -45.05 27.08 25.72
C ARG B 251 -45.93 26.14 24.90
N ALA B 252 -45.74 26.05 23.58
CA ALA B 252 -46.58 25.17 22.78
C ALA B 252 -45.86 23.91 22.32
N GLY B 253 -46.59 22.80 22.26
CA GLY B 253 -46.04 21.53 21.78
C GLY B 253 -45.82 21.64 20.27
N ILE B 254 -44.75 21.02 19.76
CA ILE B 254 -44.36 21.17 18.36
C ILE B 254 -44.45 19.88 17.56
N GLY B 255 -44.88 20.00 16.31
CA GLY B 255 -45.04 18.85 15.42
C GLY B 255 -44.33 19.02 14.08
N ILE B 256 -43.01 18.81 14.11
CA ILE B 256 -42.15 18.96 12.94
C ILE B 256 -42.22 17.77 11.98
N ASN B 257 -42.08 18.06 10.69
CA ASN B 257 -42.10 17.05 9.64
C ASN B 257 -40.91 17.28 8.72
N ALA B 258 -39.80 16.61 9.03
CA ALA B 258 -38.58 16.76 8.23
C ALA B 258 -38.45 15.64 7.20
N GLY B 259 -39.53 14.90 6.99
CA GLY B 259 -39.51 13.82 6.03
C GLY B 259 -39.14 14.32 4.64
N ARG B 260 -39.09 15.64 4.50
CA ARG B 260 -38.75 16.28 3.24
C ARG B 260 -37.25 16.52 3.14
N ILE B 261 -36.55 16.69 4.25
CA ILE B 261 -35.15 17.05 4.06
C ILE B 261 -34.57 15.98 3.13
N ARG B 262 -33.94 16.43 2.04
CA ARG B 262 -33.40 15.53 1.02
C ARG B 262 -32.26 14.71 1.61
N ALA B 263 -32.11 13.46 1.20
CA ALA B 263 -31.15 12.62 1.89
C ALA B 263 -29.69 13.04 1.74
N LEU B 264 -28.90 12.50 2.67
CA LEU B 264 -27.45 12.66 2.66
C LEU B 264 -26.86 12.18 1.34
N GLY B 265 -25.94 12.98 0.79
CA GLY B 265 -25.30 12.63 -0.47
C GLY B 265 -25.97 13.20 -1.71
N SER B 266 -27.25 13.51 -1.61
CA SER B 266 -28.01 14.04 -2.73
C SER B 266 -27.34 15.29 -3.28
N PRO B 267 -27.39 15.42 -4.59
CA PRO B 267 -26.82 16.53 -5.32
C PRO B 267 -27.38 17.85 -4.85
N ILE B 268 -26.58 18.90 -4.89
CA ILE B 268 -27.04 20.26 -4.61
C ILE B 268 -26.46 21.21 -5.65
N ARG B 269 -27.32 21.86 -6.43
CA ARG B 269 -26.87 22.82 -7.44
C ARG B 269 -26.33 22.16 -8.72
N GLY B 270 -26.44 20.83 -8.79
CA GLY B 270 -26.05 20.06 -9.96
C GLY B 270 -25.09 18.96 -9.52
N GLY B 271 -23.82 19.32 -9.43
CA GLY B 271 -22.76 18.41 -8.97
C GLY B 271 -21.70 19.25 -8.28
N GLU B 272 -22.05 20.52 -8.08
CA GLU B 272 -21.17 21.49 -7.46
C GLU B 272 -21.02 21.26 -5.97
N ALA B 273 -22.03 20.66 -5.32
CA ALA B 273 -21.95 20.36 -3.89
C ALA B 273 -22.96 19.27 -3.52
N PHE B 274 -22.52 18.33 -2.68
CA PHE B 274 -23.38 17.23 -2.26
C PHE B 274 -23.97 17.54 -0.89
N HIS B 275 -25.22 17.15 -0.70
CA HIS B 275 -25.96 17.35 0.53
C HIS B 275 -25.31 16.75 1.77
N THR B 276 -25.61 17.34 2.91
CA THR B 276 -25.04 16.94 4.19
C THR B 276 -25.88 16.00 5.03
N GLY B 277 -27.15 15.86 4.71
CA GLY B 277 -28.07 14.97 5.39
C GLY B 277 -29.21 15.66 6.11
N CYS B 278 -30.14 14.88 6.64
CA CYS B 278 -31.26 15.40 7.40
C CYS B 278 -30.90 15.68 8.86
N ILE B 279 -30.04 14.86 9.44
CA ILE B 279 -29.69 14.92 10.85
C ILE B 279 -29.25 16.28 11.30
N PRO B 280 -28.26 16.87 10.65
CA PRO B 280 -27.82 18.23 10.92
C PRO B 280 -29.00 19.18 11.08
N PHE B 281 -30.00 19.09 10.22
CA PHE B 281 -31.18 19.96 10.35
C PHE B 281 -32.06 19.55 11.51
N TYR B 282 -32.22 18.24 11.74
CA TYR B 282 -33.06 17.78 12.85
C TYR B 282 -32.62 18.22 14.27
N LYS B 283 -31.32 18.22 14.55
CA LYS B 283 -30.84 18.56 15.91
C LYS B 283 -31.07 20.02 16.33
N HIS B 284 -30.78 20.94 15.41
CA HIS B 284 -31.19 22.34 15.49
C HIS B 284 -32.64 22.48 15.95
N PHE B 285 -33.53 21.72 15.31
CA PHE B 285 -34.95 21.76 15.66
C PHE B 285 -35.16 21.62 17.16
N GLN B 286 -34.37 20.74 17.78
CA GLN B 286 -34.40 20.50 19.23
C GLN B 286 -33.95 21.64 20.16
N THR B 287 -32.83 22.30 19.82
CA THR B 287 -32.38 23.48 20.54
C THR B 287 -33.41 24.59 20.53
N ALA B 288 -34.21 24.64 19.47
CA ALA B 288 -35.25 25.65 19.35
C ALA B 288 -36.39 25.41 20.33
N VAL B 289 -36.85 24.16 20.41
CA VAL B 289 -37.95 23.81 21.31
C VAL B 289 -37.51 23.94 22.76
N LYS B 290 -36.20 23.87 23.00
CA LYS B 290 -35.66 23.98 24.34
C LYS B 290 -35.18 25.40 24.62
N SER B 291 -35.29 26.26 23.62
CA SER B 291 -34.87 27.66 23.75
C SER B 291 -35.40 28.30 25.03
N CYS B 292 -36.51 27.77 25.53
CA CYS B 292 -37.10 28.21 26.80
C CYS B 292 -36.92 27.30 28.03
N SER B 293 -36.06 26.28 27.94
CA SER B 293 -35.98 25.24 28.99
C SER B 293 -34.72 25.25 29.87
N GLN B 294 -34.88 24.98 31.17
CA GLN B 294 -33.73 25.03 32.07
C GLN B 294 -33.03 23.69 32.21
N GLY B 295 -31.83 23.62 31.65
CA GLY B 295 -30.97 22.46 31.75
C GLY B 295 -31.33 21.40 30.72
N GLY B 296 -32.41 21.66 29.98
CA GLY B 296 -32.87 20.78 28.94
C GLY B 296 -33.63 19.59 29.53
N VAL B 297 -33.75 19.59 30.85
CA VAL B 297 -34.43 18.51 31.56
C VAL B 297 -35.92 18.42 31.24
N ARG B 298 -36.57 19.57 31.21
CA ARG B 298 -38.01 19.64 31.01
C ARG B 298 -38.40 20.81 30.12
N GLY B 299 -39.57 20.71 29.49
CA GLY B 299 -40.08 21.76 28.64
C GLY B 299 -39.69 21.57 27.18
N GLY B 300 -40.42 22.23 26.30
CA GLY B 300 -40.18 22.11 24.87
C GLY B 300 -40.32 20.67 24.43
N ALA B 301 -41.48 20.34 23.85
CA ALA B 301 -41.71 19.00 23.37
C ALA B 301 -41.80 19.03 21.87
N ALA B 302 -40.91 18.29 21.22
CA ALA B 302 -40.91 18.21 19.77
C ALA B 302 -41.07 16.76 19.35
N THR B 303 -42.04 16.50 18.50
CA THR B 303 -42.19 15.18 17.92
C THR B 303 -41.92 15.31 16.44
N LEU B 304 -40.96 14.54 15.95
CA LEU B 304 -40.62 14.59 14.53
C LEU B 304 -41.20 13.42 13.74
N PHE B 305 -41.65 13.72 12.53
CA PHE B 305 -42.24 12.70 11.66
C PHE B 305 -41.43 12.52 10.38
N TYR B 306 -41.41 11.30 9.86
CA TYR B 306 -40.67 10.99 8.65
C TYR B 306 -41.12 9.67 8.03
N PRO B 307 -40.85 9.47 6.74
CA PRO B 307 -41.25 8.23 6.05
C PRO B 307 -40.38 7.05 6.47
N MET B 308 -41.00 5.87 6.55
CA MET B 308 -40.28 4.66 6.95
C MET B 308 -39.39 4.16 5.82
N TRP B 309 -39.70 4.57 4.60
CA TRP B 309 -38.93 4.18 3.43
C TRP B 309 -37.78 5.14 3.15
N HIS B 310 -37.59 6.10 4.05
CA HIS B 310 -36.54 7.09 3.89
C HIS B 310 -35.16 6.42 3.79
N LEU B 311 -34.23 7.08 3.10
CA LEU B 311 -32.89 6.54 2.91
C LEU B 311 -32.07 6.56 4.20
N GLU B 312 -32.62 7.21 5.24
CA GLU B 312 -31.94 7.29 6.53
C GLU B 312 -32.78 6.71 7.65
N VAL B 313 -33.85 6.01 7.28
CA VAL B 313 -34.74 5.40 8.27
C VAL B 313 -33.93 4.68 9.35
N GLU B 314 -32.89 3.97 8.92
CA GLU B 314 -32.04 3.23 9.84
C GLU B 314 -31.29 4.19 10.76
N SER B 315 -30.79 5.29 10.20
CA SER B 315 -30.07 6.30 10.97
C SER B 315 -30.96 6.80 12.10
N LEU B 316 -32.19 7.15 11.75
CA LEU B 316 -33.14 7.81 12.66
C LEU B 316 -33.55 7.02 13.90
N LEU B 317 -33.73 5.72 13.75
CA LEU B 317 -34.26 4.89 14.83
C LEU B 317 -33.36 4.92 16.07
N VAL B 318 -32.05 4.95 15.83
CA VAL B 318 -31.05 4.94 16.89
C VAL B 318 -31.14 6.12 17.85
N LEU B 319 -31.50 7.29 17.34
CA LEU B 319 -31.29 8.55 18.03
C LEU B 319 -31.95 8.72 19.41
N LYS B 320 -33.20 8.28 19.58
CA LYS B 320 -33.80 8.41 20.89
C LYS B 320 -33.10 7.52 21.92
N ASN B 321 -32.38 6.51 21.44
CA ASN B 321 -31.66 5.61 22.32
C ASN B 321 -30.53 6.35 23.02
N ASN B 322 -30.32 6.02 24.29
CA ASN B 322 -29.26 6.67 25.09
C ASN B 322 -27.91 5.98 24.92
N ARG B 323 -27.93 4.74 24.45
CA ARG B 323 -26.72 3.97 24.24
C ARG B 323 -26.11 4.29 22.87
N GLY B 324 -25.26 5.30 22.83
CA GLY B 324 -24.62 5.69 21.58
C GLY B 324 -23.88 7.01 21.64
N VAL B 325 -23.07 7.27 20.62
CA VAL B 325 -22.30 8.50 20.54
C VAL B 325 -23.19 9.72 20.37
N GLU B 326 -22.83 10.80 21.07
CA GLU B 326 -23.58 12.05 21.03
C GLU B 326 -23.98 12.51 19.64
N GLY B 327 -22.98 12.83 18.82
CA GLY B 327 -23.25 13.30 17.46
C GLY B 327 -24.09 12.38 16.59
N ASN B 328 -24.47 11.22 17.12
CA ASN B 328 -25.28 10.27 16.36
C ASN B 328 -26.61 10.00 17.05
N ARG B 329 -27.00 10.90 17.96
CA ARG B 329 -28.25 10.74 18.68
C ARG B 329 -28.85 12.06 19.14
N VAL B 330 -30.04 12.33 18.60
CA VAL B 330 -30.87 13.43 19.03
C VAL B 330 -31.91 12.85 19.96
N ARG B 331 -31.65 12.95 21.26
CA ARG B 331 -32.48 12.28 22.28
C ARG B 331 -33.50 13.09 23.11
N HIS B 332 -33.67 14.36 22.77
CA HIS B 332 -34.59 15.23 23.49
C HIS B 332 -35.97 15.29 22.91
N MET B 333 -36.19 14.60 21.79
CA MET B 333 -37.47 14.68 21.09
C MET B 333 -38.03 13.32 20.69
N ASP B 334 -39.36 13.23 20.60
CA ASP B 334 -40.03 12.01 20.21
C ASP B 334 -40.09 11.91 18.69
N TYR B 335 -40.30 10.70 18.18
CA TYR B 335 -40.38 10.48 16.73
C TYR B 335 -41.56 9.59 16.36
N GLY B 336 -42.17 9.90 15.22
CA GLY B 336 -43.30 9.11 14.75
C GLY B 336 -43.05 8.56 13.37
N VAL B 337 -42.83 7.24 13.30
CA VAL B 337 -42.56 6.58 12.02
C VAL B 337 -43.82 6.51 11.15
N GLN B 338 -43.71 7.03 9.93
CA GLN B 338 -44.82 7.03 8.99
C GLN B 338 -44.84 5.74 8.18
N ILE B 339 -46.00 5.08 8.17
CA ILE B 339 -46.15 3.82 7.44
C ILE B 339 -47.41 3.85 6.58
N ASN B 340 -47.49 2.94 5.61
CA ASN B 340 -48.65 2.86 4.73
C ASN B 340 -48.94 1.41 4.36
N LYS B 341 -49.89 1.20 3.45
CA LYS B 341 -50.33 -0.17 3.07
C LYS B 341 -49.31 -1.11 2.37
N LEU B 342 -48.56 -0.61 1.39
CA LEU B 342 -47.43 -1.33 0.81
C LEU B 342 -46.37 -1.73 1.82
N MET B 343 -46.03 -0.83 2.73
CA MET B 343 -45.01 -1.11 3.74
C MET B 343 -45.30 -2.39 4.52
N TYR B 344 -46.42 -2.42 5.23
CA TYR B 344 -46.80 -3.59 6.01
C TYR B 344 -46.78 -4.85 5.15
N THR B 345 -47.19 -4.71 3.89
CA THR B 345 -47.23 -5.83 2.97
C THR B 345 -45.87 -6.52 2.86
N ARG B 346 -44.83 -5.74 2.63
CA ARG B 346 -43.48 -6.27 2.51
C ARG B 346 -43.09 -7.13 3.70
N LEU B 347 -43.45 -6.67 4.89
CA LEU B 347 -43.13 -7.39 6.12
C LEU B 347 -43.76 -8.78 6.14
N LEU B 348 -45.06 -8.84 5.84
CA LEU B 348 -45.78 -10.11 5.83
C LEU B 348 -45.29 -11.06 4.73
N LYS B 349 -44.55 -10.54 3.77
CA LYS B 349 -44.02 -11.37 2.68
C LYS B 349 -42.52 -11.58 2.81
N GLY B 350 -41.96 -11.15 3.92
CA GLY B 350 -40.53 -11.30 4.16
C GLY B 350 -39.65 -10.68 3.10
N GLU B 351 -40.30 -9.86 2.26
CA GLU B 351 -39.70 -9.06 1.19
C GLU B 351 -39.01 -7.80 1.72
N ASP B 352 -38.20 -7.19 0.85
CA ASP B 352 -37.32 -6.10 1.25
C ASP B 352 -38.02 -4.75 1.12
N ILE B 353 -37.32 -3.69 1.52
CA ILE B 353 -37.86 -2.33 1.45
C ILE B 353 -36.81 -1.38 0.91
N THR B 354 -36.91 -1.06 -0.38
CA THR B 354 -35.96 -0.17 -1.04
C THR B 354 -36.03 1.22 -0.43
N LEU B 355 -34.92 1.68 0.13
CA LEU B 355 -34.86 3.01 0.73
C LEU B 355 -34.41 4.05 -0.29
N PHE B 356 -35.17 5.14 -0.37
CA PHE B 356 -34.87 6.22 -1.31
C PHE B 356 -34.75 7.56 -0.61
N SER B 357 -34.39 8.60 -1.37
CA SER B 357 -34.24 9.94 -0.83
C SER B 357 -35.35 10.83 -1.38
N PRO B 358 -35.93 11.70 -0.57
CA PRO B 358 -37.16 12.34 -1.02
C PRO B 358 -36.89 13.07 -2.33
N SER B 359 -35.63 13.47 -2.52
CA SER B 359 -35.23 14.31 -3.64
C SER B 359 -34.71 13.55 -4.86
N ASP B 360 -34.42 12.26 -4.69
CA ASP B 360 -33.97 11.42 -5.80
C ASP B 360 -35.15 10.75 -6.48
N VAL B 361 -36.33 10.97 -6.21
CA VAL B 361 -37.54 10.36 -6.75
C VAL B 361 -38.67 11.39 -6.89
N PRO B 362 -39.41 11.28 -7.98
CA PRO B 362 -40.46 12.25 -8.30
C PRO B 362 -41.84 11.65 -8.13
N GLY B 363 -42.68 12.33 -7.35
CA GLY B 363 -44.03 11.88 -7.08
C GLY B 363 -44.06 10.78 -6.04
N LEU B 364 -42.88 10.35 -5.60
CA LEU B 364 -42.77 9.27 -4.62
C LEU B 364 -43.30 9.68 -3.26
N TYR B 365 -43.04 10.94 -2.88
CA TYR B 365 -43.47 11.45 -1.58
C TYR B 365 -44.95 11.83 -1.59
N ASP B 366 -45.27 12.95 -2.21
CA ASP B 366 -46.65 13.44 -2.26
C ASP B 366 -47.66 12.29 -2.32
N ALA B 367 -47.35 11.28 -3.12
CA ALA B 367 -48.22 10.13 -3.28
C ALA B 367 -48.42 9.38 -1.97
N PHE B 368 -47.35 9.28 -1.18
CA PHE B 368 -47.41 8.59 0.10
C PHE B 368 -48.58 9.08 0.95
N PHE B 369 -48.66 10.40 1.13
CA PHE B 369 -49.74 11.01 1.90
C PHE B 369 -51.16 10.91 1.32
N ALA B 370 -51.30 11.15 0.02
CA ALA B 370 -52.63 11.30 -0.59
C ALA B 370 -53.20 10.09 -1.34
N ASP B 371 -52.39 9.50 -2.22
CA ASP B 371 -52.86 8.39 -3.06
C ASP B 371 -52.02 7.14 -2.78
N GLN B 372 -52.67 5.99 -2.59
CA GLN B 372 -51.92 4.81 -2.18
C GLN B 372 -51.52 3.97 -3.38
N GLU B 373 -52.15 4.22 -4.52
CA GLU B 373 -51.86 3.49 -5.74
C GLU B 373 -50.60 4.02 -6.40
N GLU B 374 -50.58 5.34 -6.64
CA GLU B 374 -49.45 5.99 -7.28
C GLU B 374 -48.15 5.61 -6.57
N PHE B 375 -48.10 5.84 -5.26
CA PHE B 375 -46.93 5.52 -4.47
C PHE B 375 -46.53 4.07 -4.68
N GLU B 376 -47.53 3.22 -4.97
CA GLU B 376 -47.29 1.81 -5.19
C GLU B 376 -46.78 1.57 -6.60
N ARG B 377 -47.34 2.30 -7.56
CA ARG B 377 -46.92 2.18 -8.95
C ARG B 377 -45.52 2.78 -9.12
N LEU B 378 -45.37 4.00 -8.62
CA LEU B 378 -44.09 4.71 -8.71
C LEU B 378 -42.98 3.92 -8.03
N TYR B 379 -43.21 3.55 -6.77
CA TYR B 379 -42.25 2.80 -5.97
C TYR B 379 -41.55 1.72 -6.79
N THR B 380 -42.31 0.71 -7.21
CA THR B 380 -41.76 -0.39 -8.00
C THR B 380 -40.95 0.05 -9.21
N LYS B 381 -41.32 1.19 -9.80
CA LYS B 381 -40.60 1.71 -10.96
C LYS B 381 -39.15 1.99 -10.61
N TYR B 382 -38.95 2.84 -9.61
CA TYR B 382 -37.61 3.21 -9.16
C TYR B 382 -36.95 2.02 -8.48
N GLU B 383 -37.76 1.22 -7.79
CA GLU B 383 -37.27 0.05 -7.09
C GLU B 383 -36.46 -0.84 -8.03
N LYS B 384 -36.95 -0.99 -9.26
CA LYS B 384 -36.28 -1.81 -10.26
C LYS B 384 -35.37 -0.95 -11.13
N ASP B 385 -35.19 0.31 -10.73
CA ASP B 385 -34.33 1.24 -11.46
C ASP B 385 -33.02 1.40 -10.70
N ASP B 386 -31.91 1.35 -11.43
CA ASP B 386 -30.59 1.45 -10.82
C ASP B 386 -30.03 2.87 -10.83
N SER B 387 -30.54 3.74 -11.69
CA SER B 387 -29.94 5.06 -11.81
C SER B 387 -30.03 5.75 -10.47
N ILE B 388 -30.99 5.31 -9.66
CA ILE B 388 -31.46 6.05 -8.49
C ILE B 388 -30.83 5.57 -7.19
N ARG B 389 -30.28 6.52 -6.44
CA ARG B 389 -29.60 6.10 -5.25
C ARG B 389 -30.72 5.37 -4.56
N LYS B 390 -30.43 4.13 -4.24
CA LYS B 390 -31.29 3.28 -3.44
C LYS B 390 -30.52 2.41 -2.43
N GLN B 391 -31.26 1.77 -1.53
CA GLN B 391 -30.69 0.92 -0.49
C GLN B 391 -31.72 -0.10 -0.03
N ARG B 392 -31.49 -1.37 -0.33
CA ARG B 392 -32.42 -2.43 0.06
C ARG B 392 -32.16 -2.95 1.46
N VAL B 393 -33.25 -3.25 2.18
CA VAL B 393 -33.18 -3.78 3.54
C VAL B 393 -34.41 -4.63 3.82
N LYS B 394 -34.20 -5.92 4.09
CA LYS B 394 -35.30 -6.83 4.37
C LYS B 394 -36.32 -6.21 5.32
N ALA B 395 -37.59 -6.25 4.92
CA ALA B 395 -38.66 -5.69 5.72
C ALA B 395 -38.66 -6.28 7.13
N VAL B 396 -38.58 -7.60 7.21
CA VAL B 396 -38.57 -8.29 8.49
C VAL B 396 -37.39 -7.80 9.34
N GLU B 397 -36.45 -7.14 8.67
CA GLU B 397 -35.26 -6.62 9.33
C GLU B 397 -35.47 -5.17 9.78
N LEU B 398 -36.29 -4.44 9.04
CA LEU B 398 -36.57 -3.04 9.37
C LEU B 398 -37.61 -2.92 10.47
N PHE B 399 -38.84 -3.35 10.20
CA PHE B 399 -39.91 -3.28 11.19
C PHE B 399 -39.42 -3.74 12.57
N SER B 400 -38.55 -4.74 12.57
CA SER B 400 -37.99 -5.28 13.81
C SER B 400 -37.24 -4.21 14.60
N LEU B 401 -36.28 -3.55 13.95
CA LEU B 401 -35.50 -2.50 14.60
C LEU B 401 -36.43 -1.45 15.18
N MET B 402 -37.25 -0.86 14.30
CA MET B 402 -38.21 0.17 14.69
C MET B 402 -38.94 -0.17 15.98
N MET B 403 -39.60 -1.33 15.98
CA MET B 403 -40.37 -1.77 17.13
C MET B 403 -39.56 -1.82 18.42
N GLN B 404 -38.29 -2.22 18.31
CA GLN B 404 -37.42 -2.30 19.48
C GLN B 404 -37.30 -0.95 20.18
N GLU B 405 -36.77 0.04 19.47
CA GLU B 405 -36.61 1.38 20.03
C GLU B 405 -37.91 1.86 20.66
N ARG B 406 -39.03 1.43 20.10
CA ARG B 406 -40.35 1.83 20.60
C ARG B 406 -40.61 1.34 22.03
N ALA B 407 -40.21 0.10 22.31
CA ALA B 407 -40.33 -0.45 23.66
C ALA B 407 -39.13 -0.08 24.52
N SER B 408 -38.01 0.21 23.86
CA SER B 408 -36.79 0.58 24.55
C SER B 408 -36.88 1.95 25.19
N THR B 409 -37.62 2.85 24.55
CA THR B 409 -37.78 4.21 25.06
C THR B 409 -39.24 4.54 25.37
N GLY B 410 -40.12 4.21 24.44
CA GLY B 410 -41.54 4.49 24.64
C GLY B 410 -41.88 5.88 24.13
N ARG B 411 -41.19 6.31 23.08
CA ARG B 411 -41.42 7.62 22.49
C ARG B 411 -41.57 7.54 20.98
N ILE B 412 -41.14 6.42 20.40
CA ILE B 412 -41.23 6.23 18.95
C ILE B 412 -42.66 5.75 18.62
N TYR B 413 -43.47 6.68 18.11
CA TYR B 413 -44.85 6.38 17.77
C TYR B 413 -44.99 5.93 16.32
N ILE B 414 -46.21 5.62 15.92
CA ILE B 414 -46.48 5.17 14.55
C ILE B 414 -47.70 5.92 14.00
N GLN B 415 -47.72 6.09 12.67
CA GLN B 415 -48.81 6.80 12.01
C GLN B 415 -49.10 6.23 10.63
N ASN B 416 -50.26 5.59 10.48
CA ASN B 416 -50.64 5.03 9.19
C ASN B 416 -51.23 6.16 8.33
N VAL B 417 -50.44 6.59 7.35
CA VAL B 417 -50.83 7.67 6.45
C VAL B 417 -52.12 7.43 5.68
N ASP B 418 -52.21 6.29 5.00
CA ASP B 418 -53.39 5.96 4.21
C ASP B 418 -54.70 6.15 4.98
N HIS B 419 -54.75 5.74 6.23
CA HIS B 419 -55.95 5.89 7.03
C HIS B 419 -56.22 7.34 7.39
N CYS B 420 -55.15 8.11 7.57
CA CYS B 420 -55.28 9.52 7.92
C CYS B 420 -55.56 10.37 6.69
N ASN B 421 -55.95 9.73 5.60
CA ASN B 421 -56.25 10.44 4.35
C ASN B 421 -57.48 9.87 3.66
N THR B 422 -57.74 8.58 3.86
CA THR B 422 -58.90 7.94 3.26
C THR B 422 -60.07 7.95 4.22
N HIS B 423 -59.83 8.43 5.44
CA HIS B 423 -60.86 8.51 6.46
C HIS B 423 -60.76 9.86 7.15
N SER B 424 -60.28 10.86 6.41
CA SER B 424 -60.13 12.21 6.93
C SER B 424 -61.15 13.16 6.31
N PRO B 425 -61.69 14.09 7.12
CA PRO B 425 -62.67 15.06 6.65
C PRO B 425 -62.13 15.89 5.48
N PHE B 426 -60.81 15.85 5.32
CA PHE B 426 -60.14 16.59 4.25
C PHE B 426 -59.96 15.70 3.03
N ASP B 427 -59.62 16.32 1.90
CA ASP B 427 -59.41 15.59 0.66
C ASP B 427 -57.92 15.30 0.45
N PRO B 428 -57.55 14.07 0.11
CA PRO B 428 -56.13 13.78 0.05
C PRO B 428 -55.39 14.69 -0.94
N ALA B 429 -55.99 14.95 -2.10
CA ALA B 429 -55.40 15.83 -3.12
C ALA B 429 -55.23 17.31 -2.76
N ILE B 430 -56.22 17.88 -2.07
CA ILE B 430 -56.38 19.33 -1.95
C ILE B 430 -55.70 19.82 -0.69
N ALA B 431 -55.96 19.12 0.41
CA ALA B 431 -55.33 19.39 1.69
C ALA B 431 -54.87 18.09 2.33
N PRO B 432 -53.86 17.44 1.75
CA PRO B 432 -53.38 16.16 2.28
C PRO B 432 -52.76 16.35 3.66
N VAL B 433 -53.02 15.40 4.56
CA VAL B 433 -52.40 15.45 5.88
C VAL B 433 -51.05 14.76 5.79
N ARG B 434 -49.99 15.45 6.18
CA ARG B 434 -48.64 14.89 6.11
C ARG B 434 -48.05 14.54 7.47
N GLN B 435 -48.73 14.98 8.54
CA GLN B 435 -48.17 14.90 9.89
C GLN B 435 -49.21 15.01 11.02
N SER B 436 -48.75 14.65 12.21
CA SER B 436 -49.51 14.67 13.47
C SER B 436 -48.64 15.31 14.57
N ASN B 437 -49.28 15.79 15.64
CA ASN B 437 -48.63 16.64 16.62
C ASN B 437 -47.94 15.83 17.72
N LEU B 438 -47.40 16.53 18.71
CA LEU B 438 -46.72 15.91 19.84
C LEU B 438 -47.66 14.96 20.57
N CYS B 439 -48.91 15.38 20.73
CA CYS B 439 -49.90 14.57 21.41
C CYS B 439 -50.31 13.37 20.57
N LEU B 440 -50.05 13.46 19.27
CA LEU B 440 -50.34 12.38 18.32
C LEU B 440 -51.80 12.29 17.89
N GLU B 441 -52.62 13.23 18.34
CA GLU B 441 -54.07 13.17 18.11
C GLU B 441 -54.66 14.12 17.06
N ILE B 442 -53.82 14.81 16.30
CA ILE B 442 -54.31 15.88 15.44
C ILE B 442 -53.94 15.59 13.99
N ALA B 443 -54.97 15.46 13.15
CA ALA B 443 -54.76 15.17 11.73
C ALA B 443 -55.22 16.37 10.90
N LEU B 444 -54.33 17.33 10.69
CA LEU B 444 -54.65 18.52 9.92
C LEU B 444 -53.61 18.75 8.82
N PRO B 445 -54.02 19.43 7.76
CA PRO B 445 -53.17 19.70 6.59
C PRO B 445 -52.02 20.66 6.86
N THR B 446 -50.92 20.54 6.10
CA THR B 446 -49.69 21.26 6.40
C THR B 446 -48.98 21.77 5.14
N LYS B 447 -48.27 22.87 5.28
CA LYS B 447 -47.54 23.48 4.17
C LYS B 447 -46.24 24.10 4.69
N PRO B 448 -45.17 24.03 3.88
CA PRO B 448 -43.87 24.59 4.26
C PRO B 448 -43.85 26.10 4.11
N LEU B 449 -42.87 26.76 4.71
CA LEU B 449 -42.75 28.20 4.63
C LEU B 449 -41.40 28.65 4.09
N ASN B 450 -41.44 29.44 3.02
CA ASN B 450 -40.22 29.95 2.39
C ASN B 450 -39.56 30.92 3.38
N ASP B 451 -40.40 31.67 4.08
CA ASP B 451 -39.95 32.65 5.06
C ASP B 451 -40.63 32.38 6.40
N VAL B 452 -40.10 32.98 7.46
CA VAL B 452 -40.67 32.81 8.80
C VAL B 452 -42.08 33.37 8.85
N ASN B 453 -42.41 34.22 7.89
CA ASN B 453 -43.73 34.83 7.83
C ASN B 453 -44.32 34.69 6.42
N ASP B 454 -44.11 33.52 5.81
CA ASP B 454 -44.61 33.25 4.47
C ASP B 454 -46.14 33.39 4.42
N GLU B 455 -46.64 34.00 3.36
CA GLU B 455 -48.08 34.15 3.19
C GLU B 455 -48.79 32.82 3.01
N ASN B 456 -48.24 31.98 2.14
CA ASN B 456 -48.81 30.66 1.86
C ASN B 456 -48.82 29.69 3.04
N GLY B 457 -47.74 29.69 3.82
CA GLY B 457 -47.51 28.69 4.83
C GLY B 457 -48.75 28.35 5.63
N GLU B 458 -48.92 27.08 5.94
CA GLU B 458 -50.00 26.64 6.78
C GLU B 458 -49.44 26.00 8.04
N ILE B 459 -49.90 26.46 9.19
CA ILE B 459 -49.46 25.90 10.47
C ILE B 459 -50.67 25.36 11.22
N ALA B 460 -50.91 24.06 11.13
CA ALA B 460 -52.04 23.43 11.81
C ALA B 460 -52.15 23.97 13.23
N LEU B 461 -53.27 24.62 13.53
CA LEU B 461 -53.55 25.08 14.87
C LEU B 461 -54.76 24.32 15.38
N CYS B 462 -54.62 23.68 16.52
CA CYS B 462 -55.71 22.89 17.08
C CYS B 462 -56.19 23.45 18.40
N THR B 463 -57.49 23.69 18.50
CA THR B 463 -58.13 24.06 19.77
C THR B 463 -59.15 22.99 20.17
N LEU B 464 -59.08 22.53 21.42
CA LEU B 464 -59.94 21.42 21.85
C LEU B 464 -60.58 21.55 23.23
N SER B 465 -61.71 20.86 23.40
CA SER B 465 -62.41 20.73 24.66
C SER B 465 -62.91 19.29 24.79
N ALA B 466 -63.32 18.90 26.00
CA ALA B 466 -63.58 17.51 26.34
C ALA B 466 -64.94 17.28 26.98
N PHE B 467 -65.52 16.12 26.72
CA PHE B 467 -66.85 15.81 27.22
C PHE B 467 -66.71 14.68 28.23
N ASN B 468 -67.28 14.87 29.41
CA ASN B 468 -67.17 13.86 30.43
C ASN B 468 -68.31 12.88 30.27
N LEU B 469 -67.98 11.67 29.85
CA LEU B 469 -68.96 10.59 29.73
C LEU B 469 -69.52 10.18 31.09
N GLY B 470 -68.77 10.49 32.15
CA GLY B 470 -69.24 10.14 33.49
C GLY B 470 -70.12 11.21 34.07
N ALA B 471 -70.45 12.21 33.26
CA ALA B 471 -71.30 13.33 33.70
C ALA B 471 -72.66 13.48 32.99
N ILE B 472 -72.94 12.61 32.02
CA ILE B 472 -74.18 12.70 31.25
C ILE B 472 -75.00 11.42 31.43
N ASN B 473 -76.30 11.55 31.68
CA ASN B 473 -77.04 10.35 32.09
C ASN B 473 -77.40 9.51 30.87
N ASN B 474 -77.76 10.19 29.78
CA ASN B 474 -78.12 9.52 28.54
C ASN B 474 -77.41 10.17 27.37
N LEU B 475 -77.22 9.40 26.31
CA LEU B 475 -76.53 9.87 25.11
C LEU B 475 -77.03 11.21 24.60
N ASP B 476 -78.34 11.46 24.72
CA ASP B 476 -78.94 12.70 24.26
C ASP B 476 -78.38 13.98 24.88
N GLU B 477 -78.16 13.97 26.18
CA GLU B 477 -77.65 15.14 26.88
C GLU B 477 -76.49 15.82 26.15
N LEU B 478 -75.78 15.04 25.34
CA LEU B 478 -74.65 15.56 24.58
C LEU B 478 -75.06 16.68 23.64
N GLU B 479 -76.22 16.57 23.03
CA GLU B 479 -76.59 17.47 21.96
C GLU B 479 -76.52 18.92 22.43
N GLU B 480 -76.94 19.17 23.67
CA GLU B 480 -76.82 20.52 24.23
C GLU B 480 -75.35 20.86 24.43
N LEU B 481 -74.68 20.04 25.24
CA LEU B 481 -73.27 20.24 25.54
C LEU B 481 -72.45 20.39 24.27
N ALA B 482 -72.91 19.73 23.20
CA ALA B 482 -72.22 19.78 21.92
C ALA B 482 -72.16 21.22 21.41
N ILE B 483 -73.33 21.84 21.30
CA ILE B 483 -73.41 23.22 20.82
C ILE B 483 -72.71 24.16 21.81
N LEU B 484 -72.80 23.83 23.09
CA LEU B 484 -72.17 24.65 24.12
C LEU B 484 -70.65 24.64 23.99
N ALA B 485 -70.10 23.53 23.50
CA ALA B 485 -68.66 23.40 23.33
C ALA B 485 -68.22 23.92 21.97
N VAL B 486 -68.79 23.36 20.90
CA VAL B 486 -68.46 23.77 19.55
C VAL B 486 -68.54 25.28 19.37
N ARG B 487 -69.64 25.87 19.83
CA ARG B 487 -69.84 27.31 19.72
C ARG B 487 -68.75 28.06 20.50
N ALA B 488 -68.70 27.81 21.80
CA ALA B 488 -67.73 28.44 22.68
C ALA B 488 -66.30 28.31 22.15
N LEU B 489 -65.96 27.12 21.70
CA LEU B 489 -64.62 26.85 21.16
C LEU B 489 -64.33 27.69 19.92
N ASP B 490 -65.22 27.61 18.94
CA ASP B 490 -65.06 28.35 17.69
C ASP B 490 -64.83 29.84 17.95
N ALA B 491 -65.29 30.32 19.09
CA ALA B 491 -65.14 31.72 19.46
C ALA B 491 -63.70 32.06 19.82
N LEU B 492 -63.02 31.14 20.48
CA LEU B 492 -61.64 31.34 20.89
C LEU B 492 -60.75 31.67 19.69
N LEU B 493 -61.03 31.01 18.57
CA LEU B 493 -60.26 31.20 17.34
C LEU B 493 -60.20 32.66 16.91
N ASP B 494 -61.22 33.43 17.28
CA ASP B 494 -61.27 34.85 16.94
C ASP B 494 -60.81 35.73 18.08
N TYR B 495 -60.51 35.11 19.22
CA TYR B 495 -60.06 35.85 20.40
C TYR B 495 -58.57 35.65 20.66
N GLN B 496 -58.01 34.56 20.15
CA GLN B 496 -56.60 34.27 20.35
C GLN B 496 -55.74 34.75 19.19
N ASP B 497 -54.73 35.56 19.49
CA ASP B 497 -53.82 36.07 18.47
C ASP B 497 -52.89 34.97 18.01
N TYR B 498 -52.52 35.00 16.73
CA TYR B 498 -51.62 33.99 16.17
C TYR B 498 -50.24 34.57 15.90
N PRO B 499 -49.21 34.07 16.60
CA PRO B 499 -47.83 34.52 16.44
C PRO B 499 -47.39 34.57 14.98
N ILE B 500 -47.35 33.42 14.34
CA ILE B 500 -46.95 33.33 12.93
C ILE B 500 -48.17 33.47 12.03
N PRO B 501 -48.06 34.26 10.95
CA PRO B 501 -49.17 34.47 10.01
C PRO B 501 -49.66 33.19 9.35
N ALA B 502 -48.73 32.33 8.95
CA ALA B 502 -49.08 31.08 8.29
C ALA B 502 -50.07 30.29 9.14
N ALA B 503 -50.12 30.60 10.43
CA ALA B 503 -51.02 29.93 11.36
C ALA B 503 -52.40 30.59 11.33
N LYS B 504 -52.41 31.92 11.46
CA LYS B 504 -53.65 32.68 11.46
C LYS B 504 -54.47 32.34 10.22
N ARG B 505 -53.84 32.42 9.05
CA ARG B 505 -54.51 32.11 7.80
C ARG B 505 -55.01 30.66 7.79
N GLY B 506 -54.11 29.75 8.11
CA GLY B 506 -54.48 28.33 8.14
C GLY B 506 -55.50 28.02 9.21
N ALA B 507 -55.59 28.87 10.22
CA ALA B 507 -56.53 28.68 11.32
C ALA B 507 -57.90 29.23 10.94
N MET B 508 -57.98 30.51 10.64
CA MET B 508 -59.28 31.11 10.43
C MET B 508 -59.89 30.32 9.30
N GLY B 509 -59.04 29.71 8.48
CA GLY B 509 -59.47 29.10 7.23
C GLY B 509 -60.38 27.90 7.39
N ARG B 510 -60.02 26.98 8.28
CA ARG B 510 -60.83 25.79 8.48
C ARG B 510 -61.44 25.71 9.88
N ARG B 511 -60.89 26.49 10.81
CA ARG B 511 -61.38 26.51 12.18
C ARG B 511 -61.47 25.09 12.74
N THR B 512 -60.41 24.32 12.59
CA THR B 512 -60.45 22.95 13.07
C THR B 512 -60.66 22.96 14.59
N LEU B 513 -61.62 22.16 15.03
CA LEU B 513 -61.93 22.07 16.44
C LEU B 513 -61.71 20.65 16.91
N GLY B 514 -60.97 20.51 18.00
CA GLY B 514 -60.72 19.19 18.54
C GLY B 514 -61.51 19.00 19.81
N ILE B 515 -62.34 17.95 19.83
CA ILE B 515 -63.13 17.65 21.00
C ILE B 515 -62.65 16.33 21.57
N GLY B 516 -62.31 16.34 22.85
CA GLY B 516 -61.81 15.14 23.50
C GLY B 516 -62.74 14.63 24.59
N VAL B 517 -62.88 13.32 24.69
CA VAL B 517 -63.71 12.72 25.73
C VAL B 517 -62.85 12.14 26.85
N ILE B 518 -63.31 12.28 28.08
CA ILE B 518 -62.58 11.76 29.23
C ILE B 518 -63.49 10.93 30.13
N ASN B 519 -62.90 10.29 31.13
CA ASN B 519 -63.64 9.46 32.08
C ASN B 519 -64.29 8.28 31.38
N PHE B 520 -63.61 7.76 30.35
CA PHE B 520 -64.13 6.61 29.60
C PHE B 520 -64.04 5.33 30.42
N ALA B 521 -63.05 5.28 31.31
CA ALA B 521 -62.86 4.11 32.16
C ALA B 521 -64.07 3.91 33.07
N TYR B 522 -64.43 4.96 33.80
CA TYR B 522 -65.58 4.92 34.70
C TYR B 522 -66.85 4.55 33.94
N TYR B 523 -67.00 5.10 32.75
CA TYR B 523 -68.18 4.85 31.93
C TYR B 523 -68.34 3.36 31.61
N LEU B 524 -67.33 2.77 30.99
CA LEU B 524 -67.38 1.35 30.64
C LEU B 524 -67.63 0.47 31.86
N ALA B 525 -67.17 0.91 33.02
CA ALA B 525 -67.36 0.16 34.25
C ALA B 525 -68.78 0.33 34.77
N LYS B 526 -69.30 1.54 34.66
CA LYS B 526 -70.65 1.86 35.11
C LYS B 526 -71.70 1.07 34.33
N HIS B 527 -71.26 0.42 33.26
CA HIS B 527 -72.14 -0.38 32.42
C HIS B 527 -71.76 -1.86 32.42
N GLY B 528 -70.76 -2.19 33.23
CA GLY B 528 -70.32 -3.58 33.31
C GLY B 528 -69.26 -3.98 32.31
N LYS B 529 -69.41 -3.53 31.06
CA LYS B 529 -68.47 -3.85 30.01
C LYS B 529 -67.02 -3.58 30.41
N ARG B 530 -66.08 -4.08 29.61
CA ARG B 530 -64.66 -3.89 29.86
C ARG B 530 -63.91 -3.69 28.55
N TYR B 531 -62.59 -3.61 28.64
CA TYR B 531 -61.75 -3.42 27.46
C TYR B 531 -61.37 -4.76 26.82
N SER B 532 -60.84 -5.69 27.63
CA SER B 532 -60.36 -7.00 27.13
C SER B 532 -61.35 -8.03 26.52
N ASP B 533 -62.49 -8.26 27.18
CA ASP B 533 -63.60 -9.01 26.60
C ASP B 533 -64.20 -8.32 25.38
N GLY B 534 -64.10 -7.00 25.32
CA GLY B 534 -64.64 -6.25 24.21
C GLY B 534 -66.15 -6.15 24.22
N SER B 535 -66.76 -6.47 25.36
CA SER B 535 -68.20 -6.39 25.48
C SER B 535 -68.64 -4.94 25.35
N ALA B 536 -67.67 -4.04 25.34
CA ALA B 536 -67.93 -2.60 25.22
C ALA B 536 -67.85 -2.15 23.77
N ASN B 537 -67.54 -3.07 22.87
CA ASN B 537 -67.44 -2.76 21.45
C ASN B 537 -68.70 -2.05 20.95
N ASN B 538 -69.86 -2.65 21.21
CA ASN B 538 -71.13 -2.07 20.79
C ASN B 538 -71.45 -0.81 21.60
N LEU B 539 -71.33 -0.93 22.92
CA LEU B 539 -71.60 0.20 23.81
C LEU B 539 -70.79 1.40 23.36
N THR B 540 -69.57 1.15 22.90
CA THR B 540 -68.68 2.20 22.43
C THR B 540 -69.17 2.77 21.11
N HIS B 541 -69.47 1.90 20.16
CA HIS B 541 -69.97 2.30 18.85
C HIS B 541 -71.17 3.23 19.00
N LYS B 542 -72.14 2.80 19.79
CA LYS B 542 -73.35 3.59 20.01
C LYS B 542 -73.03 4.92 20.69
N THR B 543 -72.14 4.89 21.67
CA THR B 543 -71.75 6.09 22.39
C THR B 543 -71.07 7.11 21.47
N PHE B 544 -69.91 6.75 20.94
CA PHE B 544 -69.16 7.65 20.05
C PHE B 544 -69.97 8.06 18.84
N GLU B 545 -70.88 7.20 18.40
CA GLU B 545 -71.73 7.52 17.25
C GLU B 545 -72.51 8.78 17.57
N ALA B 546 -73.01 8.85 18.80
CA ALA B 546 -73.78 10.00 19.27
C ALA B 546 -72.90 11.23 19.38
N ILE B 547 -71.92 11.16 20.28
CA ILE B 547 -70.99 12.26 20.52
C ILE B 547 -70.62 12.96 19.22
N GLN B 548 -70.38 12.18 18.17
CA GLN B 548 -70.02 12.72 16.87
C GLN B 548 -71.20 13.36 16.16
N TYR B 549 -72.33 12.65 16.13
CA TYR B 549 -73.53 13.15 15.47
C TYR B 549 -73.91 14.55 15.95
N TYR B 550 -74.12 14.69 17.26
CA TYR B 550 -74.51 15.97 17.83
C TYR B 550 -73.49 17.09 17.58
N LEU B 551 -72.21 16.73 17.54
CA LEU B 551 -71.18 17.74 17.29
C LEU B 551 -71.32 18.32 15.89
N LEU B 552 -71.51 17.43 14.91
CA LEU B 552 -71.67 17.86 13.53
C LEU B 552 -72.96 18.67 13.37
N LYS B 553 -73.96 18.31 14.17
CA LYS B 553 -75.24 19.01 14.12
C LYS B 553 -75.11 20.37 14.79
N ALA B 554 -74.27 20.44 15.81
CA ALA B 554 -74.03 21.68 16.53
C ALA B 554 -73.25 22.63 15.64
N SER B 555 -72.31 22.07 14.88
CA SER B 555 -71.50 22.85 13.95
C SER B 555 -72.33 23.24 12.74
N ASN B 556 -72.92 22.24 12.09
CA ASN B 556 -73.75 22.46 10.92
C ASN B 556 -74.75 23.57 11.22
N GLU B 557 -75.32 23.54 12.42
CA GLU B 557 -76.29 24.54 12.84
C GLU B 557 -75.65 25.92 12.84
N LEU B 558 -74.44 26.00 13.37
CA LEU B 558 -73.71 27.27 13.43
C LEU B 558 -73.33 27.73 12.03
N ALA B 559 -73.35 26.81 11.07
CA ALA B 559 -73.00 27.13 9.69
C ALA B 559 -74.09 28.03 9.10
N LYS B 560 -75.16 28.23 9.86
CA LYS B 560 -76.12 29.30 9.59
C LYS B 560 -75.90 30.57 10.42
N GLU B 561 -75.71 30.43 11.72
CA GLU B 561 -75.64 31.58 12.64
C GLU B 561 -74.47 32.57 12.44
N GLN B 562 -73.27 32.04 12.22
CA GLN B 562 -72.10 32.84 11.90
C GLN B 562 -71.39 32.31 10.65
N GLY B 563 -71.97 32.59 9.49
CA GLY B 563 -71.37 32.12 8.25
C GLY B 563 -71.22 30.61 8.23
N ALA B 564 -70.33 30.18 7.33
CA ALA B 564 -69.93 28.80 7.09
C ALA B 564 -68.44 28.86 6.80
N CYS B 565 -67.76 27.72 6.88
CA CYS B 565 -66.30 27.70 6.82
C CYS B 565 -65.67 28.26 5.53
N PRO B 566 -64.61 29.03 5.72
CA PRO B 566 -63.76 29.58 4.66
C PRO B 566 -63.28 28.55 3.65
N TRP B 567 -62.63 27.48 4.10
CA TRP B 567 -62.10 26.46 3.20
C TRP B 567 -62.98 25.25 3.01
N PHE B 568 -64.19 25.29 3.53
CA PHE B 568 -65.05 24.12 3.70
C PHE B 568 -65.03 23.25 2.45
N ASN B 569 -65.02 23.90 1.29
CA ASN B 569 -65.00 23.20 0.01
C ASN B 569 -63.92 22.11 -0.08
N GLU B 570 -62.71 22.42 0.39
CA GLU B 570 -61.62 21.46 0.35
C GLU B 570 -62.01 20.15 1.02
N THR B 571 -62.53 20.24 2.25
CA THR B 571 -62.94 19.06 2.99
C THR B 571 -63.92 18.22 2.18
N THR B 572 -63.97 16.93 2.47
CA THR B 572 -64.87 16.01 1.78
C THR B 572 -66.30 16.17 2.29
N TYR B 573 -66.44 16.71 3.51
CA TYR B 573 -67.75 16.93 4.10
C TYR B 573 -68.67 17.68 3.14
N ALA B 574 -68.12 18.71 2.51
CA ALA B 574 -68.89 19.52 1.57
C ALA B 574 -69.24 18.71 0.33
N LYS B 575 -68.36 17.78 -0.02
CA LYS B 575 -68.56 16.93 -1.18
C LYS B 575 -69.65 15.88 -0.90
N GLY B 576 -70.26 15.99 0.28
CA GLY B 576 -71.31 15.07 0.66
C GLY B 576 -70.81 13.80 1.33
N ILE B 577 -69.49 13.68 1.46
CA ILE B 577 -68.89 12.51 2.07
C ILE B 577 -68.98 12.59 3.60
N LEU B 578 -69.41 11.50 4.22
CA LEU B 578 -69.54 11.45 5.68
C LEU B 578 -68.54 10.48 6.29
N PRO B 579 -68.16 10.71 7.55
CA PRO B 579 -67.20 9.86 8.26
C PRO B 579 -67.79 8.51 8.67
N ILE B 580 -69.05 8.28 8.29
CA ILE B 580 -69.73 7.03 8.63
C ILE B 580 -69.71 6.05 7.46
N ASP B 581 -69.02 6.43 6.38
CA ASP B 581 -68.92 5.59 5.20
C ASP B 581 -67.51 5.58 4.64
N THR B 582 -66.52 5.79 5.51
CA THR B 582 -65.12 5.80 5.11
C THR B 582 -64.31 4.86 6.00
N TYR B 583 -64.86 4.54 7.17
CA TYR B 583 -64.19 3.65 8.12
C TYR B 583 -63.78 2.35 7.43
N LYS B 584 -62.80 1.67 8.01
CA LYS B 584 -62.33 0.40 7.46
C LYS B 584 -63.42 -0.65 7.60
N LYS B 585 -63.71 -1.36 6.51
CA LYS B 585 -64.74 -2.38 6.52
C LYS B 585 -64.46 -3.49 7.52
N ASP B 586 -63.20 -3.62 7.93
CA ASP B 586 -62.78 -4.68 8.83
C ASP B 586 -63.56 -4.55 10.13
N LEU B 587 -63.88 -3.32 10.51
CA LEU B 587 -64.52 -3.04 11.79
C LEU B 587 -65.89 -3.70 11.97
N ASP B 588 -66.67 -3.91 10.94
CA ASP B 588 -68.03 -4.33 11.19
C ASP B 588 -67.95 -5.62 12.01
N THR B 589 -66.75 -6.20 12.01
CA THR B 589 -66.50 -7.58 12.40
C THR B 589 -66.36 -7.66 13.92
N ILE B 590 -66.19 -6.50 14.55
CA ILE B 590 -66.05 -6.43 16.00
C ILE B 590 -67.14 -5.54 16.60
N ALA B 591 -68.09 -5.15 15.78
CA ALA B 591 -69.19 -4.30 16.23
C ALA B 591 -70.40 -4.46 15.31
N ASN B 592 -71.55 -4.79 15.91
CA ASN B 592 -72.78 -4.96 15.16
C ASN B 592 -73.89 -4.07 15.70
N GLU B 593 -73.49 -2.84 16.06
CA GLU B 593 -74.43 -1.85 16.58
C GLU B 593 -74.72 -0.80 15.50
N PRO B 594 -75.77 -1.01 14.71
CA PRO B 594 -76.16 -0.09 13.63
C PRO B 594 -76.38 1.33 14.13
N LEU B 595 -76.20 2.31 13.24
CA LEU B 595 -76.39 3.71 13.57
C LEU B 595 -77.81 3.94 14.09
N HIS B 596 -77.97 4.95 14.93
CA HIS B 596 -79.27 5.18 15.59
C HIS B 596 -79.93 6.52 15.34
N TYR B 597 -79.17 7.52 14.90
CA TYR B 597 -79.70 8.87 14.73
C TYR B 597 -79.65 9.28 13.27
N ASP B 598 -80.73 9.85 12.76
CA ASP B 598 -80.73 9.99 11.33
C ASP B 598 -79.44 10.71 11.05
N TRP B 599 -78.65 10.13 10.15
CA TRP B 599 -77.45 10.77 9.65
C TRP B 599 -77.70 11.52 8.34
N GLU B 600 -78.50 10.92 7.47
CA GLU B 600 -78.81 11.52 6.19
C GLU B 600 -79.34 12.94 6.38
N ALA B 601 -80.03 13.18 7.48
CA ALA B 601 -80.58 14.49 7.79
C ALA B 601 -79.46 15.52 7.71
N LEU B 602 -78.31 15.16 8.28
CA LEU B 602 -77.14 16.05 8.28
C LEU B 602 -76.38 15.92 6.96
N ARG B 603 -76.47 14.74 6.34
CA ARG B 603 -75.79 14.50 5.08
C ARG B 603 -76.23 15.57 4.06
N GLU B 604 -77.46 16.02 4.21
CA GLU B 604 -78.02 17.04 3.32
C GLU B 604 -77.92 18.43 3.95
N SER B 605 -78.30 18.52 5.22
CA SER B 605 -78.27 19.79 5.93
C SER B 605 -76.87 20.41 5.84
N ILE B 606 -75.86 19.54 5.73
CA ILE B 606 -74.47 19.99 5.61
C ILE B 606 -74.10 20.16 4.13
N LYS B 607 -74.77 19.43 3.25
CA LYS B 607 -74.60 19.78 1.84
C LYS B 607 -75.14 21.19 1.54
N THR B 608 -76.33 21.50 2.05
CA THR B 608 -76.99 22.80 1.86
C THR B 608 -76.38 24.06 2.52
N HIS B 609 -75.94 23.90 3.77
CA HIS B 609 -75.57 24.99 4.67
C HIS B 609 -74.07 25.00 4.93
N GLY B 610 -73.51 23.82 5.18
CA GLY B 610 -72.08 23.72 5.43
C GLY B 610 -71.74 23.46 6.88
N LEU B 611 -70.50 23.76 7.25
CA LEU B 611 -70.03 23.55 8.61
C LEU B 611 -69.20 24.74 9.08
N ARG B 612 -69.32 25.06 10.37
CA ARG B 612 -68.58 26.18 10.94
C ARG B 612 -67.14 25.76 11.21
N ASN B 613 -66.91 24.45 11.21
CA ASN B 613 -65.57 23.92 11.45
C ASN B 613 -65.27 22.80 10.45
N SER B 614 -64.01 22.39 10.41
CA SER B 614 -63.59 21.32 9.49
C SER B 614 -63.43 20.00 10.22
N THR B 615 -63.23 20.07 11.54
CA THR B 615 -63.05 18.89 12.36
C THR B 615 -63.59 19.13 13.77
N LEU B 616 -64.27 18.13 14.32
CA LEU B 616 -64.85 18.24 15.65
C LEU B 616 -64.51 17.01 16.49
N SER B 617 -64.02 15.97 15.83
CA SER B 617 -63.71 14.73 16.53
C SER B 617 -62.22 14.41 16.53
N ALA B 618 -61.68 14.30 17.73
CA ALA B 618 -60.30 13.88 17.93
C ALA B 618 -60.20 13.34 19.35
N LEU B 619 -59.19 12.51 19.59
CA LEU B 619 -58.93 12.02 20.94
C LEU B 619 -57.52 12.41 21.38
N MET B 620 -57.44 13.07 22.53
CA MET B 620 -56.15 13.46 23.09
C MET B 620 -56.06 13.06 24.55
N PRO B 621 -54.90 12.56 24.97
CA PRO B 621 -54.72 12.20 26.38
C PRO B 621 -54.25 13.42 27.17
N SER B 622 -55.01 13.81 28.18
CA SER B 622 -54.67 14.99 28.98
C SER B 622 -54.48 14.66 30.45
N GLU B 623 -53.32 15.03 30.98
CA GLU B 623 -52.99 14.83 32.39
C GLU B 623 -53.88 15.58 33.39
N THR B 624 -54.21 16.83 33.08
CA THR B 624 -54.76 17.74 34.07
C THR B 624 -56.26 17.95 33.85
N SER B 625 -56.72 17.84 32.61
CA SER B 625 -58.15 17.90 32.39
C SER B 625 -58.88 16.77 33.14
N SER B 626 -58.30 15.57 33.11
CA SER B 626 -58.91 14.40 33.76
C SER B 626 -59.06 14.45 35.29
N GLN B 627 -58.04 14.92 35.99
CA GLN B 627 -58.04 14.98 37.44
C GLN B 627 -58.79 16.18 38.02
N ILE B 628 -59.06 17.18 37.18
CA ILE B 628 -59.79 18.36 37.64
C ILE B 628 -61.25 17.96 37.89
N SER B 629 -61.68 16.92 37.19
CA SER B 629 -63.04 16.42 37.32
C SER B 629 -63.00 15.10 38.08
N ASN B 630 -61.80 14.75 38.56
CA ASN B 630 -61.60 13.51 39.31
C ASN B 630 -61.92 12.33 38.40
N ALA B 631 -62.02 12.61 37.10
CA ALA B 631 -62.32 11.58 36.11
C ALA B 631 -61.08 10.77 35.75
N THR B 632 -61.26 9.79 34.87
CA THR B 632 -60.16 8.94 34.44
C THR B 632 -59.50 9.53 33.19
N ASN B 633 -58.18 9.39 33.11
CA ASN B 633 -57.42 9.91 31.98
C ASN B 633 -57.97 9.47 30.63
N GLY B 634 -58.15 10.44 29.73
CA GLY B 634 -58.67 10.17 28.40
C GLY B 634 -59.60 8.98 28.31
N ILE B 635 -59.12 7.91 27.69
CA ILE B 635 -59.91 6.69 27.54
C ILE B 635 -59.21 5.52 28.19
N GLU B 636 -57.88 5.57 28.20
CA GLU B 636 -57.07 4.52 28.80
C GLU B 636 -57.53 4.27 30.25
N PRO B 637 -57.69 2.99 30.63
CA PRO B 637 -58.11 2.66 31.99
C PRO B 637 -57.02 2.97 33.01
N PRO B 638 -57.40 3.27 34.27
CA PRO B 638 -56.42 3.58 35.32
C PRO B 638 -55.54 2.38 35.68
N ARG B 639 -54.31 2.66 36.06
CA ARG B 639 -53.36 1.61 36.44
C ARG B 639 -53.66 1.08 37.83
N GLY B 640 -54.52 1.80 38.55
CA GLY B 640 -54.87 1.38 39.91
C GLY B 640 -55.98 2.22 40.51
N TYR B 641 -56.69 1.63 41.47
CA TYR B 641 -57.78 2.31 42.15
C TYR B 641 -57.27 3.57 42.85
N VAL B 642 -56.16 3.43 43.56
CA VAL B 642 -55.57 4.56 44.27
C VAL B 642 -54.53 5.27 43.41
N SER B 643 -54.99 6.31 42.70
CA SER B 643 -54.11 7.08 41.83
C SER B 643 -53.12 7.87 42.69
N ILE B 644 -51.88 7.95 42.23
CA ILE B 644 -50.84 8.66 42.98
C ILE B 644 -50.00 9.57 42.07
N LYS B 645 -49.65 10.74 42.60
CA LYS B 645 -48.84 11.70 41.86
C LYS B 645 -48.15 12.65 42.84
N ALA B 646 -47.06 13.27 42.40
CA ALA B 646 -46.41 14.28 43.20
C ALA B 646 -46.77 15.67 42.67
N SER B 647 -47.41 16.46 43.54
CA SER B 647 -47.72 17.85 43.27
C SER B 647 -46.54 18.67 43.73
N LYS B 648 -46.74 19.96 43.89
CA LYS B 648 -45.68 20.83 44.37
C LYS B 648 -45.31 20.30 45.73
N ASP B 649 -46.32 19.89 46.48
CA ASP B 649 -46.10 19.23 47.77
C ASP B 649 -45.42 17.88 47.63
N GLY B 650 -45.79 17.15 46.58
CA GLY B 650 -45.25 15.83 46.33
C GLY B 650 -46.04 14.62 46.79
N ILE B 651 -47.20 14.84 47.42
CA ILE B 651 -48.14 13.75 47.62
C ILE B 651 -49.55 14.10 47.16
N LEU B 652 -50.07 13.30 46.23
CA LEU B 652 -51.42 13.48 45.70
C LEU B 652 -52.11 12.13 45.58
N ARG B 653 -53.38 12.08 45.93
CA ARG B 653 -54.13 10.84 45.86
C ARG B 653 -55.51 11.08 45.23
N GLN B 654 -55.85 10.26 44.24
CA GLN B 654 -57.13 10.38 43.54
C GLN B 654 -57.80 9.03 43.38
N VAL B 655 -58.88 8.82 44.12
CA VAL B 655 -59.62 7.56 44.05
C VAL B 655 -60.45 7.54 42.77
N VAL B 656 -60.41 6.42 42.04
CA VAL B 656 -61.10 6.29 40.76
C VAL B 656 -62.62 6.46 40.90
N PRO B 657 -63.26 7.00 39.88
CA PRO B 657 -64.58 7.52 40.13
C PRO B 657 -65.32 6.40 40.82
N ASP B 658 -65.89 6.74 41.98
CA ASP B 658 -66.78 5.84 42.76
C ASP B 658 -66.33 4.43 43.21
N TYR B 659 -65.23 4.32 43.95
CA TYR B 659 -64.62 3.02 44.21
C TYR B 659 -65.59 2.15 45.00
N GLU B 660 -66.63 2.76 45.56
CA GLU B 660 -67.56 2.07 46.48
C GLU B 660 -68.35 0.86 45.93
N HIS B 661 -68.92 1.02 44.73
CA HIS B 661 -69.52 -0.08 43.98
C HIS B 661 -68.82 -0.41 42.67
N LEU B 662 -67.74 0.28 42.37
CA LEU B 662 -67.09 0.18 41.06
C LEU B 662 -65.84 -0.69 40.98
N HIS B 663 -65.47 -1.33 42.08
CA HIS B 663 -64.23 -2.08 42.15
C HIS B 663 -64.17 -3.24 41.18
N ASP B 664 -65.27 -3.97 41.09
CA ASP B 664 -65.38 -5.12 40.18
C ASP B 664 -65.29 -4.75 38.68
N ALA B 665 -65.93 -3.66 38.32
CA ALA B 665 -66.16 -3.31 36.91
C ALA B 665 -64.92 -2.69 36.27
N TYR B 666 -63.97 -2.28 37.11
CA TYR B 666 -62.75 -1.66 36.63
C TYR B 666 -61.70 -2.69 36.21
N GLU B 667 -61.24 -2.55 34.97
CA GLU B 667 -60.22 -3.45 34.43
C GLU B 667 -58.92 -2.67 34.30
N LEU B 668 -58.11 -2.68 35.35
CA LEU B 668 -56.89 -1.87 35.43
C LEU B 668 -55.87 -2.21 34.34
N LEU B 669 -55.21 -1.18 33.83
CA LEU B 669 -54.32 -1.28 32.69
C LEU B 669 -53.47 -2.54 32.70
N TRP B 670 -53.07 -2.99 33.88
CA TRP B 670 -52.26 -4.19 34.02
C TRP B 670 -53.09 -5.45 34.16
N GLU B 671 -54.36 -5.28 34.54
CA GLU B 671 -55.25 -6.42 34.70
C GLU B 671 -55.66 -6.97 33.34
N MET B 672 -55.42 -6.19 32.29
CA MET B 672 -55.77 -6.62 30.94
C MET B 672 -54.92 -7.80 30.49
N PRO B 673 -55.56 -8.86 29.97
CA PRO B 673 -54.85 -10.05 29.49
C PRO B 673 -53.88 -9.70 28.37
N GLY B 674 -54.40 -9.08 27.31
CA GLY B 674 -53.58 -8.69 26.18
C GLY B 674 -54.01 -7.36 25.60
N ASN B 675 -53.20 -6.80 24.70
CA ASN B 675 -53.51 -5.51 24.08
C ASN B 675 -54.66 -5.60 23.07
N ASP B 676 -54.95 -6.80 22.58
CA ASP B 676 -56.02 -6.97 21.60
C ASP B 676 -57.28 -6.22 21.99
N GLY B 677 -57.81 -6.54 23.17
CA GLY B 677 -59.02 -5.88 23.64
C GLY B 677 -59.01 -4.38 23.45
N TYR B 678 -57.94 -3.73 23.92
CA TYR B 678 -57.81 -2.29 23.81
C TYR B 678 -57.99 -1.77 22.39
N LEU B 679 -57.20 -2.32 21.45
CA LEU B 679 -57.27 -1.89 20.05
C LEU B 679 -58.67 -1.95 19.47
N GLN B 680 -59.32 -3.11 19.59
CA GLN B 680 -60.65 -3.30 19.04
C GLN B 680 -61.62 -2.17 19.36
N LEU B 681 -61.56 -1.64 20.59
CA LEU B 681 -62.44 -0.55 20.95
C LEU B 681 -62.00 0.74 20.26
N VAL B 682 -60.69 0.96 20.22
CA VAL B 682 -60.12 2.13 19.58
C VAL B 682 -60.54 2.22 18.12
N GLY B 683 -60.30 1.14 17.37
CA GLY B 683 -60.66 1.12 15.96
C GLY B 683 -62.09 1.57 15.73
N ILE B 684 -62.96 1.29 16.71
CA ILE B 684 -64.36 1.67 16.61
C ILE B 684 -64.51 3.18 16.71
N MET B 685 -63.84 3.76 17.70
CA MET B 685 -63.88 5.21 17.92
C MET B 685 -63.50 5.94 16.64
N GLN B 686 -62.51 5.41 15.93
CA GLN B 686 -62.04 6.01 14.69
C GLN B 686 -63.15 6.17 13.66
N LYS B 687 -64.05 5.19 13.61
CA LYS B 687 -65.15 5.22 12.65
C LYS B 687 -65.95 6.51 12.72
N PHE B 688 -65.77 7.26 13.81
CA PHE B 688 -66.50 8.51 14.00
C PHE B 688 -65.59 9.70 14.26
N ILE B 689 -64.33 9.41 14.56
CA ILE B 689 -63.36 10.46 14.86
C ILE B 689 -62.77 11.06 13.58
N ASP B 690 -62.92 12.37 13.43
CA ASP B 690 -62.38 13.08 12.27
C ASP B 690 -60.86 13.03 12.22
N GLN B 691 -60.31 13.03 13.44
CA GLN B 691 -58.89 13.08 13.77
C GLN B 691 -58.53 11.98 14.77
N SER B 692 -57.23 11.74 14.91
CA SER B 692 -56.61 10.51 15.42
C SER B 692 -56.54 10.36 16.95
N ILE B 693 -57.02 9.22 17.43
CA ILE B 693 -57.08 8.93 18.85
C ILE B 693 -55.68 8.71 19.40
N SER B 694 -55.44 9.19 20.61
CA SER B 694 -54.16 8.95 21.26
C SER B 694 -54.22 7.61 21.95
N ALA B 695 -54.29 6.53 21.18
CA ALA B 695 -54.28 5.19 21.76
C ALA B 695 -52.84 4.72 21.97
N ASN B 696 -52.55 4.29 23.19
CA ASN B 696 -51.22 3.80 23.54
C ASN B 696 -51.27 2.31 23.82
N THR B 697 -50.18 1.61 23.53
CA THR B 697 -50.11 0.17 23.77
C THR B 697 -49.37 -0.08 25.08
N ASN B 698 -49.78 -1.13 25.80
CA ASN B 698 -49.15 -1.46 27.07
C ASN B 698 -48.79 -2.93 27.13
N TYR B 699 -47.55 -3.21 27.54
CA TYR B 699 -47.09 -4.59 27.65
C TYR B 699 -46.59 -4.91 29.05
N ASP B 700 -46.59 -6.20 29.38
CA ASP B 700 -46.15 -6.66 30.69
C ASP B 700 -45.15 -7.81 30.52
N PRO B 701 -43.85 -7.53 30.71
CA PRO B 701 -42.82 -8.57 30.57
C PRO B 701 -42.99 -9.72 31.55
N SER B 702 -43.53 -9.38 32.71
CA SER B 702 -43.74 -10.27 33.84
C SER B 702 -44.72 -11.36 33.48
N ARG B 703 -45.50 -11.12 32.43
CA ARG B 703 -46.46 -12.12 31.94
C ARG B 703 -46.01 -12.93 30.72
N PHE B 704 -44.77 -12.73 30.27
CA PHE B 704 -44.30 -13.34 29.01
C PHE B 704 -43.16 -14.36 29.19
N PRO B 705 -43.24 -15.47 28.49
CA PRO B 705 -42.30 -16.56 28.78
C PRO B 705 -40.87 -16.07 28.67
N SER B 706 -40.07 -16.41 29.68
CA SER B 706 -38.69 -15.96 29.77
C SER B 706 -38.68 -14.45 29.97
N GLY B 707 -39.78 -13.93 30.52
CA GLY B 707 -39.86 -12.53 30.88
C GLY B 707 -39.32 -11.59 29.81
N LYS B 708 -39.59 -11.88 28.53
CA LYS B 708 -39.08 -11.02 27.47
C LYS B 708 -40.13 -10.79 26.38
N VAL B 709 -40.68 -9.59 26.33
CA VAL B 709 -41.78 -9.41 25.44
C VAL B 709 -41.25 -9.91 24.11
N PRO B 710 -42.01 -10.82 23.55
CA PRO B 710 -41.75 -11.39 22.22
C PRO B 710 -42.01 -10.44 21.07
N MET B 711 -41.03 -10.31 20.18
CA MET B 711 -41.15 -9.44 19.01
C MET B 711 -42.45 -9.79 18.30
N GLN B 712 -42.71 -11.08 18.18
CA GLN B 712 -43.91 -11.59 17.53
C GLN B 712 -45.14 -10.81 17.94
N GLN B 713 -45.41 -10.78 19.24
CA GLN B 713 -46.56 -10.07 19.78
C GLN B 713 -46.59 -8.60 19.37
N LEU B 714 -45.45 -7.92 19.52
CA LEU B 714 -45.35 -6.51 19.18
C LEU B 714 -45.76 -6.25 17.74
N LEU B 715 -45.16 -6.98 16.80
CA LEU B 715 -45.48 -6.82 15.39
C LEU B 715 -46.93 -7.20 15.13
N LYS B 716 -47.37 -8.32 15.70
CA LYS B 716 -48.73 -8.81 15.55
C LYS B 716 -49.73 -7.69 15.81
N ASP B 717 -49.56 -7.01 16.95
CA ASP B 717 -50.44 -5.93 17.35
C ASP B 717 -50.50 -4.78 16.34
N LEU B 718 -49.35 -4.37 15.83
CA LEU B 718 -49.31 -3.28 14.86
C LEU B 718 -50.26 -3.56 13.69
N LEU B 719 -50.27 -4.80 13.22
CA LEU B 719 -51.13 -5.20 12.12
C LEU B 719 -52.59 -5.07 12.56
N THR B 720 -52.86 -5.46 13.80
CA THR B 720 -54.20 -5.39 14.36
C THR B 720 -54.75 -3.97 14.26
N ALA B 721 -53.93 -3.01 14.66
CA ALA B 721 -54.33 -1.60 14.63
C ALA B 721 -54.64 -1.17 13.19
N TYR B 722 -53.72 -1.45 12.29
CA TYR B 722 -53.88 -1.09 10.88
C TYR B 722 -55.11 -1.77 10.28
N LYS B 723 -55.41 -2.97 10.76
CA LYS B 723 -56.55 -3.73 10.27
C LYS B 723 -57.90 -3.10 10.62
N PHE B 724 -57.96 -2.41 11.75
CA PHE B 724 -59.20 -1.78 12.19
C PHE B 724 -59.25 -0.29 11.87
N GLY B 725 -58.27 0.19 11.11
CA GLY B 725 -58.24 1.60 10.75
C GLY B 725 -57.74 2.55 11.81
N VAL B 726 -56.92 2.05 12.73
CA VAL B 726 -56.37 2.90 13.78
C VAL B 726 -55.44 3.92 13.13
N LYS B 727 -55.60 5.18 13.51
CA LYS B 727 -54.78 6.24 12.93
C LYS B 727 -53.34 6.32 13.42
N THR B 728 -53.14 6.37 14.73
CA THR B 728 -51.79 6.46 15.27
C THR B 728 -51.55 5.64 16.52
N LEU B 729 -50.28 5.60 16.93
CA LEU B 729 -49.86 4.87 18.13
C LEU B 729 -49.15 5.84 19.06
N TYR B 730 -49.30 5.56 20.36
CA TYR B 730 -48.86 6.40 21.47
C TYR B 730 -48.20 5.57 22.57
N TYR B 731 -47.44 6.24 23.44
CA TYR B 731 -46.55 5.61 24.42
C TYR B 731 -46.71 4.09 24.44
N GLN B 732 -45.58 3.41 24.41
CA GLN B 732 -45.55 2.01 24.75
C GLN B 732 -44.94 2.04 26.13
N ASN B 733 -45.75 1.77 27.13
CA ASN B 733 -45.25 1.77 28.50
C ASN B 733 -45.16 0.34 28.98
N THR B 734 -43.97 -0.07 29.39
CA THR B 734 -43.79 -1.46 29.80
C THR B 734 -44.01 -1.58 31.29
N ARG B 735 -44.15 -2.80 31.80
CA ARG B 735 -44.50 -2.96 33.20
C ARG B 735 -43.27 -2.76 34.10
N ASP B 736 -42.91 -1.48 34.24
CA ASP B 736 -41.83 -1.00 35.12
C ASP B 736 -42.18 -0.99 36.62
N GLY B 737 -41.15 -0.79 37.46
CA GLY B 737 -41.25 -0.85 38.90
C GLY B 737 -40.85 -2.18 39.54
N ALA B 738 -40.55 -3.18 38.71
CA ALA B 738 -40.07 -4.47 39.20
C ALA B 738 -38.60 -4.43 39.63
N ASN C 4 -15.42 12.04 14.44
CA ASN C 4 -14.27 12.06 13.54
C ASN C 4 -14.14 10.76 12.74
N LEU C 5 -12.93 10.45 12.31
CA LEU C 5 -12.69 9.22 11.53
C LEU C 5 -13.49 9.10 10.22
N LEU C 6 -13.43 10.14 9.40
CA LEU C 6 -14.20 10.21 8.14
C LEU C 6 -13.83 9.14 7.10
N VAL C 7 -14.84 8.72 6.35
CA VAL C 7 -14.81 7.58 5.44
C VAL C 7 -15.31 8.05 4.07
N THR C 8 -14.82 7.43 3.01
CA THR C 8 -15.23 7.79 1.66
C THR C 8 -15.89 6.60 0.96
N LYS C 9 -17.21 6.57 1.00
CA LYS C 9 -17.99 5.49 0.39
C LYS C 9 -17.63 5.37 -1.09
N ARG C 10 -17.62 4.15 -1.61
CA ARG C 10 -17.30 3.93 -3.02
C ARG C 10 -18.17 4.81 -3.90
N ASP C 11 -19.36 5.13 -3.40
CA ASP C 11 -20.29 5.99 -4.12
C ASP C 11 -19.61 7.32 -4.41
N GLY C 12 -18.73 7.73 -3.50
CA GLY C 12 -18.01 8.97 -3.67
C GLY C 12 -18.22 9.90 -2.48
N SER C 13 -19.46 9.90 -1.97
CA SER C 13 -19.83 10.74 -0.83
C SER C 13 -19.18 10.34 0.51
N THR C 14 -18.93 11.34 1.36
CA THR C 14 -18.34 11.16 2.69
C THR C 14 -19.29 10.57 3.75
N GLU C 15 -18.70 9.92 4.74
CA GLU C 15 -19.45 9.37 5.87
C GLU C 15 -18.53 9.21 7.07
N ARG C 16 -19.10 9.13 8.26
CA ARG C 16 -18.32 8.86 9.46
C ARG C 16 -18.05 7.37 9.55
N ILE C 17 -16.97 6.99 10.22
CA ILE C 17 -16.65 5.59 10.36
C ILE C 17 -17.77 4.89 11.13
N ASN C 18 -18.12 3.69 10.69
CA ASN C 18 -19.18 2.93 11.34
C ASN C 18 -18.64 1.54 11.63
N LEU C 19 -17.99 1.36 12.76
CA LEU C 19 -17.23 0.16 12.98
C LEU C 19 -18.18 -1.01 12.76
N ASP C 20 -19.44 -0.81 13.12
CA ASP C 20 -20.43 -1.87 12.98
C ASP C 20 -20.54 -2.37 11.55
N LYS C 21 -20.65 -1.48 10.59
CA LYS C 21 -21.05 -1.90 9.25
C LYS C 21 -20.07 -2.97 8.76
N ILE C 22 -18.80 -2.83 9.10
CA ILE C 22 -17.82 -3.87 8.79
C ILE C 22 -18.25 -5.24 9.29
N HIS C 23 -18.40 -5.38 10.60
CA HIS C 23 -18.79 -6.64 11.21
C HIS C 23 -19.88 -7.36 10.41
N ARG C 24 -21.00 -6.67 10.19
CA ARG C 24 -22.12 -7.25 9.46
C ARG C 24 -21.67 -7.87 8.14
N VAL C 25 -20.68 -7.25 7.50
CA VAL C 25 -20.17 -7.74 6.23
C VAL C 25 -19.52 -9.11 6.41
N LEU C 26 -18.61 -9.20 7.38
CA LEU C 26 -17.92 -10.45 7.67
C LEU C 26 -18.95 -11.52 7.99
N ASP C 27 -19.99 -11.12 8.73
CA ASP C 27 -21.07 -12.03 9.09
C ASP C 27 -21.68 -12.64 7.84
N TRP C 28 -22.08 -11.78 6.91
CA TRP C 28 -22.68 -12.21 5.65
C TRP C 28 -21.85 -13.36 5.09
N ALA C 29 -20.54 -13.30 5.33
CA ALA C 29 -19.61 -14.32 4.86
C ALA C 29 -19.56 -15.52 5.79
N ALA C 30 -19.35 -15.27 7.07
CA ALA C 30 -19.27 -16.34 8.08
C ALA C 30 -20.57 -17.13 8.15
N GLU C 31 -21.62 -16.60 7.52
CA GLU C 31 -22.92 -17.26 7.52
C GLU C 31 -22.80 -18.69 7.02
N GLY C 32 -23.20 -19.65 7.86
CA GLY C 32 -23.14 -21.05 7.49
C GLY C 32 -21.72 -21.56 7.38
N LEU C 33 -20.87 -21.18 8.34
CA LEU C 33 -19.47 -21.60 8.35
C LEU C 33 -19.00 -21.90 9.76
N HIS C 34 -17.96 -22.71 9.86
CA HIS C 34 -17.43 -23.12 11.16
C HIS C 34 -15.93 -22.99 11.18
N ASN C 35 -15.39 -22.70 12.35
CA ASN C 35 -13.95 -22.51 12.49
C ASN C 35 -13.55 -21.14 11.98
N VAL C 36 -14.57 -20.33 11.69
CA VAL C 36 -14.37 -18.99 11.16
C VAL C 36 -14.68 -17.92 12.19
N SER C 37 -13.64 -17.23 12.66
CA SER C 37 -13.82 -16.21 13.66
C SER C 37 -13.93 -14.85 12.98
N ILE C 38 -15.06 -14.20 13.21
CA ILE C 38 -15.33 -12.88 12.64
C ILE C 38 -14.30 -11.88 13.15
N SER C 39 -13.94 -12.02 14.42
CA SER C 39 -12.97 -11.13 15.05
C SER C 39 -11.56 -11.38 14.53
N GLN C 40 -11.27 -12.63 14.18
CA GLN C 40 -9.95 -13.00 13.69
C GLN C 40 -9.53 -12.15 12.49
N VAL C 41 -10.25 -12.29 11.38
CA VAL C 41 -9.96 -11.54 10.17
C VAL C 41 -9.66 -10.06 10.40
N GLU C 42 -10.41 -9.44 11.30
CA GLU C 42 -10.22 -8.02 11.60
C GLU C 42 -8.79 -7.76 12.06
N LEU C 43 -8.39 -8.43 13.14
CA LEU C 43 -7.05 -8.28 13.70
C LEU C 43 -5.99 -8.77 12.73
N ARG C 44 -6.31 -9.74 11.90
CA ARG C 44 -5.32 -10.28 10.98
C ARG C 44 -4.85 -9.16 10.06
N SER C 45 -5.79 -8.27 9.73
CA SER C 45 -5.70 -7.39 8.57
C SER C 45 -4.95 -6.11 8.92
N HIS C 46 -4.82 -5.84 10.21
CA HIS C 46 -4.13 -4.64 10.68
C HIS C 46 -4.61 -3.44 9.86
N ILE C 47 -5.87 -3.48 9.45
CA ILE C 47 -6.46 -2.40 8.66
C ILE C 47 -6.11 -1.05 9.27
N GLN C 48 -5.32 -0.28 8.54
CA GLN C 48 -4.89 1.03 9.01
C GLN C 48 -5.86 2.11 8.54
N PHE C 49 -6.56 2.71 9.50
CA PHE C 49 -7.52 3.77 9.20
C PHE C 49 -6.89 5.15 9.07
N TYR C 50 -7.41 5.93 8.12
CA TYR C 50 -6.94 7.28 7.89
C TYR C 50 -8.00 8.05 7.11
N ASP C 51 -8.12 9.34 7.36
CA ASP C 51 -9.27 10.11 6.88
C ASP C 51 -9.42 10.01 5.37
N GLY C 52 -10.62 9.64 4.90
CA GLY C 52 -10.96 9.56 3.47
C GLY C 52 -10.78 8.26 2.66
N ILE C 53 -10.10 7.33 3.32
CA ILE C 53 -9.75 6.11 2.69
C ILE C 53 -11.10 5.63 2.22
N LYS C 54 -11.08 5.35 0.93
CA LYS C 54 -12.18 4.86 0.12
C LYS C 54 -12.69 3.54 0.68
N THR C 55 -14.01 3.45 0.86
CA THR C 55 -14.62 2.24 1.41
C THR C 55 -14.16 1.00 0.64
N SER C 56 -13.91 1.17 -0.65
CA SER C 56 -13.45 0.08 -1.50
C SER C 56 -12.17 -0.53 -0.93
N ASP C 57 -11.19 0.32 -0.67
CA ASP C 57 -9.92 -0.12 -0.13
C ASP C 57 -10.12 -0.85 1.19
N ILE C 58 -10.94 -0.28 2.07
CA ILE C 58 -11.22 -0.88 3.36
C ILE C 58 -11.69 -2.31 3.14
N HIS C 59 -12.69 -2.47 2.27
CA HIS C 59 -13.25 -3.77 1.93
C HIS C 59 -12.15 -4.67 1.37
N GLU C 60 -11.28 -4.07 0.55
CA GLU C 60 -10.19 -4.80 -0.07
C GLU C 60 -9.33 -5.50 0.97
N THR C 61 -8.94 -4.74 2.00
CA THR C 61 -8.10 -5.26 3.08
C THR C 61 -8.58 -6.60 3.65
N ILE C 62 -9.84 -6.64 4.08
CA ILE C 62 -10.39 -7.85 4.68
C ILE C 62 -10.33 -9.05 3.74
N ILE C 63 -10.59 -8.82 2.46
CA ILE C 63 -10.54 -9.89 1.46
C ILE C 63 -9.24 -10.66 1.53
N LYS C 64 -8.12 -9.94 1.49
CA LYS C 64 -6.81 -10.58 1.55
C LYS C 64 -6.57 -11.21 2.91
N ALA C 65 -7.05 -10.54 3.97
CA ALA C 65 -6.88 -11.03 5.32
C ALA C 65 -7.57 -12.38 5.50
N ALA C 66 -8.83 -12.46 5.08
CA ALA C 66 -9.60 -13.69 5.19
C ALA C 66 -8.95 -14.80 4.36
N ALA C 67 -8.38 -14.41 3.23
CA ALA C 67 -7.72 -15.36 2.34
C ALA C 67 -6.43 -15.90 2.94
N ASP C 68 -5.80 -15.11 3.81
CA ASP C 68 -4.56 -15.52 4.45
C ASP C 68 -4.81 -16.48 5.60
N LEU C 69 -6.04 -16.52 6.08
CA LEU C 69 -6.40 -17.40 7.18
C LEU C 69 -6.94 -18.73 6.66
N ILE C 70 -6.77 -18.96 5.36
CA ILE C 70 -7.25 -20.19 4.74
C ILE C 70 -6.24 -21.31 4.99
N SER C 71 -6.31 -21.91 6.17
CA SER C 71 -5.41 -22.99 6.54
C SER C 71 -6.09 -24.35 6.47
N ARG C 72 -5.30 -25.41 6.56
CA ARG C 72 -5.85 -26.74 6.44
C ARG C 72 -6.87 -26.91 7.55
N ASP C 73 -6.58 -26.34 8.71
CA ASP C 73 -7.46 -26.48 9.85
C ASP C 73 -8.69 -25.61 9.67
N ALA C 74 -8.63 -24.71 8.69
CA ALA C 74 -9.73 -23.79 8.40
C ALA C 74 -10.14 -23.87 6.93
N PRO C 75 -10.68 -25.02 6.50
CA PRO C 75 -11.11 -25.22 5.11
C PRO C 75 -12.20 -24.24 4.67
N ASP C 76 -13.08 -23.88 5.60
CA ASP C 76 -14.17 -22.96 5.32
C ASP C 76 -13.72 -21.55 4.98
N TYR C 77 -12.61 -21.11 5.58
CA TYR C 77 -12.08 -19.78 5.31
C TYR C 77 -11.92 -19.55 3.82
N GLN C 78 -11.63 -20.62 3.08
CA GLN C 78 -11.48 -20.54 1.63
C GLN C 78 -12.77 -20.01 1.04
N TYR C 79 -13.90 -20.51 1.55
CA TYR C 79 -15.21 -20.10 1.09
C TYR C 79 -15.61 -18.78 1.73
N LEU C 80 -15.17 -18.57 2.96
CA LEU C 80 -15.47 -17.35 3.69
C LEU C 80 -15.04 -16.13 2.88
N ALA C 81 -13.73 -16.05 2.62
CA ALA C 81 -13.18 -14.94 1.84
C ALA C 81 -13.82 -14.89 0.46
N ALA C 82 -14.12 -16.06 -0.09
CA ALA C 82 -14.74 -16.15 -1.42
C ALA C 82 -15.99 -15.28 -1.45
N ARG C 83 -16.84 -15.41 -0.44
CA ARG C 83 -18.08 -14.63 -0.36
C ARG C 83 -17.82 -13.13 -0.27
N LEU C 84 -16.85 -12.75 0.56
CA LEU C 84 -16.39 -11.37 0.67
C LEU C 84 -15.90 -10.82 -0.66
N ALA C 85 -15.33 -11.70 -1.49
CA ALA C 85 -14.81 -11.31 -2.80
C ALA C 85 -15.92 -11.10 -3.81
N ILE C 86 -16.72 -12.14 -4.04
CA ILE C 86 -17.82 -12.08 -4.99
C ILE C 86 -18.60 -10.79 -4.84
N PHE C 87 -18.79 -10.37 -3.60
CA PHE C 87 -19.53 -9.14 -3.30
C PHE C 87 -18.91 -7.95 -4.02
N HIS C 88 -17.63 -7.69 -3.72
CA HIS C 88 -16.89 -6.58 -4.30
C HIS C 88 -17.04 -6.51 -5.82
N LEU C 89 -16.72 -7.61 -6.50
CA LEU C 89 -16.81 -7.68 -7.95
C LEU C 89 -18.16 -7.25 -8.51
N ARG C 90 -19.22 -7.96 -8.11
CA ARG C 90 -20.56 -7.66 -8.58
C ARG C 90 -20.93 -6.18 -8.44
N LYS C 91 -20.58 -5.59 -7.31
CA LYS C 91 -20.88 -4.19 -7.03
C LYS C 91 -20.00 -3.23 -7.82
N LYS C 92 -18.80 -3.69 -8.18
CA LYS C 92 -17.85 -2.86 -8.92
C LYS C 92 -18.15 -2.87 -10.42
N ALA C 93 -19.22 -3.54 -10.81
CA ALA C 93 -19.59 -3.61 -12.23
C ALA C 93 -21.09 -3.46 -12.46
N TYR C 94 -21.85 -3.27 -11.38
CA TYR C 94 -23.28 -3.13 -11.50
C TYR C 94 -23.83 -1.98 -10.65
N GLY C 95 -22.96 -1.36 -9.87
CA GLY C 95 -23.38 -0.26 -9.03
C GLY C 95 -24.04 -0.74 -7.75
N GLN C 96 -24.69 -1.91 -7.88
CA GLN C 96 -25.52 -2.54 -6.86
C GLN C 96 -25.30 -4.06 -6.81
N PHE C 97 -25.70 -4.68 -5.69
CA PHE C 97 -25.38 -6.07 -5.38
C PHE C 97 -26.09 -7.05 -6.30
N GLU C 98 -27.25 -6.66 -6.83
CA GLU C 98 -28.01 -7.54 -7.71
C GLU C 98 -27.89 -7.13 -9.17
N PRO C 99 -27.24 -7.98 -9.99
CA PRO C 99 -27.05 -7.75 -11.43
C PRO C 99 -28.35 -7.53 -12.19
N PRO C 100 -28.26 -6.70 -13.24
CA PRO C 100 -29.37 -6.33 -14.14
C PRO C 100 -29.79 -7.45 -15.11
N ALA C 101 -31.00 -7.36 -15.64
CA ALA C 101 -31.60 -8.45 -16.41
C ALA C 101 -30.68 -8.84 -17.55
N LEU C 102 -30.78 -10.10 -17.97
CA LEU C 102 -29.95 -10.62 -19.05
C LEU C 102 -29.99 -9.68 -20.26
N TYR C 103 -31.19 -9.40 -20.75
CA TYR C 103 -31.37 -8.53 -21.90
C TYR C 103 -30.73 -7.16 -21.70
N ASP C 104 -31.24 -6.41 -20.73
CA ASP C 104 -30.74 -5.07 -20.43
C ASP C 104 -29.21 -5.01 -20.44
N HIS C 105 -28.58 -5.91 -19.70
CA HIS C 105 -27.12 -5.95 -19.62
C HIS C 105 -26.47 -6.21 -20.98
N VAL C 106 -26.81 -7.34 -21.58
CA VAL C 106 -26.24 -7.71 -22.88
C VAL C 106 -26.19 -6.51 -23.82
N VAL C 107 -27.26 -5.74 -23.86
CA VAL C 107 -27.34 -4.56 -24.73
C VAL C 107 -26.38 -3.46 -24.28
N LYS C 108 -26.48 -3.08 -23.01
CA LYS C 108 -25.63 -2.03 -22.45
C LYS C 108 -24.16 -2.21 -22.80
N MET C 109 -23.63 -3.40 -22.55
CA MET C 109 -22.23 -3.69 -22.81
C MET C 109 -21.90 -3.76 -24.30
N VAL C 110 -22.92 -3.96 -25.13
CA VAL C 110 -22.72 -4.04 -26.57
C VAL C 110 -22.15 -2.73 -27.12
N GLU C 111 -22.90 -1.65 -26.93
CA GLU C 111 -22.50 -0.34 -27.40
C GLU C 111 -21.23 0.17 -26.74
N MET C 112 -20.80 -0.52 -25.68
CA MET C 112 -19.58 -0.13 -24.96
C MET C 112 -18.34 -0.75 -25.61
N GLY C 113 -18.57 -1.60 -26.62
CA GLY C 113 -17.48 -2.24 -27.30
C GLY C 113 -17.05 -3.55 -26.66
N LYS C 114 -17.49 -3.78 -25.41
CA LYS C 114 -17.24 -5.03 -24.65
C LYS C 114 -17.94 -6.40 -24.99
N TYR C 115 -19.27 -6.38 -25.17
CA TYR C 115 -20.02 -7.49 -25.73
C TYR C 115 -20.26 -7.29 -27.22
N ASP C 116 -20.25 -8.39 -27.96
CA ASP C 116 -20.48 -8.35 -29.40
C ASP C 116 -21.97 -8.29 -29.67
N ASN C 117 -22.38 -7.34 -30.51
CA ASN C 117 -23.80 -7.17 -30.86
C ASN C 117 -24.34 -8.42 -31.55
N HIS C 118 -23.43 -9.32 -31.91
CA HIS C 118 -23.77 -10.57 -32.58
C HIS C 118 -24.92 -11.31 -31.90
N LEU C 119 -25.09 -11.09 -30.60
CA LEU C 119 -26.14 -11.74 -29.84
C LEU C 119 -27.50 -11.06 -29.98
N LEU C 120 -27.50 -9.73 -29.92
CA LEU C 120 -28.74 -8.96 -30.03
C LEU C 120 -29.47 -9.27 -31.33
N GLU C 121 -28.76 -9.86 -32.29
CA GLU C 121 -29.32 -10.19 -33.59
C GLU C 121 -29.81 -11.63 -33.67
N ASP C 122 -29.12 -12.54 -33.00
CA ASP C 122 -29.49 -13.95 -33.03
C ASP C 122 -30.47 -14.32 -31.91
N TYR C 123 -30.82 -13.34 -31.08
CA TYR C 123 -31.73 -13.58 -29.98
C TYR C 123 -32.64 -12.38 -29.71
N THR C 124 -33.95 -12.60 -29.77
CA THR C 124 -34.91 -11.54 -29.52
C THR C 124 -35.08 -11.34 -28.02
N GLU C 125 -35.53 -10.15 -27.63
CA GLU C 125 -35.71 -9.83 -26.22
C GLU C 125 -36.36 -10.96 -25.43
N GLU C 126 -37.46 -11.50 -25.96
CA GLU C 126 -38.17 -12.59 -25.30
C GLU C 126 -37.22 -13.72 -24.91
N GLU C 127 -36.54 -14.28 -25.89
CA GLU C 127 -35.59 -15.37 -25.65
C GLU C 127 -34.56 -15.01 -24.59
N PHE C 128 -34.14 -13.75 -24.56
CA PHE C 128 -33.16 -13.30 -23.57
C PHE C 128 -33.77 -13.31 -22.18
N LYS C 129 -34.91 -12.63 -22.03
CA LYS C 129 -35.61 -12.55 -20.76
C LYS C 129 -35.99 -13.94 -20.26
N GLN C 130 -36.10 -14.88 -21.20
CA GLN C 130 -36.44 -16.26 -20.88
C GLN C 130 -35.22 -16.94 -20.27
N MET C 131 -34.09 -16.79 -20.94
CA MET C 131 -32.83 -17.37 -20.48
C MET C 131 -32.47 -16.85 -19.11
N ASP C 132 -32.99 -15.67 -18.78
CA ASP C 132 -32.73 -15.03 -17.50
C ASP C 132 -33.17 -15.96 -16.37
N THR C 133 -34.16 -16.82 -16.67
CA THR C 133 -34.69 -17.77 -15.70
C THR C 133 -33.64 -18.82 -15.35
N PHE C 134 -32.97 -19.33 -16.37
CA PHE C 134 -31.94 -20.36 -16.16
C PHE C 134 -30.81 -19.80 -15.31
N ILE C 135 -30.49 -18.53 -15.54
CA ILE C 135 -29.42 -17.87 -14.79
C ILE C 135 -29.67 -17.88 -13.29
N ASP C 136 -28.70 -18.38 -12.54
CA ASP C 136 -28.80 -18.45 -11.10
C ASP C 136 -27.68 -17.61 -10.48
N HIS C 137 -27.94 -16.33 -10.25
CA HIS C 137 -26.86 -15.47 -9.83
C HIS C 137 -26.30 -16.06 -8.58
N ASP C 138 -27.15 -16.79 -7.85
CA ASP C 138 -26.82 -17.26 -6.52
C ASP C 138 -25.67 -18.25 -6.59
N ARG C 139 -25.40 -18.74 -7.80
CA ARG C 139 -24.32 -19.70 -8.02
C ARG C 139 -22.97 -19.05 -7.76
N ASP C 140 -22.95 -17.72 -7.73
CA ASP C 140 -21.72 -16.97 -7.46
C ASP C 140 -21.25 -17.25 -6.05
N MET C 141 -22.19 -17.68 -5.21
CA MET C 141 -21.90 -17.99 -3.81
C MET C 141 -21.48 -19.44 -3.65
N THR C 142 -21.13 -20.08 -4.77
CA THR C 142 -20.69 -21.47 -4.76
C THR C 142 -19.25 -21.56 -5.22
N PHE C 143 -18.57 -20.41 -5.27
CA PHE C 143 -17.18 -20.34 -5.70
C PHE C 143 -16.21 -20.33 -4.53
N SER C 144 -15.06 -20.97 -4.73
CA SER C 144 -14.03 -21.03 -3.71
C SER C 144 -12.95 -20.01 -4.09
N TYR C 145 -12.51 -19.19 -3.16
CA TYR C 145 -11.85 -17.95 -3.54
C TYR C 145 -10.75 -18.23 -4.57
N ALA C 146 -10.04 -19.34 -4.44
CA ALA C 146 -9.04 -19.71 -5.45
C ALA C 146 -9.52 -19.39 -6.88
N ALA C 147 -10.66 -19.96 -7.24
CA ALA C 147 -11.23 -19.75 -8.57
C ALA C 147 -11.64 -18.29 -8.78
N VAL C 148 -12.32 -17.73 -7.79
CA VAL C 148 -12.79 -16.35 -7.85
C VAL C 148 -11.72 -15.37 -8.31
N LYS C 149 -10.57 -15.38 -7.64
CA LYS C 149 -9.47 -14.48 -7.97
C LYS C 149 -9.07 -14.55 -9.44
N GLN C 150 -9.18 -15.73 -10.03
CA GLN C 150 -8.83 -15.92 -11.44
C GLN C 150 -9.87 -15.21 -12.33
N LEU C 151 -11.13 -15.35 -11.95
CA LEU C 151 -12.23 -14.75 -12.70
C LEU C 151 -12.03 -13.23 -12.81
N GLU C 152 -11.46 -12.63 -11.79
CA GLU C 152 -11.39 -11.17 -11.78
C GLU C 152 -10.65 -10.81 -13.06
N GLY C 153 -9.73 -11.68 -13.44
CA GLY C 153 -8.86 -11.42 -14.58
C GLY C 153 -9.14 -12.26 -15.82
N LYS C 154 -8.89 -13.57 -15.73
CA LYS C 154 -8.90 -14.47 -16.89
C LYS C 154 -10.20 -14.68 -17.68
N TYR C 155 -11.32 -14.86 -16.98
CA TYR C 155 -12.61 -15.08 -17.64
C TYR C 155 -13.46 -13.83 -17.90
N LEU C 156 -13.50 -12.94 -16.90
CA LEU C 156 -14.41 -11.79 -16.96
C LEU C 156 -14.02 -10.78 -18.04
N VAL C 157 -15.03 -10.18 -18.67
CA VAL C 157 -14.76 -9.10 -19.63
C VAL C 157 -14.45 -7.82 -18.87
N GLN C 158 -13.32 -7.20 -19.15
CA GLN C 158 -12.92 -6.00 -18.41
C GLN C 158 -12.06 -5.04 -19.22
N ASN C 159 -11.88 -3.83 -18.69
CA ASN C 159 -11.02 -2.86 -19.37
C ASN C 159 -9.65 -3.00 -18.70
N ARG C 160 -8.63 -3.37 -19.48
CA ARG C 160 -7.32 -3.63 -18.89
C ARG C 160 -6.58 -2.36 -18.48
N VAL C 161 -6.80 -1.26 -19.18
CA VAL C 161 -6.19 0.01 -18.80
C VAL C 161 -6.87 0.55 -17.53
N THR C 162 -8.14 0.90 -17.66
CA THR C 162 -8.90 1.48 -16.57
C THR C 162 -9.14 0.57 -15.38
N GLY C 163 -9.22 -0.74 -15.60
CA GLY C 163 -9.49 -1.67 -14.52
C GLY C 163 -10.93 -2.14 -14.49
N GLU C 164 -11.87 -1.32 -14.96
CA GLU C 164 -13.28 -1.66 -14.96
C GLU C 164 -13.61 -3.11 -15.31
N ILE C 165 -14.43 -3.75 -14.48
CA ILE C 165 -14.90 -5.11 -14.73
C ILE C 165 -16.33 -5.00 -15.25
N TYR C 166 -16.62 -5.45 -16.47
CA TYR C 166 -17.94 -5.27 -17.02
C TYR C 166 -18.92 -6.42 -16.83
N GLU C 167 -18.52 -7.52 -16.18
CA GLU C 167 -19.30 -8.77 -16.18
C GLU C 167 -19.37 -9.54 -14.85
N SER C 168 -20.35 -10.43 -14.73
CA SER C 168 -20.61 -11.20 -13.50
C SER C 168 -20.56 -12.72 -13.74
N ALA C 169 -20.29 -13.48 -12.68
CA ALA C 169 -19.98 -14.94 -12.78
C ALA C 169 -20.87 -15.98 -13.57
N GLN C 170 -22.19 -15.97 -13.34
CA GLN C 170 -23.17 -16.65 -14.18
C GLN C 170 -23.46 -15.91 -15.48
N PHE C 171 -23.42 -14.59 -15.43
CA PHE C 171 -23.66 -13.78 -16.63
C PHE C 171 -22.71 -14.28 -17.72
N LEU C 172 -21.45 -14.43 -17.35
CA LEU C 172 -20.42 -14.90 -18.27
C LEU C 172 -20.79 -16.27 -18.82
N TYR C 173 -21.06 -17.21 -17.93
CA TYR C 173 -21.42 -18.57 -18.33
C TYR C 173 -22.49 -18.64 -19.41
N ILE C 174 -23.70 -18.20 -19.08
CA ILE C 174 -24.82 -18.24 -20.01
C ILE C 174 -24.53 -17.67 -21.39
N LEU C 175 -24.03 -16.43 -21.46
CA LEU C 175 -23.73 -15.82 -22.75
C LEU C 175 -22.92 -16.75 -23.64
N VAL C 176 -21.85 -17.32 -23.10
CA VAL C 176 -20.99 -18.22 -23.85
C VAL C 176 -21.79 -19.41 -24.38
N ALA C 177 -22.60 -20.00 -23.51
CA ALA C 177 -23.41 -21.14 -23.89
C ALA C 177 -24.29 -20.84 -25.10
N ALA C 178 -24.95 -19.70 -25.07
CA ALA C 178 -25.83 -19.29 -26.17
C ALA C 178 -25.03 -18.83 -27.39
N CYS C 179 -24.07 -17.95 -27.17
CA CYS C 179 -23.25 -17.42 -28.26
C CYS C 179 -22.51 -18.54 -28.98
N LEU C 180 -22.54 -19.74 -28.40
CA LEU C 180 -21.86 -20.89 -28.99
C LEU C 180 -22.91 -21.81 -29.60
N PHE C 181 -24.17 -21.56 -29.28
CA PHE C 181 -25.28 -22.35 -29.79
C PHE C 181 -26.25 -21.47 -30.57
N SER C 182 -25.89 -20.22 -30.77
CA SER C 182 -26.73 -19.27 -31.49
C SER C 182 -27.21 -19.86 -32.82
N ASN C 183 -26.26 -20.18 -33.68
CA ASN C 183 -26.58 -20.76 -35.00
C ASN C 183 -27.08 -22.19 -34.83
N TYR C 184 -28.22 -22.34 -34.14
CA TYR C 184 -28.79 -23.66 -33.91
C TYR C 184 -30.30 -23.62 -34.15
N PRO C 185 -30.90 -24.79 -34.47
CA PRO C 185 -32.33 -24.89 -34.74
C PRO C 185 -33.18 -24.18 -33.69
N ARG C 186 -34.29 -23.58 -34.13
CA ARG C 186 -35.19 -22.85 -33.25
C ARG C 186 -35.70 -23.71 -32.09
N GLU C 187 -36.04 -24.98 -32.37
CA GLU C 187 -36.56 -25.94 -31.35
C GLU C 187 -35.67 -26.56 -30.21
N THR C 188 -34.48 -27.07 -30.55
CA THR C 188 -33.46 -27.48 -29.59
C THR C 188 -32.54 -26.37 -29.07
N ARG C 189 -32.51 -25.23 -29.76
CA ARG C 189 -31.56 -24.17 -29.43
C ARG C 189 -31.73 -23.52 -28.04
N LEU C 190 -32.97 -23.22 -27.67
CA LEU C 190 -33.25 -22.65 -26.35
C LEU C 190 -32.89 -23.65 -25.26
N GLN C 191 -33.25 -24.89 -25.54
CA GLN C 191 -33.05 -26.03 -24.64
C GLN C 191 -31.57 -26.24 -24.35
N TYR C 192 -30.79 -26.53 -25.39
CA TYR C 192 -29.36 -26.75 -25.23
C TYR C 192 -28.68 -25.60 -24.51
N VAL C 193 -29.19 -24.38 -24.74
CA VAL C 193 -28.62 -23.20 -24.10
C VAL C 193 -28.63 -23.33 -22.59
N LYS C 194 -29.64 -24.01 -22.06
CA LYS C 194 -29.76 -24.21 -20.62
C LYS C 194 -29.00 -25.44 -20.15
N ARG C 195 -29.26 -26.58 -20.79
CA ARG C 195 -28.59 -27.81 -20.41
C ARG C 195 -27.08 -27.68 -20.42
N PHE C 196 -26.57 -26.82 -21.30
CA PHE C 196 -25.12 -26.61 -21.38
C PHE C 196 -24.71 -25.66 -20.27
N TYR C 197 -25.49 -24.59 -20.11
CA TYR C 197 -25.22 -23.60 -19.07
C TYR C 197 -25.02 -24.25 -17.72
N ASP C 198 -25.94 -25.14 -17.35
CA ASP C 198 -25.86 -25.84 -16.07
C ASP C 198 -24.67 -26.80 -16.03
N ALA C 199 -24.38 -27.43 -17.15
CA ALA C 199 -23.26 -28.37 -17.22
C ALA C 199 -21.93 -27.68 -16.90
N VAL C 200 -21.80 -26.43 -17.32
CA VAL C 200 -20.58 -25.67 -17.09
C VAL C 200 -20.67 -24.79 -15.83
N SER C 201 -21.85 -24.24 -15.58
CA SER C 201 -22.06 -23.38 -14.43
C SER C 201 -21.91 -24.15 -13.11
N THR C 202 -22.21 -25.45 -13.16
CA THR C 202 -22.10 -26.29 -11.98
C THR C 202 -20.73 -26.94 -11.87
N PHE C 203 -19.79 -26.46 -12.68
CA PHE C 203 -18.43 -26.98 -12.68
C PHE C 203 -18.39 -28.45 -13.09
N LYS C 204 -19.34 -28.86 -13.91
CA LYS C 204 -19.41 -30.24 -14.36
C LYS C 204 -18.60 -30.45 -15.63
N ILE C 205 -18.29 -29.34 -16.31
CA ILE C 205 -17.50 -29.35 -17.54
C ILE C 205 -16.76 -28.03 -17.68
N SER C 206 -15.45 -28.07 -17.44
CA SER C 206 -14.63 -26.87 -17.54
C SER C 206 -14.09 -26.70 -18.96
N LEU C 207 -14.01 -25.45 -19.41
CA LEU C 207 -13.52 -25.15 -20.76
C LEU C 207 -12.24 -24.32 -20.73
N PRO C 208 -11.46 -24.35 -21.83
CA PRO C 208 -10.20 -23.60 -21.95
C PRO C 208 -10.31 -22.12 -21.64
N THR C 209 -9.33 -21.61 -20.90
CA THR C 209 -9.28 -20.21 -20.51
C THR C 209 -9.61 -19.24 -21.64
N PRO C 210 -8.94 -19.38 -22.80
CA PRO C 210 -9.18 -18.50 -23.94
C PRO C 210 -10.65 -18.37 -24.32
N ILE C 211 -11.38 -19.48 -24.28
CA ILE C 211 -12.80 -19.50 -24.61
C ILE C 211 -13.62 -18.58 -23.72
N MET C 212 -13.60 -18.79 -22.41
CA MET C 212 -14.59 -18.15 -21.56
C MET C 212 -14.59 -16.63 -21.70
N SER C 213 -13.41 -16.04 -21.87
CA SER C 213 -13.27 -14.60 -22.00
C SER C 213 -13.89 -13.94 -23.26
N GLY C 214 -13.76 -14.60 -24.41
CA GLY C 214 -13.99 -13.96 -25.69
C GLY C 214 -15.24 -14.42 -26.42
N VAL C 215 -15.80 -15.56 -26.03
CA VAL C 215 -17.09 -15.89 -26.56
C VAL C 215 -17.92 -14.72 -26.07
N ARG C 216 -18.67 -14.10 -26.98
CA ARG C 216 -19.47 -12.93 -26.65
C ARG C 216 -18.72 -11.60 -26.72
N THR C 217 -17.44 -11.60 -27.12
CA THR C 217 -16.79 -10.33 -27.40
C THR C 217 -16.41 -10.24 -28.88
N PRO C 218 -15.94 -9.07 -29.33
CA PRO C 218 -15.55 -8.86 -30.73
C PRO C 218 -14.69 -9.97 -31.32
N THR C 219 -13.63 -10.35 -30.61
CA THR C 219 -12.64 -11.27 -31.17
C THR C 219 -13.24 -12.63 -31.55
N ARG C 220 -12.78 -13.14 -32.69
CA ARG C 220 -13.30 -14.37 -33.30
C ARG C 220 -12.38 -15.57 -33.13
N GLN C 221 -11.32 -15.45 -32.33
CA GLN C 221 -10.31 -16.51 -32.27
C GLN C 221 -10.25 -17.30 -30.96
N PHE C 222 -10.38 -18.62 -31.07
CA PHE C 222 -10.30 -19.52 -29.92
C PHE C 222 -9.08 -20.46 -29.90
N SER C 223 -8.11 -20.33 -30.79
CA SER C 223 -7.13 -21.43 -30.95
C SER C 223 -5.86 -21.43 -30.07
N SER C 224 -5.85 -22.33 -29.07
CA SER C 224 -4.70 -22.55 -28.16
C SER C 224 -3.35 -23.17 -28.63
N CYS C 225 -3.38 -24.23 -29.44
CA CYS C 225 -2.19 -24.97 -29.84
C CYS C 225 -2.23 -25.43 -31.30
N VAL C 226 -1.07 -25.70 -31.88
CA VAL C 226 -1.01 -26.11 -33.28
C VAL C 226 0.30 -26.83 -33.60
N LEU C 227 0.27 -27.69 -34.63
CA LEU C 227 1.45 -28.44 -35.04
C LEU C 227 1.84 -28.12 -36.48
N ILE C 228 3.13 -28.16 -36.76
CA ILE C 228 3.63 -27.87 -38.11
C ILE C 228 4.89 -28.69 -38.43
N GLU C 229 4.86 -29.34 -39.58
CA GLU C 229 5.99 -30.15 -40.03
C GLU C 229 6.75 -29.33 -41.07
N CYS C 230 8.07 -29.23 -40.90
CA CYS C 230 8.88 -28.47 -41.82
C CYS C 230 9.57 -29.37 -42.84
N GLY C 231 9.75 -28.85 -44.06
CA GLY C 231 10.38 -29.63 -45.11
C GLY C 231 11.83 -29.22 -45.31
N ASP C 232 12.70 -30.23 -45.46
CA ASP C 232 14.12 -29.99 -45.67
C ASP C 232 14.36 -28.97 -46.78
N SER C 233 13.38 -28.80 -47.65
CA SER C 233 13.48 -27.85 -48.75
C SER C 233 13.53 -26.41 -48.22
N LEU C 234 14.50 -25.64 -48.71
CA LEU C 234 14.69 -24.26 -48.30
C LEU C 234 13.38 -23.49 -48.18
N ASP C 235 12.65 -23.40 -49.29
CA ASP C 235 11.38 -22.67 -49.33
C ASP C 235 10.43 -23.06 -48.20
N SER C 236 10.28 -24.36 -47.97
CA SER C 236 9.40 -24.86 -46.93
C SER C 236 9.61 -24.18 -45.58
N ILE C 237 10.86 -24.18 -45.12
CA ILE C 237 11.20 -23.57 -43.83
C ILE C 237 10.76 -22.12 -43.75
N ASN C 238 11.02 -21.36 -44.81
CA ASN C 238 10.63 -19.95 -44.84
C ASN C 238 9.15 -19.78 -44.52
N ALA C 239 8.34 -20.72 -45.01
CA ALA C 239 6.90 -20.69 -44.77
C ALA C 239 6.65 -20.98 -43.29
N THR C 240 7.30 -22.02 -42.79
CA THR C 240 7.17 -22.41 -41.40
C THR C 240 7.49 -21.20 -40.53
N SER C 241 8.55 -20.49 -40.91
CA SER C 241 8.98 -19.30 -40.20
C SER C 241 7.84 -18.29 -40.10
N SER C 242 7.16 -18.08 -41.22
CA SER C 242 6.05 -17.14 -41.28
C SER C 242 4.85 -17.62 -40.47
N ALA C 243 4.45 -18.86 -40.70
CA ALA C 243 3.32 -19.45 -40.00
C ALA C 243 3.45 -19.29 -38.49
N ILE C 244 4.55 -19.79 -37.95
CA ILE C 244 4.81 -19.71 -36.51
C ILE C 244 4.56 -18.30 -35.99
N VAL C 245 5.13 -17.31 -36.67
CA VAL C 245 4.97 -15.92 -36.27
C VAL C 245 3.50 -15.52 -36.26
N LYS C 246 2.75 -15.93 -37.29
CA LYS C 246 1.32 -15.58 -37.44
C LYS C 246 0.30 -16.09 -36.39
N TYR C 247 0.36 -17.37 -36.02
CA TYR C 247 -0.36 -17.89 -34.87
C TYR C 247 0.15 -17.40 -33.52
N VAL C 248 1.46 -17.20 -33.40
CA VAL C 248 2.02 -16.86 -32.11
C VAL C 248 1.41 -15.57 -31.59
N SER C 249 1.13 -14.63 -32.49
CA SER C 249 0.79 -13.29 -32.06
C SER C 249 -0.43 -13.47 -31.20
N GLN C 250 -1.13 -14.56 -31.45
CA GLN C 250 -2.44 -14.79 -30.89
C GLN C 250 -2.24 -15.75 -29.70
N ARG C 251 -1.15 -15.55 -28.97
CA ARG C 251 -0.83 -16.29 -27.76
C ARG C 251 -1.03 -17.79 -27.81
N ALA C 252 -0.54 -18.47 -28.86
CA ALA C 252 -0.77 -19.93 -28.98
C ALA C 252 0.49 -20.80 -28.82
N GLY C 253 0.39 -21.88 -28.04
CA GLY C 253 1.52 -22.76 -27.80
C GLY C 253 1.93 -23.40 -29.12
N ILE C 254 3.23 -23.49 -29.42
CA ILE C 254 3.65 -24.06 -30.68
C ILE C 254 4.31 -25.42 -30.53
N GLY C 255 3.98 -26.35 -31.41
CA GLY C 255 4.63 -27.68 -31.37
C GLY C 255 5.14 -27.86 -32.81
N ILE C 256 6.45 -27.98 -33.01
CA ILE C 256 7.01 -27.95 -34.35
C ILE C 256 7.97 -29.10 -34.65
N ASN C 257 8.00 -29.51 -35.91
CA ASN C 257 8.87 -30.59 -36.35
C ASN C 257 9.93 -30.17 -37.37
N ALA C 258 11.17 -30.51 -37.07
CA ALA C 258 12.30 -30.31 -37.98
C ALA C 258 13.08 -31.60 -38.20
N GLY C 259 12.49 -32.73 -37.80
CA GLY C 259 13.16 -34.00 -37.98
C GLY C 259 13.47 -34.26 -39.44
N ARG C 260 12.69 -33.57 -40.27
CA ARG C 260 12.81 -33.58 -41.72
C ARG C 260 14.11 -32.94 -42.16
N ILE C 261 14.48 -31.87 -41.46
CA ILE C 261 15.61 -31.06 -41.88
C ILE C 261 16.84 -31.93 -41.90
N ARG C 262 17.63 -31.76 -42.95
CA ARG C 262 18.83 -32.56 -43.17
C ARG C 262 19.96 -32.11 -42.25
N ALA C 263 20.92 -33.01 -42.01
CA ALA C 263 22.01 -32.76 -41.11
C ALA C 263 23.13 -31.87 -41.63
N LEU C 264 23.91 -31.37 -40.67
CA LEU C 264 25.10 -30.58 -40.95
C LEU C 264 26.06 -31.36 -41.85
N GLY C 265 26.59 -30.67 -42.86
CA GLY C 265 27.53 -31.30 -43.78
C GLY C 265 26.90 -31.88 -45.02
N SER C 266 25.63 -32.22 -44.95
CA SER C 266 24.91 -32.80 -46.08
C SER C 266 25.02 -31.92 -47.30
N PRO C 267 25.14 -32.57 -48.45
CA PRO C 267 25.27 -31.93 -49.74
C PRO C 267 24.09 -31.01 -50.02
N ILE C 268 24.32 -29.92 -50.74
CA ILE C 268 23.25 -29.04 -51.20
C ILE C 268 23.51 -28.67 -52.67
N ARG C 269 22.59 -29.05 -53.55
CA ARG C 269 22.74 -28.71 -54.96
C ARG C 269 23.72 -29.62 -55.71
N GLY C 270 24.24 -30.63 -55.03
CA GLY C 270 25.13 -31.62 -55.61
C GLY C 270 26.40 -31.69 -54.76
N GLY C 271 27.33 -30.79 -55.04
CA GLY C 271 28.58 -30.69 -54.29
C GLY C 271 29.01 -29.22 -54.32
N GLU C 272 28.09 -28.40 -54.83
CA GLU C 272 28.31 -26.97 -54.96
C GLU C 272 28.30 -26.26 -53.62
N ALA C 273 27.57 -26.79 -52.64
CA ALA C 273 27.53 -26.20 -51.31
C ALA C 273 27.08 -27.22 -50.26
N PHE C 274 27.74 -27.21 -49.12
CA PHE C 274 27.42 -28.16 -48.05
C PHE C 274 26.54 -27.48 -47.01
N HIS C 275 25.59 -28.24 -46.49
CA HIS C 275 24.63 -27.78 -45.49
C HIS C 275 25.26 -27.22 -44.23
N THR C 276 24.53 -26.32 -43.57
CA THR C 276 25.00 -25.64 -42.38
C THR C 276 24.54 -26.22 -41.05
N GLY C 277 23.55 -27.09 -41.07
CA GLY C 277 23.05 -27.79 -39.91
C GLY C 277 21.60 -27.45 -39.56
N CYS C 278 21.06 -28.15 -38.56
CA CYS C 278 19.71 -27.89 -38.09
C CYS C 278 19.63 -26.74 -37.10
N ILE C 279 20.67 -26.60 -36.27
CA ILE C 279 20.69 -25.62 -35.19
C ILE C 279 20.39 -24.22 -35.63
N PRO C 280 21.13 -23.71 -36.62
CA PRO C 280 20.89 -22.34 -37.06
C PRO C 280 19.45 -22.20 -37.53
N PHE C 281 18.94 -23.23 -38.19
CA PHE C 281 17.53 -23.27 -38.57
C PHE C 281 16.63 -23.28 -37.33
N TYR C 282 17.03 -24.05 -36.32
CA TYR C 282 16.28 -24.12 -35.07
C TYR C 282 16.22 -22.75 -34.42
N LYS C 283 17.36 -22.06 -34.41
CA LYS C 283 17.46 -20.73 -33.82
C LYS C 283 16.37 -19.82 -34.37
N HIS C 284 16.21 -19.82 -35.69
CA HIS C 284 15.20 -19.00 -36.35
C HIS C 284 13.80 -19.30 -35.82
N PHE C 285 13.44 -20.58 -35.80
CA PHE C 285 12.13 -20.99 -35.31
C PHE C 285 11.81 -20.36 -33.97
N GLN C 286 12.82 -20.21 -33.13
CA GLN C 286 12.65 -19.62 -31.80
C GLN C 286 12.30 -18.13 -31.88
N THR C 287 13.15 -17.36 -32.57
CA THR C 287 12.92 -15.93 -32.71
C THR C 287 11.50 -15.63 -33.18
N ALA C 288 10.91 -16.57 -33.93
CA ALA C 288 9.56 -16.40 -34.43
C ALA C 288 8.52 -16.54 -33.32
N VAL C 289 8.69 -17.55 -32.48
CA VAL C 289 7.77 -17.79 -31.38
C VAL C 289 7.88 -16.70 -30.33
N LYS C 290 9.01 -16.00 -30.31
CA LYS C 290 9.25 -14.93 -29.36
C LYS C 290 9.00 -13.56 -30.00
N SER C 291 8.64 -13.58 -31.28
CA SER C 291 8.38 -12.35 -32.02
C SER C 291 7.43 -11.43 -31.25
N CYS C 292 6.55 -12.02 -30.45
CA CYS C 292 5.60 -11.25 -29.66
C CYS C 292 5.77 -11.49 -28.17
N SER C 293 6.85 -10.96 -27.62
CA SER C 293 7.20 -11.18 -26.23
C SER C 293 8.07 -10.03 -25.78
N GLN C 294 8.33 -9.96 -24.48
CA GLN C 294 9.19 -8.90 -23.99
C GLN C 294 10.60 -9.40 -24.17
N GLY C 295 11.20 -8.97 -25.28
CA GLY C 295 12.52 -9.41 -25.65
C GLY C 295 12.40 -10.90 -25.87
N GLY C 296 11.16 -11.37 -25.95
CA GLY C 296 10.89 -12.80 -26.04
C GLY C 296 11.01 -13.64 -24.77
N VAL C 297 11.49 -13.05 -23.67
CA VAL C 297 11.55 -13.78 -22.40
C VAL C 297 10.18 -14.15 -21.85
N ARG C 298 9.25 -13.21 -21.97
CA ARG C 298 7.88 -13.32 -21.55
C ARG C 298 6.87 -14.01 -22.46
N GLY C 299 6.71 -15.32 -22.33
CA GLY C 299 5.69 -16.03 -23.11
C GLY C 299 6.21 -16.55 -24.43
N GLY C 300 5.33 -17.18 -25.20
CA GLY C 300 5.74 -17.78 -26.47
C GLY C 300 6.44 -19.08 -26.12
N ALA C 301 5.73 -20.19 -26.19
CA ALA C 301 6.32 -21.48 -25.84
C ALA C 301 6.30 -22.40 -27.05
N ALA C 302 7.34 -23.21 -27.20
CA ALA C 302 7.44 -24.11 -28.34
C ALA C 302 8.13 -25.41 -27.99
N THR C 303 7.74 -26.48 -28.66
CA THR C 303 8.43 -27.75 -28.54
C THR C 303 8.86 -28.23 -29.92
N LEU C 304 10.14 -28.58 -30.06
CA LEU C 304 10.62 -29.17 -31.30
C LEU C 304 10.76 -30.69 -31.21
N PHE C 305 10.38 -31.38 -32.28
CA PHE C 305 10.45 -32.83 -32.33
C PHE C 305 11.45 -33.30 -33.40
N TYR C 306 12.09 -34.43 -33.15
CA TYR C 306 13.05 -34.99 -34.09
C TYR C 306 13.35 -36.46 -33.78
N PRO C 307 13.87 -37.20 -34.77
CA PRO C 307 14.19 -38.62 -34.60
C PRO C 307 15.43 -38.81 -33.72
N MET C 308 15.41 -39.87 -32.90
CA MET C 308 16.52 -40.16 -32.02
C MET C 308 17.70 -40.74 -32.79
N TRP C 309 17.41 -41.27 -33.97
CA TRP C 309 18.45 -41.86 -34.82
C TRP C 309 19.06 -40.84 -35.76
N HIS C 310 18.66 -39.58 -35.60
CA HIS C 310 19.16 -38.51 -36.46
C HIS C 310 20.69 -38.42 -36.37
N LEU C 311 21.30 -37.92 -37.45
CA LEU C 311 22.75 -37.79 -37.51
C LEU C 311 23.28 -36.68 -36.59
N GLU C 312 22.36 -35.91 -36.02
CA GLU C 312 22.74 -34.82 -35.11
C GLU C 312 22.10 -34.97 -33.75
N VAL C 313 21.52 -36.14 -33.49
CA VAL C 313 20.86 -36.41 -32.21
C VAL C 313 21.75 -35.94 -31.06
N GLU C 314 23.05 -36.19 -31.18
CA GLU C 314 24.01 -35.79 -30.16
C GLU C 314 24.10 -34.27 -30.06
N SER C 315 24.10 -33.61 -31.21
CA SER C 315 24.16 -32.15 -31.26
C SER C 315 23.00 -31.57 -30.47
N LEU C 316 21.80 -32.00 -30.84
CA LEU C 316 20.53 -31.40 -30.41
C LEU C 316 20.13 -31.42 -28.93
N LEU C 317 20.40 -32.53 -28.25
CA LEU C 317 19.78 -32.78 -26.95
C LEU C 317 20.11 -31.75 -25.89
N VAL C 318 21.39 -31.38 -25.83
CA VAL C 318 21.97 -30.58 -24.75
C VAL C 318 21.85 -29.10 -25.02
N LEU C 319 21.22 -28.74 -26.14
CA LEU C 319 21.07 -27.35 -26.51
C LEU C 319 20.28 -26.66 -25.41
N LYS C 320 19.29 -27.34 -24.87
CA LYS C 320 18.52 -26.78 -23.77
C LYS C 320 19.39 -26.50 -22.55
N ASN C 321 20.53 -27.16 -22.47
CA ASN C 321 21.45 -26.98 -21.36
C ASN C 321 22.02 -25.55 -21.38
N ASN C 322 22.17 -24.97 -20.20
CA ASN C 322 22.69 -23.61 -20.08
C ASN C 322 24.22 -23.57 -20.04
N ARG C 323 24.83 -24.71 -19.73
CA ARG C 323 26.28 -24.81 -19.66
C ARG C 323 26.85 -25.08 -21.06
N GLY C 324 27.16 -24.01 -21.79
CA GLY C 324 27.71 -24.15 -23.11
C GLY C 324 27.76 -22.87 -23.91
N VAL C 325 28.49 -22.89 -25.03
CA VAL C 325 28.62 -21.73 -25.89
C VAL C 325 27.31 -21.38 -26.58
N GLU C 326 27.03 -20.09 -26.67
CA GLU C 326 25.81 -19.58 -27.28
C GLU C 326 25.46 -20.23 -28.61
N GLY C 327 26.31 -20.03 -29.61
CA GLY C 327 26.06 -20.59 -30.93
C GLY C 327 25.88 -22.09 -30.99
N ASN C 328 25.95 -22.77 -29.85
CA ASN C 328 25.78 -24.21 -29.81
C ASN C 328 24.64 -24.62 -28.89
N ARG C 329 23.80 -23.66 -28.56
CA ARG C 329 22.64 -23.90 -27.73
C ARG C 329 21.42 -23.20 -28.30
N VAL C 330 20.26 -23.83 -28.12
CA VAL C 330 18.98 -23.27 -28.54
C VAL C 330 18.08 -23.39 -27.33
N ARG C 331 18.35 -22.54 -26.34
CA ARG C 331 17.79 -22.70 -25.00
C ARG C 331 16.30 -22.44 -24.83
N HIS C 332 15.79 -21.41 -25.51
CA HIS C 332 14.43 -20.99 -25.29
C HIS C 332 13.50 -21.83 -26.09
N MET C 333 13.44 -23.11 -25.73
CA MET C 333 12.54 -24.06 -26.37
C MET C 333 12.47 -25.32 -25.53
N ASP C 334 11.46 -26.15 -25.80
CA ASP C 334 11.50 -27.53 -25.33
C ASP C 334 11.71 -28.47 -26.50
N TYR C 335 12.15 -29.70 -26.22
CA TYR C 335 12.39 -30.69 -27.26
C TYR C 335 11.81 -32.05 -26.89
N GLY C 336 11.30 -32.76 -27.89
CA GLY C 336 10.73 -34.06 -27.66
C GLY C 336 11.42 -35.11 -28.52
N VAL C 337 12.19 -35.97 -27.88
CA VAL C 337 12.91 -37.02 -28.59
C VAL C 337 11.98 -38.13 -29.06
N GLN C 338 11.99 -38.40 -30.36
CA GLN C 338 11.15 -39.44 -30.95
C GLN C 338 11.84 -40.79 -30.88
N ILE C 339 11.14 -41.79 -30.35
CA ILE C 339 11.68 -43.13 -30.21
C ILE C 339 10.69 -44.16 -30.74
N ASN C 340 11.18 -45.37 -31.00
CA ASN C 340 10.32 -46.45 -31.50
C ASN C 340 10.78 -47.79 -30.93
N LYS C 341 10.17 -48.88 -31.40
CA LYS C 341 10.47 -50.24 -30.88
C LYS C 341 11.88 -50.82 -31.09
N LEU C 342 12.44 -50.68 -32.29
CA LEU C 342 13.85 -51.00 -32.54
C LEU C 342 14.84 -50.23 -31.65
N MET C 343 14.59 -48.93 -31.48
CA MET C 343 15.48 -48.10 -30.66
C MET C 343 15.69 -48.68 -29.27
N TYR C 344 14.61 -48.83 -28.50
CA TYR C 344 14.70 -49.38 -27.16
C TYR C 344 15.41 -50.72 -27.15
N THR C 345 15.19 -51.51 -28.20
CA THR C 345 15.79 -52.83 -28.32
C THR C 345 17.32 -52.76 -28.23
N ARG C 346 17.91 -51.87 -29.01
CA ARG C 346 19.36 -51.68 -29.04
C ARG C 346 19.92 -51.43 -27.64
N LEU C 347 19.22 -50.61 -26.87
CA LEU C 347 19.65 -50.27 -25.52
C LEU C 347 19.72 -51.51 -24.63
N LEU C 348 18.67 -52.32 -24.65
CA LEU C 348 18.61 -53.52 -23.84
C LEU C 348 19.63 -54.58 -24.27
N LYS C 349 20.18 -54.41 -25.46
CA LYS C 349 21.18 -55.36 -25.97
C LYS C 349 22.58 -54.77 -25.97
N GLY C 350 22.71 -53.57 -25.39
CA GLY C 350 24.02 -52.91 -25.34
C GLY C 350 24.64 -52.69 -26.70
N GLU C 351 23.82 -52.87 -27.72
CA GLU C 351 24.14 -52.65 -29.13
C GLU C 351 24.10 -51.17 -29.53
N ASP C 352 24.65 -50.86 -30.70
CA ASP C 352 24.86 -49.48 -31.13
C ASP C 352 23.65 -48.95 -31.89
N ILE C 353 23.71 -47.68 -32.26
CA ILE C 353 22.62 -47.04 -32.99
C ILE C 353 23.19 -46.20 -34.13
N THR C 354 23.17 -46.75 -35.34
CA THR C 354 23.69 -46.06 -36.51
C THR C 354 22.91 -44.78 -36.79
N LEU C 355 23.59 -43.65 -36.77
CA LEU C 355 22.96 -42.36 -37.01
C LEU C 355 23.01 -42.02 -38.50
N PHE C 356 21.86 -41.64 -39.06
CA PHE C 356 21.76 -41.29 -40.46
C PHE C 356 21.14 -39.90 -40.65
N SER C 357 21.13 -39.44 -41.90
CA SER C 357 20.55 -38.14 -42.23
C SER C 357 19.25 -38.33 -43.00
N PRO C 358 18.22 -37.54 -42.73
CA PRO C 358 16.91 -37.91 -43.26
C PRO C 358 17.01 -38.01 -44.78
N SER C 359 17.95 -37.27 -45.35
CA SER C 359 18.09 -37.14 -46.80
C SER C 359 19.07 -38.12 -47.45
N ASP C 360 19.87 -38.79 -46.63
CA ASP C 360 20.81 -39.78 -47.13
C ASP C 360 20.18 -41.16 -47.15
N VAL C 361 18.97 -41.25 -46.61
CA VAL C 361 18.20 -42.50 -46.60
C VAL C 361 16.81 -42.25 -47.18
N PRO C 362 16.29 -43.23 -47.92
CA PRO C 362 15.00 -43.08 -48.58
C PRO C 362 13.88 -43.73 -47.79
N GLY C 363 12.89 -43.00 -47.30
CA GLY C 363 11.70 -43.65 -46.77
C GLY C 363 11.89 -44.34 -45.42
N LEU C 364 13.13 -44.31 -44.93
CA LEU C 364 13.51 -44.57 -43.54
C LEU C 364 12.69 -43.68 -42.62
N TYR C 365 12.55 -42.41 -43.01
CA TYR C 365 11.79 -41.45 -42.20
C TYR C 365 10.31 -41.81 -42.15
N ASP C 366 9.67 -41.81 -43.32
CA ASP C 366 8.25 -42.13 -43.42
C ASP C 366 7.90 -43.40 -42.67
N ALA C 367 8.74 -44.41 -42.81
CA ALA C 367 8.51 -45.70 -42.16
C ALA C 367 8.49 -45.57 -40.64
N PHE C 368 9.37 -44.71 -40.12
CA PHE C 368 9.47 -44.49 -38.68
C PHE C 368 8.10 -44.21 -38.07
N PHE C 369 7.36 -43.29 -38.69
CA PHE C 369 5.98 -42.98 -38.30
C PHE C 369 4.89 -44.06 -38.52
N ALA C 370 4.89 -44.71 -39.69
CA ALA C 370 3.74 -45.55 -40.07
C ALA C 370 3.86 -47.07 -39.93
N ASP C 371 4.93 -47.64 -40.49
CA ASP C 371 5.20 -49.07 -40.36
C ASP C 371 6.47 -49.28 -39.53
N GLN C 372 6.41 -50.22 -38.58
CA GLN C 372 7.55 -50.46 -37.70
C GLN C 372 8.46 -51.54 -38.28
N GLU C 373 7.95 -52.30 -39.23
CA GLU C 373 8.73 -53.36 -39.87
C GLU C 373 9.68 -52.78 -40.91
N GLU C 374 9.13 -52.01 -41.84
CA GLU C 374 9.92 -51.40 -42.90
C GLU C 374 11.12 -50.67 -42.32
N PHE C 375 10.87 -49.75 -41.39
CA PHE C 375 11.94 -49.00 -40.75
C PHE C 375 12.98 -49.95 -40.18
N GLU C 376 12.52 -51.13 -39.78
CA GLU C 376 13.42 -52.14 -39.20
C GLU C 376 14.18 -52.86 -40.30
N ARG C 377 13.50 -53.14 -41.41
CA ARG C 377 14.12 -53.82 -42.55
C ARG C 377 15.09 -52.87 -43.23
N LEU C 378 14.61 -51.67 -43.54
CA LEU C 378 15.42 -50.64 -44.19
C LEU C 378 16.66 -50.31 -43.37
N TYR C 379 16.44 -49.96 -42.11
CA TYR C 379 17.52 -49.60 -41.19
C TYR C 379 18.74 -50.50 -41.38
N THR C 380 18.60 -51.78 -41.03
CA THR C 380 19.69 -52.75 -41.14
C THR C 380 20.37 -52.74 -42.51
N LYS C 381 19.62 -52.43 -43.55
CA LYS C 381 20.17 -52.40 -44.90
C LYS C 381 21.27 -51.35 -45.01
N TYR C 382 20.92 -50.11 -44.70
CA TYR C 382 21.85 -49.00 -44.75
C TYR C 382 22.88 -49.14 -43.63
N GLU C 383 22.43 -49.67 -42.51
CA GLU C 383 23.30 -49.88 -41.35
C GLU C 383 24.55 -50.66 -41.74
N LYS C 384 24.37 -51.67 -42.58
CA LYS C 384 25.48 -52.49 -43.05
C LYS C 384 26.01 -51.97 -44.38
N ASP C 385 25.53 -50.80 -44.78
CA ASP C 385 25.95 -50.19 -46.03
C ASP C 385 26.94 -49.06 -45.71
N ASP C 386 28.03 -49.00 -46.46
CA ASP C 386 29.06 -47.99 -46.23
C ASP C 386 28.90 -46.75 -47.13
N SER C 387 28.19 -46.86 -48.22
CA SER C 387 28.12 -45.75 -49.15
C SER C 387 27.54 -44.55 -48.42
N ILE C 388 26.77 -44.84 -47.37
CA ILE C 388 25.86 -43.88 -46.76
C ILE C 388 26.45 -43.21 -45.53
N ARG C 389 26.39 -41.88 -45.53
CA ARG C 389 27.00 -41.19 -44.44
C ARG C 389 26.25 -41.82 -43.30
N LYS C 390 27.03 -42.37 -42.39
CA LYS C 390 26.54 -42.89 -41.11
C LYS C 390 27.47 -42.60 -39.94
N GLN C 391 26.97 -42.85 -38.73
CA GLN C 391 27.72 -42.61 -37.50
C GLN C 391 27.21 -43.52 -36.39
N ARG C 392 28.05 -44.46 -35.96
CA ARG C 392 27.66 -45.39 -34.90
C ARG C 392 27.93 -44.85 -33.51
N VAL C 393 27.02 -45.17 -32.58
CA VAL C 393 27.12 -44.75 -31.19
C VAL C 393 26.39 -45.74 -30.30
N LYS C 394 27.12 -46.37 -29.38
CA LYS C 394 26.52 -47.34 -28.47
C LYS C 394 25.21 -46.83 -27.89
N ALA C 395 24.16 -47.66 -27.99
CA ALA C 395 22.84 -47.31 -27.48
C ALA C 395 22.92 -46.92 -26.01
N VAL C 396 23.60 -47.74 -25.21
CA VAL C 396 23.76 -47.50 -23.79
C VAL C 396 24.43 -46.14 -23.57
N GLU C 397 25.05 -45.64 -24.63
CA GLU C 397 25.76 -44.37 -24.58
C GLU C 397 24.85 -43.21 -24.97
N LEU C 398 23.89 -43.49 -25.85
CA LEU C 398 22.97 -42.46 -26.32
C LEU C 398 21.83 -42.24 -25.33
N PHE C 399 21.01 -43.26 -25.10
CA PHE C 399 19.90 -43.15 -24.17
C PHE C 399 20.33 -42.47 -22.88
N SER C 400 21.55 -42.75 -22.45
CA SER C 400 22.10 -42.18 -21.22
C SER C 400 22.15 -40.65 -21.29
N LEU C 401 22.79 -40.13 -22.34
CA LEU C 401 22.91 -38.68 -22.53
C LEU C 401 21.52 -38.04 -22.50
N MET C 402 20.66 -38.51 -23.40
CA MET C 402 19.30 -38.00 -23.51
C MET C 402 18.62 -37.85 -22.16
N MET C 403 18.56 -38.96 -21.42
CA MET C 403 17.93 -38.97 -20.10
C MET C 403 18.47 -37.90 -19.16
N GLN C 404 19.78 -37.67 -19.22
CA GLN C 404 20.41 -36.67 -18.37
C GLN C 404 19.80 -35.29 -18.57
N GLU C 405 19.91 -34.76 -19.79
CA GLU C 405 19.36 -33.46 -20.10
C GLU C 405 17.91 -33.35 -19.65
N ARG C 406 17.20 -34.48 -19.68
CA ARG C 406 15.79 -34.52 -19.28
C ARG C 406 15.58 -34.17 -17.81
N ALA C 407 16.44 -34.69 -16.94
CA ALA C 407 16.39 -34.36 -15.52
C ALA C 407 17.16 -33.07 -15.23
N SER C 408 18.11 -32.75 -16.09
CA SER C 408 18.93 -31.55 -15.93
C SER C 408 18.12 -30.28 -16.16
N THR C 409 17.14 -30.35 -17.06
CA THR C 409 16.32 -29.19 -17.37
C THR C 409 14.84 -29.44 -17.07
N GLY C 410 14.35 -30.60 -17.50
CA GLY C 410 12.96 -30.93 -17.29
C GLY C 410 12.09 -30.41 -18.42
N ARG C 411 12.65 -30.41 -19.62
CA ARG C 411 11.94 -29.92 -20.80
C ARG C 411 12.05 -30.89 -21.97
N ILE C 412 13.03 -31.80 -21.89
CA ILE C 412 13.24 -32.79 -22.95
C ILE C 412 12.27 -33.94 -22.73
N TYR C 413 11.19 -33.95 -23.51
CA TYR C 413 10.16 -34.98 -23.41
C TYR C 413 10.47 -36.17 -24.31
N ILE C 414 9.59 -37.16 -24.28
CA ILE C 414 9.75 -38.36 -25.10
C ILE C 414 8.42 -38.71 -25.79
N GLN C 415 8.52 -39.31 -26.97
CA GLN C 415 7.34 -39.68 -27.74
C GLN C 415 7.54 -40.98 -28.50
N ASN C 416 6.83 -42.03 -28.09
CA ASN C 416 6.92 -43.32 -28.77
C ASN C 416 6.03 -43.28 -30.01
N VAL C 417 6.67 -43.21 -31.17
CA VAL C 417 5.97 -43.14 -32.44
C VAL C 417 5.06 -44.33 -32.73
N ASP C 418 5.60 -45.53 -32.64
CA ASP C 418 4.82 -46.74 -32.91
C ASP C 418 3.47 -46.78 -32.20
N HIS C 419 3.44 -46.38 -30.93
CA HIS C 419 2.20 -46.38 -30.18
C HIS C 419 1.25 -45.28 -30.67
N CYS C 420 1.79 -44.14 -31.10
CA CYS C 420 0.89 -43.13 -31.63
C CYS C 420 0.18 -43.61 -32.91
N ASN C 421 0.93 -44.21 -33.82
CA ASN C 421 0.36 -44.73 -35.07
C ASN C 421 -0.54 -45.96 -34.96
N THR C 422 -0.09 -46.96 -34.20
CA THR C 422 -0.81 -48.22 -34.04
C THR C 422 -2.14 -48.07 -33.31
N HIS C 423 -2.10 -47.24 -32.28
CA HIS C 423 -3.19 -47.07 -31.32
C HIS C 423 -3.83 -45.71 -31.53
N SER C 424 -3.76 -45.22 -32.76
CA SER C 424 -4.32 -43.93 -33.12
C SER C 424 -5.56 -44.07 -34.00
N PRO C 425 -6.58 -43.23 -33.77
CA PRO C 425 -7.83 -43.27 -34.55
C PRO C 425 -7.55 -43.10 -36.04
N PHE C 426 -6.35 -42.62 -36.36
CA PHE C 426 -5.95 -42.40 -37.74
C PHE C 426 -5.20 -43.62 -38.28
N ASP C 427 -5.03 -43.67 -39.60
CA ASP C 427 -4.33 -44.77 -40.23
C ASP C 427 -2.87 -44.42 -40.49
N PRO C 428 -1.94 -45.29 -40.14
CA PRO C 428 -0.53 -44.88 -40.25
C PRO C 428 -0.17 -44.48 -41.68
N ALA C 429 -0.65 -45.23 -42.66
CA ALA C 429 -0.39 -44.93 -44.08
C ALA C 429 -0.97 -43.61 -44.64
N ILE C 430 -2.19 -43.27 -44.25
CA ILE C 430 -3.02 -42.28 -44.94
C ILE C 430 -2.82 -40.92 -44.28
N ALA C 431 -2.87 -40.92 -42.96
CA ALA C 431 -2.58 -39.74 -42.16
C ALA C 431 -1.71 -40.11 -40.97
N PRO C 432 -0.46 -40.46 -41.23
CA PRO C 432 0.44 -40.83 -40.12
C PRO C 432 0.79 -39.62 -39.25
N VAL C 433 0.79 -39.82 -37.95
CA VAL C 433 1.12 -38.77 -37.00
C VAL C 433 2.65 -38.69 -36.90
N ARG C 434 3.20 -37.51 -37.17
CA ARG C 434 4.64 -37.31 -37.07
C ARG C 434 5.09 -36.48 -35.85
N GLN C 435 4.15 -35.75 -35.24
CA GLN C 435 4.49 -34.77 -34.20
C GLN C 435 3.46 -34.61 -33.06
N SER C 436 3.93 -34.04 -31.95
CA SER C 436 3.08 -33.73 -30.79
C SER C 436 3.30 -32.28 -30.38
N ASN C 437 2.31 -31.67 -29.71
CA ASN C 437 2.35 -30.22 -29.49
C ASN C 437 3.16 -29.86 -28.26
N LEU C 438 3.17 -28.56 -27.92
CA LEU C 438 3.89 -28.06 -26.76
C LEU C 438 3.41 -28.73 -25.48
N CYS C 439 2.10 -28.91 -25.38
CA CYS C 439 1.49 -29.54 -24.21
C CYS C 439 1.80 -31.03 -24.18
N LEU C 440 2.17 -31.58 -25.34
CA LEU C 440 2.56 -32.98 -25.48
C LEU C 440 1.37 -33.95 -25.54
N GLU C 441 0.16 -33.42 -25.57
CA GLU C 441 -1.05 -34.25 -25.49
C GLU C 441 -1.85 -34.45 -26.78
N ILE C 442 -1.32 -34.02 -27.92
CA ILE C 442 -2.12 -33.98 -29.14
C ILE C 442 -1.46 -34.82 -30.22
N ALA C 443 -2.16 -35.85 -30.68
CA ALA C 443 -1.66 -36.74 -31.72
C ALA C 443 -2.49 -36.60 -32.98
N LEU C 444 -2.13 -35.63 -33.82
CA LEU C 444 -2.85 -35.38 -35.06
C LEU C 444 -1.89 -35.38 -36.25
N PRO C 445 -2.39 -35.76 -37.44
CA PRO C 445 -1.57 -35.80 -38.66
C PRO C 445 -0.88 -34.46 -38.93
N THR C 446 0.04 -34.45 -39.88
CA THR C 446 0.76 -33.23 -40.24
C THR C 446 1.34 -33.27 -41.65
N LYS C 447 1.43 -32.09 -42.26
CA LYS C 447 1.97 -31.96 -43.62
C LYS C 447 2.75 -30.66 -43.75
N PRO C 448 3.85 -30.68 -44.52
CA PRO C 448 4.67 -29.50 -44.74
C PRO C 448 4.01 -28.52 -45.71
N LEU C 449 4.51 -27.29 -45.75
CA LEU C 449 3.97 -26.28 -46.64
C LEU C 449 5.02 -25.67 -47.54
N ASN C 450 4.79 -25.72 -48.85
CA ASN C 450 5.72 -25.16 -49.83
C ASN C 450 5.71 -23.66 -49.66
N ASP C 451 4.52 -23.11 -49.40
CA ASP C 451 4.33 -21.68 -49.21
C ASP C 451 3.66 -21.42 -47.87
N VAL C 452 3.70 -20.17 -47.42
CA VAL C 452 3.07 -19.80 -46.16
C VAL C 452 1.57 -20.03 -46.21
N ASN C 453 1.03 -20.12 -47.43
CA ASN C 453 -0.40 -20.34 -47.62
C ASN C 453 -0.64 -21.48 -48.59
N ASP C 454 0.14 -22.55 -48.44
CA ASP C 454 0.02 -23.72 -49.30
C ASP C 454 -1.36 -24.35 -49.18
N GLU C 455 -1.88 -24.83 -50.31
CA GLU C 455 -3.20 -25.46 -50.34
C GLU C 455 -3.15 -26.98 -50.18
N ASN C 456 -2.00 -27.47 -49.74
CA ASN C 456 -1.76 -28.91 -49.60
C ASN C 456 -1.19 -29.43 -48.26
N GLY C 457 -0.79 -28.53 -47.37
CA GLY C 457 -0.09 -28.92 -46.15
C GLY C 457 -0.92 -28.59 -44.92
N GLU C 458 -1.02 -29.53 -43.98
CA GLU C 458 -2.02 -29.34 -42.94
C GLU C 458 -1.40 -28.85 -41.64
N ILE C 459 -2.19 -28.16 -40.83
CA ILE C 459 -1.73 -27.64 -39.55
C ILE C 459 -2.68 -28.11 -38.44
N ALA C 460 -2.26 -29.16 -37.74
CA ALA C 460 -3.07 -29.70 -36.65
C ALA C 460 -3.62 -28.57 -35.77
N LEU C 461 -4.93 -28.48 -35.70
CA LEU C 461 -5.57 -27.52 -34.81
C LEU C 461 -6.37 -28.30 -33.78
N CYS C 462 -6.12 -28.03 -32.52
CA CYS C 462 -6.81 -28.76 -31.45
C CYS C 462 -7.67 -27.85 -30.60
N THR C 463 -8.95 -28.20 -30.50
CA THR C 463 -9.84 -27.57 -29.52
C THR C 463 -10.37 -28.59 -28.52
N LEU C 464 -10.48 -28.17 -27.26
CA LEU C 464 -10.43 -29.11 -26.14
C LEU C 464 -11.40 -28.69 -25.04
N SER C 465 -11.89 -29.67 -24.28
CA SER C 465 -12.66 -29.39 -23.08
C SER C 465 -12.46 -30.56 -22.11
N ALA C 466 -12.84 -30.36 -20.85
CA ALA C 466 -12.50 -31.28 -19.77
C ALA C 466 -13.69 -31.70 -18.91
N PHE C 467 -13.59 -32.91 -18.35
CA PHE C 467 -14.64 -33.46 -17.49
C PHE C 467 -14.20 -33.42 -16.03
N ASN C 468 -15.10 -33.02 -15.15
CA ASN C 468 -14.79 -32.94 -13.73
C ASN C 468 -15.30 -34.20 -13.03
N LEU C 469 -14.46 -35.23 -12.99
CA LEU C 469 -14.82 -36.49 -12.35
C LEU C 469 -15.35 -36.29 -10.93
N GLY C 470 -15.00 -35.17 -10.33
CA GLY C 470 -15.46 -34.88 -8.98
C GLY C 470 -16.81 -34.21 -8.97
N ALA C 471 -17.43 -34.12 -10.15
CA ALA C 471 -18.75 -33.49 -10.29
C ALA C 471 -19.89 -34.39 -10.77
N ILE C 472 -19.60 -35.66 -11.04
CA ILE C 472 -20.61 -36.60 -11.55
C ILE C 472 -20.78 -37.76 -10.58
N ASN C 473 -22.02 -38.14 -10.27
CA ASN C 473 -22.19 -39.08 -9.17
C ASN C 473 -21.93 -40.50 -9.66
N ASN C 474 -22.38 -40.79 -10.88
CA ASN C 474 -22.19 -42.10 -11.47
C ASN C 474 -21.68 -41.97 -12.91
N LEU C 475 -20.97 -42.99 -13.37
CA LEU C 475 -20.40 -43.01 -14.71
C LEU C 475 -21.38 -42.57 -15.80
N ASP C 476 -22.64 -42.95 -15.66
CA ASP C 476 -23.67 -42.62 -16.64
C ASP C 476 -23.86 -41.13 -16.93
N GLU C 477 -23.88 -40.31 -15.87
CA GLU C 477 -24.07 -38.87 -16.03
C GLU C 477 -23.25 -38.27 -17.16
N LEU C 478 -22.13 -38.93 -17.48
CA LEU C 478 -21.25 -38.47 -18.56
C LEU C 478 -21.98 -38.39 -19.90
N GLU C 479 -22.87 -39.34 -20.17
CA GLU C 479 -23.42 -39.46 -21.51
C GLU C 479 -24.09 -38.15 -21.93
N GLU C 480 -24.77 -37.48 -21.00
CA GLU C 480 -25.36 -36.19 -21.31
C GLU C 480 -24.24 -35.17 -21.53
N LEU C 481 -23.42 -34.98 -20.51
CA LEU C 481 -22.31 -34.03 -20.56
C LEU C 481 -21.46 -34.25 -21.81
N ALA C 482 -21.39 -35.51 -22.25
CA ALA C 482 -20.62 -35.86 -23.43
C ALA C 482 -21.14 -35.10 -24.65
N ILE C 483 -22.43 -35.28 -24.93
CA ILE C 483 -23.05 -34.60 -26.07
C ILE C 483 -23.02 -33.09 -25.88
N LEU C 484 -23.14 -32.66 -24.63
CA LEU C 484 -23.12 -31.23 -24.30
C LEU C 484 -21.76 -30.61 -24.62
N ALA C 485 -20.71 -31.41 -24.48
CA ALA C 485 -19.35 -30.94 -24.75
C ALA C 485 -18.98 -31.11 -26.22
N VAL C 486 -19.07 -32.34 -26.70
CA VAL C 486 -18.74 -32.65 -28.10
C VAL C 486 -19.48 -31.73 -29.06
N ARG C 487 -20.78 -31.56 -28.84
CA ARG C 487 -21.59 -30.71 -29.71
C ARG C 487 -21.10 -29.27 -29.64
N ALA C 488 -21.13 -28.70 -28.43
CA ALA C 488 -20.70 -27.33 -28.21
C ALA C 488 -19.31 -27.06 -28.78
N LEU C 489 -18.39 -27.97 -28.52
CA LEU C 489 -17.02 -27.84 -29.00
C LEU C 489 -16.95 -27.80 -30.52
N ASP C 490 -17.54 -28.80 -31.16
CA ASP C 490 -17.53 -28.90 -32.62
C ASP C 490 -18.05 -27.61 -33.27
N ALA C 491 -18.86 -26.85 -32.52
CA ALA C 491 -19.42 -25.61 -33.02
C ALA C 491 -18.37 -24.51 -33.11
N LEU C 492 -17.46 -24.48 -32.15
CA LEU C 492 -16.40 -23.48 -32.12
C LEU C 492 -15.58 -23.51 -33.41
N LEU C 493 -15.35 -24.71 -33.92
CA LEU C 493 -14.57 -24.89 -35.14
C LEU C 493 -15.11 -24.07 -36.32
N ASP C 494 -16.41 -23.81 -36.29
CA ASP C 494 -17.05 -23.03 -37.36
C ASP C 494 -17.22 -21.57 -36.97
N TYR C 495 -16.83 -21.23 -35.74
CA TYR C 495 -16.96 -19.87 -35.25
C TYR C 495 -15.60 -19.18 -35.13
N GLN C 496 -14.54 -19.96 -34.99
CA GLN C 496 -13.20 -19.40 -34.87
C GLN C 496 -12.49 -19.32 -36.21
N ASP C 497 -12.01 -18.12 -36.55
CA ASP C 497 -11.29 -17.92 -37.80
C ASP C 497 -9.89 -18.51 -37.70
N TYR C 498 -9.38 -19.02 -38.82
CA TYR C 498 -8.05 -19.61 -38.85
C TYR C 498 -7.06 -18.73 -39.58
N PRO C 499 -6.04 -18.23 -38.87
CA PRO C 499 -5.01 -17.37 -39.45
C PRO C 499 -4.42 -17.93 -40.74
N ILE C 500 -3.77 -19.08 -40.64
CA ILE C 500 -3.16 -19.72 -41.80
C ILE C 500 -4.16 -20.68 -42.44
N PRO C 501 -4.23 -20.68 -43.78
CA PRO C 501 -5.16 -21.56 -44.52
C PRO C 501 -4.90 -23.04 -44.27
N ALA C 502 -3.64 -23.45 -44.30
CA ALA C 502 -3.27 -24.84 -44.09
C ALA C 502 -3.92 -25.38 -42.83
N ALA C 503 -4.29 -24.48 -41.92
CA ALA C 503 -4.92 -24.85 -40.67
C ALA C 503 -6.43 -25.03 -40.86
N LYS C 504 -7.06 -24.03 -41.45
CA LYS C 504 -8.50 -24.06 -41.70
C LYS C 504 -8.87 -25.36 -42.42
N ARG C 505 -8.15 -25.65 -43.50
CA ARG C 505 -8.39 -26.87 -44.27
C ARG C 505 -8.18 -28.11 -43.41
N GLY C 506 -7.03 -28.17 -42.75
CA GLY C 506 -6.72 -29.31 -41.91
C GLY C 506 -7.65 -29.42 -40.71
N ALA C 507 -8.27 -28.30 -40.34
CA ALA C 507 -9.19 -28.28 -39.20
C ALA C 507 -10.58 -28.73 -39.63
N MET C 508 -11.18 -28.02 -40.56
CA MET C 508 -12.57 -28.31 -40.89
C MET C 508 -12.57 -29.76 -41.31
N GLY C 509 -11.42 -30.24 -41.77
CA GLY C 509 -11.33 -31.55 -42.38
C GLY C 509 -11.62 -32.71 -41.47
N ARG C 510 -11.00 -32.73 -40.29
CA ARG C 510 -11.22 -33.83 -39.34
C ARG C 510 -11.94 -33.37 -38.08
N ARG C 511 -11.92 -32.08 -37.81
CA ARG C 511 -12.58 -31.53 -36.64
C ARG C 511 -12.11 -32.25 -35.38
N THR C 512 -10.81 -32.40 -35.24
CA THR C 512 -10.23 -33.08 -34.08
C THR C 512 -10.43 -32.31 -32.78
N LEU C 513 -11.02 -32.97 -31.79
CA LEU C 513 -11.22 -32.38 -30.47
C LEU C 513 -10.72 -33.29 -29.35
N GLY C 514 -10.04 -32.71 -28.36
CA GLY C 514 -9.59 -33.47 -27.20
C GLY C 514 -10.30 -33.05 -25.93
N ILE C 515 -11.32 -33.79 -25.55
CA ILE C 515 -12.02 -33.56 -24.29
C ILE C 515 -11.33 -34.29 -23.14
N GLY C 516 -10.68 -33.52 -22.28
CA GLY C 516 -9.86 -34.10 -21.21
C GLY C 516 -10.65 -34.31 -19.93
N VAL C 517 -9.93 -34.57 -18.84
CA VAL C 517 -10.57 -34.78 -17.55
C VAL C 517 -9.74 -34.20 -16.43
N ILE C 518 -10.40 -33.63 -15.42
CA ILE C 518 -9.71 -33.02 -14.29
C ILE C 518 -10.28 -33.55 -12.97
N ASN C 519 -9.63 -33.17 -11.88
CA ASN C 519 -10.06 -33.58 -10.55
C ASN C 519 -9.97 -35.09 -10.37
N PHE C 520 -8.97 -35.70 -11.00
CA PHE C 520 -8.78 -37.14 -10.93
C PHE C 520 -8.26 -37.54 -9.55
N ALA C 521 -7.49 -36.65 -8.92
CA ALA C 521 -6.94 -36.91 -7.60
C ALA C 521 -8.06 -37.09 -6.59
N TYR C 522 -8.97 -36.14 -6.54
CA TYR C 522 -10.10 -36.19 -5.62
C TYR C 522 -10.93 -37.45 -5.85
N TYR C 523 -11.12 -37.80 -7.12
CA TYR C 523 -11.90 -38.96 -7.49
C TYR C 523 -11.32 -40.25 -6.90
N LEU C 524 -10.07 -40.53 -7.21
CA LEU C 524 -9.41 -41.74 -6.71
C LEU C 524 -9.43 -41.81 -5.19
N ALA C 525 -9.41 -40.65 -4.54
CA ALA C 525 -9.43 -40.59 -3.08
C ALA C 525 -10.84 -40.83 -2.55
N LYS C 526 -11.83 -40.29 -3.25
CA LYS C 526 -13.22 -40.43 -2.87
C LYS C 526 -13.66 -41.89 -2.95
N HIS C 527 -12.80 -42.73 -3.50
CA HIS C 527 -13.09 -44.16 -3.63
C HIS C 527 -12.09 -45.02 -2.86
N GLY C 528 -11.17 -44.36 -2.16
CA GLY C 528 -10.11 -45.06 -1.45
C GLY C 528 -9.21 -45.90 -2.35
N LYS C 529 -8.96 -45.40 -3.55
CA LYS C 529 -8.03 -46.03 -4.49
C LYS C 529 -6.90 -45.06 -4.80
N ARG C 530 -5.66 -45.52 -4.72
CA ARG C 530 -4.54 -44.59 -4.82
C ARG C 530 -3.76 -44.82 -6.12
N TYR C 531 -2.64 -44.12 -6.26
CA TYR C 531 -1.81 -44.25 -7.45
C TYR C 531 -0.77 -45.36 -7.28
N SER C 532 -0.01 -45.32 -6.18
CA SER C 532 1.08 -46.29 -5.93
C SER C 532 0.79 -47.80 -5.72
N ASP C 533 -0.21 -48.13 -4.90
CA ASP C 533 -0.76 -49.49 -4.81
C ASP C 533 -1.41 -49.95 -6.11
N GLY C 534 -1.92 -49.00 -6.88
CA GLY C 534 -2.55 -49.35 -8.14
C GLY C 534 -3.93 -49.96 -7.99
N SER C 535 -4.51 -49.82 -6.80
CA SER C 535 -5.84 -50.37 -6.54
C SER C 535 -6.86 -49.62 -7.39
N ALA C 536 -6.40 -48.55 -8.04
CA ALA C 536 -7.26 -47.74 -8.89
C ALA C 536 -7.18 -48.19 -10.35
N ASN C 537 -6.32 -49.17 -10.62
CA ASN C 537 -6.16 -49.68 -11.98
C ASN C 537 -7.49 -50.04 -12.61
N ASN C 538 -8.29 -50.85 -11.90
CA ASN C 538 -9.60 -51.24 -12.38
C ASN C 538 -10.57 -50.08 -12.38
N LEU C 539 -10.64 -49.38 -11.25
CA LEU C 539 -11.53 -48.23 -11.10
C LEU C 539 -11.28 -47.26 -12.25
N THR C 540 -10.02 -47.14 -12.65
CA THR C 540 -9.63 -46.26 -13.75
C THR C 540 -10.12 -46.81 -15.08
N HIS C 541 -9.85 -48.08 -15.33
CA HIS C 541 -10.26 -48.73 -16.57
C HIS C 541 -11.76 -48.57 -16.79
N LYS C 542 -12.54 -48.87 -15.75
CA LYS C 542 -14.00 -48.76 -15.83
C LYS C 542 -14.43 -47.31 -16.07
N THR C 543 -13.79 -46.38 -15.38
CA THR C 543 -14.10 -44.97 -15.52
C THR C 543 -13.82 -44.44 -16.92
N PHE C 544 -12.55 -44.46 -17.31
CA PHE C 544 -12.15 -43.97 -18.62
C PHE C 544 -12.86 -44.72 -19.76
N GLU C 545 -13.22 -45.97 -19.51
CA GLU C 545 -13.92 -46.76 -20.51
C GLU C 545 -15.22 -46.05 -20.84
N ALA C 546 -15.90 -45.58 -19.80
CA ALA C 546 -17.17 -44.87 -19.95
C ALA C 546 -16.96 -43.54 -20.66
N ILE C 547 -16.20 -42.66 -20.03
CA ILE C 547 -15.92 -41.34 -20.58
C ILE C 547 -15.72 -41.40 -22.09
N GLN C 548 -14.97 -42.40 -22.54
CA GLN C 548 -14.69 -42.57 -23.96
C GLN C 548 -15.91 -43.06 -24.73
N TYR C 549 -16.58 -44.08 -24.20
CA TYR C 549 -17.76 -44.64 -24.85
C TYR C 549 -18.79 -43.57 -25.18
N TYR C 550 -19.26 -42.86 -24.16
CA TYR C 550 -20.26 -41.83 -24.36
C TYR C 550 -19.83 -40.72 -25.31
N LEU C 551 -18.53 -40.40 -25.32
CA LEU C 551 -18.04 -39.36 -26.22
C LEU C 551 -18.19 -39.79 -27.67
N LEU C 552 -17.82 -41.03 -27.97
CA LEU C 552 -17.95 -41.57 -29.32
C LEU C 552 -19.41 -41.67 -29.71
N LYS C 553 -20.26 -41.95 -28.73
CA LYS C 553 -21.69 -42.08 -28.98
C LYS C 553 -22.30 -40.70 -29.20
N ALA C 554 -21.73 -39.71 -28.52
CA ALA C 554 -22.20 -38.33 -28.65
C ALA C 554 -21.80 -37.80 -30.01
N SER C 555 -20.60 -38.18 -30.45
CA SER C 555 -20.09 -37.76 -31.75
C SER C 555 -20.81 -38.53 -32.84
N ASN C 556 -20.77 -39.85 -32.75
CA ASN C 556 -21.42 -40.72 -33.73
C ASN C 556 -22.84 -40.23 -33.96
N GLU C 557 -23.53 -39.87 -32.88
CA GLU C 557 -24.91 -39.39 -32.96
C GLU C 557 -24.96 -38.13 -33.80
N LEU C 558 -23.98 -37.25 -33.60
CA LEU C 558 -23.90 -35.97 -34.30
C LEU C 558 -23.75 -36.19 -35.80
N ALA C 559 -22.97 -37.21 -36.15
CA ALA C 559 -22.76 -37.54 -37.55
C ALA C 559 -24.11 -37.88 -38.18
N LYS C 560 -24.95 -38.56 -37.42
CA LYS C 560 -26.30 -38.88 -37.87
C LYS C 560 -27.08 -37.59 -38.10
N GLU C 561 -26.89 -36.62 -37.20
CA GLU C 561 -27.50 -35.31 -37.37
C GLU C 561 -26.84 -34.54 -38.50
N GLN C 562 -25.55 -34.27 -38.44
CA GLN C 562 -24.93 -33.30 -39.34
C GLN C 562 -23.87 -33.82 -40.30
N GLY C 563 -23.60 -35.13 -40.29
CA GLY C 563 -22.63 -35.70 -41.20
C GLY C 563 -21.23 -35.81 -40.60
N ALA C 564 -20.57 -36.92 -40.92
CA ALA C 564 -19.22 -37.15 -40.44
C ALA C 564 -18.26 -36.14 -41.08
N CYS C 565 -17.07 -36.01 -40.46
CA CYS C 565 -16.11 -35.05 -40.99
C CYS C 565 -15.68 -35.49 -42.37
N PRO C 566 -15.26 -34.55 -43.21
CA PRO C 566 -15.03 -34.87 -44.61
C PRO C 566 -13.98 -35.99 -44.82
N TRP C 567 -12.94 -35.98 -43.99
CA TRP C 567 -11.76 -36.81 -44.16
C TRP C 567 -11.79 -38.03 -43.29
N PHE C 568 -12.98 -38.38 -42.80
CA PHE C 568 -13.11 -39.42 -41.80
C PHE C 568 -12.61 -40.75 -42.36
N ASN C 569 -12.91 -41.01 -43.63
CA ASN C 569 -12.36 -42.20 -44.28
C ASN C 569 -10.92 -42.50 -43.89
N GLU C 570 -10.07 -41.47 -43.88
CA GLU C 570 -8.67 -41.66 -43.52
C GLU C 570 -8.52 -42.40 -42.19
N THR C 571 -9.20 -41.89 -41.17
CA THR C 571 -9.15 -42.50 -39.85
C THR C 571 -9.50 -43.98 -39.91
N THR C 572 -9.02 -44.75 -38.93
CA THR C 572 -9.28 -46.18 -38.88
C THR C 572 -10.69 -46.44 -38.35
N TYR C 573 -11.25 -45.47 -37.63
CA TYR C 573 -12.59 -45.60 -37.07
C TYR C 573 -13.59 -46.01 -38.16
N ALA C 574 -13.47 -45.38 -39.33
CA ALA C 574 -14.37 -45.68 -40.43
C ALA C 574 -14.10 -47.10 -40.96
N LYS C 575 -12.86 -47.54 -40.85
CA LYS C 575 -12.48 -48.87 -41.30
C LYS C 575 -13.00 -49.94 -40.34
N GLY C 576 -13.77 -49.50 -39.35
CA GLY C 576 -14.33 -50.42 -38.39
C GLY C 576 -13.43 -50.70 -37.21
N ILE C 577 -12.23 -50.13 -37.22
CA ILE C 577 -11.28 -50.33 -36.13
C ILE C 577 -11.63 -49.46 -34.93
N LEU C 578 -11.62 -50.08 -33.75
CA LEU C 578 -11.96 -49.37 -32.52
C LEU C 578 -10.72 -49.25 -31.61
N PRO C 579 -10.69 -48.22 -30.75
CA PRO C 579 -9.58 -47.99 -29.83
C PRO C 579 -9.56 -48.99 -28.66
N ILE C 580 -10.49 -49.93 -28.68
CA ILE C 580 -10.59 -50.93 -27.62
C ILE C 580 -9.93 -52.24 -28.03
N ASP C 581 -9.33 -52.25 -29.21
CA ASP C 581 -8.67 -53.44 -29.73
C ASP C 581 -7.32 -53.11 -30.38
N THR C 582 -6.71 -52.03 -29.92
CA THR C 582 -5.42 -51.60 -30.45
C THR C 582 -4.42 -51.39 -29.31
N TYR C 583 -4.93 -51.24 -28.10
CA TYR C 583 -4.10 -51.04 -26.92
C TYR C 583 -3.05 -52.14 -26.82
N LYS C 584 -1.96 -51.84 -26.11
CA LYS C 584 -0.89 -52.82 -25.92
C LYS C 584 -1.40 -53.97 -25.07
N LYS C 585 -1.15 -55.19 -25.53
CA LYS C 585 -1.59 -56.38 -24.82
C LYS C 585 -1.00 -56.49 -23.41
N ASP C 586 0.16 -55.86 -23.22
CA ASP C 586 0.82 -55.88 -21.92
C ASP C 586 0.05 -55.04 -20.89
N LEU C 587 -1.16 -54.64 -21.25
CA LEU C 587 -2.00 -53.84 -20.37
C LEU C 587 -2.95 -54.72 -19.54
N ASP C 588 -3.38 -55.86 -20.06
CA ASP C 588 -4.38 -56.62 -19.36
C ASP C 588 -3.82 -56.99 -17.99
N THR C 589 -2.50 -56.95 -17.91
CA THR C 589 -1.72 -57.59 -16.85
C THR C 589 -1.80 -56.75 -15.58
N ILE C 590 -2.27 -55.52 -15.73
CA ILE C 590 -2.42 -54.60 -14.60
C ILE C 590 -3.87 -54.15 -14.45
N ALA C 591 -4.75 -54.77 -15.21
CA ALA C 591 -6.17 -54.44 -15.16
C ALA C 591 -7.02 -55.61 -15.65
N ASN C 592 -7.97 -56.03 -14.83
CA ASN C 592 -8.85 -57.13 -15.16
C ASN C 592 -10.31 -56.72 -15.07
N GLU C 593 -10.59 -55.49 -15.51
CA GLU C 593 -11.94 -54.94 -15.51
C GLU C 593 -12.49 -54.93 -16.93
N PRO C 594 -13.19 -56.00 -17.33
CA PRO C 594 -13.78 -56.11 -18.67
C PRO C 594 -14.70 -54.96 -19.02
N LEU C 595 -14.91 -54.67 -20.31
CA LEU C 595 -15.81 -53.58 -20.74
C LEU C 595 -17.31 -53.81 -20.44
N HIS C 596 -17.99 -52.76 -19.99
CA HIS C 596 -19.37 -52.89 -19.51
C HIS C 596 -20.47 -52.24 -20.32
N TYR C 597 -20.11 -51.51 -21.38
CA TYR C 597 -21.12 -50.85 -22.22
C TYR C 597 -21.01 -51.38 -23.64
N ASP C 598 -22.14 -51.74 -24.26
CA ASP C 598 -21.98 -52.43 -25.52
C ASP C 598 -21.12 -51.47 -26.32
N TRP C 599 -20.03 -52.01 -26.84
CA TRP C 599 -19.18 -51.28 -27.78
C TRP C 599 -19.53 -51.60 -29.22
N GLU C 600 -19.84 -52.86 -29.50
CA GLU C 600 -20.17 -53.29 -30.85
C GLU C 600 -21.31 -52.44 -31.41
N ALA C 601 -22.20 -51.99 -30.54
CA ALA C 601 -23.32 -51.16 -30.95
C ALA C 601 -22.79 -49.97 -31.74
N LEU C 602 -21.73 -49.36 -31.22
CA LEU C 602 -21.11 -48.22 -31.87
C LEU C 602 -20.16 -48.67 -32.98
N ARG C 603 -19.61 -49.87 -32.83
CA ARG C 603 -18.71 -50.42 -33.84
C ARG C 603 -19.40 -50.44 -35.18
N GLU C 604 -20.72 -50.62 -35.16
CA GLU C 604 -21.52 -50.64 -36.37
C GLU C 604 -22.17 -49.29 -36.64
N SER C 605 -22.75 -48.70 -35.60
CA SER C 605 -23.40 -47.40 -35.73
C SER C 605 -22.43 -46.39 -36.33
N ILE C 606 -21.15 -46.59 -36.08
CA ILE C 606 -20.11 -45.71 -36.61
C ILE C 606 -19.63 -46.23 -37.96
N LYS C 607 -19.74 -47.53 -38.21
CA LYS C 607 -19.53 -47.98 -39.57
C LYS C 607 -20.59 -47.40 -40.53
N THR C 608 -21.86 -47.49 -40.15
CA THR C 608 -22.98 -46.95 -40.94
C THR C 608 -23.12 -45.42 -41.15
N HIS C 609 -22.88 -44.65 -40.09
CA HIS C 609 -23.19 -43.23 -40.00
C HIS C 609 -21.93 -42.40 -39.99
N GLY C 610 -20.93 -42.82 -39.21
CA GLY C 610 -19.69 -42.10 -39.15
C GLY C 610 -19.50 -41.32 -37.85
N LEU C 611 -18.60 -40.34 -37.88
CA LEU C 611 -18.32 -39.52 -36.72
C LEU C 611 -18.20 -38.05 -37.11
N ARG C 612 -18.66 -37.16 -36.21
CA ARG C 612 -18.59 -35.73 -36.45
C ARG C 612 -17.18 -35.22 -36.19
N ASN C 613 -16.38 -36.05 -35.52
CA ASN C 613 -15.00 -35.68 -35.20
C ASN C 613 -14.08 -36.87 -35.43
N SER C 614 -12.78 -36.61 -35.46
CA SER C 614 -11.79 -37.67 -35.67
C SER C 614 -11.16 -38.11 -34.36
N THR C 615 -11.22 -37.25 -33.35
CA THR C 615 -10.67 -37.55 -32.04
C THR C 615 -11.47 -36.86 -30.95
N LEU C 616 -11.71 -37.56 -29.85
CA LEU C 616 -12.46 -37.02 -28.73
C LEU C 616 -11.75 -37.27 -27.42
N SER C 617 -10.69 -38.07 -27.47
CA SER C 617 -9.93 -38.41 -26.27
C SER C 617 -8.53 -37.80 -26.27
N ALA C 618 -8.27 -37.02 -25.25
CA ALA C 618 -6.96 -36.52 -24.95
C ALA C 618 -6.97 -36.21 -23.47
N LEU C 619 -5.82 -36.27 -22.85
CA LEU C 619 -5.65 -35.74 -21.51
C LEU C 619 -4.49 -34.75 -21.43
N MET C 620 -4.83 -33.47 -21.28
CA MET C 620 -3.82 -32.42 -21.26
C MET C 620 -3.91 -31.59 -20.00
N PRO C 621 -2.76 -31.42 -19.34
CA PRO C 621 -2.71 -30.63 -18.11
C PRO C 621 -2.92 -29.14 -18.36
N SER C 622 -3.71 -28.50 -17.50
CA SER C 622 -3.81 -27.04 -17.43
C SER C 622 -4.20 -26.56 -16.04
N GLU C 623 -3.40 -25.64 -15.49
CA GLU C 623 -3.67 -25.06 -14.17
C GLU C 623 -4.94 -24.20 -14.03
N THR C 624 -5.21 -23.37 -15.03
CA THR C 624 -6.33 -22.42 -14.99
C THR C 624 -7.71 -23.05 -14.99
N SER C 625 -7.88 -24.12 -15.77
CA SER C 625 -9.11 -24.89 -15.71
C SER C 625 -9.34 -25.58 -14.35
N SER C 626 -8.28 -26.19 -13.81
CA SER C 626 -8.39 -26.97 -12.57
C SER C 626 -8.78 -26.20 -11.29
N GLN C 627 -8.20 -25.01 -11.11
CA GLN C 627 -8.45 -24.18 -9.95
C GLN C 627 -9.74 -23.36 -10.04
N ILE C 628 -10.31 -23.28 -11.24
CA ILE C 628 -11.55 -22.53 -11.42
C ILE C 628 -12.69 -23.35 -10.81
N SER C 629 -12.49 -24.66 -10.73
CA SER C 629 -13.47 -25.57 -10.17
C SER C 629 -12.96 -26.05 -8.81
N ASN C 630 -11.83 -25.49 -8.39
CA ASN C 630 -11.21 -25.85 -7.12
C ASN C 630 -10.82 -27.32 -7.15
N ALA C 631 -10.81 -27.87 -8.36
CA ALA C 631 -10.46 -29.28 -8.56
C ALA C 631 -8.95 -29.48 -8.58
N THR C 632 -8.53 -30.72 -8.75
CA THR C 632 -7.10 -31.04 -8.80
C THR C 632 -6.59 -31.00 -10.24
N ASN C 633 -5.36 -30.55 -10.42
CA ASN C 633 -4.75 -30.44 -11.73
C ASN C 633 -4.82 -31.75 -12.52
N GLY C 634 -5.26 -31.64 -13.77
CA GLY C 634 -5.38 -32.80 -14.65
C GLY C 634 -5.65 -34.11 -13.92
N ILE C 635 -4.65 -34.99 -13.92
CA ILE C 635 -4.77 -36.28 -13.27
C ILE C 635 -3.71 -36.42 -12.18
N GLU C 636 -2.58 -35.75 -12.36
CA GLU C 636 -1.50 -35.79 -11.40
C GLU C 636 -2.00 -35.39 -10.02
N PRO C 637 -1.63 -36.14 -8.97
CA PRO C 637 -2.08 -35.81 -7.61
C PRO C 637 -1.42 -34.54 -7.10
N PRO C 638 -2.09 -33.82 -6.18
CA PRO C 638 -1.55 -32.58 -5.63
C PRO C 638 -0.29 -32.81 -4.79
N ARG C 639 0.61 -31.84 -4.80
CA ARG C 639 1.85 -31.93 -4.04
C ARG C 639 1.60 -31.68 -2.56
N GLY C 640 0.42 -31.16 -2.24
CA GLY C 640 0.08 -30.89 -0.85
C GLY C 640 -1.37 -30.49 -0.67
N TYR C 641 -1.88 -30.68 0.54
CA TYR C 641 -3.25 -30.34 0.87
C TYR C 641 -3.48 -28.85 0.69
N VAL C 642 -2.56 -28.04 1.19
CA VAL C 642 -2.65 -26.60 1.09
C VAL C 642 -1.93 -26.08 -0.15
N SER C 643 -2.68 -25.98 -1.25
CA SER C 643 -2.12 -25.50 -2.51
C SER C 643 -1.72 -24.03 -2.37
N ILE C 644 -0.61 -23.65 -2.99
CA ILE C 644 -0.13 -22.27 -2.92
C ILE C 644 0.35 -21.75 -4.26
N LYS C 645 0.02 -20.49 -4.55
CA LYS C 645 0.42 -19.85 -5.79
C LYS C 645 0.46 -18.33 -5.60
N ALA C 646 1.26 -17.66 -6.41
CA ALA C 646 1.31 -16.20 -6.39
C ALA C 646 0.80 -15.62 -7.72
N SER C 647 -0.36 -14.97 -7.62
CA SER C 647 -0.94 -14.15 -8.67
C SER C 647 -0.40 -12.74 -8.48
N LYS C 648 -1.07 -11.77 -9.08
CA LYS C 648 -0.60 -10.39 -9.03
C LYS C 648 -0.57 -9.91 -7.58
N ASP C 649 -1.58 -10.30 -6.82
CA ASP C 649 -1.61 -9.97 -5.39
C ASP C 649 -0.43 -10.65 -4.69
N GLY C 650 -0.16 -11.89 -5.07
CA GLY C 650 1.02 -12.61 -4.64
C GLY C 650 0.74 -13.78 -3.73
N ILE C 651 -0.48 -13.82 -3.17
CA ILE C 651 -0.86 -14.91 -2.27
C ILE C 651 -2.17 -15.56 -2.66
N LEU C 652 -2.13 -16.88 -2.87
CA LEU C 652 -3.31 -17.65 -3.23
C LEU C 652 -3.28 -18.98 -2.48
N ARG C 653 -4.45 -19.40 -2.00
CA ARG C 653 -4.54 -20.65 -1.26
C ARG C 653 -5.74 -21.46 -1.74
N GLN C 654 -5.50 -22.73 -2.05
CA GLN C 654 -6.57 -23.62 -2.52
C GLN C 654 -6.51 -24.97 -1.82
N VAL C 655 -7.47 -25.21 -0.92
CA VAL C 655 -7.53 -26.47 -0.19
C VAL C 655 -8.06 -27.56 -1.12
N VAL C 656 -7.40 -28.72 -1.10
CA VAL C 656 -7.75 -29.83 -2.00
C VAL C 656 -9.17 -30.34 -1.76
N PRO C 657 -9.89 -30.79 -2.77
CA PRO C 657 -11.34 -30.91 -2.51
C PRO C 657 -11.62 -31.70 -1.23
N ASP C 658 -12.49 -31.12 -0.38
CA ASP C 658 -12.97 -31.73 0.87
C ASP C 658 -11.93 -32.22 1.91
N TYR C 659 -10.97 -31.38 2.28
CA TYR C 659 -9.89 -31.86 3.12
C TYR C 659 -10.47 -32.48 4.39
N GLU C 660 -11.75 -32.21 4.66
CA GLU C 660 -12.39 -32.63 5.94
C GLU C 660 -12.47 -34.14 6.26
N HIS C 661 -12.84 -34.95 5.27
CA HIS C 661 -12.73 -36.39 5.39
C HIS C 661 -11.71 -37.02 4.47
N LEU C 662 -11.05 -36.21 3.64
CA LEU C 662 -10.17 -36.73 2.58
C LEU C 662 -8.65 -36.65 2.83
N HIS C 663 -8.22 -36.36 4.05
CA HIS C 663 -6.80 -36.31 4.31
C HIS C 663 -6.14 -37.64 4.09
N ASP C 664 -6.79 -38.72 4.54
CA ASP C 664 -6.25 -40.08 4.41
C ASP C 664 -6.10 -40.63 2.99
N ALA C 665 -7.11 -40.37 2.16
CA ALA C 665 -7.24 -40.99 0.85
C ALA C 665 -6.34 -40.34 -0.19
N TYR C 666 -5.82 -39.17 0.13
CA TYR C 666 -4.93 -38.45 -0.78
C TYR C 666 -3.48 -38.92 -0.69
N GLU C 667 -2.97 -39.36 -1.83
CA GLU C 667 -1.58 -39.67 -1.95
C GLU C 667 -0.97 -38.49 -2.66
N LEU C 668 -0.24 -37.68 -1.89
CA LEU C 668 0.50 -36.54 -2.43
C LEU C 668 1.64 -36.98 -3.34
N LEU C 669 1.91 -36.16 -4.35
CA LEU C 669 2.92 -36.45 -5.37
C LEU C 669 4.23 -36.94 -4.78
N TRP C 670 4.59 -36.43 -3.61
CA TRP C 670 5.83 -36.82 -2.95
C TRP C 670 5.64 -38.01 -2.02
N GLU C 671 4.40 -38.28 -1.63
CA GLU C 671 4.10 -39.39 -0.75
C GLU C 671 4.21 -40.70 -1.50
N MET C 672 4.22 -40.63 -2.83
CA MET C 672 4.32 -41.83 -3.65
C MET C 672 5.68 -42.52 -3.48
N PRO C 673 5.67 -43.83 -3.25
CA PRO C 673 6.91 -44.61 -3.07
C PRO C 673 7.79 -44.53 -4.32
N GLY C 674 7.21 -44.91 -5.46
CA GLY C 674 7.94 -44.88 -6.72
C GLY C 674 7.06 -44.47 -7.88
N ASN C 675 7.67 -44.17 -9.02
CA ASN C 675 6.91 -43.76 -10.20
C ASN C 675 6.11 -44.89 -10.84
N ASP C 676 6.46 -46.14 -10.53
CA ASP C 676 5.76 -47.28 -11.09
C ASP C 676 4.24 -47.13 -11.00
N GLY C 677 3.74 -46.96 -9.78
CA GLY C 677 2.32 -46.80 -9.59
C GLY C 677 1.68 -45.85 -10.58
N TYR C 678 2.24 -44.65 -10.71
CA TYR C 678 1.71 -43.64 -11.61
C TYR C 678 1.55 -44.15 -13.05
N LEU C 679 2.63 -44.66 -13.63
CA LEU C 679 2.60 -45.17 -14.99
C LEU C 679 1.48 -46.17 -15.25
N GLN C 680 1.42 -47.21 -14.42
CA GLN C 680 0.42 -48.25 -14.57
C GLN C 680 -1.00 -47.72 -14.81
N LEU C 681 -1.37 -46.65 -14.12
CA LEU C 681 -2.70 -46.08 -14.31
C LEU C 681 -2.76 -45.37 -15.66
N VAL C 682 -1.69 -44.65 -15.99
CA VAL C 682 -1.61 -43.92 -17.25
C VAL C 682 -1.79 -44.86 -18.44
N GLY C 683 -1.00 -45.93 -18.47
CA GLY C 683 -1.09 -46.88 -19.55
C GLY C 683 -2.51 -47.35 -19.80
N ILE C 684 -3.30 -47.42 -18.73
CA ILE C 684 -4.69 -47.84 -18.82
C ILE C 684 -5.51 -46.79 -19.56
N MET C 685 -5.34 -45.53 -19.16
CA MET C 685 -6.06 -44.42 -19.78
C MET C 685 -5.87 -44.44 -21.28
N GLN C 686 -4.64 -44.76 -21.70
CA GLN C 686 -4.28 -44.79 -23.11
C GLN C 686 -5.14 -45.78 -23.91
N LYS C 687 -5.56 -46.86 -23.26
CA LYS C 687 -6.37 -47.88 -23.91
C LYS C 687 -7.69 -47.31 -24.45
N PHE C 688 -8.03 -46.09 -24.02
CA PHE C 688 -9.26 -45.45 -24.45
C PHE C 688 -9.04 -44.04 -25.00
N ILE C 689 -7.85 -43.51 -24.78
CA ILE C 689 -7.52 -42.20 -25.30
C ILE C 689 -7.16 -42.29 -26.77
N ASP C 690 -7.80 -41.45 -27.56
CA ASP C 690 -7.50 -41.34 -29.00
C ASP C 690 -6.15 -40.66 -29.24
N GLN C 691 -5.85 -39.71 -28.35
CA GLN C 691 -4.62 -38.91 -28.34
C GLN C 691 -3.95 -38.95 -26.95
N SER C 692 -2.66 -38.61 -26.91
CA SER C 692 -1.78 -38.82 -25.75
C SER C 692 -2.03 -38.06 -24.42
N ILE C 693 -1.65 -38.73 -23.34
CA ILE C 693 -1.70 -38.24 -21.96
C ILE C 693 -0.41 -37.48 -21.64
N SER C 694 -0.59 -36.29 -21.05
CA SER C 694 0.54 -35.51 -20.60
C SER C 694 0.89 -36.02 -19.22
N ALA C 695 1.24 -37.30 -19.16
CA ALA C 695 1.76 -37.90 -17.94
C ALA C 695 3.20 -37.46 -17.70
N ASN C 696 3.46 -36.96 -16.50
CA ASN C 696 4.80 -36.51 -16.13
C ASN C 696 5.39 -37.42 -15.06
N THR C 697 6.71 -37.55 -15.08
CA THR C 697 7.39 -38.40 -14.09
C THR C 697 7.93 -37.52 -12.98
N ASN C 698 7.93 -38.05 -11.75
CA ASN C 698 8.42 -37.29 -10.60
C ASN C 698 9.41 -38.11 -9.79
N TYR C 699 10.54 -37.52 -9.45
CA TYR C 699 11.56 -38.21 -8.67
C TYR C 699 11.92 -37.44 -7.40
N ASP C 700 12.43 -38.16 -6.42
CA ASP C 700 12.83 -37.56 -5.14
C ASP C 700 14.25 -37.99 -4.80
N PRO C 701 15.22 -37.09 -4.96
CA PRO C 701 16.62 -37.40 -4.65
C PRO C 701 16.85 -37.77 -3.18
N SER C 702 16.09 -37.14 -2.29
CA SER C 702 16.22 -37.41 -0.86
C SER C 702 15.93 -38.88 -0.56
N ARG C 703 15.10 -39.54 -1.35
CA ARG C 703 14.66 -40.91 -1.05
C ARG C 703 15.63 -42.02 -1.50
N PHE C 704 16.77 -41.58 -2.06
CA PHE C 704 17.66 -42.36 -2.91
C PHE C 704 19.05 -42.45 -2.29
N PRO C 705 19.71 -43.62 -2.43
CA PRO C 705 21.06 -43.83 -1.89
C PRO C 705 22.01 -42.74 -2.36
N SER C 706 22.74 -42.14 -1.43
CA SER C 706 23.74 -41.15 -1.80
C SER C 706 23.04 -39.98 -2.47
N GLY C 707 21.76 -39.82 -2.15
CA GLY C 707 20.99 -38.68 -2.63
C GLY C 707 21.20 -38.36 -4.09
N LYS C 708 21.30 -39.39 -4.94
CA LYS C 708 21.52 -39.13 -6.36
C LYS C 708 20.67 -40.06 -7.23
N VAL C 709 19.66 -39.50 -7.87
CA VAL C 709 18.76 -40.37 -8.56
C VAL C 709 19.66 -41.20 -9.45
N PRO C 710 19.49 -42.51 -9.30
CA PRO C 710 20.20 -43.51 -10.10
C PRO C 710 19.72 -43.59 -11.55
N MET C 711 20.66 -43.55 -12.48
CA MET C 711 20.34 -43.64 -13.90
C MET C 711 19.46 -44.86 -14.11
N GLN C 712 19.85 -45.96 -13.47
CA GLN C 712 19.13 -47.22 -13.56
C GLN C 712 17.63 -47.00 -13.49
N GLN C 713 17.18 -46.39 -12.39
CA GLN C 713 15.75 -46.14 -12.18
C GLN C 713 15.13 -45.34 -13.32
N LEU C 714 15.80 -44.26 -13.72
CA LEU C 714 15.30 -43.41 -14.80
C LEU C 714 15.04 -44.20 -16.07
N LEU C 715 16.05 -44.95 -16.51
CA LEU C 715 15.92 -45.76 -17.72
C LEU C 715 14.86 -46.84 -17.53
N LYS C 716 14.91 -47.50 -16.37
CA LYS C 716 13.95 -48.55 -16.04
C LYS C 716 12.52 -48.09 -16.30
N ASP C 717 12.19 -46.92 -15.77
CA ASP C 717 10.86 -46.36 -15.92
C ASP C 717 10.44 -46.14 -17.38
N LEU C 718 11.34 -45.59 -18.18
CA LEU C 718 11.04 -45.34 -19.59
C LEU C 718 10.52 -46.61 -20.26
N LEU C 719 11.14 -47.75 -19.95
CA LEU C 719 10.73 -49.02 -20.51
C LEU C 719 9.32 -49.35 -20.03
N THR C 720 9.07 -49.09 -18.75
CA THR C 720 7.77 -49.35 -18.15
C THR C 720 6.66 -48.66 -18.94
N ALA C 721 6.89 -47.39 -19.28
CA ALA C 721 5.92 -46.61 -20.03
C ALA C 721 5.67 -47.24 -21.40
N TYR C 722 6.75 -47.48 -22.13
CA TYR C 722 6.65 -48.07 -23.47
C TYR C 722 6.00 -49.45 -23.41
N LYS C 723 6.15 -50.13 -22.28
CA LYS C 723 5.59 -51.46 -22.10
C LYS C 723 4.07 -51.46 -21.96
N PHE C 724 3.53 -50.37 -21.42
CA PHE C 724 2.08 -50.26 -21.24
C PHE C 724 1.41 -49.42 -22.31
N GLY C 725 2.15 -49.07 -23.35
CA GLY C 725 1.58 -48.27 -24.42
C GLY C 725 1.44 -46.79 -24.14
N VAL C 726 2.25 -46.25 -23.24
CA VAL C 726 2.19 -44.83 -22.93
C VAL C 726 2.65 -44.06 -24.15
N LYS C 727 1.89 -43.04 -24.54
CA LYS C 727 2.23 -42.25 -25.71
C LYS C 727 3.39 -41.27 -25.55
N THR C 728 3.33 -40.43 -24.52
CA THR C 728 4.39 -39.45 -24.32
C THR C 728 4.79 -39.23 -22.86
N LEU C 729 5.84 -38.44 -22.67
CA LEU C 729 6.36 -38.10 -21.36
C LEU C 729 6.40 -36.59 -21.22
N TYR C 730 6.18 -36.14 -19.98
CA TYR C 730 6.00 -34.74 -19.60
C TYR C 730 6.79 -34.41 -18.31
N TYR C 731 7.02 -33.12 -18.08
CA TYR C 731 7.93 -32.62 -17.06
C TYR C 731 8.48 -33.74 -16.18
N GLN C 732 9.79 -33.72 -15.98
CA GLN C 732 10.39 -34.48 -14.92
C GLN C 732 10.74 -33.41 -13.91
N ASN C 733 9.97 -33.35 -12.82
CA ASN C 733 10.25 -32.41 -11.76
C ASN C 733 10.76 -33.20 -10.58
N THR C 734 11.86 -32.75 -9.99
CA THR C 734 12.38 -33.26 -8.71
C THR C 734 12.04 -32.33 -7.53
N ARG C 735 11.98 -32.88 -6.31
CA ARG C 735 11.48 -32.15 -5.13
C ARG C 735 12.27 -30.90 -4.69
N ASP C 736 13.59 -31.01 -4.63
CA ASP C 736 14.43 -29.89 -4.22
C ASP C 736 15.47 -30.34 -3.20
N GLN D 3 72.17 -41.98 -45.48
CA GLN D 3 72.42 -43.09 -46.44
C GLN D 3 71.10 -43.54 -47.06
N ASN D 4 71.06 -43.64 -48.38
CA ASN D 4 69.85 -44.06 -49.09
C ASN D 4 68.66 -43.23 -48.61
N LEU D 5 68.74 -41.92 -48.82
CA LEU D 5 67.69 -41.00 -48.41
C LEU D 5 66.56 -41.00 -49.44
N LEU D 6 65.38 -41.45 -49.03
CA LEU D 6 64.22 -41.54 -49.92
C LEU D 6 63.40 -40.27 -50.10
N VAL D 7 62.53 -40.30 -51.11
CA VAL D 7 61.65 -39.20 -51.46
C VAL D 7 60.47 -39.77 -52.25
N THR D 8 59.30 -39.12 -52.13
CA THR D 8 58.11 -39.58 -52.85
C THR D 8 57.61 -38.49 -53.79
N LYS D 9 57.99 -38.60 -55.06
CA LYS D 9 57.60 -37.65 -56.08
C LYS D 9 56.08 -37.54 -56.14
N ARG D 10 55.57 -36.34 -56.42
CA ARG D 10 54.13 -36.14 -56.51
C ARG D 10 53.51 -37.15 -57.47
N ASP D 11 54.32 -37.58 -58.44
CA ASP D 11 53.88 -38.56 -59.41
C ASP D 11 53.42 -39.81 -58.69
N GLY D 12 54.06 -40.09 -57.55
CA GLY D 12 53.71 -41.26 -56.77
C GLY D 12 54.91 -42.16 -56.56
N SER D 13 55.71 -42.33 -57.62
CA SER D 13 56.90 -43.16 -57.56
C SER D 13 57.88 -42.67 -56.51
N THR D 14 58.89 -43.48 -56.22
CA THR D 14 59.89 -43.14 -55.22
C THR D 14 61.15 -42.59 -55.89
N GLU D 15 61.99 -41.93 -55.10
CA GLU D 15 63.27 -41.42 -55.58
C GLU D 15 64.20 -41.19 -54.39
N ARG D 16 65.50 -41.10 -54.66
CA ARG D 16 66.45 -40.70 -53.63
C ARG D 16 66.45 -39.19 -53.52
N ILE D 17 66.80 -38.66 -52.35
CA ILE D 17 66.85 -37.22 -52.17
C ILE D 17 67.87 -36.63 -53.13
N ASN D 18 67.55 -35.50 -53.72
CA ASN D 18 68.45 -34.84 -54.65
C ASN D 18 68.58 -33.38 -54.21
N LEU D 19 69.51 -33.10 -53.33
CA LEU D 19 69.52 -31.82 -52.68
C LEU D 19 69.55 -30.77 -53.78
N ASP D 20 70.23 -31.09 -54.88
CA ASP D 20 70.36 -30.14 -55.98
C ASP D 20 69.00 -29.72 -56.52
N LYS D 21 68.11 -30.67 -56.78
CA LYS D 21 66.91 -30.35 -57.55
C LYS D 21 66.18 -29.18 -56.88
N ILE D 22 66.16 -29.17 -55.55
CA ILE D 22 65.59 -28.04 -54.81
C ILE D 22 66.18 -26.70 -55.26
N HIS D 23 67.49 -26.55 -55.06
CA HIS D 23 68.18 -25.31 -55.42
C HIS D 23 67.71 -24.75 -56.76
N ARG D 24 67.78 -25.57 -57.81
CA ARG D 24 67.38 -25.14 -59.14
C ARG D 24 65.98 -24.54 -59.14
N VAL D 25 65.10 -25.05 -58.29
CA VAL D 25 63.74 -24.55 -58.20
C VAL D 25 63.74 -23.12 -57.69
N LEU D 26 64.43 -22.90 -56.58
CA LEU D 26 64.53 -21.57 -55.97
C LEU D 26 65.10 -20.61 -57.01
N ASP D 27 66.09 -21.09 -57.77
CA ASP D 27 66.72 -20.30 -58.81
C ASP D 27 65.68 -19.81 -59.80
N TRP D 28 64.87 -20.74 -60.30
CA TRP D 28 63.81 -20.41 -61.25
C TRP D 28 63.05 -19.20 -60.74
N ALA D 29 62.94 -19.10 -59.42
CA ALA D 29 62.23 -17.99 -58.78
C ALA D 29 63.12 -16.77 -58.63
N ALA D 30 64.31 -16.96 -58.06
CA ALA D 30 65.25 -15.86 -57.85
C ALA D 30 65.66 -15.21 -59.16
N GLU D 31 65.37 -15.89 -60.27
CA GLU D 31 65.70 -15.38 -61.59
C GLU D 31 65.19 -13.96 -61.78
N GLY D 32 66.11 -13.03 -62.05
CA GLY D 32 65.72 -11.64 -62.25
C GLY D 32 65.22 -10.99 -60.97
N LEU D 33 65.93 -11.23 -59.88
CA LEU D 33 65.56 -10.65 -58.59
C LEU D 33 66.79 -10.24 -57.80
N HIS D 34 66.62 -9.31 -56.87
CA HIS D 34 67.71 -8.80 -56.07
C HIS D 34 67.33 -8.75 -54.62
N ASN D 35 68.31 -8.94 -53.74
CA ASN D 35 68.06 -8.95 -52.31
C ASN D 35 67.45 -10.29 -51.91
N VAL D 36 67.46 -11.21 -52.87
CA VAL D 36 66.88 -12.54 -52.66
C VAL D 36 67.97 -13.60 -52.55
N SER D 37 68.15 -14.13 -51.34
CA SER D 37 69.15 -15.16 -51.08
C SER D 37 68.56 -16.56 -51.24
N ILE D 38 69.08 -17.29 -52.21
CA ILE D 38 68.61 -18.65 -52.48
C ILE D 38 68.82 -19.52 -51.24
N SER D 39 69.96 -19.31 -50.57
CA SER D 39 70.32 -20.07 -49.38
C SER D 39 69.44 -19.67 -48.18
N GLN D 40 69.00 -18.42 -48.16
CA GLN D 40 68.18 -17.92 -47.08
C GLN D 40 66.93 -18.76 -46.88
N VAL D 41 66.06 -18.76 -47.89
CA VAL D 41 64.81 -19.50 -47.84
C VAL D 41 64.96 -20.93 -47.32
N GLU D 42 66.04 -21.59 -47.70
CA GLU D 42 66.28 -22.97 -47.27
C GLU D 42 66.34 -23.05 -45.74
N LEU D 43 67.29 -22.32 -45.17
CA LEU D 43 67.47 -22.30 -43.71
C LEU D 43 66.24 -21.74 -43.00
N ARG D 44 65.54 -20.83 -43.65
CA ARG D 44 64.38 -20.22 -43.02
C ARG D 44 63.37 -21.31 -42.70
N SER D 45 63.30 -22.30 -43.58
CA SER D 45 62.17 -23.20 -43.70
C SER D 45 62.31 -24.37 -42.74
N HIS D 46 63.52 -24.58 -42.23
CA HIS D 46 63.79 -25.66 -41.30
C HIS D 46 63.13 -26.94 -41.82
N ILE D 47 63.05 -27.05 -43.14
CA ILE D 47 62.44 -28.22 -43.78
C ILE D 47 62.95 -29.49 -43.12
N GLN D 48 62.04 -30.21 -42.48
CA GLN D 48 62.39 -31.45 -41.80
C GLN D 48 62.20 -32.65 -42.71
N PHE D 49 63.30 -33.29 -43.07
CA PHE D 49 63.28 -34.45 -43.94
C PHE D 49 63.00 -35.76 -43.21
N TYR D 50 62.21 -36.59 -43.87
CA TYR D 50 61.87 -37.94 -43.43
C TYR D 50 61.72 -38.80 -44.68
N ASP D 51 61.84 -40.11 -44.54
CA ASP D 51 61.72 -41.00 -45.69
C ASP D 51 60.32 -40.88 -46.30
N GLY D 52 60.25 -40.88 -47.63
CA GLY D 52 58.99 -40.67 -48.31
C GLY D 52 58.78 -39.20 -48.62
N ILE D 53 58.31 -38.42 -47.65
CA ILE D 53 58.40 -36.95 -47.72
C ILE D 53 57.87 -36.35 -49.02
N LYS D 54 56.61 -36.64 -49.33
CA LYS D 54 56.14 -36.54 -50.69
C LYS D 54 56.50 -35.15 -51.13
N THR D 55 56.98 -35.06 -52.37
CA THR D 55 57.68 -33.89 -52.83
C THR D 55 56.76 -32.72 -52.68
N SER D 56 55.47 -32.94 -52.93
CA SER D 56 54.53 -31.83 -52.85
C SER D 56 54.74 -31.06 -51.56
N ASP D 57 54.75 -31.79 -50.45
CA ASP D 57 54.93 -31.19 -49.13
C ASP D 57 56.25 -30.44 -49.07
N ILE D 58 57.32 -31.07 -49.57
CA ILE D 58 58.64 -30.45 -49.57
C ILE D 58 58.53 -29.09 -50.24
N HIS D 59 57.97 -29.09 -51.44
CA HIS D 59 57.79 -27.86 -52.22
C HIS D 59 56.94 -26.87 -51.43
N GLU D 60 55.94 -27.40 -50.74
CA GLU D 60 55.04 -26.58 -49.94
C GLU D 60 55.81 -25.75 -48.92
N THR D 61 56.70 -26.41 -48.18
CA THR D 61 57.50 -25.77 -47.16
C THR D 61 58.19 -24.49 -47.63
N ILE D 62 58.93 -24.56 -48.72
CA ILE D 62 59.64 -23.41 -49.24
C ILE D 62 58.71 -22.24 -49.57
N ILE D 63 57.55 -22.55 -50.14
CA ILE D 63 56.58 -21.51 -50.49
C ILE D 63 56.29 -20.59 -49.30
N LYS D 64 55.96 -21.18 -48.16
CA LYS D 64 55.66 -20.40 -46.97
C LYS D 64 56.91 -19.70 -46.45
N ALA D 65 58.05 -20.38 -46.54
CA ALA D 65 59.32 -19.83 -46.08
C ALA D 65 59.66 -18.56 -46.85
N ALA D 66 59.60 -18.64 -48.17
CA ALA D 66 59.91 -17.50 -49.03
C ALA D 66 58.93 -16.35 -48.75
N ALA D 67 57.68 -16.72 -48.46
CA ALA D 67 56.65 -15.73 -48.17
C ALA D 67 56.88 -15.03 -46.84
N ASP D 68 57.58 -15.71 -45.93
CA ASP D 68 57.86 -15.14 -44.62
C ASP D 68 59.04 -14.18 -44.67
N LEU D 69 59.83 -14.25 -45.73
CA LEU D 69 60.98 -13.36 -45.88
C LEU D 69 60.61 -12.13 -46.69
N ILE D 70 59.32 -11.93 -46.92
CA ILE D 70 58.84 -10.79 -47.68
C ILE D 70 58.81 -9.56 -46.77
N SER D 71 59.96 -8.93 -46.60
CA SER D 71 60.06 -7.74 -45.76
C SER D 71 60.19 -6.47 -46.59
N ARG D 72 60.05 -5.33 -45.93
CA ARG D 72 60.06 -4.07 -46.65
C ARG D 72 61.41 -3.99 -47.36
N ASP D 73 62.45 -4.48 -46.70
CA ASP D 73 63.79 -4.40 -47.25
C ASP D 73 63.94 -5.40 -48.39
N ALA D 74 62.99 -6.33 -48.47
CA ALA D 74 63.01 -7.36 -49.51
C ALA D 74 61.70 -7.38 -50.29
N PRO D 75 61.42 -6.32 -51.06
CA PRO D 75 60.19 -6.22 -51.86
C PRO D 75 60.05 -7.33 -52.90
N ASP D 76 61.18 -7.76 -53.46
CA ASP D 76 61.19 -8.80 -54.47
C ASP D 76 60.75 -10.16 -53.95
N TYR D 77 61.04 -10.45 -52.68
CA TYR D 77 60.66 -11.72 -52.09
C TYR D 77 59.17 -11.98 -52.30
N GLN D 78 58.40 -10.91 -52.36
CA GLN D 78 56.96 -11.02 -52.58
C GLN D 78 56.72 -11.72 -53.92
N TYR D 79 57.52 -11.34 -54.91
CA TYR D 79 57.42 -11.92 -56.25
C TYR D 79 58.15 -13.25 -56.30
N LEU D 80 59.23 -13.37 -55.53
CA LEU D 80 60.01 -14.59 -55.47
C LEU D 80 59.12 -15.77 -55.13
N ALA D 81 58.52 -15.73 -53.94
CA ALA D 81 57.64 -16.80 -53.49
C ALA D 81 56.46 -16.96 -54.45
N ALA D 82 56.02 -15.85 -55.03
CA ALA D 82 54.91 -15.86 -55.98
C ALA D 82 55.20 -16.87 -57.09
N ARG D 83 56.41 -16.80 -57.65
CA ARG D 83 56.81 -17.72 -58.72
C ARG D 83 56.84 -19.19 -58.26
N LEU D 84 57.38 -19.42 -57.07
CA LEU D 84 57.36 -20.72 -56.44
C LEU D 84 55.95 -21.26 -56.25
N ALA D 85 54.99 -20.34 -56.06
CA ALA D 85 53.60 -20.73 -55.85
C ALA D 85 52.91 -21.09 -57.17
N ILE D 86 52.89 -20.16 -58.11
CA ILE D 86 52.25 -20.37 -59.40
C ILE D 86 52.62 -21.75 -59.96
N PHE D 87 53.87 -22.15 -59.77
CA PHE D 87 54.35 -23.43 -60.24
C PHE D 87 53.50 -24.57 -59.70
N HIS D 88 53.48 -24.69 -58.38
CA HIS D 88 52.72 -25.73 -57.69
C HIS D 88 51.29 -25.86 -58.22
N LEU D 89 50.56 -24.75 -58.23
CA LEU D 89 49.18 -24.73 -58.70
C LEU D 89 49.00 -25.34 -60.09
N ARG D 90 49.67 -24.75 -61.08
CA ARG D 90 49.57 -25.21 -62.47
C ARG D 90 49.81 -26.71 -62.60
N LYS D 91 50.81 -27.22 -61.90
CA LYS D 91 51.15 -28.64 -61.96
C LYS D 91 50.16 -29.51 -61.20
N LYS D 92 49.53 -28.99 -60.16
CA LYS D 92 48.54 -29.79 -59.47
C LYS D 92 47.35 -30.09 -60.39
N ALA D 93 46.89 -29.06 -61.09
CA ALA D 93 45.78 -29.16 -62.04
C ALA D 93 46.03 -29.96 -63.32
N TYR D 94 47.24 -29.81 -63.88
CA TYR D 94 47.51 -30.12 -65.28
C TYR D 94 48.46 -31.29 -65.45
N GLY D 95 49.00 -31.78 -64.33
CA GLY D 95 49.92 -32.90 -64.39
C GLY D 95 51.32 -32.45 -64.77
N GLN D 96 51.36 -31.36 -65.53
CA GLN D 96 52.57 -30.79 -66.15
C GLN D 96 52.56 -29.25 -66.09
N PHE D 97 53.73 -28.66 -66.27
CA PHE D 97 53.95 -27.23 -66.04
C PHE D 97 53.25 -26.35 -67.08
N GLU D 98 53.05 -26.90 -68.28
CA GLU D 98 52.40 -26.14 -69.34
C GLU D 98 50.96 -26.58 -69.56
N PRO D 99 49.99 -25.69 -69.27
CA PRO D 99 48.54 -25.95 -69.43
C PRO D 99 48.16 -26.33 -70.85
N PRO D 100 47.14 -27.19 -70.94
CA PRO D 100 46.57 -27.70 -72.20
C PRO D 100 45.74 -26.68 -72.98
N ALA D 101 45.53 -26.93 -74.28
CA ALA D 101 44.96 -25.95 -75.18
C ALA D 101 43.61 -25.48 -74.64
N LEU D 102 43.22 -24.26 -75.01
CA LEU D 102 41.96 -23.69 -74.57
C LEU D 102 40.80 -24.66 -74.80
N TYR D 103 40.65 -25.11 -76.04
CA TYR D 103 39.59 -26.03 -76.40
C TYR D 103 39.62 -27.32 -75.58
N ASP D 104 40.71 -28.07 -75.73
CA ASP D 104 40.87 -29.33 -75.01
C ASP D 104 40.45 -29.23 -73.54
N HIS D 105 40.99 -28.24 -72.85
CA HIS D 105 40.69 -28.03 -71.43
C HIS D 105 39.21 -27.74 -71.19
N VAL D 106 38.70 -26.69 -71.81
CA VAL D 106 37.30 -26.31 -71.66
C VAL D 106 36.38 -27.53 -71.70
N VAL D 107 36.62 -28.40 -72.67
CA VAL D 107 35.82 -29.61 -72.83
C VAL D 107 36.01 -30.59 -71.66
N LYS D 108 37.25 -30.92 -71.37
CA LYS D 108 37.57 -31.85 -70.29
C LYS D 108 36.85 -31.52 -68.99
N MET D 109 36.95 -30.28 -68.55
CA MET D 109 36.32 -29.84 -67.31
C MET D 109 34.79 -29.80 -67.39
N VAL D 110 34.26 -29.73 -68.60
CA VAL D 110 32.82 -29.69 -68.81
C VAL D 110 32.15 -30.95 -68.25
N GLU D 111 32.54 -32.10 -68.80
CA GLU D 111 31.98 -33.38 -68.38
C GLU D 111 32.30 -33.71 -66.92
N MET D 112 33.21 -32.94 -66.31
CA MET D 112 33.56 -33.16 -64.92
C MET D 112 32.61 -32.43 -63.99
N GLY D 113 31.70 -31.65 -64.56
CA GLY D 113 30.75 -30.91 -63.78
C GLY D 113 31.24 -29.54 -63.35
N LYS D 114 32.56 -29.32 -63.48
CA LYS D 114 33.23 -28.01 -63.18
C LYS D 114 33.07 -26.76 -64.10
N TYR D 115 33.24 -26.93 -65.41
CA TYR D 115 32.90 -25.94 -66.42
C TYR D 115 31.53 -26.22 -67.01
N ASP D 116 30.80 -25.15 -67.35
CA ASP D 116 29.48 -25.27 -67.93
C ASP D 116 29.61 -25.51 -69.43
N ASN D 117 28.93 -26.53 -69.93
CA ASN D 117 28.97 -26.86 -71.36
C ASN D 117 28.44 -25.70 -72.20
N HIS D 118 27.83 -24.72 -71.53
CA HIS D 118 27.26 -23.55 -72.17
C HIS D 118 28.22 -22.93 -73.19
N LEU D 119 29.51 -23.09 -72.97
CA LEU D 119 30.53 -22.53 -73.85
C LEU D 119 30.76 -23.37 -75.12
N LEU D 120 30.82 -24.69 -74.94
CA LEU D 120 31.05 -25.60 -76.06
C LEU D 120 29.98 -25.42 -77.15
N GLU D 121 28.87 -24.79 -76.79
CA GLU D 121 27.77 -24.57 -77.71
C GLU D 121 27.81 -23.20 -78.38
N ASP D 122 28.26 -22.20 -77.63
CA ASP D 122 28.34 -20.84 -78.16
C ASP D 122 29.67 -20.54 -78.84
N TYR D 123 30.56 -21.53 -78.86
CA TYR D 123 31.87 -21.35 -79.48
C TYR D 123 32.37 -22.63 -80.13
N THR D 124 32.67 -22.56 -81.42
CA THR D 124 33.17 -23.71 -82.15
C THR D 124 34.67 -23.87 -81.90
N GLU D 125 35.16 -25.09 -82.07
CA GLU D 125 36.58 -25.38 -81.84
C GLU D 125 37.50 -24.29 -82.39
N GLU D 126 37.29 -23.91 -83.65
CA GLU D 126 38.09 -22.89 -84.29
C GLU D 126 38.23 -21.65 -83.41
N GLU D 127 37.09 -21.05 -83.06
CA GLU D 127 37.06 -19.86 -82.23
C GLU D 127 37.82 -20.06 -80.92
N PHE D 128 37.75 -21.27 -80.36
CA PHE D 128 38.44 -21.58 -79.12
C PHE D 128 39.94 -21.59 -79.33
N LYS D 129 40.39 -22.37 -80.31
CA LYS D 129 41.81 -22.48 -80.62
C LYS D 129 42.38 -21.12 -81.03
N GLN D 130 41.50 -20.24 -81.49
CA GLN D 130 41.89 -18.90 -81.89
C GLN D 130 42.15 -18.05 -80.65
N MET D 131 41.21 -18.10 -79.72
CA MET D 131 41.31 -17.36 -78.47
C MET D 131 42.55 -17.80 -77.70
N ASP D 132 43.01 -19.02 -77.97
CA ASP D 132 44.18 -19.57 -77.31
C ASP D 132 45.38 -18.64 -77.56
N THR D 133 45.34 -17.92 -78.67
CA THR D 133 46.40 -17.00 -79.03
C THR D 133 46.46 -15.83 -78.06
N PHE D 134 45.30 -15.26 -77.75
CA PHE D 134 45.23 -14.13 -76.83
C PHE D 134 45.75 -14.54 -75.46
N ILE D 135 45.46 -15.77 -75.06
CA ILE D 135 45.90 -16.29 -73.77
C ILE D 135 47.41 -16.25 -73.62
N ASP D 136 47.87 -15.61 -72.55
CA ASP D 136 49.31 -15.51 -72.27
C ASP D 136 49.60 -16.20 -70.95
N HIS D 137 49.88 -17.49 -70.97
CA HIS D 137 50.00 -18.21 -69.74
C HIS D 137 51.07 -17.52 -68.94
N ASP D 138 51.98 -16.85 -69.65
CA ASP D 138 53.18 -16.30 -69.04
C ASP D 138 52.80 -15.19 -68.07
N ARG D 139 51.56 -14.71 -68.18
CA ARG D 139 51.08 -13.64 -67.32
C ARG D 139 50.97 -14.13 -65.87
N ASP D 140 50.98 -15.45 -65.69
CA ASP D 140 50.91 -16.04 -64.37
C ASP D 140 52.16 -15.66 -63.58
N MET D 141 53.21 -15.30 -64.31
CA MET D 141 54.48 -14.92 -63.70
C MET D 141 54.50 -13.41 -63.41
N THR D 142 53.34 -12.79 -63.46
CA THR D 142 53.22 -11.36 -63.19
C THR D 142 52.38 -11.12 -61.94
N PHE D 143 52.18 -12.19 -61.18
CA PHE D 143 51.39 -12.12 -59.95
C PHE D 143 52.27 -11.99 -58.70
N SER D 144 51.77 -11.20 -57.75
CA SER D 144 52.33 -11.12 -56.41
C SER D 144 51.88 -12.34 -55.63
N TYR D 145 52.62 -12.67 -54.58
CA TYR D 145 52.25 -13.80 -53.72
C TYR D 145 50.91 -13.53 -53.07
N ALA D 146 50.70 -12.28 -52.66
CA ALA D 146 49.46 -11.85 -52.03
C ALA D 146 48.23 -12.26 -52.83
N ALA D 147 48.18 -11.85 -54.08
CA ALA D 147 47.07 -12.16 -54.97
C ALA D 147 46.97 -13.66 -55.24
N VAL D 148 48.11 -14.26 -55.55
CA VAL D 148 48.18 -15.69 -55.85
C VAL D 148 47.45 -16.55 -54.83
N LYS D 149 47.81 -16.41 -53.56
CA LYS D 149 47.20 -17.18 -52.48
C LYS D 149 45.68 -17.11 -52.49
N GLN D 150 45.13 -15.97 -52.89
CA GLN D 150 43.68 -15.80 -52.94
C GLN D 150 43.10 -16.64 -54.08
N LEU D 151 43.74 -16.52 -55.24
CA LEU D 151 43.25 -17.15 -56.47
C LEU D 151 43.25 -18.66 -56.34
N GLU D 152 44.24 -19.21 -55.65
CA GLU D 152 44.36 -20.65 -55.59
C GLU D 152 43.08 -21.25 -55.00
N GLY D 153 42.53 -20.62 -53.96
CA GLY D 153 41.25 -21.05 -53.42
C GLY D 153 40.05 -20.22 -53.86
N LYS D 154 40.19 -18.90 -53.78
CA LYS D 154 39.09 -17.97 -54.07
C LYS D 154 38.58 -17.95 -55.52
N TYR D 155 39.51 -18.00 -56.46
CA TYR D 155 39.21 -17.77 -57.89
C TYR D 155 39.27 -18.97 -58.84
N LEU D 156 40.28 -19.82 -58.70
CA LEU D 156 40.53 -20.94 -59.59
C LEU D 156 39.52 -22.06 -59.37
N VAL D 157 39.03 -22.66 -60.46
CA VAL D 157 38.07 -23.77 -60.32
C VAL D 157 38.79 -24.97 -59.71
N GLN D 158 38.27 -25.51 -58.62
CA GLN D 158 38.94 -26.63 -57.95
C GLN D 158 37.99 -27.57 -57.23
N ASN D 159 38.50 -28.71 -56.80
CA ASN D 159 37.69 -29.66 -56.04
C ASN D 159 37.99 -29.35 -54.57
N ARG D 160 36.97 -28.95 -53.80
CA ARG D 160 37.22 -28.55 -52.42
C ARG D 160 37.48 -29.73 -51.49
N VAL D 161 36.90 -30.87 -51.76
CA VAL D 161 37.19 -32.06 -50.96
C VAL D 161 38.59 -32.57 -51.26
N THR D 162 38.79 -33.04 -52.48
CA THR D 162 40.05 -33.61 -52.92
C THR D 162 41.23 -32.66 -52.96
N GLY D 163 40.98 -31.38 -53.21
CA GLY D 163 42.05 -30.40 -53.30
C GLY D 163 42.41 -30.06 -54.73
N GLU D 164 42.22 -30.97 -55.67
CA GLU D 164 42.55 -30.76 -57.07
C GLU D 164 42.23 -29.37 -57.61
N ILE D 165 43.21 -28.76 -58.26
CA ILE D 165 43.01 -27.45 -58.86
C ILE D 165 42.66 -27.62 -60.33
N TYR D 166 41.49 -27.13 -60.70
CA TYR D 166 41.00 -27.17 -62.08
C TYR D 166 41.63 -26.23 -63.13
N GLU D 167 41.88 -24.98 -62.77
CA GLU D 167 42.15 -23.94 -63.76
C GLU D 167 43.36 -23.03 -63.53
N SER D 168 43.84 -22.44 -64.62
CA SER D 168 45.00 -21.54 -64.60
C SER D 168 44.61 -20.07 -64.53
N ALA D 169 45.55 -19.23 -64.12
CA ALA D 169 45.28 -17.82 -63.85
C ALA D 169 44.78 -17.06 -65.08
N GLN D 170 45.38 -17.30 -66.25
CA GLN D 170 44.82 -16.77 -67.48
C GLN D 170 43.65 -17.58 -68.01
N PHE D 171 43.69 -18.89 -67.78
CA PHE D 171 42.60 -19.77 -68.23
C PHE D 171 41.30 -19.21 -67.67
N LEU D 172 41.31 -18.90 -66.37
CA LEU D 172 40.16 -18.34 -65.70
C LEU D 172 39.70 -17.05 -66.36
N TYR D 173 40.64 -16.11 -66.49
CA TYR D 173 40.35 -14.82 -67.10
C TYR D 173 39.60 -14.90 -68.42
N ILE D 174 40.23 -15.47 -69.44
CA ILE D 174 39.64 -15.58 -70.76
C ILE D 174 38.22 -16.17 -70.77
N LEU D 175 38.04 -17.34 -70.16
CA LEU D 175 36.72 -17.97 -70.14
C LEU D 175 35.63 -16.99 -69.70
N VAL D 176 35.88 -16.28 -68.61
CA VAL D 176 34.91 -15.31 -68.10
C VAL D 176 34.61 -14.25 -69.14
N ALA D 177 35.65 -13.71 -69.76
CA ALA D 177 35.51 -12.67 -70.77
C ALA D 177 34.57 -13.11 -71.89
N ALA D 178 34.78 -14.32 -72.39
CA ALA D 178 33.96 -14.86 -73.47
C ALA D 178 32.58 -15.28 -72.99
N CYS D 179 32.54 -16.04 -71.89
CA CYS D 179 31.28 -16.51 -71.33
C CYS D 179 30.38 -15.35 -70.93
N LEU D 180 30.93 -14.13 -70.96
CA LEU D 180 30.17 -12.94 -70.61
C LEU D 180 29.85 -12.16 -71.87
N PHE D 181 30.48 -12.54 -72.97
CA PHE D 181 30.29 -11.90 -74.27
C PHE D 181 29.79 -12.91 -75.30
N SER D 182 29.52 -14.13 -74.86
CA SER D 182 29.05 -15.19 -75.74
C SER D 182 27.90 -14.70 -76.61
N ASN D 183 26.79 -14.31 -75.98
CA ASN D 183 25.63 -13.82 -76.70
C ASN D 183 25.92 -12.45 -77.29
N TYR D 184 26.87 -12.40 -78.23
CA TYR D 184 27.25 -11.15 -78.88
C TYR D 184 27.40 -11.35 -80.37
N PRO D 185 27.26 -10.28 -81.17
CA PRO D 185 27.39 -10.34 -82.62
C PRO D 185 28.63 -11.11 -83.08
N ARG D 186 28.50 -11.83 -84.18
CA ARG D 186 29.59 -12.63 -84.73
C ARG D 186 30.84 -11.79 -85.00
N GLU D 187 30.63 -10.62 -85.60
CA GLU D 187 31.70 -9.67 -85.91
C GLU D 187 32.42 -8.97 -84.75
N THR D 188 31.65 -8.54 -83.75
CA THR D 188 32.19 -7.74 -82.64
C THR D 188 32.55 -8.59 -81.43
N ARG D 189 32.26 -9.88 -81.53
CA ARG D 189 32.46 -10.81 -80.42
C ARG D 189 33.94 -11.14 -80.21
N LEU D 190 34.48 -12.01 -81.05
CA LEU D 190 35.85 -12.46 -80.90
C LEU D 190 36.75 -11.28 -80.48
N GLN D 191 36.50 -10.11 -81.07
CA GLN D 191 37.29 -8.93 -80.78
C GLN D 191 37.20 -8.54 -79.31
N TYR D 192 35.99 -8.20 -78.87
CA TYR D 192 35.76 -7.82 -77.48
C TYR D 192 36.29 -8.87 -76.50
N VAL D 193 36.20 -10.13 -76.90
CA VAL D 193 36.66 -11.23 -76.07
C VAL D 193 38.14 -11.05 -75.69
N LYS D 194 38.90 -10.45 -76.60
CA LYS D 194 40.32 -10.22 -76.35
C LYS D 194 40.57 -8.89 -75.66
N ARG D 195 40.01 -7.81 -76.20
CA ARG D 195 40.19 -6.49 -75.60
C ARG D 195 39.77 -6.46 -74.14
N PHE D 196 38.80 -7.29 -73.78
CA PHE D 196 38.34 -7.34 -72.40
C PHE D 196 39.31 -8.21 -71.60
N TYR D 197 39.67 -9.36 -72.16
CA TYR D 197 40.59 -10.28 -71.52
C TYR D 197 41.84 -9.56 -71.06
N ASP D 198 42.44 -8.77 -71.95
CA ASP D 198 43.65 -8.02 -71.62
C ASP D 198 43.38 -6.94 -70.58
N ALA D 199 42.21 -6.32 -70.66
CA ALA D 199 41.85 -5.25 -69.73
C ALA D 199 41.81 -5.78 -68.29
N VAL D 200 41.38 -7.03 -68.13
CA VAL D 200 41.29 -7.64 -66.81
C VAL D 200 42.51 -8.47 -66.45
N SER D 201 43.09 -9.14 -67.45
CA SER D 201 44.26 -9.97 -67.24
C SER D 201 45.48 -9.14 -66.86
N THR D 202 45.50 -7.89 -67.31
CA THR D 202 46.62 -7.00 -67.00
C THR D 202 46.36 -6.19 -65.73
N PHE D 203 45.33 -6.58 -64.99
CA PHE D 203 44.97 -5.92 -63.74
C PHE D 203 44.56 -4.46 -63.99
N LYS D 204 44.00 -4.19 -65.17
CA LYS D 204 43.59 -2.85 -65.51
C LYS D 204 42.14 -2.60 -65.11
N ILE D 205 41.42 -3.69 -64.84
CA ILE D 205 40.02 -3.63 -64.42
C ILE D 205 39.69 -4.86 -63.58
N SER D 206 39.58 -4.67 -62.26
CA SER D 206 39.27 -5.77 -61.36
C SER D 206 37.75 -5.93 -61.20
N LEU D 207 37.30 -7.17 -61.08
CA LEU D 207 35.88 -7.47 -60.94
C LEU D 207 35.57 -8.16 -59.61
N PRO D 208 34.31 -8.07 -59.16
CA PRO D 208 33.86 -8.68 -57.89
C PRO D 208 34.19 -10.16 -57.75
N THR D 209 34.67 -10.53 -56.56
CA THR D 209 35.04 -11.91 -56.25
C THR D 209 34.03 -12.94 -56.75
N PRO D 210 32.73 -12.76 -56.42
CA PRO D 210 31.70 -13.70 -56.86
C PRO D 210 31.73 -14.02 -58.36
N ILE D 211 31.96 -12.99 -59.17
CA ILE D 211 32.01 -13.16 -60.62
C ILE D 211 33.10 -14.13 -61.07
N MET D 212 34.35 -13.88 -60.72
CA MET D 212 35.44 -14.58 -61.38
C MET D 212 35.29 -16.10 -61.24
N SER D 213 34.83 -16.56 -60.07
CA SER D 213 34.67 -17.99 -59.81
C SER D 213 33.63 -18.75 -60.65
N GLY D 214 32.48 -18.12 -60.91
CA GLY D 214 31.31 -18.83 -61.40
C GLY D 214 30.95 -18.54 -62.83
N VAL D 215 31.47 -17.46 -63.39
CA VAL D 215 31.28 -17.30 -64.81
C VAL D 215 31.98 -18.54 -65.35
N ARG D 216 31.30 -19.27 -66.21
CA ARG D 216 31.84 -20.50 -66.76
C ARG D 216 31.58 -21.74 -65.90
N THR D 217 30.87 -21.61 -64.80
CA THR D 217 30.44 -22.81 -64.09
C THR D 217 28.90 -22.91 -64.11
N PRO D 218 28.36 -24.04 -63.62
CA PRO D 218 26.91 -24.26 -63.59
C PRO D 218 26.10 -23.06 -63.06
N THR D 219 26.48 -22.55 -61.89
CA THR D 219 25.67 -21.56 -61.21
C THR D 219 25.46 -20.29 -62.03
N ARG D 220 24.23 -19.77 -61.95
CA ARG D 220 23.78 -18.63 -62.76
C ARG D 220 23.70 -17.32 -61.96
N GLN D 221 24.17 -17.32 -60.72
CA GLN D 221 24.00 -16.13 -59.87
C GLN D 221 25.29 -15.43 -59.47
N PHE D 222 25.40 -14.15 -59.82
CA PHE D 222 26.56 -13.33 -59.46
C PHE D 222 26.28 -12.14 -58.52
N SER D 223 25.07 -12.03 -57.97
CA SER D 223 24.72 -10.88 -57.12
C SER D 223 25.52 -10.80 -55.80
N SER D 224 25.93 -9.60 -55.42
CA SER D 224 26.73 -9.39 -54.20
C SER D 224 26.05 -8.73 -52.98
N CYS D 225 25.38 -7.59 -53.21
CA CYS D 225 24.74 -6.85 -52.14
C CYS D 225 23.31 -6.52 -52.56
N VAL D 226 22.36 -6.86 -51.69
CA VAL D 226 20.97 -6.55 -51.96
C VAL D 226 20.33 -5.75 -50.84
N LEU D 227 19.30 -4.98 -51.18
CA LEU D 227 18.59 -4.17 -50.20
C LEU D 227 17.12 -4.58 -50.14
N ILE D 228 16.53 -4.45 -48.95
CA ILE D 228 15.14 -4.80 -48.74
C ILE D 228 14.48 -3.93 -47.68
N GLU D 229 13.34 -3.35 -48.02
CA GLU D 229 12.60 -2.50 -47.11
C GLU D 229 11.45 -3.33 -46.53
N CYS D 230 11.32 -3.32 -45.21
CA CYS D 230 10.28 -4.09 -44.56
C CYS D 230 9.08 -3.22 -44.19
N GLY D 231 7.89 -3.81 -44.25
CA GLY D 231 6.68 -3.08 -43.93
C GLY D 231 6.17 -3.37 -42.55
N ASP D 232 5.75 -2.33 -41.83
CA ASP D 232 5.24 -2.47 -40.47
C ASP D 232 4.16 -3.54 -40.39
N SER D 233 3.56 -3.85 -41.53
CA SER D 233 2.51 -4.88 -41.59
C SER D 233 3.09 -6.26 -41.29
N LEU D 234 2.42 -6.99 -40.40
CA LEU D 234 2.85 -8.32 -40.00
C LEU D 234 3.31 -9.18 -41.18
N ASP D 235 2.40 -9.42 -42.13
CA ASP D 235 2.70 -10.23 -43.30
C ASP D 235 4.00 -9.84 -44.00
N SER D 236 4.18 -8.54 -44.22
CA SER D 236 5.38 -8.03 -44.90
C SER D 236 6.67 -8.60 -44.31
N ILE D 237 6.83 -8.47 -42.99
CA ILE D 237 8.02 -8.95 -42.31
C ILE D 237 8.29 -10.42 -42.59
N ASN D 238 7.24 -11.24 -42.54
CA ASN D 238 7.38 -12.66 -42.80
C ASN D 238 8.04 -12.91 -44.16
N ALA D 239 7.73 -12.08 -45.13
CA ALA D 239 8.31 -12.20 -46.46
C ALA D 239 9.78 -11.83 -46.38
N THR D 240 10.06 -10.69 -45.75
CA THR D 240 11.43 -10.21 -45.59
C THR D 240 12.24 -11.35 -44.97
N SER D 241 11.68 -11.98 -43.95
CA SER D 241 12.33 -13.08 -43.27
C SER D 241 12.74 -14.16 -44.26
N SER D 242 11.82 -14.51 -45.15
CA SER D 242 12.09 -15.53 -46.17
C SER D 242 13.11 -15.07 -47.18
N ALA D 243 12.91 -13.88 -47.73
CA ALA D 243 13.81 -13.32 -48.73
C ALA D 243 15.26 -13.35 -48.25
N ILE D 244 15.50 -12.76 -47.08
CA ILE D 244 16.83 -12.72 -46.50
C ILE D 244 17.48 -14.10 -46.50
N VAL D 245 16.73 -15.11 -46.04
CA VAL D 245 17.23 -16.47 -45.99
C VAL D 245 17.60 -16.96 -47.39
N LYS D 246 16.72 -16.71 -48.35
CA LYS D 246 16.94 -17.11 -49.73
C LYS D 246 18.31 -16.67 -50.25
N TYR D 247 18.48 -15.36 -50.38
CA TYR D 247 19.74 -14.80 -50.88
C TYR D 247 20.97 -15.15 -50.04
N VAL D 248 20.77 -15.03 -48.73
CA VAL D 248 21.82 -14.97 -47.72
C VAL D 248 22.63 -16.24 -47.68
N SER D 249 21.94 -17.35 -47.94
CA SER D 249 22.55 -18.67 -48.04
C SER D 249 23.53 -18.57 -49.18
N GLN D 250 23.14 -17.83 -50.22
CA GLN D 250 24.07 -17.53 -51.28
C GLN D 250 24.93 -16.37 -50.79
N ARG D 251 25.46 -16.49 -49.59
CA ARG D 251 26.67 -15.80 -49.21
C ARG D 251 26.58 -14.33 -49.62
N ALA D 252 25.42 -13.70 -49.43
CA ALA D 252 25.25 -12.34 -49.90
C ALA D 252 25.08 -11.36 -48.75
N GLY D 253 25.81 -10.25 -48.82
CA GLY D 253 25.69 -9.23 -47.79
C GLY D 253 24.26 -8.75 -47.81
N ILE D 254 23.70 -8.56 -46.62
CA ILE D 254 22.27 -8.31 -46.50
C ILE D 254 21.90 -6.91 -46.04
N GLY D 255 20.99 -6.29 -46.77
CA GLY D 255 20.49 -4.98 -46.39
C GLY D 255 19.04 -5.03 -45.96
N ILE D 256 18.79 -4.52 -44.77
CA ILE D 256 17.45 -4.38 -44.22
C ILE D 256 17.11 -2.97 -43.77
N ASN D 257 15.84 -2.59 -43.94
CA ASN D 257 15.35 -1.28 -43.55
C ASN D 257 14.07 -1.45 -42.73
N ALA D 258 14.23 -1.56 -41.41
CA ALA D 258 13.08 -1.74 -40.52
C ALA D 258 12.61 -0.41 -39.94
N GLY D 259 13.03 0.69 -40.54
CA GLY D 259 12.81 1.99 -39.94
C GLY D 259 11.33 2.21 -39.72
N ARG D 260 10.56 1.80 -40.73
CA ARG D 260 9.13 2.01 -40.74
C ARG D 260 8.48 1.27 -39.59
N ILE D 261 8.96 0.06 -39.31
CA ILE D 261 8.27 -0.76 -38.34
C ILE D 261 8.01 0.10 -37.12
N ARG D 262 6.78 0.01 -36.63
CA ARG D 262 6.26 0.89 -35.59
C ARG D 262 6.90 0.59 -34.24
N ALA D 263 6.87 1.57 -33.35
CA ALA D 263 7.50 1.48 -32.04
C ALA D 263 6.75 0.66 -31.01
N LEU D 264 7.52 0.29 -29.98
CA LEU D 264 6.99 -0.42 -28.82
C LEU D 264 5.86 0.37 -28.18
N GLY D 265 4.79 -0.33 -27.83
CA GLY D 265 3.64 0.31 -27.19
C GLY D 265 2.56 0.77 -28.15
N SER D 266 2.92 0.99 -29.40
CA SER D 266 1.98 1.45 -30.42
C SER D 266 0.79 0.51 -30.51
N PRO D 267 -0.37 1.09 -30.72
CA PRO D 267 -1.63 0.38 -30.84
C PRO D 267 -1.58 -0.65 -31.96
N ILE D 268 -2.28 -1.76 -31.80
CA ILE D 268 -2.44 -2.75 -32.85
C ILE D 268 -3.91 -3.19 -32.91
N ARG D 269 -4.56 -2.95 -34.04
CA ARG D 269 -5.95 -3.36 -34.20
C ARG D 269 -6.96 -2.42 -33.52
N GLY D 270 -6.46 -1.33 -32.95
CA GLY D 270 -7.28 -0.30 -32.32
C GLY D 270 -6.76 -0.08 -30.89
N GLY D 271 -7.21 -0.90 -29.98
CA GLY D 271 -6.79 -0.86 -28.57
C GLY D 271 -6.85 -2.29 -28.03
N GLU D 272 -7.09 -3.21 -28.96
CA GLU D 272 -7.22 -4.63 -28.65
C GLU D 272 -5.88 -5.25 -28.27
N ALA D 273 -4.77 -4.72 -28.80
CA ALA D 273 -3.45 -5.23 -28.47
C ALA D 273 -2.38 -4.19 -28.76
N PHE D 274 -1.42 -4.06 -27.85
CA PHE D 274 -0.35 -3.08 -28.00
C PHE D 274 0.90 -3.78 -28.55
N HIS D 275 1.61 -3.06 -29.42
CA HIS D 275 2.82 -3.53 -30.07
C HIS D 275 3.93 -3.96 -29.11
N THR D 276 4.76 -4.88 -29.58
CA THR D 276 5.84 -5.44 -28.77
C THR D 276 7.21 -4.80 -28.97
N GLY D 277 7.40 -4.03 -30.02
CA GLY D 277 8.61 -3.31 -30.30
C GLY D 277 9.32 -3.74 -31.58
N CYS D 278 10.38 -3.03 -31.94
CA CYS D 278 11.17 -3.37 -33.11
C CYS D 278 12.20 -4.45 -32.84
N ILE D 279 12.76 -4.46 -31.63
CA ILE D 279 13.85 -5.36 -31.26
C ILE D 279 13.54 -6.80 -31.51
N PRO D 280 12.42 -7.31 -31.04
CA PRO D 280 12.13 -8.74 -31.23
C PRO D 280 12.15 -9.06 -32.73
N PHE D 281 11.63 -8.17 -33.56
CA PHE D 281 11.68 -8.36 -35.01
C PHE D 281 13.12 -8.37 -35.56
N TYR D 282 13.97 -7.49 -35.05
CA TYR D 282 15.36 -7.39 -35.48
C TYR D 282 16.10 -8.69 -35.23
N LYS D 283 15.83 -9.30 -34.08
CA LYS D 283 16.45 -10.57 -33.72
C LYS D 283 16.22 -11.60 -34.83
N HIS D 284 14.99 -11.70 -35.28
CA HIS D 284 14.62 -12.65 -36.33
C HIS D 284 15.44 -12.41 -37.60
N PHE D 285 15.50 -11.16 -38.04
CA PHE D 285 16.24 -10.81 -39.24
C PHE D 285 17.66 -11.36 -39.20
N GLN D 286 18.25 -11.38 -38.01
CA GLN D 286 19.60 -11.90 -37.83
C GLN D 286 19.68 -13.41 -38.06
N THR D 287 18.86 -14.16 -37.32
CA THR D 287 18.86 -15.61 -37.44
C THR D 287 18.75 -16.05 -38.90
N ALA D 288 18.11 -15.22 -39.72
CA ALA D 288 17.95 -15.53 -41.14
C ALA D 288 19.26 -15.39 -41.89
N VAL D 289 19.99 -14.30 -41.63
CA VAL D 289 21.26 -14.05 -42.29
C VAL D 289 22.31 -15.06 -41.85
N LYS D 290 22.09 -15.66 -40.67
CA LYS D 290 23.03 -16.64 -40.13
C LYS D 290 22.53 -18.06 -40.40
N SER D 291 21.38 -18.16 -41.06
CA SER D 291 20.79 -19.46 -41.37
C SER D 291 21.81 -20.39 -42.03
N CYS D 292 22.81 -19.80 -42.68
CA CYS D 292 23.87 -20.58 -43.28
C CYS D 292 25.18 -20.07 -42.73
N SER D 293 25.39 -20.37 -41.46
CA SER D 293 26.57 -19.97 -40.71
C SER D 293 26.93 -21.15 -39.80
N GLN D 294 28.16 -21.18 -39.27
CA GLN D 294 28.66 -22.40 -38.63
C GLN D 294 27.83 -22.85 -37.42
N GLY D 295 27.58 -21.90 -36.54
CA GLY D 295 26.56 -22.02 -35.50
C GLY D 295 25.80 -20.72 -35.41
N GLY D 296 25.87 -19.93 -36.48
CA GLY D 296 25.79 -18.48 -36.40
C GLY D 296 27.07 -17.74 -36.03
N VAL D 297 28.19 -18.45 -35.96
CA VAL D 297 29.49 -17.83 -35.64
C VAL D 297 30.39 -17.58 -36.86
N ARG D 298 29.87 -17.97 -38.02
CA ARG D 298 30.54 -17.73 -39.27
C ARG D 298 29.59 -17.10 -40.28
N GLY D 299 30.02 -15.95 -40.80
CA GLY D 299 29.49 -15.38 -42.03
C GLY D 299 28.06 -14.90 -41.90
N GLY D 300 27.50 -14.39 -42.99
CA GLY D 300 26.13 -13.85 -42.96
C GLY D 300 26.26 -12.47 -42.31
N ALA D 301 26.32 -11.43 -43.13
CA ALA D 301 26.47 -10.08 -42.60
C ALA D 301 25.25 -9.24 -43.00
N ALA D 302 24.83 -8.37 -42.10
CA ALA D 302 23.69 -7.52 -42.37
C ALA D 302 23.88 -6.15 -41.78
N THR D 303 23.37 -5.15 -42.48
CA THR D 303 23.31 -3.81 -41.92
C THR D 303 21.85 -3.40 -41.86
N LEU D 304 21.38 -3.05 -40.68
CA LEU D 304 20.03 -2.49 -40.55
C LEU D 304 20.02 -0.97 -40.52
N PHE D 305 19.02 -0.39 -41.18
CA PHE D 305 18.87 1.06 -41.24
C PHE D 305 17.58 1.52 -40.58
N TYR D 306 17.61 2.71 -39.99
CA TYR D 306 16.45 3.27 -39.31
C TYR D 306 16.60 4.76 -39.08
N PRO D 307 15.48 5.47 -38.87
CA PRO D 307 15.51 6.92 -38.64
C PRO D 307 16.05 7.27 -37.26
N MET D 308 16.79 8.37 -37.18
CA MET D 308 17.38 8.80 -35.92
C MET D 308 16.32 9.41 -35.00
N TRP D 309 15.21 9.86 -35.60
CA TRP D 309 14.12 10.45 -34.84
C TRP D 309 13.12 9.41 -34.38
N HIS D 310 13.43 8.14 -34.63
CA HIS D 310 12.53 7.05 -34.24
C HIS D 310 12.26 7.08 -32.74
N LEU D 311 11.11 6.53 -32.35
CA LEU D 311 10.73 6.49 -30.94
C LEU D 311 11.54 5.49 -30.13
N GLU D 312 12.37 4.71 -30.81
CA GLU D 312 13.22 3.72 -30.15
C GLU D 312 14.69 3.94 -30.47
N VAL D 313 15.01 5.08 -31.08
CA VAL D 313 16.39 5.39 -31.44
C VAL D 313 17.33 5.07 -30.27
N GLU D 314 16.89 5.40 -29.06
CA GLU D 314 17.68 5.15 -27.86
C GLU D 314 17.83 3.66 -27.62
N SER D 315 16.75 2.91 -27.83
CA SER D 315 16.77 1.46 -27.65
C SER D 315 17.84 0.85 -28.55
N LEU D 316 17.74 1.16 -29.83
CA LEU D 316 18.51 0.48 -30.88
C LEU D 316 20.03 0.61 -30.89
N LEU D 317 20.55 1.80 -30.63
CA LEU D 317 21.95 2.10 -30.95
C LEU D 317 22.96 1.17 -30.28
N VAL D 318 22.73 0.89 -29.01
CA VAL D 318 23.68 0.21 -28.14
C VAL D 318 23.52 -1.30 -28.18
N LEU D 319 22.63 -1.77 -29.04
CA LEU D 319 22.37 -3.19 -29.17
C LEU D 319 23.65 -3.85 -29.61
N LYS D 320 24.38 -3.19 -30.50
CA LYS D 320 25.67 -3.72 -30.95
C LYS D 320 26.66 -3.86 -29.81
N ASN D 321 26.42 -3.13 -28.73
CA ASN D 321 27.30 -3.17 -27.56
C ASN D 321 27.22 -4.55 -26.90
N ASN D 322 28.36 -5.05 -26.43
CA ASN D 322 28.41 -6.35 -25.78
C ASN D 322 28.11 -6.27 -24.29
N ARG D 323 28.21 -5.07 -23.73
CA ARG D 323 27.94 -4.85 -22.32
C ARG D 323 26.45 -4.65 -22.08
N GLY D 324 25.72 -5.75 -21.87
CA GLY D 324 24.29 -5.65 -21.64
C GLY D 324 23.58 -6.99 -21.66
N VAL D 325 22.32 -6.98 -21.22
CA VAL D 325 21.50 -8.19 -21.19
C VAL D 325 21.17 -8.68 -22.59
N GLU D 326 21.20 -10.00 -22.77
CA GLU D 326 20.93 -10.64 -24.05
C GLU D 326 19.68 -10.11 -24.75
N GLY D 327 18.52 -10.33 -24.14
CA GLY D 327 17.28 -9.89 -24.74
C GLY D 327 17.18 -8.40 -25.07
N ASN D 328 18.22 -7.64 -24.76
CA ASN D 328 18.22 -6.21 -25.04
C ASN D 328 19.36 -5.84 -25.99
N ARG D 329 19.94 -6.84 -26.62
CA ARG D 329 20.99 -6.62 -27.60
C ARG D 329 20.78 -7.53 -28.81
N VAL D 330 21.03 -6.98 -29.99
CA VAL D 330 21.24 -7.79 -31.16
C VAL D 330 22.70 -7.55 -31.39
N ARG D 331 23.50 -8.55 -30.99
CA ARG D 331 24.96 -8.57 -31.18
C ARG D 331 25.53 -8.71 -32.59
N HIS D 332 24.88 -9.54 -33.42
CA HIS D 332 25.39 -9.93 -34.74
C HIS D 332 25.60 -8.94 -35.89
N MET D 333 24.69 -7.98 -36.09
CA MET D 333 24.67 -7.21 -37.36
C MET D 333 24.88 -5.69 -37.24
N ASP D 334 25.35 -5.04 -38.31
CA ASP D 334 25.74 -3.64 -38.21
C ASP D 334 24.55 -2.72 -38.47
N TYR D 335 24.62 -1.50 -37.95
CA TYR D 335 23.50 -0.57 -38.02
C TYR D 335 23.90 0.77 -38.62
N GLY D 336 23.01 1.36 -39.40
CA GLY D 336 23.29 2.64 -40.02
C GLY D 336 22.24 3.67 -39.64
N VAL D 337 22.64 4.63 -38.82
CA VAL D 337 21.72 5.68 -38.37
C VAL D 337 21.43 6.68 -39.48
N GLN D 338 20.14 6.85 -39.79
CA GLN D 338 19.70 7.77 -40.83
C GLN D 338 19.53 9.18 -40.26
N ILE D 339 20.15 10.16 -40.92
CA ILE D 339 20.08 11.54 -40.48
C ILE D 339 19.77 12.47 -41.65
N ASN D 340 19.31 13.67 -41.36
CA ASN D 340 18.99 14.65 -42.39
C ASN D 340 19.36 16.05 -41.95
N LYS D 341 18.97 17.07 -42.72
CA LYS D 341 19.32 18.48 -42.43
C LYS D 341 18.77 19.14 -41.15
N LEU D 342 17.49 18.96 -40.85
CA LEU D 342 16.90 19.35 -39.57
C LEU D 342 17.58 18.73 -38.36
N MET D 343 17.88 17.43 -38.43
CA MET D 343 18.52 16.74 -37.31
C MET D 343 19.79 17.44 -36.84
N TYR D 344 20.77 17.53 -37.72
CA TYR D 344 22.03 18.19 -37.38
C TYR D 344 21.80 19.58 -36.80
N THR D 345 20.81 20.28 -37.36
CA THR D 345 20.47 21.63 -36.91
C THR D 345 20.22 21.66 -35.40
N ARG D 346 19.36 20.76 -34.94
CA ARG D 346 19.00 20.69 -33.53
C ARG D 346 20.24 20.58 -32.63
N LEU D 347 21.20 19.76 -33.06
CA LEU D 347 22.43 19.56 -32.30
C LEU D 347 23.20 20.86 -32.14
N LEU D 348 23.38 21.59 -33.25
CA LEU D 348 24.11 22.85 -33.22
C LEU D 348 23.40 23.94 -32.42
N LYS D 349 22.12 23.74 -32.14
CA LYS D 349 21.35 24.71 -31.37
C LYS D 349 21.05 24.22 -29.96
N GLY D 350 21.65 23.10 -29.59
CA GLY D 350 21.44 22.54 -28.26
C GLY D 350 19.99 22.26 -27.93
N GLU D 351 19.17 22.31 -28.98
CA GLU D 351 17.74 22.00 -28.98
C GLU D 351 17.45 20.50 -28.98
N ASP D 352 16.20 20.14 -28.68
CA ASP D 352 15.82 18.75 -28.46
C ASP D 352 15.39 18.08 -29.76
N ILE D 353 15.10 16.79 -29.68
CA ILE D 353 14.65 16.02 -30.84
C ILE D 353 13.47 15.15 -30.47
N THR D 354 12.28 15.60 -30.82
CA THR D 354 11.05 14.87 -30.52
C THR D 354 11.03 13.53 -31.25
N LEU D 355 10.96 12.45 -30.48
CA LEU D 355 10.92 11.11 -31.05
C LEU D 355 9.49 10.66 -31.29
N PHE D 356 9.23 10.16 -32.50
CA PHE D 356 7.90 9.69 -32.87
C PHE D 356 7.93 8.26 -33.39
N SER D 357 6.75 7.71 -33.65
CA SER D 357 6.63 6.35 -34.16
C SER D 357 6.18 6.39 -35.61
N PRO D 358 6.72 5.52 -36.46
CA PRO D 358 6.43 5.67 -37.89
C PRO D 358 4.92 5.65 -38.11
N SER D 359 4.21 4.80 -37.38
CA SER D 359 2.75 4.75 -37.45
C SER D 359 2.01 6.02 -36.97
N ASP D 360 2.53 6.64 -35.91
CA ASP D 360 1.90 7.81 -35.31
C ASP D 360 1.81 9.02 -36.25
N VAL D 361 2.86 9.24 -37.03
CA VAL D 361 2.92 10.42 -37.89
C VAL D 361 2.72 10.10 -39.37
N PRO D 362 1.80 10.83 -40.00
CA PRO D 362 1.51 10.65 -41.43
C PRO D 362 2.36 11.56 -42.30
N GLY D 363 3.03 10.96 -43.27
CA GLY D 363 3.87 11.72 -44.19
C GLY D 363 5.19 12.17 -43.60
N LEU D 364 5.45 11.74 -42.37
CA LEU D 364 6.70 12.09 -41.68
C LEU D 364 7.85 11.21 -42.15
N TYR D 365 7.53 9.97 -42.47
CA TYR D 365 8.54 9.01 -42.94
C TYR D 365 8.91 9.27 -44.39
N ASP D 366 7.93 9.14 -45.29
CA ASP D 366 8.15 9.34 -46.71
C ASP D 366 8.89 10.64 -47.00
N ALA D 367 8.49 11.71 -46.31
CA ALA D 367 9.10 13.02 -46.49
C ALA D 367 10.59 12.99 -46.15
N PHE D 368 10.94 12.25 -45.11
CA PHE D 368 12.34 12.14 -44.67
C PHE D 368 13.26 11.80 -45.84
N PHE D 369 12.93 10.75 -46.60
CA PHE D 369 13.62 10.50 -47.88
C PHE D 369 13.32 11.44 -49.07
N ALA D 370 12.03 11.69 -49.33
CA ALA D 370 11.55 12.39 -50.53
C ALA D 370 11.83 13.89 -50.70
N ASP D 371 11.67 14.61 -49.60
CA ASP D 371 11.54 16.06 -49.51
C ASP D 371 11.99 16.54 -48.14
N GLN D 372 12.81 17.58 -48.10
CA GLN D 372 13.39 17.98 -46.83
C GLN D 372 12.56 19.07 -46.16
N GLU D 373 11.71 19.73 -46.94
CA GLU D 373 10.86 20.79 -46.42
C GLU D 373 9.66 20.21 -45.70
N GLU D 374 8.94 19.33 -46.37
CA GLU D 374 7.74 18.70 -45.80
C GLU D 374 8.07 18.11 -44.43
N PHE D 375 9.10 17.25 -44.38
CA PHE D 375 9.51 16.63 -43.14
C PHE D 375 9.77 17.70 -42.08
N GLU D 376 10.19 18.87 -42.53
CA GLU D 376 10.49 19.98 -41.62
C GLU D 376 9.20 20.67 -41.20
N ARG D 377 8.27 20.82 -42.14
CA ARG D 377 6.99 21.46 -41.85
C ARG D 377 6.15 20.53 -40.98
N LEU D 378 6.04 19.28 -41.41
CA LEU D 378 5.26 18.28 -40.70
C LEU D 378 5.79 18.10 -39.28
N TYR D 379 7.09 17.83 -39.17
CA TYR D 379 7.75 17.62 -37.89
C TYR D 379 7.24 18.58 -36.81
N THR D 380 7.53 19.87 -36.99
CA THR D 380 7.11 20.89 -36.04
C THR D 380 5.63 20.84 -35.69
N LYS D 381 4.81 20.41 -36.63
CA LYS D 381 3.37 20.32 -36.40
C LYS D 381 3.06 19.34 -35.27
N TYR D 382 3.54 18.11 -35.44
CA TYR D 382 3.32 17.06 -34.45
C TYR D 382 4.14 17.37 -33.20
N GLU D 383 5.32 17.94 -33.41
CA GLU D 383 6.22 18.30 -32.33
C GLU D 383 5.50 19.14 -31.28
N LYS D 384 4.68 20.07 -31.75
CA LYS D 384 3.92 20.94 -30.86
C LYS D 384 2.53 20.36 -30.61
N ASP D 385 2.32 19.14 -31.05
CA ASP D 385 1.04 18.47 -30.86
C ASP D 385 1.18 17.43 -29.75
N ASP D 386 0.22 17.40 -28.84
CA ASP D 386 0.26 16.48 -27.71
C ASP D 386 -0.50 15.18 -27.95
N SER D 387 -1.41 15.16 -28.90
CA SER D 387 -2.25 13.98 -29.07
C SER D 387 -1.34 12.80 -29.37
N ILE D 388 -0.15 13.11 -29.90
CA ILE D 388 0.70 12.14 -30.56
C ILE D 388 1.81 11.60 -29.65
N ARG D 389 1.87 10.27 -29.59
CA ARG D 389 2.83 9.72 -28.69
C ARG D 389 4.08 10.37 -29.21
N LYS D 390 4.75 11.04 -28.29
CA LYS D 390 6.08 11.61 -28.52
C LYS D 390 7.01 11.47 -27.32
N GLN D 391 8.29 11.78 -27.56
CA GLN D 391 9.32 11.68 -26.52
C GLN D 391 10.48 12.63 -26.85
N ARG D 392 10.65 13.66 -26.03
CA ARG D 392 11.71 14.62 -26.24
C ARG D 392 13.04 14.22 -25.62
N VAL D 393 14.13 14.52 -26.32
CA VAL D 393 15.48 14.20 -25.86
C VAL D 393 16.47 15.20 -26.47
N LYS D 394 17.14 15.97 -25.61
CA LYS D 394 18.11 16.95 -26.06
C LYS D 394 19.01 16.39 -27.16
N ALA D 395 19.11 17.12 -28.26
CA ALA D 395 19.92 16.71 -29.40
C ALA D 395 21.36 16.43 -28.96
N VAL D 396 21.93 17.37 -28.20
CA VAL D 396 23.30 17.24 -27.71
C VAL D 396 23.42 15.96 -26.89
N GLU D 397 22.28 15.43 -26.46
CA GLU D 397 22.25 14.22 -25.64
C GLU D 397 22.13 12.98 -26.52
N LEU D 398 21.47 13.11 -27.66
CA LEU D 398 21.29 11.99 -28.58
C LEU D 398 22.54 11.75 -29.43
N PHE D 399 22.88 12.72 -30.29
CA PHE D 399 24.05 12.60 -31.14
C PHE D 399 25.25 12.05 -30.36
N SER D 400 25.35 12.44 -29.10
CA SER D 400 26.44 12.00 -28.24
C SER D 400 26.44 10.47 -28.07
N LEU D 401 25.30 9.93 -27.66
CA LEU D 401 25.18 8.48 -27.46
C LEU D 401 25.57 7.75 -28.74
N MET D 402 24.87 8.07 -29.83
CA MET D 402 25.12 7.47 -31.13
C MET D 402 26.61 7.37 -31.45
N MET D 403 27.28 8.52 -31.44
CA MET D 403 28.70 8.58 -31.75
C MET D 403 29.54 7.63 -30.91
N GLN D 404 29.19 7.50 -29.63
CA GLN D 404 29.92 6.61 -28.74
C GLN D 404 29.93 5.18 -29.27
N GLU D 405 28.76 4.58 -29.38
CA GLU D 405 28.65 3.21 -29.87
C GLU D 405 29.43 3.03 -31.17
N ARG D 406 29.50 4.10 -31.96
CA ARG D 406 30.21 4.07 -33.24
C ARG D 406 31.71 3.82 -33.08
N ALA D 407 32.32 4.46 -32.08
CA ALA D 407 33.73 4.25 -31.78
C ALA D 407 33.92 3.06 -30.86
N SER D 408 32.87 2.72 -30.11
CA SER D 408 32.92 1.60 -29.19
C SER D 408 32.93 0.25 -29.90
N THR D 409 32.28 0.19 -31.06
CA THR D 409 32.22 -1.05 -31.83
C THR D 409 32.85 -0.88 -33.21
N GLY D 410 32.47 0.19 -33.90
CA GLY D 410 33.00 0.43 -35.22
C GLY D 410 32.13 -0.23 -36.29
N ARG D 411 30.83 -0.29 -36.02
CA ARG D 411 29.88 -0.89 -36.93
C ARG D 411 28.66 0.00 -37.16
N ILE D 412 28.47 0.97 -36.27
CA ILE D 412 27.35 1.90 -36.39
C ILE D 412 27.71 2.99 -37.40
N TYR D 413 27.21 2.85 -38.62
CA TYR D 413 27.48 3.80 -39.68
C TYR D 413 26.47 4.94 -39.70
N ILE D 414 26.65 5.87 -40.63
CA ILE D 414 25.76 7.01 -40.77
C ILE D 414 25.39 7.23 -42.23
N GLN D 415 24.19 7.74 -42.47
CA GLN D 415 23.71 7.99 -43.82
C GLN D 415 22.85 9.25 -43.91
N ASN D 416 23.36 10.27 -44.59
CA ASN D 416 22.62 11.51 -44.76
C ASN D 416 21.62 11.32 -45.90
N VAL D 417 20.35 11.17 -45.54
CA VAL D 417 19.28 10.96 -46.52
C VAL D 417 19.16 12.05 -47.58
N ASP D 418 19.07 13.30 -47.14
CA ASP D 418 18.92 14.42 -48.05
C ASP D 418 19.93 14.41 -49.20
N HIS D 419 21.19 14.08 -48.90
CA HIS D 419 22.21 14.04 -49.94
C HIS D 419 22.02 12.85 -50.87
N CYS D 420 21.45 11.78 -50.36
CA CYS D 420 21.06 10.67 -51.21
C CYS D 420 19.96 11.10 -52.19
N ASN D 421 18.99 11.88 -51.69
CA ASN D 421 17.82 12.26 -52.48
C ASN D 421 17.91 13.56 -53.31
N THR D 422 18.98 14.32 -53.15
CA THR D 422 19.11 15.59 -53.86
C THR D 422 20.31 15.56 -54.79
N HIS D 423 21.08 14.48 -54.70
CA HIS D 423 22.28 14.30 -55.53
C HIS D 423 22.30 12.88 -56.07
N SER D 424 21.10 12.31 -56.25
CA SER D 424 20.97 10.95 -56.75
C SER D 424 20.40 10.95 -58.16
N PRO D 425 20.90 10.04 -59.03
CA PRO D 425 20.43 9.94 -60.41
C PRO D 425 18.93 9.67 -60.47
N PHE D 426 18.36 9.28 -59.33
CA PHE D 426 16.94 8.99 -59.24
C PHE D 426 16.18 10.21 -58.74
N ASP D 427 14.85 10.18 -58.87
CA ASP D 427 14.01 11.28 -58.44
C ASP D 427 13.45 11.02 -57.04
N PRO D 428 13.54 11.98 -56.14
CA PRO D 428 13.13 11.67 -54.77
C PRO D 428 11.67 11.20 -54.70
N ALA D 429 10.79 11.83 -55.45
CA ALA D 429 9.37 11.45 -55.49
C ALA D 429 9.02 10.06 -56.07
N ILE D 430 9.71 9.66 -57.14
CA ILE D 430 9.28 8.58 -58.00
C ILE D 430 9.96 7.28 -57.56
N ALA D 431 11.26 7.38 -57.32
CA ALA D 431 12.04 6.26 -56.79
C ALA D 431 12.97 6.75 -55.69
N PRO D 432 12.39 7.13 -54.56
CA PRO D 432 13.19 7.65 -53.44
C PRO D 432 14.10 6.56 -52.87
N VAL D 433 15.33 6.91 -52.53
CA VAL D 433 16.23 5.95 -51.89
C VAL D 433 15.96 5.99 -50.39
N ARG D 434 15.67 4.84 -49.81
CA ARG D 434 15.38 4.76 -48.39
C ARG D 434 16.48 4.09 -47.58
N GLN D 435 17.46 3.50 -48.27
CA GLN D 435 18.46 2.66 -47.62
C GLN D 435 19.73 2.43 -48.44
N SER D 436 20.74 1.90 -47.74
CA SER D 436 22.06 1.54 -48.27
C SER D 436 22.45 0.16 -47.75
N ASN D 437 23.40 -0.50 -48.42
CA ASN D 437 23.68 -1.91 -48.21
C ASN D 437 24.71 -2.14 -47.11
N LEU D 438 25.08 -3.40 -46.92
CA LEU D 438 26.07 -3.77 -45.91
C LEU D 438 27.38 -3.04 -46.15
N CYS D 439 27.78 -2.94 -47.41
CA CYS D 439 29.02 -2.28 -47.78
C CYS D 439 28.90 -0.77 -47.60
N LEU D 440 27.66 -0.29 -47.56
CA LEU D 440 27.37 1.13 -47.34
C LEU D 440 27.52 2.00 -48.59
N GLU D 441 27.81 1.38 -49.74
CA GLU D 441 28.12 2.12 -50.96
C GLU D 441 27.04 2.18 -52.05
N ILE D 442 25.84 1.69 -51.76
CA ILE D 442 24.84 1.51 -52.81
C ILE D 442 23.58 2.32 -52.50
N ALA D 443 23.27 3.28 -53.37
CA ALA D 443 22.10 4.12 -53.19
C ALA D 443 21.07 3.82 -54.27
N LEU D 444 20.22 2.82 -54.02
CA LEU D 444 19.20 2.43 -54.98
C LEU D 444 17.82 2.41 -54.31
N PRO D 445 16.76 2.68 -55.07
CA PRO D 445 15.38 2.69 -54.56
C PRO D 445 15.03 1.39 -53.86
N THR D 446 13.89 1.37 -53.18
CA THR D 446 13.44 0.17 -52.47
C THR D 446 11.93 0.15 -52.25
N LYS D 447 11.37 -1.05 -52.18
CA LYS D 447 9.94 -1.25 -51.97
C LYS D 447 9.70 -2.49 -51.13
N PRO D 448 8.69 -2.45 -50.24
CA PRO D 448 8.36 -3.58 -49.37
C PRO D 448 7.61 -4.66 -50.15
N LEU D 449 7.55 -5.87 -49.57
CA LEU D 449 6.87 -6.97 -50.22
C LEU D 449 5.77 -7.57 -49.34
N ASN D 450 4.56 -7.63 -49.88
CA ASN D 450 3.42 -8.18 -49.16
C ASN D 450 3.66 -9.68 -49.00
N ASP D 451 4.22 -10.28 -50.04
CA ASP D 451 4.52 -11.71 -50.07
C ASP D 451 5.99 -11.92 -50.39
N VAL D 452 6.48 -13.12 -50.14
CA VAL D 452 7.89 -13.45 -50.41
C VAL D 452 8.18 -13.33 -51.90
N ASN D 453 7.12 -13.36 -52.70
CA ASN D 453 7.26 -13.26 -54.15
C ASN D 453 6.32 -12.19 -54.71
N ASP D 454 6.22 -11.08 -54.01
CA ASP D 454 5.35 -9.98 -54.43
C ASP D 454 5.75 -9.45 -55.80
N GLU D 455 4.78 -9.10 -56.62
CA GLU D 455 5.06 -8.31 -57.83
C GLU D 455 5.54 -6.87 -57.57
N ASN D 456 4.84 -6.14 -56.69
CA ASN D 456 5.08 -4.70 -56.48
C ASN D 456 6.42 -4.20 -55.91
N GLY D 457 6.94 -4.87 -54.89
CA GLY D 457 8.12 -4.46 -54.17
C GLY D 457 9.39 -4.71 -54.97
N GLU D 458 10.43 -3.92 -54.72
CA GLU D 458 11.69 -4.09 -55.45
C GLU D 458 12.83 -4.43 -54.51
N ILE D 459 13.84 -5.13 -55.03
CA ILE D 459 15.00 -5.52 -54.25
C ILE D 459 16.26 -5.02 -54.96
N ALA D 460 16.78 -3.89 -54.50
CA ALA D 460 18.00 -3.31 -55.08
C ALA D 460 19.04 -4.39 -55.30
N LEU D 461 19.43 -4.59 -56.56
CA LEU D 461 20.41 -5.59 -56.90
C LEU D 461 21.79 -4.97 -57.13
N CYS D 462 22.82 -5.57 -56.56
CA CYS D 462 24.14 -4.95 -56.63
C CYS D 462 25.06 -5.66 -57.61
N THR D 463 25.47 -4.93 -58.65
CA THR D 463 26.54 -5.38 -59.55
C THR D 463 27.65 -4.33 -59.59
N LEU D 464 28.90 -4.75 -59.41
CA LEU D 464 30.03 -3.81 -59.34
C LEU D 464 31.28 -4.20 -60.13
N SER D 465 32.00 -3.17 -60.58
CA SER D 465 33.30 -3.34 -61.25
C SER D 465 34.25 -2.23 -60.78
N ALA D 466 35.56 -2.46 -60.86
CA ALA D 466 36.49 -1.45 -60.35
C ALA D 466 37.60 -1.10 -61.34
N PHE D 467 38.06 0.15 -61.26
CA PHE D 467 39.12 0.66 -62.11
C PHE D 467 40.43 0.73 -61.33
N ASN D 468 41.52 0.32 -61.97
CA ASN D 468 42.83 0.35 -61.32
C ASN D 468 43.59 1.59 -61.76
N LEU D 469 43.37 2.69 -61.04
CA LEU D 469 44.04 3.95 -61.35
C LEU D 469 45.55 3.78 -61.49
N GLY D 470 46.09 2.71 -60.92
CA GLY D 470 47.51 2.47 -61.00
C GLY D 470 47.88 1.69 -62.25
N ALA D 471 46.89 1.48 -63.12
CA ALA D 471 47.10 0.73 -64.37
C ALA D 471 46.89 1.52 -65.68
N ILE D 472 46.50 2.79 -65.58
CA ILE D 472 46.23 3.60 -66.77
C ILE D 472 47.16 4.79 -66.81
N ASN D 473 47.76 5.09 -67.97
CA ASN D 473 48.82 6.08 -67.95
C ASN D 473 48.23 7.48 -67.96
N ASN D 474 47.16 7.65 -68.72
CA ASN D 474 46.49 8.94 -68.81
C ASN D 474 44.98 8.78 -68.64
N LEU D 475 44.33 9.83 -68.18
CA LEU D 475 42.89 9.82 -67.94
C LEU D 475 42.08 9.24 -69.11
N ASP D 476 42.50 9.52 -70.33
CA ASP D 476 41.81 9.03 -71.52
C ASP D 476 41.65 7.52 -71.64
N GLU D 477 42.70 6.78 -71.31
CA GLU D 477 42.65 5.31 -71.39
C GLU D 477 41.38 4.71 -70.80
N LEU D 478 40.76 5.44 -69.88
CA LEU D 478 39.52 4.99 -69.24
C LEU D 478 38.41 4.77 -70.25
N GLU D 479 38.32 5.62 -71.26
CA GLU D 479 37.15 5.62 -72.12
C GLU D 479 36.96 4.23 -72.74
N GLU D 480 38.05 3.58 -73.11
CA GLU D 480 37.95 2.21 -73.63
C GLU D 480 37.50 1.28 -72.52
N LEU D 481 38.30 1.23 -71.45
CA LEU D 481 38.01 0.38 -70.30
C LEU D 481 36.59 0.60 -69.80
N ALA D 482 36.09 1.82 -69.96
CA ALA D 482 34.75 2.17 -69.53
C ALA D 482 33.72 1.31 -70.26
N ILE D 483 33.77 1.34 -71.58
CA ILE D 483 32.84 0.57 -72.39
C ILE D 483 33.06 -0.93 -72.18
N LEU D 484 34.32 -1.31 -71.95
CA LEU D 484 34.67 -2.71 -71.72
C LEU D 484 34.05 -3.23 -70.42
N ALA D 485 33.90 -2.33 -69.46
CA ALA D 485 33.32 -2.70 -68.17
C ALA D 485 31.79 -2.58 -68.18
N VAL D 486 31.31 -1.38 -68.48
CA VAL D 486 29.87 -1.13 -68.53
C VAL D 486 29.14 -2.16 -69.38
N ARG D 487 29.67 -2.44 -70.56
CA ARG D 487 29.06 -3.41 -71.46
C ARG D 487 29.08 -4.80 -70.84
N ALA D 488 30.28 -5.27 -70.52
CA ALA D 488 30.46 -6.59 -69.93
C ALA D 488 29.58 -6.78 -68.69
N LEU D 489 29.54 -5.76 -67.84
CA LEU D 489 28.75 -5.81 -66.61
C LEU D 489 27.25 -5.93 -66.90
N ASP D 490 26.73 -5.02 -67.72
CA ASP D 490 25.32 -5.02 -68.08
C ASP D 490 24.87 -6.38 -68.58
N ALA D 491 25.80 -7.14 -69.13
CA ALA D 491 25.50 -8.47 -69.67
C ALA D 491 25.18 -9.47 -68.57
N LEU D 492 25.93 -9.38 -67.46
CA LEU D 492 25.74 -10.28 -66.34
C LEU D 492 24.29 -10.26 -65.85
N LEU D 493 23.69 -9.08 -65.87
CA LEU D 493 22.31 -8.90 -65.43
C LEU D 493 21.33 -9.82 -66.15
N ASP D 494 21.68 -10.20 -67.38
CA ASP D 494 20.83 -11.08 -68.17
C ASP D 494 21.30 -12.54 -68.10
N TYR D 495 22.42 -12.76 -67.42
CA TYR D 495 22.97 -14.10 -67.29
C TYR D 495 22.79 -14.66 -65.88
N GLN D 496 22.61 -13.78 -64.90
CA GLN D 496 22.43 -14.22 -63.53
C GLN D 496 20.96 -14.32 -63.14
N ASP D 497 20.56 -15.49 -62.64
CA ASP D 497 19.18 -15.70 -62.22
C ASP D 497 18.93 -14.99 -60.90
N TYR D 498 17.70 -14.52 -60.72
CA TYR D 498 17.33 -13.80 -59.51
C TYR D 498 16.40 -14.64 -58.64
N PRO D 499 16.86 -15.02 -57.43
CA PRO D 499 16.08 -15.82 -56.49
C PRO D 499 14.67 -15.29 -56.29
N ILE D 500 14.57 -14.09 -55.73
CA ILE D 500 13.28 -13.45 -55.48
C ILE D 500 12.86 -12.63 -56.70
N PRO D 501 11.58 -12.72 -57.09
CA PRO D 501 11.06 -11.97 -58.25
C PRO D 501 11.16 -10.46 -58.10
N ALA D 502 10.86 -9.96 -56.90
CA ALA D 502 10.93 -8.53 -56.63
C ALA D 502 12.30 -7.97 -57.02
N ALA D 503 13.29 -8.85 -57.08
CA ALA D 503 14.64 -8.45 -57.43
C ALA D 503 14.81 -8.41 -58.95
N LYS D 504 14.40 -9.49 -59.61
CA LYS D 504 14.50 -9.59 -61.06
C LYS D 504 13.84 -8.38 -61.72
N ARG D 505 12.61 -8.09 -61.32
CA ARG D 505 11.88 -6.96 -61.85
C ARG D 505 12.61 -5.65 -61.56
N GLY D 506 12.98 -5.45 -60.30
CA GLY D 506 13.69 -4.24 -59.91
C GLY D 506 15.06 -4.15 -60.52
N ALA D 507 15.61 -5.28 -60.93
CA ALA D 507 16.93 -5.33 -61.54
C ALA D 507 16.85 -5.02 -63.02
N MET D 508 16.11 -5.83 -63.77
CA MET D 508 16.12 -5.67 -65.20
C MET D 508 15.66 -4.24 -65.45
N GLY D 509 14.94 -3.70 -64.49
CA GLY D 509 14.26 -2.43 -64.67
C GLY D 509 15.18 -1.23 -64.85
N ARG D 510 16.18 -1.10 -63.99
CA ARG D 510 17.10 0.03 -64.08
C ARG D 510 18.51 -0.39 -64.43
N ARG D 511 18.82 -1.67 -64.23
CA ARG D 511 20.15 -2.20 -64.55
C ARG D 511 21.23 -1.37 -63.86
N THR D 512 21.08 -1.14 -62.57
CA THR D 512 22.05 -0.33 -61.84
C THR D 512 23.43 -1.00 -61.84
N LEU D 513 24.47 -0.19 -62.06
CA LEU D 513 25.85 -0.67 -62.05
C LEU D 513 26.67 0.18 -61.09
N GLY D 514 27.50 -0.48 -60.28
CA GLY D 514 28.28 0.25 -59.26
C GLY D 514 29.77 -0.02 -59.51
N ILE D 515 30.33 0.84 -60.34
CA ILE D 515 31.69 0.74 -60.79
C ILE D 515 32.50 1.71 -59.95
N GLY D 516 33.42 1.11 -59.22
CA GLY D 516 34.30 1.77 -58.31
C GLY D 516 35.70 1.89 -58.89
N VAL D 517 36.63 2.08 -58.00
CA VAL D 517 38.04 2.31 -58.33
C VAL D 517 38.94 1.86 -57.18
N ILE D 518 40.09 1.29 -57.53
CA ILE D 518 41.04 0.83 -56.52
C ILE D 518 42.43 1.36 -56.80
N ASN D 519 43.34 1.12 -55.87
CA ASN D 519 44.73 1.55 -56.01
C ASN D 519 44.83 3.08 -56.03
N PHE D 520 43.94 3.74 -55.29
CA PHE D 520 43.93 5.20 -55.23
C PHE D 520 45.12 5.72 -54.44
N ALA D 521 45.57 4.94 -53.46
CA ALA D 521 46.71 5.31 -52.64
C ALA D 521 47.97 5.47 -53.49
N TYR D 522 48.26 4.43 -54.26
CA TYR D 522 49.43 4.44 -55.14
C TYR D 522 49.36 5.60 -56.13
N TYR D 523 48.17 5.85 -56.65
CA TYR D 523 47.95 6.93 -57.61
C TYR D 523 48.34 8.29 -57.04
N LEU D 524 47.72 8.66 -55.93
CA LEU D 524 47.99 9.95 -55.30
C LEU D 524 49.47 10.11 -54.96
N ALA D 525 50.14 9.00 -54.68
CA ALA D 525 51.56 9.02 -54.34
C ALA D 525 52.40 9.18 -55.59
N LYS D 526 51.99 8.50 -56.66
CA LYS D 526 52.71 8.56 -57.93
C LYS D 526 52.70 9.97 -58.51
N HIS D 527 51.91 10.84 -57.90
CA HIS D 527 51.81 12.23 -58.34
C HIS D 527 52.27 13.21 -57.27
N GLY D 528 52.77 12.67 -56.15
CA GLY D 528 53.26 13.51 -55.08
C GLY D 528 52.21 13.92 -54.07
N LYS D 529 50.99 14.20 -54.54
CA LYS D 529 49.87 14.67 -53.71
C LYS D 529 49.39 13.64 -52.68
N ARG D 530 48.89 14.14 -51.55
CA ARG D 530 48.56 13.31 -50.39
C ARG D 530 47.11 13.53 -49.98
N TYR D 531 46.72 12.93 -48.87
CA TYR D 531 45.36 13.05 -48.36
C TYR D 531 45.23 14.25 -47.43
N SER D 532 46.10 14.35 -46.42
CA SER D 532 46.04 15.42 -45.40
C SER D 532 46.26 16.91 -45.80
N ASP D 533 47.29 17.21 -46.58
CA ASP D 533 47.46 18.50 -47.23
C ASP D 533 46.34 18.83 -48.21
N GLY D 534 45.74 17.80 -48.79
CA GLY D 534 44.66 18.00 -49.73
C GLY D 534 45.13 18.52 -51.09
N SER D 535 46.42 18.41 -51.35
CA SER D 535 46.97 18.85 -52.62
C SER D 535 46.43 17.98 -53.74
N ALA D 536 45.73 16.91 -53.36
CA ALA D 536 45.14 15.98 -54.31
C ALA D 536 43.70 16.35 -54.63
N ASN D 537 43.20 17.38 -53.97
CA ASN D 537 41.82 17.84 -54.18
C ASN D 537 41.53 18.03 -55.66
N ASN D 538 42.37 18.81 -56.33
CA ASN D 538 42.20 19.07 -57.76
C ASN D 538 42.50 17.82 -58.58
N LEU D 539 43.63 17.19 -58.29
CA LEU D 539 44.03 15.98 -59.00
C LEU D 539 42.90 14.96 -58.95
N THR D 540 42.21 14.92 -57.82
CA THR D 540 41.09 14.01 -57.63
C THR D 540 39.89 14.43 -58.47
N HIS D 541 39.54 15.71 -58.38
CA HIS D 541 38.42 16.25 -59.14
C HIS D 541 38.56 15.95 -60.62
N LYS D 542 39.74 16.24 -61.16
CA LYS D 542 40.02 16.01 -62.58
C LYS D 542 39.95 14.51 -62.90
N THR D 543 40.49 13.69 -62.02
CA THR D 543 40.50 12.25 -62.23
C THR D 543 39.08 11.67 -62.23
N PHE D 544 38.39 11.76 -61.11
CA PHE D 544 37.03 11.25 -61.00
C PHE D 544 36.09 11.85 -62.03
N GLU D 545 36.36 13.09 -62.43
CA GLU D 545 35.54 13.77 -63.43
C GLU D 545 35.56 12.93 -64.70
N ALA D 546 36.74 12.46 -65.06
CA ALA D 546 36.94 11.64 -66.25
C ALA D 546 36.25 10.29 -66.09
N ILE D 547 36.72 9.51 -65.12
CA ILE D 547 36.17 8.19 -64.86
C ILE D 547 34.65 8.18 -65.02
N GLN D 548 34.00 9.21 -64.50
CA GLN D 548 32.54 9.31 -64.60
C GLN D 548 32.07 9.66 -66.01
N TYR D 549 32.72 10.64 -66.62
CA TYR D 549 32.36 11.06 -67.97
C TYR D 549 32.33 9.91 -68.95
N TYR D 550 33.45 9.20 -69.07
CA TYR D 550 33.55 8.08 -69.99
C TYR D 550 32.56 6.96 -69.70
N LEU D 551 32.23 6.74 -68.43
CA LEU D 551 31.28 5.71 -68.07
C LEU D 551 29.89 6.04 -68.61
N LEU D 552 29.48 7.28 -68.44
CA LEU D 552 28.18 7.73 -68.93
C LEU D 552 28.15 7.69 -70.45
N LYS D 553 29.30 7.95 -71.06
CA LYS D 553 29.41 7.94 -72.51
C LYS D 553 29.39 6.50 -73.01
N ALA D 554 29.96 5.59 -72.23
CA ALA D 554 30.00 4.18 -72.58
C ALA D 554 28.59 3.60 -72.46
N SER D 555 27.86 4.08 -71.46
CA SER D 555 26.48 3.63 -71.23
C SER D 555 25.57 4.26 -72.26
N ASN D 556 25.60 5.59 -72.32
CA ASN D 556 24.79 6.34 -73.26
C ASN D 556 24.92 5.73 -74.66
N GLU D 557 26.14 5.37 -75.02
CA GLU D 557 26.44 4.77 -76.31
C GLU D 557 25.67 3.46 -76.45
N LEU D 558 25.72 2.67 -75.39
CA LEU D 558 25.08 1.35 -75.33
C LEU D 558 23.57 1.44 -75.47
N ALA D 559 22.98 2.45 -74.84
CA ALA D 559 21.54 2.62 -74.90
C ALA D 559 21.16 2.82 -76.36
N LYS D 560 21.99 3.56 -77.08
CA LYS D 560 21.86 3.67 -78.53
C LYS D 560 21.82 2.27 -79.11
N GLU D 561 22.85 1.49 -78.86
CA GLU D 561 22.89 0.12 -79.36
C GLU D 561 21.67 -0.65 -78.92
N GLN D 562 21.42 -0.82 -77.63
CA GLN D 562 20.44 -1.78 -77.15
C GLN D 562 19.24 -1.23 -76.40
N GLY D 563 19.13 0.08 -76.26
CA GLY D 563 17.99 0.69 -75.59
C GLY D 563 18.23 0.94 -74.11
N ALA D 564 17.71 2.08 -73.65
CA ALA D 564 17.83 2.46 -72.25
C ALA D 564 17.03 1.48 -71.37
N CYS D 565 17.35 1.50 -70.07
CA CYS D 565 16.64 0.59 -69.17
C CYS D 565 15.17 0.98 -69.13
N PRO D 566 14.31 0.04 -68.81
CA PRO D 566 12.88 0.29 -68.96
C PRO D 566 12.39 1.51 -68.17
N TRP D 567 12.91 1.75 -66.96
CA TRP D 567 12.46 2.86 -66.13
C TRP D 567 13.17 4.18 -66.31
N PHE D 568 14.05 4.31 -67.29
CA PHE D 568 15.05 5.34 -67.22
C PHE D 568 14.33 6.64 -66.92
N ASN D 569 13.05 6.71 -67.29
CA ASN D 569 12.31 7.95 -67.15
C ASN D 569 12.30 8.40 -65.70
N GLU D 570 12.17 7.45 -64.78
CA GLU D 570 12.17 7.78 -63.36
C GLU D 570 13.38 8.60 -62.97
N THR D 571 14.57 8.10 -63.33
CA THR D 571 15.82 8.80 -63.02
C THR D 571 15.78 10.23 -63.52
N THR D 572 16.57 11.09 -62.90
CA THR D 572 16.65 12.50 -63.28
C THR D 572 17.49 12.67 -64.54
N TYR D 573 18.35 11.70 -64.81
CA TYR D 573 19.21 11.73 -66.00
C TYR D 573 18.39 12.00 -67.25
N ALA D 574 17.25 11.31 -67.37
CA ALA D 574 16.38 11.48 -68.53
C ALA D 574 15.77 12.88 -68.53
N LYS D 575 15.55 13.42 -67.35
CA LYS D 575 14.96 14.74 -67.20
C LYS D 575 15.99 15.82 -67.58
N GLY D 576 17.14 15.38 -68.07
CA GLY D 576 18.18 16.31 -68.46
C GLY D 576 19.10 16.73 -67.33
N ILE D 577 18.82 16.24 -66.13
CA ILE D 577 19.63 16.59 -64.96
C ILE D 577 20.92 15.78 -64.94
N LEU D 578 22.03 16.47 -64.68
CA LEU D 578 23.34 15.81 -64.64
C LEU D 578 23.92 15.85 -63.23
N PRO D 579 24.79 14.88 -62.89
CA PRO D 579 25.42 14.82 -61.57
C PRO D 579 26.51 15.86 -61.38
N ILE D 580 26.68 16.73 -62.37
CA ILE D 580 27.69 17.77 -62.31
C ILE D 580 27.08 19.12 -61.90
N ASP D 581 25.79 19.11 -61.60
CA ASP D 581 25.09 20.32 -61.20
C ASP D 581 24.14 20.05 -60.03
N THR D 582 24.48 19.06 -59.22
CA THR D 582 23.68 18.71 -58.06
C THR D 582 24.54 18.67 -56.80
N TYR D 583 25.85 18.53 -57.00
CA TYR D 583 26.79 18.46 -55.89
C TYR D 583 26.61 19.65 -54.96
N LYS D 584 27.03 19.50 -53.71
CA LYS D 584 26.92 20.56 -52.72
C LYS D 584 27.82 21.72 -53.13
N LYS D 585 27.27 22.94 -53.10
CA LYS D 585 28.01 24.12 -53.48
C LYS D 585 29.22 24.36 -52.57
N ASP D 586 29.17 23.84 -51.36
CA ASP D 586 30.26 23.99 -50.40
C ASP D 586 31.48 23.17 -50.82
N LEU D 587 31.44 22.63 -52.04
CA LEU D 587 32.53 21.83 -52.57
C LEU D 587 33.52 22.66 -53.36
N ASP D 588 33.08 23.72 -54.01
CA ASP D 588 33.98 24.44 -54.90
C ASP D 588 35.15 24.93 -54.07
N THR D 589 34.92 25.01 -52.77
CA THR D 589 35.72 25.77 -51.82
C THR D 589 37.00 25.00 -51.51
N ILE D 590 37.02 23.73 -51.89
CA ILE D 590 38.18 22.87 -51.67
C ILE D 590 38.70 22.30 -52.98
N ALA D 591 38.17 22.81 -54.09
CA ALA D 591 38.57 22.36 -55.42
C ALA D 591 38.25 23.41 -56.46
N ASN D 592 39.27 23.81 -57.22
CA ASN D 592 39.10 24.81 -58.26
C ASN D 592 39.56 24.27 -59.61
N GLU D 593 39.25 23.01 -59.86
CA GLU D 593 39.60 22.34 -61.11
C GLU D 593 38.36 22.19 -61.98
N PRO D 594 38.11 23.18 -62.86
CA PRO D 594 36.95 23.16 -63.76
C PRO D 594 36.88 21.91 -64.63
N LEU D 595 35.67 21.54 -65.02
CA LEU D 595 35.46 20.37 -65.87
C LEU D 595 36.27 20.49 -67.15
N HIS D 596 36.65 19.35 -67.73
CA HIS D 596 37.53 19.33 -68.88
C HIS D 596 37.02 18.69 -70.15
N TYR D 597 35.97 17.87 -70.04
CA TYR D 597 35.47 17.11 -71.20
C TYR D 597 34.04 17.54 -71.50
N ASP D 598 33.73 17.78 -72.76
CA ASP D 598 32.46 18.40 -72.98
C ASP D 598 31.50 17.49 -72.26
N TRP D 599 30.71 18.09 -71.37
CA TRP D 599 29.62 17.38 -70.71
C TRP D 599 28.29 17.58 -71.42
N GLU D 600 28.05 18.80 -71.90
CA GLU D 600 26.82 19.11 -72.60
C GLU D 600 26.58 18.13 -73.74
N ALA D 601 27.66 17.65 -74.34
CA ALA D 601 27.57 16.70 -75.44
C ALA D 601 26.73 15.51 -75.00
N LEU D 602 26.97 15.03 -73.78
CA LEU D 602 26.23 13.92 -73.23
C LEU D 602 24.90 14.40 -72.64
N ARG D 603 24.88 15.64 -72.17
CA ARG D 603 23.67 16.21 -71.59
C ARG D 603 22.52 16.07 -72.60
N GLU D 604 22.87 16.14 -73.88
CA GLU D 604 21.88 16.02 -74.95
C GLU D 604 21.84 14.61 -75.51
N SER D 605 23.02 14.04 -75.74
CA SER D 605 23.11 12.69 -76.28
C SER D 605 22.32 11.72 -75.39
N ILE D 606 22.22 12.04 -74.11
CA ILE D 606 21.49 11.23 -73.16
C ILE D 606 20.04 11.72 -73.05
N LYS D 607 19.80 12.98 -73.35
CA LYS D 607 18.40 13.38 -73.53
C LYS D 607 17.76 12.65 -74.72
N THR D 608 18.46 12.60 -75.85
CA THR D 608 17.98 11.97 -77.09
C THR D 608 17.84 10.44 -77.13
N HIS D 609 18.84 9.75 -76.56
CA HIS D 609 19.05 8.31 -76.70
C HIS D 609 18.77 7.58 -75.40
N GLY D 610 19.26 8.14 -74.29
CA GLY D 610 19.05 7.53 -72.99
C GLY D 610 20.28 6.85 -72.44
N LEU D 611 20.06 5.95 -71.47
CA LEU D 611 21.14 5.22 -70.84
C LEU D 611 20.79 3.75 -70.68
N ARG D 612 21.79 2.89 -70.81
CA ARG D 612 21.59 1.45 -70.68
C ARG D 612 21.51 1.08 -69.20
N ASN D 613 21.97 1.98 -68.34
CA ASN D 613 21.95 1.76 -66.91
C ASN D 613 21.45 3.00 -66.18
N SER D 614 21.16 2.87 -64.89
CA SER D 614 20.68 3.98 -64.10
C SER D 614 21.78 4.57 -63.22
N THR D 615 22.81 3.76 -62.96
CA THR D 615 23.93 4.19 -62.15
C THR D 615 25.21 3.48 -62.59
N LEU D 616 26.31 4.23 -62.63
CA LEU D 616 27.59 3.68 -63.04
C LEU D 616 28.69 4.07 -62.05
N SER D 617 28.37 4.98 -61.14
CA SER D 617 29.32 5.44 -60.15
C SER D 617 29.00 4.98 -58.74
N ALA D 618 29.94 4.25 -58.18
CA ALA D 618 29.93 3.89 -56.78
C ALA D 618 31.37 3.65 -56.41
N LEU D 619 31.69 3.88 -55.15
CA LEU D 619 32.98 3.44 -54.62
C LEU D 619 32.81 2.57 -53.39
N MET D 620 33.18 1.30 -53.53
CA MET D 620 33.07 0.34 -52.43
C MET D 620 34.47 -0.03 -51.94
N PRO D 621 34.59 -0.49 -50.68
CA PRO D 621 35.87 -0.88 -50.11
C PRO D 621 36.31 -2.28 -50.56
N SER D 622 36.54 -2.47 -51.85
CA SER D 622 36.96 -3.79 -52.31
C SER D 622 38.32 -4.15 -51.71
N GLU D 623 38.44 -5.38 -51.19
CA GLU D 623 39.70 -5.81 -50.60
C GLU D 623 40.37 -6.96 -51.35
N THR D 624 39.63 -8.06 -51.55
CA THR D 624 40.13 -9.20 -52.31
C THR D 624 40.37 -8.78 -53.73
N SER D 625 39.54 -7.86 -54.24
CA SER D 625 39.82 -7.29 -55.54
C SER D 625 41.15 -6.53 -55.52
N SER D 626 41.41 -5.80 -54.43
CA SER D 626 42.62 -4.97 -54.31
C SER D 626 43.97 -5.72 -54.29
N GLN D 627 44.03 -6.83 -53.56
CA GLN D 627 45.26 -7.61 -53.45
C GLN D 627 45.51 -8.53 -54.63
N ILE D 628 44.49 -8.74 -55.47
CA ILE D 628 44.65 -9.59 -56.64
C ILE D 628 45.49 -8.85 -57.67
N SER D 629 45.47 -7.52 -57.58
CA SER D 629 46.23 -6.67 -58.48
C SER D 629 47.39 -6.06 -57.71
N ASN D 630 47.55 -6.51 -56.47
CA ASN D 630 48.61 -6.02 -55.59
C ASN D 630 48.42 -4.53 -55.37
N ALA D 631 47.22 -4.05 -55.70
CA ALA D 631 46.88 -2.64 -55.55
C ALA D 631 46.50 -2.31 -54.11
N THR D 632 46.19 -1.05 -53.86
CA THR D 632 45.79 -0.60 -52.53
C THR D 632 44.28 -0.68 -52.37
N ASN D 633 43.83 -1.05 -51.18
CA ASN D 633 42.41 -1.17 -50.89
C ASN D 633 41.62 0.07 -51.27
N GLY D 634 40.52 -0.15 -51.99
CA GLY D 634 39.66 0.94 -52.43
C GLY D 634 40.37 2.27 -52.65
N ILE D 635 40.11 3.22 -51.77
CA ILE D 635 40.74 4.54 -51.86
C ILE D 635 41.53 4.83 -50.59
N GLU D 636 41.09 4.26 -49.48
CA GLU D 636 41.77 4.46 -48.20
C GLU D 636 43.24 4.09 -48.32
N PRO D 637 44.14 4.93 -47.79
CA PRO D 637 45.58 4.65 -47.87
C PRO D 637 45.95 3.46 -46.98
N PRO D 638 47.04 2.76 -47.33
CA PRO D 638 47.48 1.59 -46.54
C PRO D 638 47.99 1.98 -45.16
N ARG D 639 47.78 1.10 -44.19
CA ARG D 639 48.21 1.33 -42.82
C ARG D 639 49.72 1.16 -42.68
N GLY D 640 50.33 0.56 -43.69
CA GLY D 640 51.76 0.34 -43.66
C GLY D 640 52.32 -0.17 -44.98
N TYR D 641 53.60 0.05 -45.19
CA TYR D 641 54.27 -0.39 -46.41
C TYR D 641 54.21 -1.91 -46.53
N VAL D 642 54.49 -2.60 -45.43
CA VAL D 642 54.47 -4.06 -45.40
C VAL D 642 53.11 -4.57 -44.95
N SER D 643 52.22 -4.81 -45.93
CA SER D 643 50.88 -5.31 -45.64
C SER D 643 50.97 -6.74 -45.10
N ILE D 644 50.13 -7.05 -44.13
CA ILE D 644 50.13 -8.38 -43.53
C ILE D 644 48.72 -8.94 -43.34
N LYS D 645 48.57 -10.24 -43.58
CA LYS D 645 47.29 -10.91 -43.43
C LYS D 645 47.52 -12.41 -43.22
N ALA D 646 46.56 -13.06 -42.57
CA ALA D 646 46.67 -14.49 -42.30
C ALA D 646 45.51 -15.26 -42.93
N SER D 647 45.79 -15.73 -44.14
CA SER D 647 44.95 -16.61 -44.93
C SER D 647 45.28 -18.07 -44.65
N LYS D 648 44.87 -18.99 -45.51
CA LYS D 648 44.70 -20.37 -45.08
C LYS D 648 45.97 -20.94 -44.42
N ASP D 649 47.14 -20.60 -44.93
CA ASP D 649 48.38 -20.94 -44.24
C ASP D 649 48.52 -20.15 -42.94
N GLY D 650 48.41 -18.83 -43.05
CA GLY D 650 48.52 -18.00 -41.86
C GLY D 650 49.42 -16.80 -42.03
N ILE D 651 50.27 -16.81 -43.07
CA ILE D 651 51.18 -15.71 -43.32
C ILE D 651 51.11 -15.19 -44.76
N LEU D 652 50.83 -13.90 -44.89
CA LEU D 652 50.74 -13.25 -46.20
C LEU D 652 51.40 -11.89 -46.13
N ARG D 653 52.14 -11.54 -47.17
CA ARG D 653 52.83 -10.26 -47.22
C ARG D 653 52.64 -9.59 -48.56
N GLN D 654 52.24 -8.32 -48.55
CA GLN D 654 52.02 -7.57 -49.77
C GLN D 654 52.64 -6.17 -49.69
N VAL D 655 53.72 -5.97 -50.43
CA VAL D 655 54.39 -4.67 -50.44
C VAL D 655 53.59 -3.68 -51.27
N VAL D 656 53.40 -2.47 -50.74
CA VAL D 656 52.58 -1.45 -51.42
C VAL D 656 53.14 -1.06 -52.78
N PRO D 657 52.25 -0.71 -53.69
CA PRO D 657 52.70 -0.72 -55.07
C PRO D 657 53.98 0.08 -55.07
N ASP D 658 55.03 -0.54 -55.61
CA ASP D 658 56.35 0.09 -55.86
C ASP D 658 57.14 0.77 -54.71
N TYR D 659 57.47 0.05 -53.64
CA TYR D 659 58.01 0.68 -52.43
C TYR D 659 59.35 1.31 -52.76
N GLU D 660 59.93 0.96 -53.91
CA GLU D 660 61.31 1.39 -54.24
C GLU D 660 61.59 2.90 -54.39
N HIS D 661 60.70 3.61 -55.07
CA HIS D 661 60.72 5.07 -55.08
C HIS D 661 59.56 5.73 -54.37
N LEU D 662 58.63 4.92 -53.85
CA LEU D 662 57.37 5.44 -53.31
C LEU D 662 57.23 5.51 -51.77
N HIS D 663 58.31 5.26 -51.04
CA HIS D 663 58.19 5.11 -49.60
C HIS D 663 57.66 6.37 -48.98
N ASP D 664 58.01 7.49 -49.61
CA ASP D 664 57.72 8.83 -49.07
C ASP D 664 56.40 9.44 -49.52
N ALA D 665 56.08 9.32 -50.81
CA ALA D 665 54.82 9.86 -51.31
C ALA D 665 53.63 9.22 -50.62
N TYR D 666 53.86 8.11 -49.93
CA TYR D 666 52.79 7.41 -49.23
C TYR D 666 52.49 8.01 -47.87
N GLU D 667 51.23 8.34 -47.64
CA GLU D 667 50.78 8.91 -46.37
C GLU D 667 49.93 7.87 -45.65
N LEU D 668 50.58 7.04 -44.85
CA LEU D 668 49.92 5.91 -44.20
C LEU D 668 48.79 6.33 -43.26
N LEU D 669 47.73 5.53 -43.25
CA LEU D 669 46.50 5.85 -42.55
C LEU D 669 46.73 6.49 -41.18
N TRP D 670 47.79 6.06 -40.50
CA TRP D 670 48.11 6.59 -39.18
C TRP D 670 49.02 7.82 -39.25
N GLU D 671 49.70 7.98 -40.39
CA GLU D 671 50.59 9.11 -40.58
C GLU D 671 49.79 10.39 -40.78
N MET D 672 48.50 10.25 -41.07
CA MET D 672 47.63 11.40 -41.28
C MET D 672 47.44 12.20 -40.00
N PRO D 673 47.63 13.53 -40.08
CA PRO D 673 47.46 14.41 -38.91
C PRO D 673 46.04 14.34 -38.36
N GLY D 674 45.07 14.60 -39.23
CA GLY D 674 43.67 14.55 -38.82
C GLY D 674 42.78 14.01 -39.92
N ASN D 675 41.53 13.70 -39.59
CA ASN D 675 40.59 13.17 -40.56
C ASN D 675 40.13 14.19 -41.60
N ASP D 676 40.30 15.48 -41.30
CA ASP D 676 39.88 16.54 -42.22
C ASP D 676 40.33 16.25 -43.65
N GLY D 677 41.63 16.09 -43.84
CA GLY D 677 42.16 15.82 -45.16
C GLY D 677 41.39 14.75 -45.92
N TYR D 678 41.19 13.61 -45.27
CA TYR D 678 40.47 12.50 -45.90
C TYR D 678 39.10 12.90 -46.45
N LEU D 679 38.25 13.47 -45.60
CA LEU D 679 36.91 13.89 -46.01
C LEU D 679 36.91 14.78 -47.25
N GLN D 680 37.67 15.87 -47.19
CA GLN D 680 37.74 16.82 -48.29
C GLN D 680 37.88 16.16 -49.66
N LEU D 681 38.68 15.12 -49.76
CA LEU D 681 38.85 14.43 -51.03
C LEU D 681 37.60 13.63 -51.36
N VAL D 682 37.04 12.99 -50.34
CA VAL D 682 35.83 12.18 -50.50
C VAL D 682 34.68 13.03 -51.04
N GLY D 683 34.41 14.15 -50.38
CA GLY D 683 33.34 15.02 -50.82
C GLY D 683 33.43 15.37 -52.29
N ILE D 684 34.65 15.41 -52.80
CA ILE D 684 34.89 15.72 -54.20
C ILE D 684 34.42 14.57 -55.08
N MET D 685 34.80 13.35 -54.71
CA MET D 685 34.43 12.15 -55.44
C MET D 685 32.92 12.09 -55.61
N GLN D 686 32.20 12.49 -54.57
CA GLN D 686 30.75 12.47 -54.57
C GLN D 686 30.15 13.33 -55.68
N LYS D 687 30.82 14.42 -56.01
CA LYS D 687 30.35 15.32 -57.05
C LYS D 687 30.16 14.61 -58.39
N PHE D 688 30.71 13.41 -58.50
CA PHE D 688 30.61 12.64 -59.74
C PHE D 688 30.08 11.23 -59.52
N ILE D 689 30.03 10.81 -58.27
CA ILE D 689 29.51 9.49 -57.93
C ILE D 689 27.99 9.49 -57.91
N ASP D 690 27.41 8.52 -58.59
CA ASP D 690 25.97 8.30 -58.57
C ASP D 690 25.39 7.79 -57.25
N GLN D 691 26.18 6.94 -56.58
CA GLN D 691 25.88 6.29 -55.32
C GLN D 691 27.07 6.44 -54.36
N SER D 692 26.83 6.21 -53.06
CA SER D 692 27.75 6.56 -51.99
C SER D 692 29.14 5.88 -51.94
N ILE D 693 30.12 6.67 -51.51
CA ILE D 693 31.50 6.29 -51.28
C ILE D 693 31.64 5.66 -49.91
N SER D 694 32.29 4.51 -49.86
CA SER D 694 32.47 3.81 -48.60
C SER D 694 33.68 4.44 -47.91
N ALA D 695 33.48 5.66 -47.44
CA ALA D 695 34.55 6.41 -46.81
C ALA D 695 34.46 6.23 -45.30
N ASN D 696 35.54 5.74 -44.72
CA ASN D 696 35.59 5.43 -43.31
C ASN D 696 36.46 6.45 -42.57
N THR D 697 36.14 6.71 -41.31
CA THR D 697 36.90 7.66 -40.51
C THR D 697 37.87 6.89 -39.63
N ASN D 698 39.04 7.49 -39.37
CA ASN D 698 40.06 6.85 -38.54
C ASN D 698 40.58 7.80 -37.48
N TYR D 699 40.63 7.33 -36.24
CA TYR D 699 41.13 8.16 -35.14
C TYR D 699 42.29 7.48 -34.42
N ASP D 700 43.11 8.31 -33.77
CA ASP D 700 44.26 7.81 -33.02
C ASP D 700 44.25 8.37 -31.61
N PRO D 701 43.87 7.55 -30.62
CA PRO D 701 43.82 8.00 -29.22
C PRO D 701 45.17 8.46 -28.68
N SER D 702 46.25 7.84 -29.15
CA SER D 702 47.59 8.20 -28.71
C SER D 702 47.91 9.65 -29.06
N ARG D 703 47.32 10.18 -30.12
CA ARG D 703 47.67 11.54 -30.60
C ARG D 703 46.96 12.69 -29.87
N PHE D 704 46.16 12.32 -28.88
CA PHE D 704 45.09 13.12 -28.29
C PHE D 704 45.33 13.36 -26.81
N PRO D 705 45.04 14.57 -26.35
CA PRO D 705 45.28 14.94 -24.96
C PRO D 705 44.42 14.07 -24.07
N SER D 706 45.03 13.49 -23.04
CA SER D 706 44.31 12.59 -22.15
C SER D 706 44.14 11.26 -22.85
N GLY D 707 44.80 11.10 -23.99
CA GLY D 707 44.68 9.86 -24.74
C GLY D 707 43.25 9.40 -24.85
N LYS D 708 42.34 10.37 -24.88
CA LYS D 708 40.94 10.08 -25.11
C LYS D 708 40.49 10.86 -26.32
N VAL D 709 39.92 10.15 -27.28
CA VAL D 709 39.38 10.86 -28.40
C VAL D 709 38.33 11.75 -27.76
N PRO D 710 38.44 13.03 -28.06
CA PRO D 710 37.46 14.04 -27.67
C PRO D 710 36.17 14.00 -28.49
N MET D 711 35.04 14.00 -27.80
CA MET D 711 33.73 13.98 -28.45
C MET D 711 33.70 15.10 -29.47
N GLN D 712 34.19 16.26 -29.05
CA GLN D 712 34.24 17.45 -29.89
C GLN D 712 34.68 17.12 -31.31
N GLN D 713 35.86 16.52 -31.43
CA GLN D 713 36.41 16.17 -32.72
C GLN D 713 35.49 15.25 -33.52
N LEU D 714 34.98 14.20 -32.86
CA LEU D 714 34.09 13.25 -33.51
C LEU D 714 32.88 13.94 -34.14
N LEU D 715 32.20 14.76 -33.35
CA LEU D 715 31.02 15.49 -33.84
C LEU D 715 31.43 16.48 -34.92
N LYS D 716 32.51 17.21 -34.67
CA LYS D 716 33.03 18.20 -35.61
C LYS D 716 33.15 17.60 -37.01
N ASP D 717 33.76 16.42 -37.09
CA ASP D 717 33.97 15.72 -38.35
C ASP D 717 32.67 15.39 -39.09
N LEU D 718 31.69 14.89 -38.35
CA LEU D 718 30.41 14.53 -38.96
C LEU D 718 29.84 15.71 -39.75
N LEU D 719 29.95 16.90 -39.17
CA LEU D 719 29.45 18.11 -39.82
C LEU D 719 30.25 18.35 -41.09
N THR D 720 31.55 18.13 -41.02
CA THR D 720 32.44 18.33 -42.15
C THR D 720 31.98 17.49 -43.34
N ALA D 721 31.65 16.23 -43.08
CA ALA D 721 31.20 15.33 -44.13
C ALA D 721 29.90 15.84 -44.76
N TYR D 722 28.93 16.15 -43.91
CA TYR D 722 27.64 16.65 -44.38
C TYR D 722 27.80 17.95 -45.15
N LYS D 723 28.80 18.75 -44.76
CA LYS D 723 29.05 20.03 -45.41
C LYS D 723 29.55 19.89 -46.84
N PHE D 724 30.27 18.81 -47.12
CA PHE D 724 30.80 18.58 -48.47
C PHE D 724 29.95 17.63 -49.29
N GLY D 725 28.77 17.28 -48.77
CA GLY D 725 27.89 16.39 -49.49
C GLY D 725 28.25 14.92 -49.44
N VAL D 726 28.97 14.51 -48.41
CA VAL D 726 29.35 13.10 -48.27
C VAL D 726 28.08 12.29 -48.05
N LYS D 727 27.94 11.17 -48.75
CA LYS D 727 26.74 10.35 -48.63
C LYS D 727 26.67 9.48 -47.39
N THR D 728 27.71 8.70 -47.12
CA THR D 728 27.69 7.82 -45.95
C THR D 728 29.02 7.71 -45.21
N LEU D 729 28.96 7.06 -44.06
CA LEU D 729 30.14 6.84 -43.22
C LEU D 729 30.30 5.34 -43.00
N TYR D 730 31.57 4.94 -42.87
CA TYR D 730 32.03 3.56 -42.79
C TYR D 730 33.10 3.38 -41.70
N TYR D 731 33.31 2.12 -41.30
CA TYR D 731 34.10 1.76 -40.12
C TYR D 731 34.78 2.97 -39.49
N GLN D 732 34.69 3.09 -38.18
CA GLN D 732 35.32 4.21 -37.48
C GLN D 732 36.44 3.68 -36.59
N ASN D 733 37.18 2.70 -37.12
CA ASN D 733 38.28 2.09 -36.40
C ASN D 733 39.12 3.11 -35.63
N THR D 734 39.67 2.65 -34.51
CA THR D 734 40.50 3.47 -33.63
C THR D 734 41.88 2.81 -33.52
N ARG D 735 42.92 3.62 -33.63
CA ARG D 735 44.29 3.12 -33.53
C ARG D 735 44.52 2.41 -32.20
N ASP D 736 45.63 1.68 -32.11
CA ASP D 736 45.97 0.95 -30.89
C ASP D 736 47.28 1.45 -30.30
N GLY D 737 47.26 1.75 -29.01
CA GLY D 737 48.44 2.23 -28.32
C GLY D 737 49.57 1.22 -28.32
N ALA D 738 49.22 -0.05 -28.12
CA ALA D 738 50.21 -1.13 -28.09
C ALA D 738 50.88 -1.29 -29.45
N ALA E 1 -15.06 -24.66 68.31
CA ALA E 1 -14.04 -23.65 68.71
C ALA E 1 -12.85 -23.68 67.76
N TYR E 2 -12.38 -22.51 67.36
CA TYR E 2 -11.23 -22.41 66.45
C TYR E 2 -9.93 -22.22 67.22
N THR E 3 -8.96 -23.09 66.93
CA THR E 3 -7.66 -23.02 67.59
C THR E 3 -6.54 -22.87 66.56
N THR E 4 -5.73 -21.84 66.74
CA THR E 4 -4.61 -21.58 65.84
C THR E 4 -3.62 -22.75 65.83
N PHE E 5 -3.65 -23.47 66.93
CA PHE E 5 -2.96 -24.74 67.03
C PHE E 5 -3.94 -25.71 67.69
N SER E 6 -4.17 -26.83 67.03
CA SER E 6 -4.86 -27.94 67.68
C SER E 6 -3.91 -28.71 68.58
N GLN E 7 -4.22 -28.73 69.88
CA GLN E 7 -3.39 -29.48 70.81
C GLN E 7 -3.86 -30.91 70.76
N THR E 8 -3.79 -31.51 69.57
CA THR E 8 -4.15 -32.92 69.40
C THR E 8 -3.27 -33.60 68.35
N LYS E 9 -3.00 -34.88 68.55
CA LYS E 9 -2.31 -35.65 67.54
C LYS E 9 -3.40 -36.24 66.68
N ASN E 10 -3.62 -35.62 65.53
CA ASN E 10 -4.63 -36.07 64.58
C ASN E 10 -3.97 -36.35 63.24
N ASP E 11 -4.24 -37.51 62.68
CA ASP E 11 -3.59 -37.89 61.43
C ASP E 11 -4.22 -37.10 60.28
N GLN E 12 -3.49 -36.16 59.72
CA GLN E 12 -4.09 -35.29 58.73
C GLN E 12 -4.58 -36.18 57.60
N LEU E 13 -4.01 -37.35 57.44
CA LEU E 13 -4.10 -38.04 56.17
C LEU E 13 -5.58 -38.19 55.88
N LYS E 14 -6.38 -38.13 56.94
CA LYS E 14 -7.79 -38.48 56.87
C LYS E 14 -8.69 -37.27 57.00
N GLU E 15 -8.13 -36.17 57.50
CA GLU E 15 -8.90 -34.94 57.67
C GLU E 15 -9.56 -34.52 56.36
N PRO E 16 -10.88 -34.25 56.40
CA PRO E 16 -11.62 -33.84 55.20
C PRO E 16 -11.12 -32.49 54.68
N MET E 17 -11.47 -32.18 53.44
CA MET E 17 -11.09 -30.92 52.81
C MET E 17 -11.32 -29.76 53.77
N PHE E 18 -12.49 -29.75 54.39
CA PHE E 18 -12.87 -28.72 55.34
C PHE E 18 -13.48 -29.36 56.58
N PHE E 19 -13.90 -28.54 57.54
CA PHE E 19 -14.53 -29.04 58.77
C PHE E 19 -13.73 -30.06 59.57
N GLY E 20 -12.41 -29.85 59.72
CA GLY E 20 -11.58 -30.79 60.46
C GLY E 20 -10.60 -30.16 61.45
N GLN E 21 -10.14 -30.92 62.43
CA GLN E 21 -9.45 -30.26 63.50
C GLN E 21 -8.39 -29.39 62.84
N PRO E 22 -8.39 -28.14 63.25
CA PRO E 22 -7.53 -27.08 62.70
C PRO E 22 -6.07 -27.55 62.62
N VAL E 23 -5.40 -27.33 61.50
CA VAL E 23 -4.07 -27.93 61.33
C VAL E 23 -3.07 -27.52 62.41
N ASN E 24 -2.31 -28.49 62.92
CA ASN E 24 -1.38 -28.25 64.05
C ASN E 24 0.09 -27.99 63.72
N VAL E 25 0.69 -28.82 62.87
CA VAL E 25 2.06 -28.57 62.42
C VAL E 25 2.11 -28.39 60.90
N ALA E 26 2.64 -27.27 60.46
CA ALA E 26 2.75 -26.98 59.03
C ALA E 26 3.80 -27.89 58.39
N ARG E 27 3.41 -29.14 58.16
CA ARG E 27 4.31 -30.12 57.55
C ARG E 27 4.02 -30.28 56.07
N TYR E 28 4.96 -30.88 55.35
CA TYR E 28 4.83 -31.10 53.91
C TYR E 28 5.42 -32.44 53.51
N ASP E 29 5.83 -33.21 54.51
CA ASP E 29 6.42 -34.53 54.29
C ASP E 29 5.47 -35.43 53.50
N GLN E 30 4.18 -35.14 53.59
CA GLN E 30 3.17 -35.93 52.90
C GLN E 30 1.93 -35.10 52.59
N GLN E 31 0.97 -35.72 51.92
CA GLN E 31 -0.31 -35.10 51.65
C GLN E 31 -1.35 -36.16 51.41
N LYS E 32 -2.61 -35.80 51.61
CA LYS E 32 -3.74 -36.64 51.23
C LYS E 32 -4.12 -36.39 49.77
N TYR E 33 -3.92 -35.16 49.31
CA TYR E 33 -4.23 -34.79 47.94
C TYR E 33 -3.05 -34.04 47.31
N ASP E 34 -2.21 -34.79 46.61
CA ASP E 34 -1.03 -34.24 45.94
C ASP E 34 -1.30 -32.98 45.12
N ILE E 35 -2.53 -32.83 44.64
CA ILE E 35 -2.90 -31.67 43.84
C ILE E 35 -2.48 -30.35 44.47
N PHE E 36 -3.05 -30.05 45.63
CA PHE E 36 -2.76 -28.81 46.36
C PHE E 36 -1.26 -28.55 46.45
N GLU E 37 -0.50 -29.55 46.87
CA GLU E 37 0.94 -29.41 47.01
C GLU E 37 1.56 -28.89 45.72
N LYS E 38 1.17 -29.48 44.60
CA LYS E 38 1.70 -29.07 43.30
C LYS E 38 1.30 -27.65 42.93
N LEU E 39 0.04 -27.30 43.17
CA LEU E 39 -0.45 -25.97 42.86
C LEU E 39 0.41 -24.90 43.52
N ILE E 40 0.94 -25.23 44.70
CA ILE E 40 1.78 -24.31 45.44
C ILE E 40 3.13 -24.16 44.75
N GLU E 41 3.77 -25.29 44.46
CA GLU E 41 5.07 -25.31 43.81
C GLU E 41 5.04 -24.56 42.48
N LYS E 42 4.16 -24.99 41.57
CA LYS E 42 4.06 -24.35 40.27
C LYS E 42 3.80 -22.85 40.40
N GLN E 43 3.03 -22.48 41.41
CA GLN E 43 2.72 -21.07 41.65
C GLN E 43 3.98 -20.36 42.12
N LEU E 44 4.63 -20.94 43.13
CA LEU E 44 5.86 -20.38 43.69
C LEU E 44 6.88 -20.10 42.60
N SER E 45 6.99 -21.02 41.64
CA SER E 45 7.93 -20.87 40.54
C SER E 45 7.44 -19.82 39.56
N PHE E 46 6.14 -19.54 39.59
CA PHE E 46 5.55 -18.53 38.70
C PHE E 46 5.70 -17.13 39.26
N PHE E 47 6.23 -17.03 40.48
CA PHE E 47 6.43 -15.74 41.12
C PHE E 47 6.91 -14.69 40.12
N TRP E 48 6.46 -13.45 40.31
CA TRP E 48 6.85 -12.35 39.44
C TRP E 48 6.40 -11.03 40.05
N ARG E 49 7.14 -9.96 39.74
CA ARG E 49 6.81 -8.64 40.25
C ARG E 49 6.39 -7.69 39.12
N PRO E 50 5.15 -7.19 39.19
CA PRO E 50 4.55 -6.27 38.22
C PRO E 50 5.47 -5.15 37.73
N GLU E 51 6.39 -4.71 38.59
CA GLU E 51 7.29 -3.63 38.24
C GLU E 51 8.30 -4.05 37.17
N GLU E 52 8.47 -5.36 37.00
CA GLU E 52 9.40 -5.89 36.02
C GLU E 52 9.12 -5.42 34.59
N VAL E 53 7.93 -5.74 34.09
CA VAL E 53 7.54 -5.35 32.74
C VAL E 53 7.38 -3.83 32.64
N ASP E 54 7.98 -3.23 31.62
CA ASP E 54 7.92 -1.78 31.39
C ASP E 54 6.56 -1.25 30.90
N VAL E 55 6.15 -0.09 31.41
CA VAL E 55 4.87 0.53 31.02
C VAL E 55 4.96 1.86 30.23
N SER E 56 6.16 2.25 29.82
CA SER E 56 6.38 3.55 29.20
C SER E 56 5.61 3.70 27.89
N ARG E 57 5.91 2.84 26.93
CA ARG E 57 5.25 2.87 25.63
C ARG E 57 3.72 2.86 25.78
N ASP E 58 3.22 2.26 26.85
CA ASP E 58 1.79 2.19 27.09
C ASP E 58 1.15 3.54 27.37
N ARG E 59 1.85 4.41 28.09
CA ARG E 59 1.33 5.72 28.42
C ARG E 59 0.76 6.46 27.20
N ILE E 60 1.60 6.69 26.21
CA ILE E 60 1.19 7.40 25.00
C ILE E 60 0.00 6.70 24.33
N ASP E 61 -0.04 5.37 24.43
CA ASP E 61 -1.11 4.60 23.83
C ASP E 61 -2.49 5.02 24.29
N TYR E 62 -2.69 5.09 25.60
CA TYR E 62 -3.98 5.49 26.16
C TYR E 62 -4.36 6.88 25.68
N GLN E 63 -3.36 7.78 25.65
CA GLN E 63 -3.57 9.15 25.23
C GLN E 63 -4.06 9.22 23.78
N ALA E 64 -3.67 8.23 22.99
CA ALA E 64 -4.05 8.18 21.58
C ALA E 64 -5.39 7.45 21.37
N LEU E 65 -5.60 6.35 22.08
CA LEU E 65 -6.74 5.51 21.78
C LEU E 65 -8.04 6.31 21.86
N PRO E 66 -8.90 6.08 20.87
CA PRO E 66 -10.14 6.85 20.70
C PRO E 66 -10.94 6.87 22.00
N GLU E 67 -11.97 7.71 22.07
CA GLU E 67 -12.79 7.82 23.26
C GLU E 67 -13.61 6.57 23.52
N HIS E 68 -14.33 6.10 22.50
CA HIS E 68 -15.14 4.91 22.64
C HIS E 68 -14.26 3.73 23.02
N GLU E 69 -12.97 3.83 22.73
CA GLU E 69 -12.01 2.79 23.06
C GLU E 69 -11.38 3.03 24.42
N LYS E 70 -11.01 4.28 24.69
CA LYS E 70 -10.41 4.63 25.98
C LYS E 70 -11.31 4.11 27.08
N HIS E 71 -12.61 4.25 26.88
CA HIS E 71 -13.61 3.80 27.83
C HIS E 71 -13.49 2.30 28.04
N ILE E 72 -13.52 1.55 26.94
CA ILE E 72 -13.42 0.10 26.98
C ILE E 72 -12.34 -0.38 27.94
N PHE E 73 -11.09 0.08 27.72
CA PHE E 73 -9.91 -0.31 28.55
C PHE E 73 -9.76 0.14 30.04
N ILE E 74 -9.98 1.42 30.34
CA ILE E 74 -10.09 1.92 31.70
C ILE E 74 -11.27 1.34 32.48
N SER E 75 -12.34 1.00 31.77
CA SER E 75 -13.53 0.43 32.41
C SER E 75 -13.32 -1.03 32.79
N ASN E 76 -12.84 -1.83 31.83
CA ASN E 76 -12.61 -3.24 32.07
C ASN E 76 -11.51 -3.46 33.10
N LEU E 77 -10.64 -2.46 33.27
CA LEU E 77 -9.56 -2.55 34.22
C LEU E 77 -10.11 -2.35 35.63
N LYS E 78 -11.11 -1.47 35.74
CA LYS E 78 -11.75 -1.19 37.03
C LYS E 78 -12.42 -2.47 37.51
N TYR E 79 -13.03 -3.20 36.58
CA TYR E 79 -13.72 -4.44 36.89
C TYR E 79 -12.75 -5.49 37.45
N GLN E 80 -11.56 -5.59 36.85
CA GLN E 80 -10.57 -6.54 37.32
C GLN E 80 -10.05 -6.11 38.68
N THR E 81 -9.73 -4.82 38.79
CA THR E 81 -9.22 -4.25 40.03
C THR E 81 -10.02 -4.69 41.24
N LEU E 82 -11.34 -4.61 41.13
CA LEU E 82 -12.22 -5.00 42.23
C LEU E 82 -12.21 -6.50 42.50
N LEU E 83 -12.37 -7.29 41.45
CA LEU E 83 -12.39 -8.75 41.59
C LEU E 83 -11.30 -9.29 42.50
N ASP E 84 -10.04 -8.98 42.19
CA ASP E 84 -8.93 -9.45 43.01
C ASP E 84 -8.79 -8.71 44.33
N SER E 85 -9.11 -7.42 44.34
CA SER E 85 -9.02 -6.64 45.58
C SER E 85 -9.73 -7.40 46.69
N ILE E 86 -10.92 -7.90 46.37
CA ILE E 86 -11.71 -8.66 47.33
C ILE E 86 -11.19 -10.09 47.41
N GLN E 87 -10.84 -10.66 46.28
CA GLN E 87 -10.48 -12.07 46.28
C GLN E 87 -9.32 -12.23 47.24
N GLY E 88 -8.58 -11.15 47.44
CA GLY E 88 -7.30 -11.22 48.12
C GLY E 88 -7.46 -11.61 49.58
N ARG E 89 -8.29 -10.86 50.29
CA ARG E 89 -8.74 -11.18 51.64
C ARG E 89 -9.67 -12.40 51.73
N SER E 90 -10.59 -12.48 50.78
CA SER E 90 -11.69 -13.43 50.80
C SER E 90 -11.26 -14.86 51.14
N PRO E 91 -10.38 -15.46 50.32
CA PRO E 91 -9.93 -16.83 50.59
C PRO E 91 -9.43 -17.06 52.02
N ASN E 92 -8.54 -16.14 52.41
CA ASN E 92 -7.79 -16.21 53.66
C ASN E 92 -8.69 -16.07 54.87
N VAL E 93 -9.57 -15.07 54.83
CA VAL E 93 -10.47 -14.80 55.94
C VAL E 93 -11.52 -15.87 56.27
N ALA E 94 -12.17 -16.41 55.23
CA ALA E 94 -13.29 -17.33 55.44
C ALA E 94 -12.97 -18.82 55.33
N LEU E 95 -12.22 -19.17 54.28
CA LEU E 95 -11.88 -20.56 53.99
C LEU E 95 -10.88 -21.13 54.99
N LEU E 96 -10.04 -20.26 55.55
CA LEU E 96 -9.03 -20.70 56.52
C LEU E 96 -9.62 -21.41 57.74
N PRO E 97 -10.54 -20.76 58.46
CA PRO E 97 -11.15 -21.37 59.65
C PRO E 97 -11.73 -22.76 59.39
N LEU E 98 -12.00 -23.07 58.12
CA LEU E 98 -12.57 -24.36 57.74
C LEU E 98 -11.50 -25.35 57.29
N ILE E 99 -10.34 -24.85 56.90
CA ILE E 99 -9.25 -25.70 56.43
C ILE E 99 -8.94 -26.78 57.46
N SER E 100 -8.79 -28.02 56.99
CA SER E 100 -8.59 -29.16 57.89
C SER E 100 -7.34 -30.01 57.63
N ILE E 101 -6.67 -29.77 56.51
CA ILE E 101 -5.51 -30.57 56.13
C ILE E 101 -4.36 -29.65 55.74
N PRO E 102 -3.12 -30.10 55.91
CA PRO E 102 -2.01 -29.16 55.69
C PRO E 102 -1.87 -28.66 54.25
N GLU E 103 -1.66 -29.59 53.32
CA GLU E 103 -1.50 -29.22 51.91
C GLU E 103 -2.47 -28.13 51.47
N LEU E 104 -3.76 -28.32 51.75
CA LEU E 104 -4.77 -27.35 51.37
C LEU E 104 -4.53 -25.99 52.01
N GLU E 105 -4.15 -26.00 53.29
CA GLU E 105 -3.89 -24.76 54.02
C GLU E 105 -2.87 -23.88 53.31
N THR E 106 -1.64 -24.37 53.22
CA THR E 106 -0.56 -23.63 52.58
C THR E 106 -0.99 -23.06 51.23
N TRP E 107 -1.76 -23.83 50.48
CA TRP E 107 -2.25 -23.41 49.18
C TRP E 107 -3.12 -22.16 49.31
N VAL E 108 -4.04 -22.17 50.27
CA VAL E 108 -4.93 -21.05 50.49
C VAL E 108 -4.18 -19.73 50.64
N GLU E 109 -3.27 -19.68 51.60
CA GLU E 109 -2.48 -18.48 51.86
C GLU E 109 -1.71 -18.07 50.60
N THR E 110 -1.21 -19.05 49.87
CA THR E 110 -0.47 -18.79 48.64
C THR E 110 -1.47 -18.26 47.61
N TRP E 111 -2.59 -18.96 47.48
CA TRP E 111 -3.63 -18.55 46.55
C TRP E 111 -3.98 -17.11 46.76
N ALA E 112 -4.23 -16.74 48.02
CA ALA E 112 -4.55 -15.36 48.35
C ALA E 112 -3.41 -14.41 48.01
N PHE E 113 -2.20 -14.75 48.44
CA PHE E 113 -1.03 -13.92 48.19
C PHE E 113 -0.89 -13.61 46.71
N SER E 114 -1.06 -14.63 45.87
CA SER E 114 -0.95 -14.47 44.42
C SER E 114 -1.81 -13.32 43.92
N GLU E 115 -2.99 -13.17 44.51
CA GLU E 115 -3.92 -12.11 44.12
C GLU E 115 -3.39 -10.72 44.48
N THR E 116 -2.78 -10.61 45.66
CA THR E 116 -2.25 -9.34 46.13
C THR E 116 -1.34 -8.73 45.06
N ILE E 117 -0.61 -9.58 44.37
CA ILE E 117 0.30 -9.14 43.31
C ILE E 117 -0.48 -8.50 42.17
N HIS E 118 -1.55 -9.17 41.75
CA HIS E 118 -2.39 -8.65 40.67
C HIS E 118 -2.93 -7.29 41.06
N SER E 119 -3.32 -7.17 42.32
CA SER E 119 -3.85 -5.91 42.84
C SER E 119 -2.79 -4.82 42.71
N ARG E 120 -1.57 -5.15 43.11
CA ARG E 120 -0.45 -4.21 43.03
C ARG E 120 -0.17 -3.81 41.59
N SER E 121 -0.21 -4.78 40.68
CA SER E 121 0.05 -4.53 39.28
C SER E 121 -0.94 -3.53 38.67
N TYR E 122 -2.23 -3.79 38.84
CA TYR E 122 -3.25 -2.90 38.31
C TYR E 122 -2.93 -1.45 38.67
N THR E 123 -2.38 -1.26 39.87
CA THR E 123 -2.03 0.07 40.34
C THR E 123 -0.85 0.61 39.55
N HIS E 124 0.13 -0.25 39.30
CA HIS E 124 1.32 0.13 38.55
C HIS E 124 0.95 0.55 37.12
N ILE E 125 -0.17 0.05 36.63
CA ILE E 125 -0.63 0.37 35.28
C ILE E 125 -1.31 1.74 35.25
N ILE E 126 -2.28 1.93 36.13
CA ILE E 126 -3.03 3.17 36.22
C ILE E 126 -2.12 4.39 36.29
N ARG E 127 -1.13 4.38 37.17
CA ARG E 127 -0.38 5.61 37.40
C ARG E 127 0.26 6.06 36.10
N ASN E 128 0.42 5.10 35.18
CA ASN E 128 1.30 5.22 34.02
C ASN E 128 0.56 5.58 32.75
N ILE E 129 -0.75 5.33 32.73
CA ILE E 129 -1.57 5.63 31.57
C ILE E 129 -2.57 6.73 31.88
N VAL E 130 -2.74 7.01 33.17
CA VAL E 130 -3.66 8.05 33.62
C VAL E 130 -2.88 9.13 34.37
N ASN E 131 -3.52 10.27 34.62
CA ASN E 131 -2.87 11.36 35.32
C ASN E 131 -3.08 11.29 36.83
N ASP E 132 -4.24 10.78 37.24
CA ASP E 132 -4.55 10.67 38.66
C ASP E 132 -5.10 9.29 39.02
N PRO E 133 -4.46 8.61 39.98
CA PRO E 133 -4.89 7.27 40.42
C PRO E 133 -6.23 7.30 41.16
N SER E 134 -6.34 8.17 42.15
CA SER E 134 -7.55 8.29 42.96
C SER E 134 -8.84 8.35 42.14
N VAL E 135 -8.93 9.32 41.24
CA VAL E 135 -10.13 9.48 40.41
C VAL E 135 -10.60 8.16 39.80
N VAL E 136 -9.64 7.32 39.42
CA VAL E 136 -9.98 6.03 38.82
C VAL E 136 -10.34 5.00 39.89
N PHE E 137 -9.69 5.12 41.05
CA PHE E 137 -9.94 4.20 42.16
C PHE E 137 -11.27 4.46 42.86
N ASP E 138 -11.50 5.72 43.25
CA ASP E 138 -12.73 6.09 43.93
C ASP E 138 -13.98 5.71 43.14
N ASP E 139 -13.79 5.39 41.87
CA ASP E 139 -14.90 5.01 41.00
C ASP E 139 -15.16 3.51 41.11
N ILE E 140 -14.07 2.74 41.22
CA ILE E 140 -14.17 1.29 41.32
C ILE E 140 -14.96 0.91 42.58
N VAL E 141 -15.18 1.89 43.45
CA VAL E 141 -15.91 1.67 44.68
C VAL E 141 -17.35 2.18 44.57
N THR E 142 -17.53 3.32 43.93
CA THR E 142 -18.87 3.90 43.76
C THR E 142 -19.22 4.09 42.28
N ASN E 143 -19.67 3.02 41.64
CA ASN E 143 -20.06 3.08 40.24
C ASN E 143 -21.20 2.12 39.93
N GLU E 144 -22.09 2.50 39.00
CA GLU E 144 -23.31 1.72 38.70
C GLU E 144 -23.21 0.27 38.11
N GLN E 145 -22.38 0.06 37.09
CA GLN E 145 -21.97 -1.26 36.66
C GLN E 145 -21.14 -2.03 37.68
N ILE E 146 -20.16 -1.34 38.27
CA ILE E 146 -19.28 -1.96 39.27
C ILE E 146 -20.03 -2.57 40.45
N GLN E 147 -20.77 -1.75 41.19
CA GLN E 147 -21.33 -2.17 42.47
C GLN E 147 -22.27 -3.37 42.42
N LYS E 148 -23.14 -3.44 41.42
CA LYS E 148 -24.16 -4.49 41.40
C LYS E 148 -23.59 -5.91 41.35
N ARG E 149 -22.61 -6.14 40.47
CA ARG E 149 -21.90 -7.42 40.44
C ARG E 149 -21.10 -7.57 41.73
N ALA E 150 -20.51 -6.44 42.14
CA ALA E 150 -19.67 -6.31 43.32
C ALA E 150 -20.30 -6.97 44.55
N GLU E 151 -21.52 -6.57 44.88
CA GLU E 151 -22.22 -7.11 46.03
C GLU E 151 -22.64 -8.56 45.81
N GLY E 152 -22.93 -8.90 44.56
CA GLY E 152 -23.36 -10.24 44.22
C GLY E 152 -22.52 -11.37 44.80
N ILE E 153 -21.34 -11.58 44.25
CA ILE E 153 -20.46 -12.65 44.72
C ILE E 153 -19.86 -12.37 46.09
N SER E 154 -19.54 -11.10 46.36
CA SER E 154 -18.95 -10.72 47.64
C SER E 154 -19.84 -11.11 48.82
N SER E 155 -21.11 -11.35 48.55
CA SER E 155 -22.05 -11.74 49.60
C SER E 155 -21.77 -13.13 50.15
N TYR E 156 -21.58 -14.09 49.25
CA TYR E 156 -21.30 -15.47 49.66
C TYR E 156 -20.20 -15.56 50.71
N TYR E 157 -19.24 -14.64 50.65
CA TYR E 157 -18.14 -14.63 51.62
C TYR E 157 -18.63 -14.17 52.98
N ASP E 158 -19.23 -12.98 53.02
CA ASP E 158 -19.73 -12.40 54.26
C ASP E 158 -20.66 -13.38 54.98
N GLU E 159 -21.32 -14.24 54.21
CA GLU E 159 -22.23 -15.22 54.77
C GLU E 159 -21.48 -16.33 55.51
N LEU E 160 -20.54 -16.95 54.82
CA LEU E 160 -19.75 -18.02 55.41
C LEU E 160 -18.89 -17.51 56.56
N ILE E 161 -18.89 -16.19 56.73
CA ILE E 161 -18.12 -15.56 57.80
C ILE E 161 -18.91 -15.62 59.10
N GLU E 162 -20.18 -15.25 59.03
CA GLU E 162 -21.06 -15.28 60.20
C GLU E 162 -21.48 -16.71 60.49
N MET E 163 -21.98 -17.38 59.45
CA MET E 163 -22.43 -18.76 59.56
C MET E 163 -21.40 -19.63 60.26
N THR E 164 -20.22 -19.74 59.66
CA THR E 164 -19.13 -20.53 60.22
C THR E 164 -18.70 -20.03 61.60
N SER E 165 -18.88 -18.73 61.83
CA SER E 165 -18.50 -18.14 63.11
C SER E 165 -19.35 -18.67 64.26
N TYR E 166 -20.66 -18.76 64.04
CA TYR E 166 -21.56 -19.26 65.07
C TYR E 166 -21.33 -20.75 65.34
N TRP E 167 -20.73 -21.43 64.37
CA TRP E 167 -20.47 -22.87 64.51
C TRP E 167 -19.38 -23.12 65.53
N HIS E 168 -18.59 -22.09 65.84
CA HIS E 168 -17.51 -22.21 66.81
C HIS E 168 -17.85 -21.44 68.08
N LEU E 169 -18.37 -20.23 67.92
CA LEU E 169 -18.67 -19.41 69.07
C LEU E 169 -19.69 -20.18 69.91
N LEU E 170 -20.58 -20.88 69.22
CA LEU E 170 -21.72 -21.51 69.88
C LEU E 170 -21.91 -22.97 69.52
N GLY E 171 -22.51 -23.72 70.44
CA GLY E 171 -22.87 -25.11 70.20
C GLY E 171 -24.01 -25.24 69.22
N GLU E 172 -24.05 -26.34 68.48
CA GLU E 172 -25.07 -26.54 67.47
C GLU E 172 -26.47 -26.59 68.10
N GLY E 173 -27.44 -26.01 67.40
CA GLY E 173 -28.80 -25.95 67.88
C GLY E 173 -29.29 -24.53 68.13
N THR E 174 -30.58 -24.39 68.39
CA THR E 174 -31.21 -23.08 68.60
C THR E 174 -30.71 -22.39 69.86
N HIS E 175 -30.57 -21.07 69.80
CA HIS E 175 -30.14 -20.28 70.93
C HIS E 175 -30.86 -18.93 71.01
N THR E 176 -30.92 -18.33 72.19
CA THR E 176 -31.68 -17.10 72.32
C THR E 176 -30.81 -15.93 71.91
N VAL E 177 -31.01 -15.49 70.66
CA VAL E 177 -30.25 -14.39 70.10
C VAL E 177 -30.88 -13.05 70.39
N ASN E 178 -30.77 -12.60 71.63
CA ASN E 178 -31.24 -11.26 71.98
C ASN E 178 -32.68 -11.10 71.49
N GLY E 179 -33.50 -12.12 71.74
CA GLY E 179 -34.87 -12.16 71.25
C GLY E 179 -35.11 -12.85 69.91
N LYS E 180 -34.05 -13.29 69.27
CA LYS E 180 -34.15 -13.94 67.98
C LYS E 180 -33.51 -15.31 68.06
N THR E 181 -34.19 -16.32 67.53
CA THR E 181 -33.64 -17.67 67.56
C THR E 181 -32.91 -17.92 66.26
N VAL E 182 -31.61 -18.19 66.36
CA VAL E 182 -30.79 -18.47 65.19
C VAL E 182 -30.29 -19.90 65.29
N THR E 183 -30.56 -20.68 64.26
CA THR E 183 -30.26 -22.10 64.33
C THR E 183 -28.98 -22.36 63.57
N VAL E 184 -28.00 -22.88 64.29
CA VAL E 184 -26.76 -23.25 63.64
C VAL E 184 -26.74 -24.76 63.57
N SER E 185 -26.76 -25.27 62.34
CA SER E 185 -26.60 -26.70 62.11
C SER E 185 -25.35 -26.98 61.29
N LEU E 186 -24.81 -28.19 61.42
CA LEU E 186 -23.62 -28.59 60.70
C LEU E 186 -23.86 -28.59 59.19
N ARG E 187 -24.89 -29.33 58.76
CA ARG E 187 -25.24 -29.42 57.34
C ARG E 187 -25.60 -28.06 56.77
N GLU E 188 -26.09 -27.16 57.62
CA GLU E 188 -26.48 -25.83 57.18
C GLU E 188 -25.27 -24.97 56.87
N LEU E 189 -24.09 -25.48 57.24
CA LEU E 189 -22.84 -24.77 57.00
C LEU E 189 -22.07 -25.42 55.84
N LYS E 190 -22.22 -26.73 55.72
CA LYS E 190 -21.53 -27.47 54.66
C LYS E 190 -22.08 -27.07 53.28
N LYS E 191 -23.19 -26.36 53.28
CA LYS E 191 -23.81 -25.90 52.04
C LYS E 191 -23.41 -24.45 51.80
N LYS E 192 -23.26 -23.71 52.89
CA LYS E 192 -22.86 -22.31 52.82
C LYS E 192 -21.43 -22.22 52.30
N LEU E 193 -20.84 -23.38 52.05
CA LEU E 193 -19.48 -23.48 51.53
C LEU E 193 -19.51 -23.92 50.08
N TYR E 194 -20.09 -25.09 49.85
CA TYR E 194 -20.18 -25.68 48.52
C TYR E 194 -20.78 -24.70 47.50
N LEU E 195 -21.59 -23.77 47.99
CA LEU E 195 -22.22 -22.78 47.12
C LEU E 195 -21.35 -21.54 46.98
N CYS E 196 -20.71 -21.16 48.09
CA CYS E 196 -19.85 -19.98 48.11
C CYS E 196 -18.58 -20.18 47.27
N LEU E 197 -18.14 -21.41 47.13
CA LEU E 197 -16.94 -21.71 46.35
C LEU E 197 -17.25 -21.85 44.86
N MET E 198 -18.47 -22.29 44.54
CA MET E 198 -18.86 -22.43 43.15
C MET E 198 -19.01 -21.03 42.57
N SER E 199 -18.98 -20.04 43.46
CA SER E 199 -19.09 -18.64 43.07
C SER E 199 -17.71 -18.13 42.70
N VAL E 200 -16.68 -18.82 43.18
CA VAL E 200 -15.30 -18.46 42.89
C VAL E 200 -14.86 -19.15 41.61
N ASN E 201 -15.31 -20.37 41.39
CA ASN E 201 -14.83 -21.11 40.24
C ASN E 201 -15.19 -20.25 39.05
N ALA E 202 -16.19 -19.40 39.25
CA ALA E 202 -16.82 -18.67 38.17
C ALA E 202 -16.14 -17.31 38.04
N LEU E 203 -15.79 -16.72 39.18
CA LEU E 203 -15.13 -15.42 39.20
C LEU E 203 -13.68 -15.55 38.77
N GLU E 204 -13.07 -16.72 39.02
CA GLU E 204 -11.70 -17.00 38.56
C GLU E 204 -11.62 -17.72 37.21
N ALA E 205 -12.76 -18.18 36.70
CA ALA E 205 -12.87 -18.68 35.32
C ALA E 205 -13.83 -18.01 34.30
N ILE E 206 -15.09 -17.76 34.66
CA ILE E 206 -16.10 -17.22 33.74
C ILE E 206 -16.25 -15.70 33.77
N ARG E 207 -15.68 -15.11 34.81
CA ARG E 207 -15.63 -13.69 35.10
C ARG E 207 -14.31 -12.99 34.77
N PHE E 208 -13.19 -13.64 35.09
CA PHE E 208 -11.89 -13.05 34.81
C PHE E 208 -11.39 -13.35 33.40
N TYR E 209 -11.46 -14.61 33.00
CA TYR E 209 -11.01 -15.00 31.67
C TYR E 209 -11.74 -14.21 30.58
N VAL E 210 -12.92 -13.69 30.92
CA VAL E 210 -13.70 -12.89 29.98
C VAL E 210 -13.15 -11.47 29.96
N SER E 211 -12.68 -11.01 31.11
CA SER E 211 -12.13 -9.67 31.24
C SER E 211 -10.72 -9.61 30.67
N PHE E 212 -10.21 -10.74 30.19
CA PHE E 212 -8.88 -10.79 29.60
C PHE E 212 -8.92 -10.59 28.09
N ALA E 213 -9.89 -11.22 27.44
CA ALA E 213 -10.05 -11.10 25.99
C ALA E 213 -10.13 -9.63 25.63
N CYS E 214 -10.56 -8.82 26.58
CA CYS E 214 -10.69 -7.38 26.38
C CYS E 214 -9.31 -6.72 26.36
N SER E 215 -8.48 -7.09 27.33
CA SER E 215 -7.13 -6.53 27.43
C SER E 215 -6.23 -7.05 26.32
N PHE E 216 -6.34 -8.34 26.02
CA PHE E 216 -5.53 -8.94 24.97
C PHE E 216 -6.01 -8.49 23.59
N ALA E 217 -7.16 -7.83 23.56
CA ALA E 217 -7.73 -7.34 22.31
C ALA E 217 -6.84 -6.23 21.77
N PHE E 218 -6.41 -5.34 22.67
CA PHE E 218 -5.54 -4.23 22.30
C PHE E 218 -4.15 -4.76 21.93
N ALA E 219 -3.82 -5.93 22.49
CA ALA E 219 -2.53 -6.56 22.23
C ALA E 219 -2.40 -6.93 20.75
N GLU E 220 -3.46 -7.49 20.19
CA GLU E 220 -3.46 -7.90 18.79
C GLU E 220 -3.59 -6.66 17.90
N ARG E 221 -3.62 -5.49 18.54
CA ARG E 221 -3.74 -4.22 17.84
C ARG E 221 -2.45 -3.42 18.03
N GLU E 222 -1.49 -4.03 18.72
CA GLU E 222 -0.20 -3.39 18.99
C GLU E 222 -0.42 -2.18 19.89
N LEU E 223 -1.29 -2.33 20.88
CA LEU E 223 -1.60 -1.25 21.81
C LEU E 223 -1.64 -1.71 23.26
N MET E 224 -1.21 -0.83 24.17
CA MET E 224 -1.19 -1.12 25.59
C MET E 224 -0.42 -2.40 25.87
N GLU E 225 0.78 -2.50 25.29
CA GLU E 225 1.64 -3.67 25.45
C GLU E 225 1.80 -4.05 26.92
N GLY E 226 2.45 -3.18 27.69
CA GLY E 226 2.68 -3.44 29.09
C GLY E 226 1.54 -4.15 29.81
N ASN E 227 0.32 -3.68 29.59
CA ASN E 227 -0.85 -4.29 30.22
C ASN E 227 -1.00 -5.74 29.79
N ALA E 228 -0.89 -5.99 28.50
CA ALA E 228 -1.02 -7.34 27.96
C ALA E 228 0.03 -8.25 28.59
N LYS E 229 1.27 -7.78 28.64
CA LYS E 229 2.37 -8.54 29.22
C LYS E 229 2.04 -8.91 30.67
N ILE E 230 1.59 -7.94 31.44
CA ILE E 230 1.24 -8.16 32.84
C ILE E 230 0.01 -9.05 32.94
N ILE E 231 -1.05 -8.69 32.21
CA ILE E 231 -2.28 -9.46 32.22
C ILE E 231 -2.04 -10.93 31.89
N ARG E 232 -1.15 -11.19 30.94
CA ARG E 232 -0.84 -12.56 30.56
C ARG E 232 -0.47 -13.36 31.80
N LEU E 233 0.54 -12.89 32.51
CA LEU E 233 1.01 -13.54 33.72
C LEU E 233 -0.15 -13.76 34.68
N ILE E 234 -1.07 -12.79 34.73
CA ILE E 234 -2.23 -12.87 35.59
C ILE E 234 -3.03 -14.13 35.27
N ALA E 235 -3.37 -14.29 33.99
CA ALA E 235 -4.14 -15.45 33.53
C ALA E 235 -3.45 -16.76 33.89
N ARG E 236 -2.12 -16.78 33.78
CA ARG E 236 -1.35 -17.98 34.09
C ARG E 236 -1.52 -18.37 35.56
N ASP E 237 -1.25 -17.41 36.44
CA ASP E 237 -1.37 -17.64 37.88
C ASP E 237 -2.82 -17.98 38.21
N GLU E 238 -3.73 -17.48 37.39
CA GLU E 238 -5.16 -17.72 37.57
C GLU E 238 -5.50 -19.17 37.24
N ALA E 239 -4.90 -19.68 36.18
CA ALA E 239 -5.14 -21.05 35.74
C ALA E 239 -5.09 -22.00 36.94
N LEU E 240 -4.06 -21.83 37.76
CA LEU E 240 -3.88 -22.67 38.94
C LEU E 240 -5.08 -22.55 39.88
N HIS E 241 -5.59 -21.33 40.01
CA HIS E 241 -6.72 -21.05 40.89
C HIS E 241 -8.00 -21.83 40.55
N LEU E 242 -8.60 -21.55 39.40
CA LEU E 242 -9.83 -22.26 39.03
C LEU E 242 -9.58 -23.76 38.98
N THR E 243 -8.35 -24.15 38.69
CA THR E 243 -7.99 -25.56 38.63
C THR E 243 -8.23 -26.19 40.00
N GLY E 244 -7.84 -25.48 41.04
CA GLY E 244 -8.03 -25.99 42.39
C GLY E 244 -9.47 -25.89 42.84
N THR E 245 -10.15 -24.83 42.42
CA THR E 245 -11.55 -24.62 42.79
C THR E 245 -12.39 -25.81 42.33
N GLN E 246 -11.90 -26.50 41.31
CA GLN E 246 -12.59 -27.66 40.77
C GLN E 246 -12.23 -28.92 41.57
N HIS E 247 -10.93 -29.13 41.79
CA HIS E 247 -10.47 -30.28 42.55
C HIS E 247 -11.08 -30.27 43.94
N MET E 248 -11.36 -29.07 44.44
CA MET E 248 -11.96 -28.91 45.76
C MET E 248 -13.46 -29.22 45.68
N LEU E 249 -14.05 -28.92 44.52
CA LEU E 249 -15.47 -29.16 44.29
C LEU E 249 -15.74 -30.62 43.93
N ASN E 250 -14.97 -31.14 42.99
CA ASN E 250 -15.13 -32.52 42.54
C ASN E 250 -15.00 -33.54 43.67
N LEU E 251 -13.95 -33.39 44.49
CA LEU E 251 -13.73 -34.31 45.59
C LEU E 251 -14.75 -34.13 46.72
N LEU E 252 -15.34 -32.95 46.80
CA LEU E 252 -16.35 -32.67 47.82
C LEU E 252 -17.70 -33.22 47.38
N ARG E 253 -17.87 -33.38 46.07
CA ARG E 253 -19.10 -33.89 45.51
C ARG E 253 -19.06 -35.41 45.37
N SER E 254 -17.85 -35.93 45.19
CA SER E 254 -17.66 -37.38 45.05
C SER E 254 -17.98 -38.10 46.35
N GLY E 255 -17.57 -37.49 47.47
CA GLY E 255 -17.81 -38.10 48.76
C GLY E 255 -16.65 -38.93 49.23
N ALA E 256 -15.66 -39.11 48.37
CA ALA E 256 -14.47 -39.89 48.69
C ALA E 256 -13.74 -39.27 49.88
N ASP E 257 -14.10 -38.04 50.20
CA ASP E 257 -13.48 -37.32 51.31
C ASP E 257 -14.53 -36.99 52.37
N ASP E 258 -15.60 -36.32 51.95
CA ASP E 258 -16.66 -35.93 52.86
C ASP E 258 -17.96 -36.65 52.47
N PRO E 259 -18.29 -37.75 53.15
CA PRO E 259 -19.49 -38.55 52.87
C PRO E 259 -20.79 -37.72 52.90
N GLU E 260 -20.92 -36.87 53.89
CA GLU E 260 -22.12 -36.04 54.03
C GLU E 260 -22.34 -35.16 52.80
N MET E 261 -21.30 -34.43 52.39
CA MET E 261 -21.36 -33.54 51.25
C MET E 261 -21.88 -34.25 49.99
N ALA E 262 -21.63 -35.55 49.89
CA ALA E 262 -22.06 -36.34 48.74
C ALA E 262 -23.54 -36.10 48.44
N GLU E 263 -24.33 -35.91 49.50
CA GLU E 263 -25.76 -35.68 49.35
C GLU E 263 -26.01 -34.21 49.02
N ILE E 264 -25.35 -33.32 49.75
CA ILE E 264 -25.48 -31.89 49.56
C ILE E 264 -25.24 -31.50 48.10
N ALA E 265 -24.49 -32.33 47.39
CA ALA E 265 -24.18 -32.07 45.98
C ALA E 265 -25.42 -32.23 45.10
N GLU E 266 -26.34 -33.08 45.52
CA GLU E 266 -27.56 -33.33 44.76
C GLU E 266 -28.66 -32.32 45.10
N GLU E 267 -28.75 -31.95 46.38
CA GLU E 267 -29.75 -31.00 46.81
C GLU E 267 -29.28 -29.57 46.57
N CYS E 268 -28.18 -29.44 45.84
CA CYS E 268 -27.62 -28.13 45.50
C CYS E 268 -27.25 -28.10 44.03
N LYS E 269 -27.41 -29.26 43.37
CA LYS E 269 -27.09 -29.38 41.96
C LYS E 269 -27.77 -28.27 41.17
N GLN E 270 -29.07 -28.13 41.35
CA GLN E 270 -29.85 -27.10 40.67
C GLN E 270 -29.47 -25.73 41.22
N GLU E 271 -29.23 -25.69 42.53
CA GLU E 271 -28.86 -24.45 43.20
C GLU E 271 -27.61 -23.83 42.59
N CYS E 272 -26.55 -24.61 42.47
CA CYS E 272 -25.30 -24.12 41.89
C CYS E 272 -25.49 -23.77 40.42
N TYR E 273 -26.19 -24.63 39.70
CA TYR E 273 -26.44 -24.42 38.28
C TYR E 273 -27.04 -23.04 38.03
N ASP E 274 -27.90 -22.61 38.95
CA ASP E 274 -28.54 -21.30 38.82
C ASP E 274 -27.49 -20.18 38.84
N LEU E 275 -26.69 -20.15 39.90
CA LEU E 275 -25.66 -19.13 40.05
C LEU E 275 -24.74 -19.06 38.84
N PHE E 276 -24.26 -20.21 38.38
CA PHE E 276 -23.38 -20.27 37.22
C PHE E 276 -24.00 -19.60 36.00
N VAL E 277 -25.10 -20.15 35.52
CA VAL E 277 -25.78 -19.61 34.35
C VAL E 277 -26.22 -18.17 34.57
N GLN E 278 -26.75 -17.88 35.75
CA GLN E 278 -27.22 -16.55 36.07
C GLN E 278 -26.08 -15.52 36.08
N ALA E 279 -25.04 -15.80 36.85
CA ALA E 279 -23.89 -14.91 36.94
C ALA E 279 -23.29 -14.65 35.56
N ALA E 280 -23.25 -15.69 34.74
CA ALA E 280 -22.69 -15.58 33.39
C ALA E 280 -23.31 -14.41 32.63
N GLN E 281 -24.62 -14.23 32.78
CA GLN E 281 -25.33 -13.16 32.11
C GLN E 281 -24.81 -11.78 32.49
N GLN E 282 -24.51 -11.60 33.79
CA GLN E 282 -24.00 -10.33 34.27
C GLN E 282 -22.89 -9.81 33.38
N GLU E 283 -22.07 -10.72 32.88
CA GLU E 283 -20.96 -10.37 32.00
C GLU E 283 -21.43 -9.83 30.65
N LYS E 284 -22.32 -10.55 29.99
CA LYS E 284 -22.83 -10.13 28.69
C LYS E 284 -23.28 -8.67 28.71
N ASP E 285 -23.87 -8.24 29.83
CA ASP E 285 -24.33 -6.87 29.96
C ASP E 285 -23.13 -5.91 30.01
N TRP E 286 -22.14 -6.26 30.82
CA TRP E 286 -20.94 -5.45 30.96
C TRP E 286 -20.41 -4.96 29.62
N ALA E 287 -20.49 -5.83 28.61
CA ALA E 287 -20.03 -5.48 27.28
C ALA E 287 -20.68 -4.18 26.82
N ASP E 288 -22.00 -4.11 26.94
CA ASP E 288 -22.74 -2.92 26.54
C ASP E 288 -22.14 -1.66 27.13
N TYR E 289 -21.72 -1.73 28.39
CA TYR E 289 -21.13 -0.59 29.06
C TYR E 289 -19.84 -0.13 28.37
N LEU E 290 -19.17 -1.06 27.72
CA LEU E 290 -17.93 -0.76 27.02
C LEU E 290 -18.16 -0.40 25.56
N PHE E 291 -18.99 -1.18 24.88
CA PHE E 291 -19.28 -0.94 23.47
C PHE E 291 -20.48 0.00 23.31
N ARG E 292 -20.82 0.71 24.37
CA ARG E 292 -21.93 1.66 24.34
C ARG E 292 -21.63 2.81 23.39
N ASP E 293 -20.48 3.44 23.60
CA ASP E 293 -20.07 4.56 22.78
C ASP E 293 -19.69 4.11 21.37
N GLY E 294 -19.00 2.99 21.28
CA GLY E 294 -18.60 2.47 19.98
C GLY E 294 -17.91 1.11 20.06
N SER E 295 -17.83 0.45 18.91
CA SER E 295 -17.20 -0.87 18.83
C SER E 295 -15.68 -0.73 18.79
N MET E 296 -14.99 -1.85 18.67
CA MET E 296 -13.54 -1.84 18.61
C MET E 296 -13.07 -2.63 17.40
N ILE E 297 -11.98 -2.19 16.78
CA ILE E 297 -11.45 -2.84 15.59
C ILE E 297 -11.16 -4.31 15.84
N GLY E 298 -11.08 -4.70 17.10
CA GLY E 298 -10.81 -6.08 17.45
C GLY E 298 -12.05 -6.90 17.74
N LEU E 299 -13.01 -6.29 18.42
CA LEU E 299 -14.25 -6.98 18.77
C LEU E 299 -15.28 -6.01 19.32
N ASN E 300 -16.56 -6.40 19.26
CA ASN E 300 -17.65 -5.58 19.76
C ASN E 300 -18.59 -6.41 20.62
N LYS E 301 -19.65 -5.77 21.12
CA LYS E 301 -20.63 -6.45 21.96
C LYS E 301 -20.98 -7.84 21.43
N ASP E 302 -21.25 -7.92 20.13
CA ASP E 302 -21.61 -9.19 19.50
C ASP E 302 -20.59 -10.29 19.84
N ILE E 303 -19.36 -10.10 19.39
CA ILE E 303 -18.29 -11.07 19.62
C ILE E 303 -18.11 -11.44 21.09
N LEU E 304 -17.69 -10.46 21.89
CA LEU E 304 -17.45 -10.69 23.32
C LEU E 304 -18.52 -11.54 23.98
N CYS E 305 -19.79 -11.32 23.62
CA CYS E 305 -20.88 -12.09 24.19
C CYS E 305 -20.75 -13.57 23.87
N GLN E 306 -20.50 -13.88 22.60
CA GLN E 306 -20.35 -15.26 22.16
C GLN E 306 -19.36 -16.00 23.04
N TYR E 307 -18.30 -15.31 23.44
CA TYR E 307 -17.25 -15.89 24.28
C TYR E 307 -17.83 -16.48 25.56
N VAL E 308 -18.51 -15.64 26.35
CA VAL E 308 -19.09 -16.08 27.61
C VAL E 308 -19.79 -17.43 27.46
N GLU E 309 -20.48 -17.63 26.34
CA GLU E 309 -21.18 -18.89 26.10
C GLU E 309 -20.19 -20.03 25.86
N TYR E 310 -19.21 -19.79 24.99
CA TYR E 310 -18.21 -20.80 24.67
C TYR E 310 -17.43 -21.23 25.90
N ILE E 311 -17.02 -20.26 26.72
CA ILE E 311 -16.25 -20.55 27.92
C ILE E 311 -17.09 -21.19 29.03
N THR E 312 -18.18 -20.54 29.41
CA THR E 312 -19.06 -21.05 30.46
C THR E 312 -19.60 -22.44 30.11
N ASN E 313 -19.81 -22.69 28.82
CA ASN E 313 -20.33 -23.97 28.38
C ASN E 313 -19.40 -25.12 28.76
N ILE E 314 -18.10 -24.87 28.67
CA ILE E 314 -17.11 -25.89 29.01
C ILE E 314 -16.71 -25.78 30.48
N ARG E 315 -16.49 -24.55 30.93
CA ARG E 315 -16.10 -24.28 32.30
C ARG E 315 -16.95 -25.05 33.30
N MET E 316 -18.23 -25.22 32.97
CA MET E 316 -19.15 -25.95 33.84
C MET E 316 -19.14 -27.45 33.59
N GLN E 317 -18.73 -27.84 32.39
CA GLN E 317 -18.68 -29.26 32.04
C GLN E 317 -17.61 -29.96 32.87
N ALA E 318 -16.79 -29.18 33.54
CA ALA E 318 -15.72 -29.71 34.39
C ALA E 318 -16.22 -29.97 35.80
N VAL E 319 -16.77 -28.94 36.43
CA VAL E 319 -17.29 -29.05 37.79
C VAL E 319 -18.32 -30.18 37.89
N GLY E 320 -19.00 -30.45 36.78
CA GLY E 320 -19.99 -31.52 36.77
C GLY E 320 -21.41 -31.03 36.53
N LEU E 321 -21.60 -29.72 36.48
CA LEU E 321 -22.93 -29.17 36.25
C LEU E 321 -23.43 -29.39 34.83
N ASP E 322 -24.66 -28.95 34.59
CA ASP E 322 -25.36 -29.03 33.31
C ASP E 322 -24.86 -28.03 32.25
N LEU E 323 -25.18 -28.32 30.99
CA LEU E 323 -24.66 -27.54 29.86
C LEU E 323 -25.62 -26.40 29.54
N PRO E 324 -25.42 -25.27 30.21
CA PRO E 324 -26.30 -24.09 30.13
C PRO E 324 -26.43 -23.32 28.81
N PHE E 325 -25.33 -23.08 28.10
CA PHE E 325 -25.31 -22.17 26.95
C PHE E 325 -24.97 -22.89 25.65
N GLN E 326 -25.62 -22.53 24.54
CA GLN E 326 -25.50 -23.37 23.35
C GLN E 326 -24.04 -23.66 23.04
N THR E 327 -23.78 -24.80 22.43
CA THR E 327 -22.42 -25.18 22.06
C THR E 327 -21.96 -24.24 20.96
N ARG E 328 -20.65 -24.13 20.80
CA ARG E 328 -20.05 -23.14 19.91
C ARG E 328 -18.57 -23.41 19.65
N SER E 329 -17.99 -22.72 18.66
CA SER E 329 -16.55 -22.77 18.46
C SER E 329 -15.92 -21.43 18.86
N ASN E 330 -14.75 -21.49 19.49
CA ASN E 330 -14.27 -20.28 20.10
C ASN E 330 -14.30 -19.23 19.04
N PRO E 331 -15.01 -18.15 19.35
CA PRO E 331 -15.19 -17.01 18.43
C PRO E 331 -13.87 -16.29 18.12
N ILE E 332 -13.05 -16.12 19.16
CA ILE E 332 -11.80 -15.39 19.03
C ILE E 332 -10.64 -16.21 19.57
N PRO E 333 -10.25 -17.18 18.75
CA PRO E 333 -9.32 -18.27 19.08
C PRO E 333 -7.92 -17.77 19.39
N TRP E 334 -7.56 -16.64 18.80
CA TRP E 334 -6.22 -16.15 18.92
C TRP E 334 -5.94 -15.97 20.38
N ILE E 335 -6.94 -15.74 21.19
CA ILE E 335 -6.66 -15.34 22.54
C ILE E 335 -5.69 -16.39 23.09
N ASN E 336 -5.78 -17.60 22.54
CA ASN E 336 -4.94 -18.71 23.01
C ASN E 336 -3.48 -18.30 23.11
N THR E 337 -3.07 -17.30 22.36
CA THR E 337 -1.65 -16.98 22.32
C THR E 337 -1.22 -16.64 23.74
N TRP E 338 -2.19 -16.24 24.56
CA TRP E 338 -1.92 -15.55 25.81
C TRP E 338 -2.16 -16.37 27.08
N LEU E 339 -2.42 -17.67 26.89
CA LEU E 339 -2.66 -18.59 28.00
C LEU E 339 -1.62 -19.70 28.03
N VAL E 340 -1.10 -19.99 29.23
CA VAL E 340 -0.10 -21.03 29.40
C VAL E 340 1.31 -20.47 29.19
N ASP E 362 27.24 -39.12 -10.95
CA ASP E 362 27.66 -40.45 -11.36
C ASP E 362 26.78 -41.54 -10.76
N SER E 363 26.39 -42.46 -11.63
CA SER E 363 25.58 -43.61 -11.28
C SER E 363 25.97 -44.70 -12.25
N GLU E 364 25.67 -45.95 -11.92
CA GLU E 364 26.07 -47.05 -12.80
C GLU E 364 24.89 -47.62 -13.55
N VAL E 365 24.99 -47.59 -14.88
CA VAL E 365 24.02 -48.28 -15.74
C VAL E 365 24.33 -49.77 -15.78
N ASP E 366 23.37 -50.59 -16.19
CA ASP E 366 23.65 -52.01 -16.33
C ASP E 366 22.92 -52.54 -17.56
N THR E 367 23.70 -52.96 -18.55
CA THR E 367 23.15 -53.46 -19.81
C THR E 367 22.25 -54.69 -19.63
N ASP E 368 22.27 -55.28 -18.45
CA ASP E 368 21.45 -56.47 -18.20
C ASP E 368 20.31 -56.22 -17.22
N ASP E 369 20.57 -55.62 -16.07
CA ASP E 369 19.63 -55.74 -14.96
C ASP E 369 18.20 -55.33 -15.34
N LEU E 370 18.01 -54.31 -16.17
CA LEU E 370 16.68 -53.98 -16.65
C LEU E 370 16.30 -54.69 -17.94
N SER E 371 17.30 -54.98 -18.78
CA SER E 371 17.07 -55.65 -20.05
C SER E 371 16.17 -56.88 -19.90
N ASN E 372 16.22 -57.50 -18.72
CA ASN E 372 15.39 -58.68 -18.46
C ASN E 372 13.91 -58.35 -18.56
N PHE E 373 13.52 -57.24 -17.94
CA PHE E 373 12.14 -56.91 -17.99
C PHE E 373 11.93 -56.78 -19.48
N GLN E 374 10.96 -57.53 -19.96
CA GLN E 374 10.47 -57.42 -21.33
C GLN E 374 9.64 -56.16 -21.53
N LEU E 375 9.33 -55.88 -22.80
CA LEU E 375 8.55 -54.69 -23.14
C LEU E 375 7.42 -55.05 -24.11
N ALA F 1 73.17 -9.43 5.99
CA ALA F 1 72.78 -10.81 6.39
C ALA F 1 71.59 -10.78 7.35
N TYR F 2 70.63 -11.68 7.13
CA TYR F 2 69.44 -11.75 7.96
C TYR F 2 69.60 -12.79 9.06
N THR F 3 69.39 -12.37 10.31
CA THR F 3 69.51 -13.26 11.45
C THR F 3 68.21 -13.31 12.24
N THR F 4 67.68 -14.51 12.44
CA THR F 4 66.45 -14.70 13.18
C THR F 4 66.58 -14.19 14.61
N PHE F 5 67.81 -14.17 15.09
CA PHE F 5 68.15 -13.50 16.32
C PHE F 5 69.40 -12.73 15.99
N SER F 6 69.40 -11.43 16.25
CA SER F 6 70.65 -10.72 16.08
C SER F 6 71.46 -10.94 17.34
N GLN F 7 72.73 -11.27 17.15
CA GLN F 7 73.60 -11.47 18.28
C GLN F 7 74.15 -10.13 18.69
N THR F 8 73.27 -9.20 19.05
CA THR F 8 73.71 -7.88 19.43
C THR F 8 72.86 -7.24 20.52
N LYS F 9 73.50 -6.49 21.41
CA LYS F 9 72.80 -5.68 22.39
C LYS F 9 72.51 -4.28 21.85
N ASN F 10 71.55 -4.17 20.94
CA ASN F 10 71.20 -2.86 20.41
C ASN F 10 69.97 -2.30 21.11
N ASP F 11 69.89 -0.98 21.20
CA ASP F 11 68.75 -0.32 21.83
C ASP F 11 67.66 -0.11 20.78
N GLN F 12 66.60 -0.90 20.91
CA GLN F 12 65.58 -1.08 19.89
C GLN F 12 64.87 0.21 19.57
N LEU F 13 64.83 1.10 20.56
CA LEU F 13 64.07 2.32 20.46
C LEU F 13 64.58 3.18 19.31
N LYS F 14 65.90 3.22 19.12
CA LYS F 14 66.43 4.09 18.08
C LYS F 14 66.36 3.43 16.70
N GLU F 15 66.17 2.12 16.68
CA GLU F 15 66.08 1.39 15.41
C GLU F 15 65.00 1.98 14.51
N PRO F 16 65.35 2.27 13.25
CA PRO F 16 64.39 2.84 12.30
C PRO F 16 63.26 1.87 12.00
N MET F 17 62.17 2.40 11.43
CA MET F 17 61.02 1.58 11.07
C MET F 17 61.46 0.29 10.38
N PHE F 18 62.38 0.45 9.43
CA PHE F 18 62.90 -0.68 8.68
C PHE F 18 64.42 -0.57 8.59
N PHE F 19 65.06 -1.51 7.90
CA PHE F 19 66.51 -1.49 7.73
C PHE F 19 67.35 -1.42 9.02
N GLY F 20 66.97 -2.18 10.05
CA GLY F 20 67.71 -2.16 11.30
C GLY F 20 67.99 -3.52 11.93
N GLN F 21 68.98 -3.60 12.80
CA GLN F 21 69.42 -4.92 13.17
C GLN F 21 68.18 -5.67 13.58
N PRO F 22 68.03 -6.84 12.98
CA PRO F 22 66.86 -7.72 13.14
C PRO F 22 66.50 -7.90 14.61
N VAL F 23 65.23 -7.77 14.99
CA VAL F 23 64.90 -7.73 16.42
C VAL F 23 65.33 -8.99 17.18
N ASN F 24 65.91 -8.80 18.37
CA ASN F 24 66.48 -9.91 19.14
C ASN F 24 65.62 -10.54 20.26
N VAL F 25 65.01 -9.71 21.10
CA VAL F 25 64.09 -10.21 22.11
C VAL F 25 62.70 -9.60 21.92
N ALA F 26 61.70 -10.46 21.77
CA ALA F 26 60.32 -10.00 21.59
C ALA F 26 59.80 -9.40 22.87
N ARG F 27 60.22 -8.17 23.16
CA ARG F 27 59.80 -7.47 24.37
C ARG F 27 58.67 -6.49 24.06
N TYR F 28 57.99 -6.04 25.11
CA TYR F 28 56.87 -5.11 24.96
C TYR F 28 56.87 -4.10 26.11
N ASP F 29 57.91 -4.15 26.93
CA ASP F 29 58.04 -3.26 28.08
C ASP F 29 58.02 -1.79 27.64
N GLN F 30 58.42 -1.55 26.39
CA GLN F 30 58.46 -0.20 25.86
C GLN F 30 58.26 -0.20 24.34
N GLN F 31 58.24 0.99 23.76
CA GLN F 31 58.17 1.15 22.34
C GLN F 31 58.73 2.50 21.94
N LYS F 32 59.15 2.61 20.69
CA LYS F 32 59.52 3.89 20.10
C LYS F 32 58.30 4.59 19.51
N TYR F 33 57.35 3.79 19.02
CA TYR F 33 56.13 4.31 18.44
C TYR F 33 54.91 3.61 19.02
N ASP F 34 54.33 4.20 20.05
CA ASP F 34 53.16 3.65 20.74
C ASP F 34 52.05 3.19 19.80
N ILE F 35 51.97 3.81 18.62
CA ILE F 35 50.94 3.44 17.65
C ILE F 35 50.85 1.94 17.40
N PHE F 36 51.90 1.35 16.87
CA PHE F 36 51.94 -0.07 16.57
C PHE F 36 51.43 -0.92 17.73
N GLU F 37 51.94 -0.66 18.93
CA GLU F 37 51.52 -1.40 20.11
C GLU F 37 50.01 -1.40 20.25
N LYS F 38 49.40 -0.22 20.13
CA LYS F 38 47.96 -0.08 20.25
C LYS F 38 47.21 -0.84 19.16
N LEU F 39 47.69 -0.73 17.93
CA LEU F 39 47.06 -1.42 16.80
C LEU F 39 46.94 -2.91 17.08
N ILE F 40 47.91 -3.46 17.79
CA ILE F 40 47.91 -4.88 18.13
C ILE F 40 46.82 -5.17 19.14
N GLU F 41 46.81 -4.40 20.22
CA GLU F 41 45.83 -4.56 21.29
C GLU F 41 44.40 -4.47 20.77
N LYS F 42 44.09 -3.38 20.09
CA LYS F 42 42.73 -3.16 19.63
C LYS F 42 42.35 -4.31 18.70
N GLN F 43 43.31 -4.75 17.89
CA GLN F 43 43.07 -5.83 16.95
C GLN F 43 42.78 -7.11 17.73
N LEU F 44 43.66 -7.43 18.66
CA LEU F 44 43.52 -8.62 19.49
C LEU F 44 42.14 -8.69 20.13
N SER F 45 41.65 -7.54 20.59
CA SER F 45 40.34 -7.46 21.21
C SER F 45 39.23 -7.59 20.17
N PHE F 46 39.58 -7.32 18.91
CA PHE F 46 38.61 -7.41 17.83
C PHE F 46 38.50 -8.84 17.29
N PHE F 47 39.32 -9.73 17.83
CA PHE F 47 39.31 -11.13 17.39
C PHE F 47 37.89 -11.63 17.20
N TRP F 48 37.71 -12.51 16.21
CA TRP F 48 36.40 -13.08 15.92
C TRP F 48 36.55 -14.24 14.94
N ARG F 49 35.60 -15.17 14.99
CA ARG F 49 35.63 -16.32 14.11
C ARG F 49 34.43 -16.32 13.17
N PRO F 50 34.68 -16.26 11.86
CA PRO F 50 33.67 -16.23 10.79
C PRO F 50 32.53 -17.23 10.97
N GLU F 51 32.80 -18.35 11.64
CA GLU F 51 31.78 -19.36 11.84
C GLU F 51 30.69 -18.90 12.82
N GLU F 52 31.00 -17.88 13.60
CA GLU F 52 30.05 -17.34 14.57
C GLU F 52 28.75 -16.87 13.96
N VAL F 53 28.82 -15.91 13.05
CA VAL F 53 27.63 -15.39 12.38
C VAL F 53 27.01 -16.44 11.48
N ASP F 54 25.70 -16.65 11.63
CA ASP F 54 24.95 -17.64 10.84
C ASP F 54 24.68 -17.24 9.39
N VAL F 55 24.80 -18.20 8.48
CA VAL F 55 24.55 -17.97 7.06
C VAL F 55 23.31 -18.65 6.44
N SER F 56 22.46 -19.26 7.26
CA SER F 56 21.36 -20.08 6.74
C SER F 56 20.33 -19.32 5.89
N ARG F 57 19.96 -18.13 6.34
CA ARG F 57 19.04 -17.24 5.62
C ARG F 57 19.65 -16.72 4.33
N ASP F 58 20.97 -16.59 4.31
CA ASP F 58 21.67 -16.08 3.14
C ASP F 58 21.59 -17.01 1.93
N ARG F 59 21.63 -18.32 2.18
CA ARG F 59 21.56 -19.30 1.10
C ARG F 59 20.42 -19.04 0.12
N ILE F 60 19.20 -19.04 0.64
CA ILE F 60 18.01 -18.82 -0.19
C ILE F 60 18.10 -17.49 -0.92
N ASP F 61 18.72 -16.49 -0.28
CA ASP F 61 18.86 -15.17 -0.87
C ASP F 61 19.54 -15.18 -2.24
N TYR F 62 20.71 -15.82 -2.32
CA TYR F 62 21.44 -15.89 -3.58
C TYR F 62 20.59 -16.58 -4.64
N GLN F 63 19.90 -17.65 -4.24
CA GLN F 63 19.05 -18.41 -5.14
C GLN F 63 17.95 -17.54 -5.73
N ALA F 64 17.42 -16.67 -4.88
CA ALA F 64 16.40 -15.67 -5.20
C ALA F 64 16.86 -14.52 -6.11
N LEU F 65 18.08 -14.02 -5.83
CA LEU F 65 18.54 -12.76 -6.42
C LEU F 65 18.63 -12.85 -7.93
N PRO F 66 18.26 -11.76 -8.60
CA PRO F 66 18.21 -11.78 -10.08
C PRO F 66 19.57 -12.15 -10.65
N GLU F 67 19.63 -12.40 -11.96
CA GLU F 67 20.88 -12.77 -12.60
C GLU F 67 21.87 -11.61 -12.66
N HIS F 68 21.41 -10.46 -13.13
CA HIS F 68 22.27 -9.29 -13.23
C HIS F 68 22.78 -8.92 -11.84
N GLU F 69 22.06 -9.36 -10.81
CA GLU F 69 22.45 -9.09 -9.44
C GLU F 69 23.33 -10.22 -8.89
N LYS F 70 22.94 -11.46 -9.15
CA LYS F 70 23.71 -12.61 -8.69
C LYS F 70 25.16 -12.40 -9.10
N HIS F 71 25.34 -11.91 -10.32
CA HIS F 71 26.67 -11.66 -10.86
C HIS F 71 27.40 -10.65 -9.98
N ILE F 72 26.77 -9.50 -9.76
CA ILE F 72 27.35 -8.44 -8.94
C ILE F 72 28.00 -8.99 -7.67
N PHE F 73 27.22 -9.71 -6.86
CA PHE F 73 27.70 -10.28 -5.56
C PHE F 73 28.76 -11.43 -5.51
N ILE F 74 28.59 -12.48 -6.32
CA ILE F 74 29.59 -13.51 -6.53
C ILE F 74 30.87 -12.99 -7.19
N SER F 75 30.75 -11.94 -7.99
CA SER F 75 31.92 -11.37 -8.67
C SER F 75 32.74 -10.50 -7.73
N ASN F 76 32.08 -9.62 -7.00
CA ASN F 76 32.77 -8.74 -6.07
C ASN F 76 33.39 -9.52 -4.92
N LEU F 77 32.84 -10.70 -4.66
CA LEU F 77 33.35 -11.54 -3.58
C LEU F 77 34.66 -12.18 -4.04
N LYS F 78 34.73 -12.51 -5.32
CA LYS F 78 35.93 -13.13 -5.90
C LYS F 78 37.08 -12.13 -5.79
N TYR F 79 36.76 -10.86 -6.03
CA TYR F 79 37.75 -9.80 -5.96
C TYR F 79 38.33 -9.66 -4.55
N GLN F 80 37.47 -9.74 -3.54
CA GLN F 80 37.90 -9.64 -2.16
C GLN F 80 38.75 -10.86 -1.81
N THR F 81 38.24 -12.03 -2.16
CA THR F 81 38.91 -13.29 -1.90
C THR F 81 40.39 -13.23 -2.24
N LEU F 82 40.69 -12.72 -3.44
CA LEU F 82 42.07 -12.63 -3.90
C LEU F 82 42.89 -11.61 -3.11
N LEU F 83 42.36 -10.40 -2.96
CA LEU F 83 43.05 -9.35 -2.23
C LEU F 83 43.69 -9.82 -0.92
N ASP F 84 42.89 -10.40 -0.04
CA ASP F 84 43.42 -10.89 1.23
C ASP F 84 44.22 -12.18 1.12
N SER F 85 43.83 -13.05 0.20
CA SER F 85 44.55 -14.30 0.00
C SER F 85 46.04 -13.99 -0.14
N ILE F 86 46.34 -12.98 -0.94
CA ILE F 86 47.72 -12.56 -1.16
C ILE F 86 48.19 -11.70 0.02
N GLN F 87 47.33 -10.84 0.52
CA GLN F 87 47.77 -9.90 1.52
C GLN F 87 48.29 -10.72 2.69
N GLY F 88 47.79 -11.95 2.81
CA GLY F 88 48.00 -12.74 4.00
C GLY F 88 49.45 -13.10 4.21
N ARG F 89 50.11 -13.55 3.15
CA ARG F 89 51.51 -13.95 3.20
C ARG F 89 52.41 -12.79 2.79
N SER F 90 51.84 -11.82 2.08
CA SER F 90 52.59 -10.66 1.61
C SER F 90 53.31 -9.90 2.72
N PRO F 91 52.55 -9.37 3.70
CA PRO F 91 53.17 -8.61 4.79
C PRO F 91 54.33 -9.36 5.47
N ASN F 92 54.15 -10.65 5.71
CA ASN F 92 55.21 -11.44 6.34
C ASN F 92 56.45 -11.62 5.46
N VAL F 93 56.22 -11.97 4.20
CA VAL F 93 57.30 -12.19 3.25
C VAL F 93 58.09 -10.95 2.87
N ALA F 94 57.37 -9.85 2.64
CA ALA F 94 57.96 -8.65 2.07
C ALA F 94 58.28 -7.54 3.06
N LEU F 95 58.03 -7.76 4.35
CA LEU F 95 58.22 -6.68 5.30
C LEU F 95 58.98 -7.13 6.55
N LEU F 96 58.84 -8.40 6.89
CA LEU F 96 59.51 -8.95 8.06
C LEU F 96 61.03 -8.79 8.03
N PRO F 97 61.69 -9.31 6.99
CA PRO F 97 63.16 -9.18 6.88
C PRO F 97 63.67 -7.75 7.05
N LEU F 98 62.78 -6.78 6.85
CA LEU F 98 63.15 -5.37 6.97
C LEU F 98 62.81 -4.79 8.34
N ILE F 99 61.88 -5.42 9.05
CA ILE F 99 61.47 -4.95 10.36
C ILE F 99 62.68 -4.76 11.26
N SER F 100 62.72 -3.64 11.97
CA SER F 100 63.88 -3.29 12.80
C SER F 100 63.59 -2.99 14.29
N ILE F 101 62.31 -2.88 14.63
CA ILE F 101 61.92 -2.52 16.00
C ILE F 101 60.85 -3.49 16.48
N PRO F 102 60.77 -3.72 17.79
CA PRO F 102 59.85 -4.76 18.25
C PRO F 102 58.38 -4.49 17.99
N GLU F 103 57.86 -3.40 18.56
CA GLU F 103 56.46 -3.03 18.38
C GLU F 103 55.96 -3.27 16.96
N LEU F 104 56.70 -2.78 15.98
CA LEU F 104 56.34 -2.93 14.58
C LEU F 104 56.27 -4.40 14.17
N GLU F 105 57.24 -5.19 14.61
CA GLU F 105 57.30 -6.61 14.29
C GLU F 105 56.01 -7.33 14.66
N THR F 106 55.72 -7.39 15.96
CA THR F 106 54.54 -8.05 16.46
C THR F 106 53.29 -7.65 15.67
N TRP F 107 53.21 -6.37 15.33
CA TRP F 107 52.08 -5.86 14.56
C TRP F 107 51.98 -6.54 13.20
N VAL F 108 53.09 -6.64 12.50
CA VAL F 108 53.14 -7.26 11.19
C VAL F 108 52.50 -8.66 11.20
N GLU F 109 53.03 -9.53 12.04
CA GLU F 109 52.52 -10.89 12.14
C GLU F 109 51.03 -10.89 12.48
N THR F 110 50.62 -9.96 13.33
CA THR F 110 49.21 -9.83 13.73
C THR F 110 48.45 -9.33 12.51
N TRP F 111 48.99 -8.30 11.87
CA TRP F 111 48.36 -7.74 10.69
C TRP F 111 48.09 -8.81 9.67
N ALA F 112 49.10 -9.65 9.43
CA ALA F 112 48.96 -10.76 8.49
C ALA F 112 47.91 -11.76 8.96
N PHE F 113 48.02 -12.20 10.20
CA PHE F 113 47.09 -13.17 10.76
C PHE F 113 45.64 -12.72 10.58
N SER F 114 45.38 -11.45 10.89
CA SER F 114 44.04 -10.90 10.76
C SER F 114 43.43 -11.19 9.39
N GLU F 115 44.27 -11.11 8.35
CA GLU F 115 43.82 -11.36 6.99
C GLU F 115 43.40 -12.82 6.79
N THR F 116 44.19 -13.73 7.34
CA THR F 116 43.90 -15.17 7.21
C THR F 116 42.45 -15.44 7.59
N ILE F 117 41.95 -14.72 8.58
CA ILE F 117 40.59 -14.89 9.04
C ILE F 117 39.60 -14.51 7.94
N HIS F 118 39.85 -13.36 7.31
CA HIS F 118 38.98 -12.88 6.24
C HIS F 118 38.96 -13.92 5.13
N SER F 119 40.12 -14.50 4.86
CA SER F 119 40.24 -15.53 3.82
C SER F 119 39.35 -16.71 4.18
N ARG F 120 39.43 -17.15 5.43
CA ARG F 120 38.63 -18.27 5.91
C ARG F 120 37.14 -17.96 5.82
N SER F 121 36.77 -16.74 6.18
CA SER F 121 35.37 -16.33 6.15
C SER F 121 34.77 -16.41 4.75
N TYR F 122 35.45 -15.80 3.77
CA TYR F 122 34.96 -15.82 2.40
C TYR F 122 34.60 -17.24 1.99
N THR F 123 35.37 -18.20 2.49
CA THR F 123 35.15 -19.61 2.18
C THR F 123 33.86 -20.09 2.85
N HIS F 124 33.66 -19.68 4.09
CA HIS F 124 32.47 -20.05 4.84
C HIS F 124 31.20 -19.53 4.18
N ILE F 125 31.35 -18.45 3.42
CA ILE F 125 30.22 -17.84 2.73
C ILE F 125 29.86 -18.62 1.45
N ILE F 126 30.87 -18.81 0.61
CA ILE F 126 30.69 -19.53 -0.66
C ILE F 126 29.98 -20.87 -0.46
N ARG F 127 30.42 -21.68 0.47
CA ARG F 127 29.90 -23.03 0.53
C ARG F 127 28.38 -22.98 0.73
N ASN F 128 27.93 -21.85 1.25
CA ASN F 128 26.60 -21.71 1.84
C ASN F 128 25.60 -21.06 0.90
N ILE F 129 26.11 -20.33 -0.09
CA ILE F 129 25.26 -19.65 -1.07
C ILE F 129 25.42 -20.27 -2.44
N VAL F 130 26.47 -21.06 -2.61
CA VAL F 130 26.75 -21.73 -3.88
C VAL F 130 26.71 -23.24 -3.67
N ASN F 131 26.68 -24.00 -4.76
CA ASN F 131 26.64 -25.45 -4.69
C ASN F 131 28.03 -26.07 -4.69
N ASP F 132 28.97 -25.43 -5.38
CA ASP F 132 30.33 -25.92 -5.46
C ASP F 132 31.37 -24.82 -5.21
N PRO F 133 32.26 -25.03 -4.24
CA PRO F 133 33.31 -24.06 -3.90
C PRO F 133 34.36 -23.92 -4.99
N SER F 134 34.90 -25.05 -5.43
CA SER F 134 35.94 -25.08 -6.46
C SER F 134 35.63 -24.20 -7.67
N VAL F 135 34.50 -24.46 -8.33
CA VAL F 135 34.11 -23.70 -9.51
C VAL F 135 34.26 -22.19 -9.32
N VAL F 136 33.97 -21.72 -8.10
CA VAL F 136 34.08 -20.29 -7.80
C VAL F 136 35.52 -19.91 -7.49
N PHE F 137 36.26 -20.83 -6.89
CA PHE F 137 37.66 -20.58 -6.54
C PHE F 137 38.58 -20.61 -7.76
N ASP F 138 38.51 -21.68 -8.54
CA ASP F 138 39.34 -21.82 -9.72
C ASP F 138 39.20 -20.64 -10.68
N ASP F 139 38.17 -19.83 -10.48
CA ASP F 139 37.94 -18.68 -11.33
C ASP F 139 38.70 -17.47 -10.78
N ILE F 140 38.75 -17.36 -9.46
CA ILE F 140 39.44 -16.26 -8.80
C ILE F 140 40.92 -16.28 -9.18
N VAL F 141 41.35 -17.39 -9.77
CA VAL F 141 42.75 -17.56 -10.17
C VAL F 141 42.92 -17.32 -11.68
N THR F 142 41.96 -17.80 -12.47
CA THR F 142 42.03 -17.64 -13.91
C THR F 142 40.81 -16.91 -14.46
N ASN F 143 40.82 -15.59 -14.37
CA ASN F 143 39.71 -14.78 -14.87
C ASN F 143 40.19 -13.45 -15.40
N GLU F 144 39.53 -12.91 -16.44
CA GLU F 144 39.98 -11.68 -17.13
C GLU F 144 40.02 -10.31 -16.38
N GLN F 145 38.95 -9.96 -15.65
CA GLN F 145 38.97 -8.87 -14.68
C GLN F 145 39.88 -9.14 -13.48
N ILE F 146 39.80 -10.33 -12.92
CA ILE F 146 40.62 -10.70 -11.77
C ILE F 146 42.12 -10.54 -11.98
N GLN F 147 42.67 -11.30 -12.91
CA GLN F 147 44.10 -11.25 -13.21
C GLN F 147 44.64 -9.85 -13.51
N LYS F 148 43.80 -8.97 -14.06
CA LYS F 148 44.27 -7.66 -14.53
C LYS F 148 44.88 -6.72 -13.47
N ARG F 149 44.24 -6.60 -12.31
CA ARG F 149 44.82 -5.96 -11.14
C ARG F 149 45.63 -6.92 -10.29
N ALA F 150 45.25 -8.20 -10.32
CA ALA F 150 45.93 -9.23 -9.55
C ALA F 150 47.45 -9.10 -9.64
N GLU F 151 47.97 -9.09 -10.86
CA GLU F 151 49.40 -8.98 -11.08
C GLU F 151 49.93 -7.58 -10.74
N GLY F 152 49.07 -6.57 -10.93
CA GLY F 152 49.46 -5.20 -10.66
C GLY F 152 50.14 -4.96 -9.33
N ILE F 153 49.37 -4.97 -8.25
CA ILE F 153 49.91 -4.74 -6.92
C ILE F 153 50.78 -5.88 -6.40
N SER F 154 50.40 -7.12 -6.72
CA SER F 154 51.15 -8.29 -6.29
C SER F 154 52.61 -8.23 -6.74
N SER F 155 52.89 -7.41 -7.75
CA SER F 155 54.24 -7.27 -8.27
C SER F 155 55.18 -6.58 -7.28
N TYR F 156 54.72 -5.48 -6.71
CA TYR F 156 55.51 -4.72 -5.75
C TYR F 156 56.11 -5.60 -4.65
N TYR F 157 55.39 -6.66 -4.30
CA TYR F 157 55.86 -7.58 -3.27
C TYR F 157 57.01 -8.43 -3.79
N ASP F 158 56.77 -9.14 -4.90
CA ASP F 158 57.78 -10.00 -5.50
C ASP F 158 59.08 -9.24 -5.73
N GLU F 159 58.97 -7.95 -5.96
CA GLU F 159 60.14 -7.11 -6.20
C GLU F 159 60.96 -6.93 -4.94
N LEU F 160 60.31 -6.47 -3.87
CA LEU F 160 60.98 -6.25 -2.59
C LEU F 160 61.48 -7.57 -2.01
N ILE F 161 61.11 -8.67 -2.66
CA ILE F 161 61.53 -9.99 -2.20
C ILE F 161 62.93 -10.29 -2.73
N GLU F 162 63.15 -10.03 -4.02
CA GLU F 162 64.43 -10.25 -4.65
C GLU F 162 65.39 -9.12 -4.27
N MET F 163 64.93 -7.88 -4.45
CA MET F 163 65.71 -6.69 -4.14
C MET F 163 66.32 -6.80 -2.75
N THR F 164 65.46 -6.87 -1.74
CA THR F 164 65.91 -6.96 -0.36
C THR F 164 66.75 -8.21 -0.10
N SER F 165 66.49 -9.26 -0.88
CA SER F 165 67.23 -10.50 -0.73
C SER F 165 68.70 -10.34 -1.09
N TYR F 166 68.98 -9.65 -2.19
CA TYR F 166 70.36 -9.43 -2.62
C TYR F 166 71.10 -8.50 -1.66
N TRP F 167 70.35 -7.73 -0.88
CA TRP F 167 70.94 -6.80 0.07
C TRP F 167 71.58 -7.55 1.24
N HIS F 168 71.18 -8.81 1.42
CA HIS F 168 71.71 -9.63 2.50
C HIS F 168 72.62 -10.73 1.94
N LEU F 169 72.19 -11.42 0.90
CA LEU F 169 73.01 -12.49 0.36
C LEU F 169 74.33 -11.87 -0.06
N LEU F 170 74.19 -10.64 -0.55
CA LEU F 170 75.22 -9.90 -1.27
C LEU F 170 75.31 -8.47 -0.73
N GLY F 171 76.40 -7.78 -1.06
CA GLY F 171 76.75 -6.49 -0.48
C GLY F 171 76.16 -5.36 -1.30
N GLU F 172 77.02 -4.47 -1.78
CA GLU F 172 76.57 -3.35 -2.59
C GLU F 172 77.51 -3.10 -3.77
N GLY F 173 77.08 -2.22 -4.67
CA GLY F 173 77.89 -1.91 -5.83
C GLY F 173 77.51 -2.77 -7.02
N THR F 174 78.48 -3.76 -7.36
CA THR F 174 78.16 -4.58 -8.52
C THR F 174 78.78 -5.96 -8.35
N HIS F 175 78.13 -6.98 -8.91
CA HIS F 175 78.63 -8.35 -8.80
C HIS F 175 78.39 -9.15 -10.07
N THR F 176 79.16 -10.20 -10.29
CA THR F 176 79.02 -10.94 -11.54
C THR F 176 77.89 -11.95 -11.40
N VAL F 177 76.72 -11.56 -11.92
CA VAL F 177 75.54 -12.40 -11.86
C VAL F 177 75.45 -13.35 -13.04
N ASN F 178 76.28 -14.39 -13.03
CA ASN F 178 76.19 -15.42 -14.06
C ASN F 178 76.18 -14.76 -15.43
N GLY F 179 77.07 -13.79 -15.62
CA GLY F 179 77.11 -13.00 -16.84
C GLY F 179 76.35 -11.68 -16.85
N LYS F 180 75.71 -11.36 -15.73
CA LYS F 180 74.99 -10.09 -15.57
C LYS F 180 75.43 -9.43 -14.28
N THR F 181 75.40 -8.10 -14.22
CA THR F 181 75.98 -7.40 -13.08
C THR F 181 74.93 -6.53 -12.38
N VAL F 182 74.09 -7.24 -11.54
CA VAL F 182 73.05 -6.57 -10.78
C VAL F 182 73.62 -5.71 -9.65
N THR F 183 73.26 -4.44 -9.64
CA THR F 183 73.83 -3.53 -8.67
C THR F 183 72.83 -3.38 -7.55
N VAL F 184 73.25 -3.76 -6.36
CA VAL F 184 72.39 -3.59 -5.21
C VAL F 184 72.91 -2.42 -4.42
N SER F 185 72.08 -1.38 -4.34
CA SER F 185 72.39 -0.23 -3.51
C SER F 185 71.38 -0.08 -2.37
N LEU F 186 71.81 0.56 -1.30
CA LEU F 186 70.96 0.77 -0.13
C LEU F 186 69.74 1.61 -0.49
N ARG F 187 70.00 2.80 -1.04
CA ARG F 187 68.93 3.72 -1.42
C ARG F 187 68.01 3.10 -2.47
N GLU F 188 68.55 2.18 -3.27
CA GLU F 188 67.78 1.53 -4.31
C GLU F 188 66.78 0.55 -3.72
N LEU F 189 66.90 0.29 -2.42
CA LEU F 189 66.00 -0.62 -1.73
C LEU F 189 65.03 0.15 -0.85
N LYS F 190 65.48 1.30 -0.33
CA LYS F 190 64.63 2.13 0.52
C LYS F 190 63.48 2.72 -0.27
N LYS F 191 63.55 2.61 -1.59
CA LYS F 191 62.51 3.12 -2.47
C LYS F 191 61.60 1.96 -2.87
N LYS F 192 62.20 0.78 -3.00
CA LYS F 192 61.45 -0.42 -3.37
C LYS F 192 60.51 -0.78 -2.25
N LEU F 193 60.56 -0.01 -1.17
CA LEU F 193 59.72 -0.22 0.01
C LEU F 193 58.65 0.87 0.07
N TYR F 194 59.10 2.11 0.14
CA TYR F 194 58.22 3.27 0.22
C TYR F 194 57.16 3.25 -0.88
N LEU F 195 57.47 2.62 -2.00
CA LEU F 195 56.54 2.55 -3.13
C LEU F 195 55.66 1.31 -3.01
N CYS F 196 56.24 0.22 -2.53
CA CYS F 196 55.52 -1.04 -2.37
C CYS F 196 54.46 -0.97 -1.28
N LEU F 197 54.69 -0.11 -0.29
CA LEU F 197 53.75 0.04 0.82
C LEU F 197 52.62 1.01 0.49
N MET F 198 52.91 1.97 -0.38
CA MET F 198 51.90 2.94 -0.79
C MET F 198 50.90 2.22 -1.67
N SER F 199 51.25 0.98 -2.04
CA SER F 199 50.41 0.15 -2.88
C SER F 199 49.43 -0.61 -1.98
N VAL F 200 49.77 -0.70 -0.70
CA VAL F 200 48.93 -1.37 0.28
C VAL F 200 47.96 -0.38 0.88
N ASN F 201 48.38 0.87 1.03
CA ASN F 201 47.46 1.86 1.55
C ASN F 201 46.26 1.91 0.62
N ALA F 202 46.53 1.83 -0.68
CA ALA F 202 45.48 1.74 -1.69
C ALA F 202 44.61 0.48 -1.63
N LEU F 203 45.23 -0.67 -1.37
CA LEU F 203 44.53 -1.95 -1.45
C LEU F 203 43.73 -2.19 -0.18
N GLU F 204 44.22 -1.65 0.93
CA GLU F 204 43.55 -1.76 2.23
C GLU F 204 42.76 -0.51 2.64
N ALA F 205 42.83 0.54 1.83
CA ALA F 205 42.12 1.78 2.12
C ALA F 205 41.01 2.04 1.11
N ILE F 206 41.35 2.06 -0.19
CA ILE F 206 40.36 2.30 -1.24
C ILE F 206 39.86 1.07 -2.03
N ARG F 207 40.79 0.24 -2.51
CA ARG F 207 40.47 -1.02 -3.16
C ARG F 207 39.48 -1.90 -2.40
N PHE F 208 39.65 -2.01 -1.08
CA PHE F 208 38.75 -2.83 -0.29
C PHE F 208 37.49 -2.09 0.15
N TYR F 209 37.67 -0.89 0.71
CA TYR F 209 36.54 -0.10 1.15
C TYR F 209 35.52 0.12 0.04
N VAL F 210 35.99 0.03 -1.20
CA VAL F 210 35.12 0.19 -2.36
C VAL F 210 34.37 -1.11 -2.60
N SER F 211 35.03 -2.23 -2.32
CA SER F 211 34.43 -3.54 -2.50
C SER F 211 33.45 -3.85 -1.37
N PHE F 212 33.32 -2.94 -0.42
CA PHE F 212 32.41 -3.14 0.70
C PHE F 212 31.04 -2.52 0.42
N ALA F 213 31.05 -1.33 -0.17
CA ALA F 213 29.81 -0.63 -0.50
C ALA F 213 28.93 -1.55 -1.34
N CYS F 214 29.57 -2.49 -2.03
CA CYS F 214 28.88 -3.44 -2.89
C CYS F 214 28.15 -4.47 -2.03
N SER F 215 28.86 -5.02 -1.05
CA SER F 215 28.28 -6.03 -0.15
C SER F 215 27.24 -5.41 0.77
N PHE F 216 27.53 -4.23 1.30
CA PHE F 216 26.61 -3.55 2.20
C PHE F 216 25.41 -3.01 1.43
N ALA F 217 25.49 -3.07 0.11
CA ALA F 217 24.40 -2.60 -0.75
C ALA F 217 23.21 -3.54 -0.59
N PHE F 218 23.50 -4.84 -0.55
CA PHE F 218 22.46 -5.85 -0.40
C PHE F 218 21.91 -5.80 1.02
N ALA F 219 22.73 -5.32 1.95
CA ALA F 219 22.33 -5.21 3.34
C ALA F 219 21.16 -4.24 3.50
N GLU F 220 21.26 -3.11 2.82
CA GLU F 220 20.20 -2.10 2.88
C GLU F 220 19.00 -2.55 2.05
N ARG F 221 19.11 -3.77 1.51
CA ARG F 221 18.05 -4.35 0.70
C ARG F 221 17.48 -5.56 1.41
N GLU F 222 17.97 -5.82 2.61
CA GLU F 222 17.52 -6.95 3.41
C GLU F 222 17.90 -8.26 2.71
N LEU F 223 19.11 -8.30 2.16
CA LEU F 223 19.59 -9.48 1.44
C LEU F 223 21.03 -9.83 1.77
N MET F 224 21.33 -11.12 1.77
CA MET F 224 22.67 -11.62 2.06
C MET F 224 23.16 -11.08 3.40
N GLU F 225 22.31 -11.19 4.42
CA GLU F 225 22.63 -10.72 5.76
C GLU F 225 24.00 -11.20 6.24
N GLY F 226 24.10 -12.52 6.44
CA GLY F 226 25.33 -13.11 6.91
C GLY F 226 26.59 -12.48 6.36
N ASN F 227 26.63 -12.26 5.04
CA ASN F 227 27.79 -11.65 4.41
C ASN F 227 28.04 -10.26 4.96
N ALA F 228 26.99 -9.45 5.04
CA ALA F 228 27.10 -8.09 5.57
C ALA F 228 27.67 -8.12 6.99
N LYS F 229 27.11 -9.00 7.81
CA LYS F 229 27.56 -9.14 9.19
C LYS F 229 29.05 -9.43 9.24
N ILE F 230 29.49 -10.39 8.42
CA ILE F 230 30.90 -10.77 8.37
C ILE F 230 31.73 -9.65 7.77
N ILE F 231 31.29 -9.14 6.62
CA ILE F 231 32.00 -8.06 5.94
C ILE F 231 32.22 -6.86 6.85
N ARG F 232 31.21 -6.55 7.67
CA ARG F 232 31.33 -5.41 8.60
C ARG F 232 32.60 -5.58 9.42
N LEU F 233 32.69 -6.69 10.12
CA LEU F 233 33.84 -6.99 10.97
C LEU F 233 35.12 -6.84 10.16
N ILE F 234 35.08 -7.26 8.91
CA ILE F 234 36.24 -7.17 8.01
C ILE F 234 36.72 -5.72 7.93
N ALA F 235 35.80 -4.83 7.60
CA ALA F 235 36.10 -3.41 7.48
C ALA F 235 36.71 -2.85 8.76
N ARG F 236 36.17 -3.27 9.90
CA ARG F 236 36.66 -2.80 11.19
C ARG F 236 38.13 -3.18 11.37
N ASP F 237 38.42 -4.46 11.23
CA ASP F 237 39.80 -4.95 11.38
C ASP F 237 40.68 -4.29 10.33
N GLU F 238 40.06 -3.91 9.21
CA GLU F 238 40.78 -3.26 8.12
C GLU F 238 41.18 -1.85 8.51
N ALA F 239 40.27 -1.15 9.18
CA ALA F 239 40.52 0.22 9.62
C ALA F 239 41.90 0.33 10.26
N LEU F 240 42.21 -0.63 11.12
CA LEU F 240 43.51 -0.65 11.81
C LEU F 240 44.65 -0.74 10.81
N HIS F 241 44.45 -1.55 9.78
CA HIS F 241 45.47 -1.75 8.75
C HIS F 241 45.91 -0.49 8.02
N LEU F 242 45.00 0.12 7.26
CA LEU F 242 45.36 1.34 6.53
C LEU F 242 45.83 2.42 7.49
N THR F 243 45.32 2.38 8.71
CA THR F 243 45.71 3.36 9.73
C THR F 243 47.21 3.26 9.97
N GLY F 244 47.71 2.03 10.03
CA GLY F 244 49.13 1.81 10.25
C GLY F 244 49.94 2.09 9.00
N THR F 245 49.40 1.71 7.85
CA THR F 245 50.09 1.92 6.59
C THR F 245 50.43 3.39 6.41
N GLN F 246 49.65 4.25 7.07
CA GLN F 246 49.86 5.69 7.00
C GLN F 246 50.93 6.12 8.01
N HIS F 247 50.78 5.67 9.25
CA HIS F 247 51.73 6.01 10.30
C HIS F 247 53.13 5.54 9.90
N MET F 248 53.18 4.47 9.10
CA MET F 248 54.44 3.92 8.63
C MET F 248 54.98 4.79 7.50
N LEU F 249 54.07 5.38 6.73
CA LEU F 249 54.44 6.24 5.62
C LEU F 249 54.79 7.64 6.08
N ASN F 250 53.93 8.22 6.91
CA ASN F 250 54.14 9.58 7.43
C ASN F 250 55.47 9.74 8.16
N LEU F 251 55.78 8.79 9.05
CA LEU F 251 57.02 8.86 9.82
C LEU F 251 58.24 8.56 8.95
N LEU F 252 58.03 7.85 7.85
CA LEU F 252 59.12 7.52 6.94
C LEU F 252 59.40 8.68 6.01
N ARG F 253 58.39 9.53 5.83
CA ARG F 253 58.52 10.70 4.96
C ARG F 253 58.98 11.92 5.76
N SER F 254 58.64 11.94 7.04
CA SER F 254 59.03 13.04 7.91
C SER F 254 60.54 13.07 8.12
N GLY F 255 61.12 11.89 8.27
CA GLY F 255 62.56 11.81 8.48
C GLY F 255 62.92 11.75 9.95
N ALA F 256 61.91 11.92 10.81
CA ALA F 256 62.12 11.89 12.26
C ALA F 256 62.65 10.54 12.68
N ASP F 257 62.56 9.56 11.78
CA ASP F 257 63.03 8.20 12.06
C ASP F 257 64.16 7.83 11.09
N ASP F 258 63.88 7.95 9.80
CA ASP F 258 64.87 7.62 8.78
C ASP F 258 65.22 8.87 7.98
N PRO F 259 66.36 9.51 8.33
CA PRO F 259 66.82 10.73 7.66
C PRO F 259 66.93 10.61 6.14
N GLU F 260 67.50 9.50 5.67
CA GLU F 260 67.67 9.27 4.24
C GLU F 260 66.34 9.29 3.49
N MET F 261 65.38 8.53 4.00
CA MET F 261 64.05 8.45 3.39
C MET F 261 63.42 9.82 3.17
N ALA F 262 63.76 10.77 4.05
CA ALA F 262 63.23 12.12 3.95
C ALA F 262 63.35 12.68 2.54
N GLU F 263 64.44 12.32 1.86
CA GLU F 263 64.68 12.78 0.50
C GLU F 263 63.90 11.91 -0.48
N ILE F 264 63.97 10.60 -0.28
CA ILE F 264 63.28 9.64 -1.13
C ILE F 264 61.80 9.97 -1.26
N ALA F 265 61.27 10.67 -0.27
CA ALA F 265 59.86 11.06 -0.27
C ALA F 265 59.57 12.12 -1.33
N GLU F 266 60.58 12.91 -1.68
CA GLU F 266 60.41 13.97 -2.67
C GLU F 266 60.66 13.46 -4.09
N GLU F 267 61.62 12.55 -4.23
CA GLU F 267 61.95 11.99 -5.54
C GLU F 267 61.02 10.83 -5.87
N CYS F 268 59.98 10.66 -5.06
CA CYS F 268 59.00 9.61 -5.26
C CYS F 268 57.61 10.19 -5.08
N LYS F 269 57.54 11.45 -4.70
CA LYS F 269 56.27 12.15 -4.50
C LYS F 269 55.37 11.95 -5.71
N GLN F 270 55.91 12.27 -6.89
CA GLN F 270 55.17 12.13 -8.14
C GLN F 270 54.98 10.64 -8.44
N GLU F 271 56.00 9.85 -8.15
CA GLU F 271 55.98 8.42 -8.39
C GLU F 271 54.80 7.75 -7.68
N CYS F 272 54.67 7.99 -6.38
CA CYS F 272 53.57 7.42 -5.61
C CYS F 272 52.23 7.95 -6.08
N TYR F 273 52.17 9.26 -6.30
CA TYR F 273 50.95 9.90 -6.76
C TYR F 273 50.38 9.20 -8.00
N ASP F 274 51.27 8.74 -8.87
CA ASP F 274 50.87 8.05 -10.08
C ASP F 274 50.10 6.78 -9.74
N LEU F 275 50.73 5.90 -8.97
CA LEU F 275 50.12 4.63 -8.58
C LEU F 275 48.75 4.83 -7.94
N PHE F 276 48.66 5.77 -7.01
CA PHE F 276 47.40 6.05 -6.32
C PHE F 276 46.29 6.38 -7.29
N VAL F 277 46.45 7.48 -8.01
CA VAL F 277 45.45 7.93 -8.99
C VAL F 277 45.21 6.87 -10.06
N GLN F 278 46.29 6.27 -10.56
CA GLN F 278 46.19 5.27 -11.61
C GLN F 278 45.43 4.03 -11.14
N ALA F 279 45.87 3.44 -10.03
CA ALA F 279 45.21 2.25 -9.49
C ALA F 279 43.74 2.50 -9.24
N ALA F 280 43.42 3.69 -8.73
CA ALA F 280 42.04 4.06 -8.44
C ALA F 280 41.13 3.79 -9.63
N GLN F 281 41.61 4.10 -10.83
CA GLN F 281 40.84 3.88 -12.05
C GLN F 281 40.47 2.43 -12.25
N GLN F 282 41.40 1.53 -11.95
CA GLN F 282 41.16 0.10 -12.11
C GLN F 282 39.81 -0.29 -11.51
N GLU F 283 39.47 0.36 -10.40
CA GLU F 283 38.21 0.09 -9.70
C GLU F 283 37.00 0.52 -10.51
N LYS F 284 37.00 1.77 -10.97
CA LYS F 284 35.88 2.29 -11.76
C LYS F 284 35.48 1.33 -12.86
N ASP F 285 36.46 0.67 -13.47
CA ASP F 285 36.19 -0.28 -14.54
C ASP F 285 35.46 -1.50 -13.99
N TRP F 286 35.98 -2.03 -12.89
CA TRP F 286 35.40 -3.21 -12.25
C TRP F 286 33.88 -3.11 -12.16
N ALA F 287 33.38 -1.91 -11.89
CA ALA F 287 31.95 -1.69 -11.79
C ALA F 287 31.24 -2.19 -13.04
N ASP F 288 31.75 -1.79 -14.21
CA ASP F 288 31.17 -2.22 -15.47
C ASP F 288 30.98 -3.73 -15.54
N TYR F 289 31.96 -4.46 -15.01
CA TYR F 289 31.90 -5.91 -15.01
C TYR F 289 30.71 -6.43 -14.20
N LEU F 290 30.29 -5.65 -13.22
CA LEU F 290 29.17 -6.03 -12.37
C LEU F 290 27.84 -5.48 -12.90
N PHE F 291 27.82 -4.21 -13.27
CA PHE F 291 26.61 -3.58 -13.78
C PHE F 291 26.48 -3.76 -15.29
N ARG F 292 27.25 -4.70 -15.84
CA ARG F 292 27.22 -4.97 -17.26
C ARG F 292 25.85 -5.50 -17.68
N ASP F 293 25.40 -6.54 -16.98
CA ASP F 293 24.11 -7.16 -17.26
C ASP F 293 22.96 -6.24 -16.86
N GLY F 294 23.12 -5.59 -15.71
CA GLY F 294 22.08 -4.69 -15.24
C GLY F 294 22.46 -3.96 -13.97
N SER F 295 21.70 -2.90 -13.66
CA SER F 295 21.94 -2.11 -12.46
C SER F 295 21.35 -2.80 -11.24
N MET F 296 21.47 -2.16 -10.08
CA MET F 296 20.93 -2.71 -8.85
C MET F 296 20.05 -1.66 -8.17
N ILE F 297 18.99 -2.13 -7.53
CA ILE F 297 18.05 -1.23 -6.85
C ILE F 297 18.75 -0.33 -5.84
N GLY F 298 19.98 -0.71 -5.46
CA GLY F 298 20.73 0.07 -4.49
C GLY F 298 21.71 1.04 -5.12
N LEU F 299 22.38 0.61 -6.19
CA LEU F 299 23.35 1.44 -6.86
C LEU F 299 23.78 0.83 -8.19
N ASN F 300 24.30 1.66 -9.08
CA ASN F 300 24.76 1.21 -10.39
C ASN F 300 26.13 1.80 -10.71
N LYS F 301 26.64 1.48 -11.89
CA LYS F 301 27.95 1.96 -12.32
C LYS F 301 28.16 3.44 -11.97
N ASP F 302 27.17 4.26 -12.30
CA ASP F 302 27.23 5.69 -12.03
C ASP F 302 27.63 5.97 -10.58
N ILE F 303 26.76 5.58 -9.65
CA ILE F 303 27.00 5.80 -8.22
C ILE F 303 28.35 5.27 -7.75
N LEU F 304 28.51 3.96 -7.78
CA LEU F 304 29.75 3.31 -7.33
C LEU F 304 31.01 4.05 -7.77
N CYS F 305 31.01 4.58 -8.99
CA CYS F 305 32.16 5.31 -9.50
C CYS F 305 32.43 6.56 -8.68
N GLN F 306 31.38 7.32 -8.41
CA GLN F 306 31.48 8.55 -7.64
C GLN F 306 32.22 8.30 -6.33
N TYR F 307 31.96 7.14 -5.73
CA TYR F 307 32.57 6.75 -4.46
C TYR F 307 34.09 6.78 -4.54
N VAL F 308 34.65 6.02 -5.48
CA VAL F 308 36.10 5.96 -5.66
C VAL F 308 36.74 7.34 -5.58
N GLU F 309 36.09 8.33 -6.19
CA GLU F 309 36.60 9.69 -6.17
C GLU F 309 36.53 10.30 -4.78
N TYR F 310 35.37 10.18 -4.15
CA TYR F 310 35.17 10.71 -2.81
C TYR F 310 36.14 10.11 -1.79
N ILE F 311 36.31 8.79 -1.85
CA ILE F 311 37.20 8.11 -0.93
C ILE F 311 38.68 8.37 -1.21
N THR F 312 39.10 8.13 -2.45
CA THR F 312 40.49 8.34 -2.84
C THR F 312 40.92 9.78 -2.66
N ASN F 313 39.98 10.70 -2.84
CA ASN F 313 40.26 12.13 -2.69
C ASN F 313 40.75 12.46 -1.29
N ILE F 314 40.17 11.81 -0.29
CA ILE F 314 40.54 12.03 1.10
C ILE F 314 41.62 11.05 1.53
N ARG F 315 41.44 9.79 1.15
CA ARG F 315 42.39 8.73 1.49
C ARG F 315 43.83 9.16 1.24
N MET F 316 44.03 9.97 0.19
CA MET F 316 45.36 10.44 -0.16
C MET F 316 45.74 11.73 0.58
N GLN F 317 44.72 12.47 1.02
CA GLN F 317 44.96 13.71 1.73
C GLN F 317 45.61 13.43 3.08
N ALA F 318 45.62 12.15 3.46
CA ALA F 318 46.21 11.74 4.73
C ALA F 318 47.70 11.43 4.55
N VAL F 319 48.00 10.53 3.63
CA VAL F 319 49.39 10.14 3.37
C VAL F 319 50.25 11.36 3.07
N GLY F 320 49.63 12.39 2.51
CA GLY F 320 50.37 13.61 2.18
C GLY F 320 50.43 13.91 0.70
N LEU F 321 49.92 13.01 -0.13
CA LEU F 321 49.94 13.21 -1.57
C LEU F 321 48.97 14.30 -2.03
N ASP F 322 48.99 14.54 -3.33
CA ASP F 322 48.15 15.53 -4.02
C ASP F 322 46.69 15.10 -4.18
N LEU F 323 45.82 16.07 -4.44
CA LEU F 323 44.37 15.85 -4.49
C LEU F 323 43.95 15.49 -5.91
N PRO F 324 44.10 14.22 -6.26
CA PRO F 324 43.81 13.71 -7.61
C PRO F 324 42.35 13.80 -8.03
N PHE F 325 41.46 13.50 -7.10
CA PHE F 325 40.03 13.38 -7.40
C PHE F 325 39.26 14.65 -7.11
N GLN F 326 38.34 15.00 -8.00
CA GLN F 326 37.53 16.20 -7.82
C GLN F 326 36.71 16.03 -6.55
N THR F 327 36.60 17.11 -5.78
CA THR F 327 35.99 17.05 -4.46
C THR F 327 34.52 16.70 -4.64
N ARG F 328 33.91 16.18 -3.58
CA ARG F 328 32.56 15.64 -3.65
C ARG F 328 31.97 15.39 -2.26
N SER F 329 30.66 15.13 -2.21
CA SER F 329 30.04 14.69 -0.98
C SER F 329 29.65 13.22 -1.06
N ASN F 330 29.86 12.48 0.02
CA ASN F 330 29.77 11.06 -0.14
C ASN F 330 28.44 10.85 -0.80
N PRO F 331 28.51 10.13 -1.91
CA PRO F 331 27.33 9.77 -2.71
C PRO F 331 26.52 8.80 -1.89
N ILE F 332 27.20 7.93 -1.14
CA ILE F 332 26.46 7.08 -0.21
C ILE F 332 26.68 7.49 1.25
N PRO F 333 25.59 7.91 1.91
CA PRO F 333 25.62 8.24 3.34
C PRO F 333 25.10 7.09 4.19
N TRP F 334 24.68 6.03 3.50
CA TRP F 334 24.11 4.83 4.13
C TRP F 334 25.18 3.79 4.49
N ILE F 335 26.38 3.97 3.94
CA ILE F 335 27.46 3.03 4.19
C ILE F 335 28.09 3.20 5.58
N ASN F 336 28.04 4.42 6.10
CA ASN F 336 28.61 4.70 7.42
C ASN F 336 28.06 3.77 8.49
N THR F 337 26.87 3.22 8.28
CA THR F 337 26.26 2.44 9.33
C THR F 337 27.19 1.29 9.67
N TRP F 338 28.01 0.90 8.69
CA TRP F 338 28.90 -0.24 8.86
C TRP F 338 30.31 0.09 9.23
N LEU F 339 30.65 1.38 9.27
CA LEU F 339 31.99 1.78 9.68
C LEU F 339 31.96 2.75 10.87
N VAL F 340 32.68 2.43 11.92
CA VAL F 340 32.84 3.40 13.00
C VAL F 340 34.10 3.24 13.84
N SER F 341 34.53 4.35 14.42
CA SER F 341 35.38 4.36 15.65
C SER F 341 36.66 3.49 15.81
N ASP F 342 37.67 3.64 14.95
CA ASP F 342 38.77 2.66 14.85
C ASP F 342 40.21 2.88 15.39
N ASN F 343 40.50 3.91 16.19
CA ASN F 343 41.90 4.25 16.51
C ASN F 343 42.16 4.54 17.99
N VAL F 344 43.40 4.41 18.46
CA VAL F 344 43.64 4.52 19.91
C VAL F 344 44.11 5.90 20.39
N GLN F 345 43.50 6.42 21.47
CA GLN F 345 43.91 7.72 21.99
C GLN F 345 45.31 7.65 22.57
N SER F 363 -0.55 27.88 40.79
CA SER F 363 -1.95 28.22 40.93
C SER F 363 -2.23 28.88 42.28
N GLU F 364 -1.58 30.01 42.51
CA GLU F 364 -1.73 30.75 43.77
C GLU F 364 -2.09 32.21 43.53
N VAL F 365 -2.95 32.76 44.38
CA VAL F 365 -3.39 34.15 44.23
C VAL F 365 -2.42 35.12 44.90
N ASP F 366 -2.57 36.38 44.52
CA ASP F 366 -1.93 37.48 45.18
C ASP F 366 -2.77 38.67 44.81
N THR F 367 -2.72 39.69 45.66
CA THR F 367 -3.24 41.00 45.32
C THR F 367 -2.18 42.10 45.35
N ASP F 368 -1.31 42.03 46.36
CA ASP F 368 -0.29 43.06 46.58
C ASP F 368 0.82 43.19 45.53
N ASP F 369 1.36 42.06 45.10
CA ASP F 369 2.48 42.05 44.15
C ASP F 369 2.07 42.64 42.80
N LEU F 370 0.87 42.28 42.39
CA LEU F 370 0.32 42.65 41.09
C LEU F 370 -0.49 43.95 41.10
N SER F 371 -0.52 44.63 42.24
CA SER F 371 -1.26 45.89 42.36
C SER F 371 -0.33 47.05 42.06
N ASN F 372 0.84 46.76 41.51
CA ASN F 372 1.82 47.79 41.19
C ASN F 372 2.05 47.93 39.68
N PHE F 373 1.74 46.90 38.92
CA PHE F 373 1.87 47.05 37.49
C PHE F 373 0.93 48.19 37.17
N GLN F 374 1.38 49.13 36.37
CA GLN F 374 0.56 50.30 36.09
C GLN F 374 -0.15 50.04 34.78
N LEU F 375 -1.47 50.06 34.82
CA LEU F 375 -2.23 49.71 33.61
C LEU F 375 -1.93 50.70 32.50
N ALA G 1 121.53 -4.00 -39.04
CA ALA G 1 121.70 -4.94 -37.89
C ALA G 1 120.48 -4.89 -36.97
N TYR G 2 120.02 -6.07 -36.55
CA TYR G 2 118.86 -6.15 -35.66
C TYR G 2 119.28 -6.22 -34.20
N THR G 3 118.75 -5.32 -33.39
CA THR G 3 119.05 -5.27 -31.97
C THR G 3 117.79 -5.42 -31.13
N THR G 4 117.80 -6.40 -30.23
CA THR G 4 116.66 -6.65 -29.35
C THR G 4 116.36 -5.45 -28.48
N PHE G 5 117.40 -4.65 -28.27
CA PHE G 5 117.28 -3.34 -27.68
C PHE G 5 118.11 -2.40 -28.52
N SER G 6 117.48 -1.33 -28.99
CA SER G 6 118.23 -0.22 -29.57
C SER G 6 118.83 0.66 -28.48
N GLN G 7 120.15 0.76 -28.46
CA GLN G 7 120.83 1.58 -27.45
C GLN G 7 120.50 3.07 -27.53
N THR G 8 120.43 3.62 -28.74
CA THR G 8 120.23 5.05 -28.95
C THR G 8 118.83 5.55 -28.58
N LYS G 9 118.74 6.80 -28.15
CA LYS G 9 117.44 7.34 -27.79
C LYS G 9 116.81 7.94 -29.03
N ASN G 10 115.69 7.34 -29.45
CA ASN G 10 114.91 7.85 -30.57
C ASN G 10 113.47 8.11 -30.15
N ASP G 11 112.84 9.07 -30.80
CA ASP G 11 111.45 9.42 -30.50
C ASP G 11 110.53 8.54 -31.34
N GLN G 12 109.85 7.60 -30.72
CA GLN G 12 109.07 6.64 -31.49
C GLN G 12 108.07 7.43 -32.31
N LEU G 13 107.72 8.63 -31.87
CA LEU G 13 106.50 9.24 -32.32
C LEU G 13 106.58 9.31 -33.83
N LYS G 14 107.80 9.26 -34.34
CA LYS G 14 108.06 9.54 -35.74
C LYS G 14 108.47 8.28 -36.50
N GLU G 15 108.86 7.24 -35.78
CA GLU G 15 109.26 5.98 -36.40
C GLU G 15 108.18 5.45 -37.33
N PRO G 16 108.55 5.12 -38.57
CA PRO G 16 107.59 4.60 -39.55
C PRO G 16 107.02 3.25 -39.12
N MET G 17 105.92 2.86 -39.74
CA MET G 17 105.27 1.59 -39.43
C MET G 17 106.31 0.47 -39.34
N PHE G 18 107.20 0.44 -40.33
CA PHE G 18 108.25 -0.56 -40.39
C PHE G 18 109.58 0.11 -40.71
N PHE G 19 110.65 -0.67 -40.84
CA PHE G 19 111.97 -0.14 -41.18
C PHE G 19 112.51 0.97 -40.26
N GLY G 20 112.33 0.84 -38.95
CA GLY G 20 112.80 1.86 -38.03
C GLY G 20 113.54 1.34 -36.79
N GLN G 21 114.33 2.18 -36.15
CA GLN G 21 115.22 1.63 -35.17
C GLN G 21 114.36 0.78 -34.26
N PRO G 22 114.80 -0.46 -34.08
CA PRO G 22 114.09 -1.49 -33.32
C PRO G 22 113.63 -0.95 -31.96
N VAL G 23 112.38 -1.18 -31.56
CA VAL G 23 111.87 -0.52 -30.37
C VAL G 23 112.67 -0.82 -29.10
N ASN G 24 113.21 0.26 -28.52
CA ASN G 24 114.10 0.20 -27.37
C ASN G 24 113.44 -0.24 -26.07
N VAL G 25 112.27 0.31 -25.80
CA VAL G 25 111.54 -0.01 -24.58
C VAL G 25 110.06 -0.13 -24.88
N ALA G 26 109.35 -0.88 -24.03
CA ALA G 26 107.92 -0.98 -24.21
C ALA G 26 107.30 0.16 -23.41
N ARG G 27 106.78 1.14 -24.13
CA ARG G 27 106.11 2.26 -23.51
C ARG G 27 104.73 2.42 -24.12
N TYR G 28 103.72 2.55 -23.27
CA TYR G 28 102.35 2.68 -23.77
C TYR G 28 101.76 4.03 -23.40
N ASP G 29 102.61 4.88 -22.81
CA ASP G 29 102.18 6.22 -22.39
C ASP G 29 101.62 7.01 -23.57
N GLN G 30 102.06 6.67 -24.77
CA GLN G 30 101.61 7.36 -25.97
C GLN G 30 101.64 6.44 -27.19
N GLN G 31 101.21 6.98 -28.32
CA GLN G 31 101.29 6.26 -29.58
C GLN G 31 101.29 7.26 -30.72
N LYS G 32 101.80 6.84 -31.86
CA LYS G 32 101.68 7.60 -33.09
C LYS G 32 100.37 7.26 -33.80
N TYR G 33 99.93 6.01 -33.65
CA TYR G 33 98.69 5.55 -34.26
C TYR G 33 97.82 4.84 -33.23
N ASP G 34 96.88 5.58 -32.65
CA ASP G 34 95.97 5.07 -31.63
C ASP G 34 95.30 3.74 -32.01
N ILE G 35 95.14 3.50 -33.31
CA ILE G 35 94.50 2.28 -33.80
C ILE G 35 95.08 1.02 -33.14
N PHE G 36 96.35 0.77 -33.38
CA PHE G 36 97.03 -0.41 -32.84
C PHE G 36 96.76 -0.60 -31.35
N GLU G 37 96.94 0.47 -30.58
CA GLU G 37 96.71 0.41 -29.14
C GLU G 37 95.33 -0.16 -28.82
N LYS G 38 94.32 0.36 -29.51
CA LYS G 38 92.94 -0.08 -29.30
C LYS G 38 92.75 -1.54 -29.68
N LEU G 39 93.29 -1.94 -30.83
CA LEU G 39 93.18 -3.32 -31.28
C LEU G 39 93.64 -4.29 -30.22
N ILE G 40 94.65 -3.88 -29.45
CA ILE G 40 95.20 -4.71 -28.38
C ILE G 40 94.19 -4.83 -27.25
N GLU G 41 93.71 -3.68 -26.78
CA GLU G 41 92.74 -3.64 -25.69
C GLU G 41 91.50 -4.46 -25.98
N LYS G 42 90.84 -4.14 -27.10
CA LYS G 42 89.62 -4.85 -27.49
C LYS G 42 89.88 -6.35 -27.59
N GLN G 43 91.05 -6.72 -28.08
CA GLN G 43 91.42 -8.13 -28.21
C GLN G 43 91.60 -8.74 -26.82
N LEU G 44 92.39 -8.06 -25.98
CA LEU G 44 92.64 -8.52 -24.64
C LEU G 44 91.34 -8.80 -23.88
N SER G 45 90.36 -7.92 -24.09
CA SER G 45 89.06 -8.08 -23.43
C SER G 45 88.27 -9.22 -24.09
N PHE G 46 88.65 -9.58 -25.31
CA PHE G 46 87.97 -10.65 -26.02
C PHE G 46 88.54 -12.01 -25.66
N PHE G 47 89.58 -12.02 -24.83
CA PHE G 47 90.21 -13.26 -24.41
C PHE G 47 89.17 -14.34 -24.11
N TRP G 48 89.52 -15.58 -24.42
CA TRP G 48 88.62 -16.70 -24.19
C TRP G 48 89.37 -18.02 -24.37
N ARG G 49 88.91 -19.06 -23.68
CA ARG G 49 89.56 -20.37 -23.77
C ARG G 49 88.61 -21.40 -24.40
N PRO G 50 89.00 -21.96 -25.55
CA PRO G 50 88.24 -22.97 -26.29
C PRO G 50 87.59 -24.06 -25.45
N GLU G 51 88.21 -24.40 -24.32
CA GLU G 51 87.69 -25.44 -23.45
C GLU G 51 86.39 -25.03 -22.77
N GLU G 52 86.12 -23.72 -22.74
CA GLU G 52 84.92 -23.20 -22.12
C GLU G 52 83.63 -23.76 -22.72
N VAL G 53 83.43 -23.54 -24.01
CA VAL G 53 82.23 -24.03 -24.69
C VAL G 53 82.25 -25.56 -24.78
N ASP G 54 81.12 -26.18 -24.41
CA ASP G 54 80.98 -27.64 -24.43
C ASP G 54 80.87 -28.26 -25.83
N VAL G 55 81.52 -29.41 -26.02
CA VAL G 55 81.49 -30.13 -27.30
C VAL G 55 80.77 -31.49 -27.33
N SER G 56 80.06 -31.83 -26.25
CA SER G 56 79.46 -33.15 -26.10
C SER G 56 78.39 -33.41 -27.17
N ARG G 57 77.35 -32.58 -27.17
CA ARG G 57 76.27 -32.73 -28.13
C ARG G 57 76.78 -32.81 -29.56
N ASP G 58 77.92 -32.15 -29.82
CA ASP G 58 78.50 -32.14 -31.15
C ASP G 58 78.99 -33.51 -31.62
N ARG G 59 79.53 -34.30 -30.69
CA ARG G 59 80.04 -35.63 -31.02
C ARG G 59 79.05 -36.46 -31.83
N ILE G 60 77.88 -36.71 -31.25
CA ILE G 60 76.84 -37.50 -31.91
C ILE G 60 76.47 -36.91 -33.27
N ASP G 61 76.52 -35.58 -33.37
CA ASP G 61 76.17 -34.90 -34.60
C ASP G 61 76.99 -35.38 -35.80
N TYR G 62 78.31 -35.38 -35.67
CA TYR G 62 79.18 -35.81 -36.75
C TYR G 62 78.87 -37.25 -37.13
N GLN G 63 78.62 -38.08 -36.12
CA GLN G 63 78.31 -39.49 -36.34
C GLN G 63 77.03 -39.66 -37.16
N ALA G 64 76.07 -38.79 -36.86
CA ALA G 64 74.80 -38.67 -37.57
C ALA G 64 74.86 -38.15 -38.99
N LEU G 65 75.69 -37.13 -39.21
CA LEU G 65 75.67 -36.36 -40.45
C LEU G 65 76.00 -37.20 -41.66
N PRO G 66 75.31 -36.95 -42.77
CA PRO G 66 75.49 -37.79 -43.96
C PRO G 66 76.95 -37.79 -44.40
N GLU G 67 77.29 -38.68 -45.33
CA GLU G 67 78.66 -38.76 -45.82
C GLU G 67 79.08 -37.54 -46.63
N HIS G 68 78.24 -37.18 -47.62
CA HIS G 68 78.54 -36.03 -48.45
C HIS G 68 78.65 -34.78 -47.58
N GLU G 69 78.04 -34.84 -46.40
CA GLU G 69 78.08 -33.72 -45.47
C GLU G 69 79.25 -33.85 -44.50
N LYS G 70 79.47 -35.05 -43.99
CA LYS G 70 80.58 -35.30 -43.07
C LYS G 70 81.85 -34.77 -43.70
N HIS G 71 81.99 -35.00 -45.00
CA HIS G 71 83.15 -34.55 -45.76
C HIS G 71 83.25 -33.03 -45.68
N ILE G 72 82.17 -32.35 -46.06
CA ILE G 72 82.12 -30.89 -46.05
C ILE G 72 82.76 -30.31 -44.79
N PHE G 73 82.25 -30.71 -43.61
CA PHE G 73 82.75 -30.22 -42.29
C PHE G 73 84.16 -30.57 -41.74
N ILE G 74 84.55 -31.84 -41.79
CA ILE G 74 85.92 -32.27 -41.52
C ILE G 74 86.94 -31.73 -42.52
N SER G 75 86.52 -31.46 -43.74
CA SER G 75 87.41 -30.93 -44.77
C SER G 75 87.67 -29.44 -44.58
N ASN G 76 86.59 -28.67 -44.39
CA ASN G 76 86.70 -27.23 -44.20
C ASN G 76 87.42 -26.90 -42.90
N LEU G 77 87.40 -27.83 -41.96
CA LEU G 77 88.05 -27.63 -40.68
C LEU G 77 89.56 -27.79 -40.86
N LYS G 78 89.95 -28.71 -41.74
CA LYS G 78 91.36 -28.95 -42.02
C LYS G 78 91.95 -27.69 -42.63
N TYR G 79 91.18 -27.05 -43.49
CA TYR G 79 91.61 -25.83 -44.16
C TYR G 79 91.86 -24.71 -43.16
N GLN G 80 90.98 -24.58 -42.17
CA GLN G 80 91.13 -23.56 -41.14
C GLN G 80 92.34 -23.88 -40.28
N THR G 81 92.42 -25.14 -39.87
CA THR G 81 93.52 -25.62 -39.02
C THR G 81 94.88 -25.14 -39.54
N LEU G 82 95.10 -25.30 -40.83
CA LEU G 82 96.37 -24.90 -41.44
C LEU G 82 96.56 -23.39 -41.46
N LEU G 83 95.56 -22.66 -41.94
CA LEU G 83 95.63 -21.21 -42.03
C LEU G 83 96.22 -20.56 -40.77
N ASP G 84 95.63 -20.84 -39.62
CA ASP G 84 96.12 -20.25 -38.37
C ASP G 84 97.40 -20.90 -37.85
N SER G 85 97.55 -22.21 -38.07
CA SER G 85 98.75 -22.91 -37.62
C SER G 85 99.97 -22.12 -38.09
N ILE G 86 99.95 -21.72 -39.36
CA ILE G 86 101.03 -20.95 -39.94
C ILE G 86 100.93 -19.49 -39.50
N GLN G 87 99.72 -18.95 -39.50
CA GLN G 87 99.58 -17.54 -39.25
C GLN G 87 100.21 -17.27 -37.89
N GLY G 88 100.26 -18.30 -37.06
CA GLY G 88 100.60 -18.13 -35.66
C GLY G 88 102.02 -17.65 -35.47
N ARG G 89 102.96 -18.40 -36.04
CA ARG G 89 104.36 -18.02 -36.15
C ARG G 89 104.62 -16.85 -37.10
N SER G 90 103.93 -16.88 -38.24
CA SER G 90 104.19 -15.98 -39.35
C SER G 90 104.35 -14.51 -38.96
N PRO G 91 103.32 -13.91 -38.34
CA PRO G 91 103.41 -12.50 -37.94
C PRO G 91 104.65 -12.18 -37.12
N ASN G 92 105.07 -13.09 -36.22
CA ASN G 92 106.27 -12.93 -35.34
C ASN G 92 107.77 -13.02 -35.81
N VAL G 93 108.14 -14.05 -36.56
CA VAL G 93 109.41 -13.99 -37.28
C VAL G 93 109.47 -12.95 -38.41
N ALA G 94 108.46 -12.95 -39.29
CA ALA G 94 108.43 -12.07 -40.48
C ALA G 94 108.31 -10.53 -40.32
N LEU G 95 107.46 -10.09 -39.41
CA LEU G 95 107.03 -8.70 -39.25
C LEU G 95 107.71 -8.03 -38.07
N LEU G 96 108.09 -8.82 -37.06
CA LEU G 96 108.76 -8.28 -35.88
C LEU G 96 110.05 -7.53 -36.18
N PRO G 97 111.02 -8.19 -36.85
CA PRO G 97 112.29 -7.54 -37.17
C PRO G 97 112.12 -6.20 -37.89
N LEU G 98 110.96 -6.00 -38.50
CA LEU G 98 110.69 -4.76 -39.22
C LEU G 98 109.93 -3.73 -38.38
N ILE G 99 109.27 -4.19 -37.32
CA ILE G 99 108.51 -3.30 -36.44
C ILE G 99 109.40 -2.16 -35.96
N SER G 100 108.85 -0.94 -36.00
CA SER G 100 109.64 0.25 -35.66
C SER G 100 109.04 1.16 -34.58
N ILE G 101 107.79 0.89 -34.18
CA ILE G 101 107.10 1.73 -33.22
C ILE G 101 106.48 0.86 -32.15
N PRO G 102 106.31 1.38 -30.93
CA PRO G 102 105.86 0.50 -29.86
C PRO G 102 104.45 -0.08 -30.04
N GLU G 103 103.46 0.80 -30.12
CA GLU G 103 102.07 0.38 -30.29
C GLU G 103 101.93 -0.80 -31.25
N LEU G 104 102.51 -0.66 -32.44
CA LEU G 104 102.44 -1.71 -33.45
C LEU G 104 103.06 -3.02 -32.96
N GLU G 105 104.19 -2.92 -32.30
CA GLU G 105 104.89 -4.10 -31.78
C GLU G 105 103.98 -4.96 -30.91
N THR G 106 103.58 -4.42 -29.76
CA THR G 106 102.72 -5.13 -28.83
C THR G 106 101.54 -5.79 -29.55
N TRP G 107 100.99 -5.10 -30.53
CA TRP G 107 99.87 -5.62 -31.30
C TRP G 107 100.24 -6.91 -32.02
N VAL G 108 101.40 -6.89 -32.68
CA VAL G 108 101.87 -8.05 -33.43
C VAL G 108 101.89 -9.32 -32.56
N GLU G 109 102.61 -9.27 -31.46
CA GLU G 109 102.71 -10.40 -30.54
C GLU G 109 101.33 -10.84 -30.07
N THR G 110 100.45 -9.87 -29.84
CA THR G 110 99.09 -10.16 -29.41
C THR G 110 98.36 -10.79 -30.59
N TRP G 111 98.50 -10.17 -31.76
CA TRP G 111 97.86 -10.67 -32.96
C TRP G 111 98.22 -12.11 -33.16
N ALA G 112 99.51 -12.43 -33.04
CA ALA G 112 99.98 -13.80 -33.19
C ALA G 112 99.39 -14.71 -32.12
N PHE G 113 99.51 -14.30 -30.85
CA PHE G 113 99.00 -15.09 -29.75
C PHE G 113 97.54 -15.48 -29.96
N SER G 114 96.74 -14.51 -30.39
CA SER G 114 95.32 -14.73 -30.64
C SER G 114 95.09 -15.96 -31.51
N GLU G 115 95.95 -16.15 -32.50
CA GLU G 115 95.84 -17.28 -33.41
C GLU G 115 96.11 -18.60 -32.71
N THR G 116 97.13 -18.62 -31.85
CA THR G 116 97.49 -19.83 -31.12
C THR G 116 96.25 -20.45 -30.47
N ILE G 117 95.35 -19.59 -30.01
CA ILE G 117 94.13 -20.04 -29.36
C ILE G 117 93.24 -20.78 -30.35
N HIS G 118 93.07 -20.20 -31.54
CA HIS G 118 92.26 -20.80 -32.57
C HIS G 118 92.83 -22.17 -32.92
N SER G 119 94.16 -22.25 -32.96
CA SER G 119 94.84 -23.50 -33.27
C SER G 119 94.49 -24.54 -32.21
N ARG G 120 94.56 -24.13 -30.93
CA ARG G 120 94.25 -25.01 -29.82
C ARG G 120 92.80 -25.47 -29.88
N SER G 121 91.90 -24.55 -30.20
CA SER G 121 90.48 -24.86 -30.28
C SER G 121 90.17 -25.94 -31.31
N TYR G 122 90.65 -25.76 -32.54
CA TYR G 122 90.42 -26.73 -33.60
C TYR G 122 90.74 -28.13 -33.09
N THR G 123 91.78 -28.23 -32.28
CA THR G 123 92.22 -29.51 -31.73
C THR G 123 91.16 -30.04 -30.75
N HIS G 124 90.65 -29.15 -29.91
CA HIS G 124 89.63 -29.51 -28.93
C HIS G 124 88.37 -30.03 -29.61
N ILE G 125 88.14 -29.59 -30.86
CA ILE G 125 86.97 -30.02 -31.62
C ILE G 125 87.16 -31.43 -32.18
N ILE G 126 88.27 -31.61 -32.89
CA ILE G 126 88.59 -32.90 -33.50
C ILE G 126 88.48 -34.06 -32.51
N ARG G 127 89.09 -33.94 -31.34
CA ARG G 127 89.18 -35.11 -30.49
C ARG G 127 87.77 -35.59 -30.16
N ASN G 128 86.81 -34.70 -30.30
CA ASN G 128 85.47 -34.82 -29.72
C ASN G 128 84.44 -35.27 -30.74
N ILE G 129 84.74 -35.11 -32.03
CA ILE G 129 83.84 -35.50 -33.09
C ILE G 129 84.43 -36.65 -33.91
N VAL G 130 85.72 -36.89 -33.72
CA VAL G 130 86.42 -37.94 -34.43
C VAL G 130 86.99 -38.93 -33.42
N ASN G 131 87.44 -40.09 -33.90
CA ASN G 131 88.01 -41.11 -33.02
C ASN G 131 89.52 -40.96 -32.86
N ASP G 132 90.19 -40.49 -33.91
CA ASP G 132 91.64 -40.31 -33.88
C ASP G 132 92.06 -38.95 -34.41
N PRO G 133 92.81 -38.18 -33.60
CA PRO G 133 93.29 -36.85 -33.99
C PRO G 133 94.33 -36.89 -35.11
N SER G 134 95.36 -37.71 -34.90
CA SER G 134 96.45 -37.85 -35.87
C SER G 134 95.97 -38.02 -37.31
N VAL G 135 95.15 -39.05 -37.56
CA VAL G 135 94.65 -39.32 -38.91
C VAL G 135 94.13 -38.07 -39.60
N VAL G 136 93.51 -37.18 -38.83
CA VAL G 136 92.95 -35.94 -39.38
C VAL G 136 94.03 -34.88 -39.53
N PHE G 137 95.02 -34.91 -38.63
CA PHE G 137 96.12 -33.95 -38.66
C PHE G 137 97.13 -34.25 -39.76
N ASP G 138 97.61 -35.49 -39.81
CA ASP G 138 98.60 -35.89 -40.80
C ASP G 138 98.12 -35.62 -42.22
N ASP G 139 96.82 -35.36 -42.38
CA ASP G 139 96.26 -35.08 -43.69
C ASP G 139 96.35 -33.60 -44.01
N ILE G 140 96.16 -32.77 -42.98
CA ILE G 140 96.22 -31.32 -43.14
C ILE G 140 97.62 -30.92 -43.62
N VAL G 141 98.56 -31.85 -43.53
CA VAL G 141 99.93 -31.60 -43.96
C VAL G 141 100.21 -32.18 -45.34
N THR G 142 99.66 -33.37 -45.61
CA THR G 142 99.85 -34.03 -46.89
C THR G 142 98.53 -34.32 -47.59
N ASN G 143 97.97 -33.32 -48.26
CA ASN G 143 96.71 -33.48 -48.97
C ASN G 143 96.67 -32.61 -50.22
N GLU G 144 95.99 -33.08 -51.28
CA GLU G 144 95.97 -32.38 -52.59
C GLU G 144 95.32 -30.97 -52.73
N GLN G 145 94.12 -30.78 -52.19
CA GLN G 145 93.54 -29.44 -51.99
C GLN G 145 94.29 -28.59 -50.98
N ILE G 146 94.66 -29.18 -49.86
CA ILE G 146 95.37 -28.47 -48.80
C ILE G 146 96.68 -27.82 -49.27
N GLN G 147 97.64 -28.66 -49.68
CA GLN G 147 98.94 -28.17 -50.13
C GLN G 147 98.88 -27.11 -51.23
N LYS G 148 97.83 -27.14 -52.06
CA LYS G 148 97.77 -26.25 -53.23
C LYS G 148 97.78 -24.73 -52.96
N ARG G 149 97.00 -24.28 -51.98
CA ARG G 149 97.08 -22.92 -51.46
C ARG G 149 98.11 -22.81 -50.33
N ALA G 150 98.28 -23.89 -49.58
CA ALA G 150 99.21 -23.91 -48.46
C ALA G 150 100.53 -23.22 -48.81
N GLU G 151 101.16 -23.68 -49.89
CA GLU G 151 102.45 -23.12 -50.32
C GLU G 151 102.28 -21.70 -50.87
N GLY G 152 101.13 -21.45 -51.50
CA GLY G 152 100.85 -20.15 -52.08
C GLY G 152 101.17 -18.96 -51.21
N ILE G 153 100.34 -18.70 -50.21
CA ILE G 153 100.53 -17.56 -49.31
C ILE G 153 101.72 -17.75 -48.37
N SER G 154 101.94 -18.97 -47.91
CA SER G 154 103.03 -19.26 -46.99
C SER G 154 104.39 -18.85 -47.57
N SER G 155 104.44 -18.69 -48.89
CA SER G 155 105.67 -18.31 -49.57
C SER G 155 106.09 -16.86 -49.26
N TYR G 156 105.13 -15.95 -49.34
CA TYR G 156 105.39 -14.54 -49.07
C TYR G 156 106.13 -14.32 -47.76
N TYR G 157 105.88 -15.18 -46.78
CA TYR G 157 106.54 -15.09 -45.48
C TYR G 157 108.00 -15.50 -45.59
N ASP G 158 108.23 -16.71 -46.08
CA ASP G 158 109.59 -17.24 -46.22
C ASP G 158 110.47 -16.28 -47.01
N GLU G 159 109.86 -15.50 -47.89
CA GLU G 159 110.59 -14.54 -48.70
C GLU G 159 111.07 -13.36 -47.86
N LEU G 160 110.14 -12.73 -47.15
CA LEU G 160 110.48 -11.58 -46.32
C LEU G 160 111.39 -11.99 -45.17
N ILE G 161 111.62 -13.29 -45.04
CA ILE G 161 112.48 -13.83 -44.00
C ILE G 161 113.93 -13.73 -44.44
N GLU G 162 114.19 -14.16 -45.67
CA GLU G 162 115.53 -14.13 -46.23
C GLU G 162 115.87 -12.70 -46.66
N MET G 163 114.97 -12.13 -47.45
CA MET G 163 115.12 -10.76 -47.94
C MET G 163 115.52 -9.80 -46.82
N THR G 164 114.63 -9.66 -45.84
CA THR G 164 114.87 -8.78 -44.71
C THR G 164 116.12 -9.17 -43.93
N SER G 165 116.43 -10.46 -43.94
CA SER G 165 117.60 -10.95 -43.22
C SER G 165 118.90 -10.40 -43.79
N TYR G 166 119.02 -10.42 -45.11
CA TYR G 166 120.22 -9.91 -45.77
C TYR G 166 120.37 -8.40 -45.58
N TRP G 167 119.24 -7.73 -45.30
CA TRP G 167 119.25 -6.29 -45.10
C TRP G 167 119.96 -5.91 -43.80
N HIS G 168 120.10 -6.89 -42.90
CA HIS G 168 120.77 -6.66 -41.62
C HIS G 168 122.12 -7.38 -41.58
N LEU G 169 122.17 -8.63 -42.02
CA LEU G 169 123.43 -9.35 -41.97
C LEU G 169 124.41 -8.57 -42.84
N LEU G 170 123.86 -8.01 -43.90
CA LEU G 170 124.57 -7.44 -45.03
C LEU G 170 123.97 -6.08 -45.40
N GLY G 171 124.71 -5.31 -46.19
CA GLY G 171 124.41 -3.92 -46.46
C GLY G 171 123.53 -3.80 -47.69
N GLU G 172 124.00 -3.06 -48.69
CA GLU G 172 123.23 -2.88 -49.92
C GLU G 172 124.13 -2.96 -51.14
N GLY G 173 123.52 -3.01 -52.32
CA GLY G 173 124.28 -3.09 -53.55
C GLY G 173 124.47 -4.52 -54.00
N THR G 174 125.70 -5.01 -53.90
CA THR G 174 126.01 -6.37 -54.31
C THR G 174 127.15 -6.91 -53.44
N HIS G 175 127.12 -8.19 -53.14
CA HIS G 175 128.14 -8.78 -52.30
C HIS G 175 128.72 -9.95 -53.01
N THR G 176 130.03 -10.08 -52.97
CA THR G 176 130.61 -11.31 -53.45
C THR G 176 129.98 -12.31 -52.52
N VAL G 177 129.42 -13.36 -53.10
CA VAL G 177 128.71 -14.37 -52.34
C VAL G 177 129.15 -15.67 -52.97
N ASN G 178 129.06 -16.76 -52.24
CA ASN G 178 129.58 -17.98 -52.83
C ASN G 178 128.80 -18.22 -54.11
N GLY G 179 129.55 -18.44 -55.19
CA GLY G 179 129.02 -18.92 -56.44
C GLY G 179 128.04 -17.89 -56.96
N LYS G 180 127.89 -16.80 -56.20
CA LYS G 180 126.92 -15.77 -56.59
C LYS G 180 127.15 -14.36 -56.01
N THR G 181 126.56 -13.40 -56.72
CA THR G 181 126.28 -12.04 -56.29
C THR G 181 124.79 -11.89 -56.01
N VAL G 182 124.47 -11.54 -54.79
CA VAL G 182 123.08 -11.34 -54.39
C VAL G 182 122.88 -9.90 -54.02
N THR G 183 121.86 -9.28 -54.62
CA THR G 183 121.61 -7.85 -54.41
C THR G 183 120.59 -7.64 -53.29
N VAL G 184 120.85 -6.64 -52.44
CA VAL G 184 119.95 -6.32 -51.35
C VAL G 184 119.73 -4.82 -51.25
N SER G 185 118.64 -4.35 -51.87
CA SER G 185 118.32 -2.92 -51.86
C SER G 185 117.19 -2.62 -50.88
N LEU G 186 117.14 -1.38 -50.40
CA LEU G 186 116.11 -0.96 -49.45
C LEU G 186 114.73 -1.05 -50.06
N ARG G 187 114.54 -0.40 -51.21
CA ARG G 187 113.25 -0.40 -51.89
C ARG G 187 112.84 -1.81 -52.30
N GLU G 188 113.82 -2.68 -52.52
CA GLU G 188 113.55 -4.06 -52.91
C GLU G 188 112.98 -4.86 -51.75
N LEU G 189 113.02 -4.27 -50.56
CA LEU G 189 112.49 -4.93 -49.37
C LEU G 189 111.17 -4.30 -48.95
N LYS G 190 111.02 -3.01 -49.22
CA LYS G 190 109.79 -2.30 -48.88
C LYS G 190 108.62 -2.80 -49.71
N LYS G 191 108.92 -3.58 -50.74
CA LYS G 191 107.89 -4.13 -51.61
C LYS G 191 107.61 -5.57 -51.18
N LYS G 192 108.67 -6.24 -50.73
CA LYS G 192 108.56 -7.63 -50.27
C LYS G 192 107.69 -7.67 -49.01
N LEU G 193 107.29 -6.49 -48.56
CA LEU G 193 106.45 -6.35 -47.37
C LEU G 193 105.03 -5.98 -47.79
N TYR G 194 104.91 -4.85 -48.48
CA TYR G 194 103.61 -4.36 -48.94
C TYR G 194 102.83 -5.41 -49.71
N LEU G 195 103.53 -6.36 -50.31
CA LEU G 195 102.90 -7.41 -51.08
C LEU G 195 102.60 -8.62 -50.19
N CYS G 196 103.51 -8.91 -49.27
CA CYS G 196 103.36 -10.03 -48.35
C CYS G 196 102.24 -9.82 -47.34
N LEU G 197 101.93 -8.57 -47.05
CA LEU G 197 100.87 -8.24 -46.10
C LEU G 197 99.49 -8.21 -46.77
N MET G 198 99.46 -7.88 -48.05
CA MET G 198 98.21 -7.83 -48.80
C MET G 198 97.74 -9.26 -48.98
N SER G 199 98.63 -10.20 -48.67
CA SER G 199 98.34 -11.62 -48.77
C SER G 199 97.64 -12.08 -47.49
N VAL G 200 97.83 -11.32 -46.43
CA VAL G 200 97.22 -11.62 -45.14
C VAL G 200 95.83 -10.97 -45.08
N ASN G 201 95.69 -9.79 -45.65
CA ASN G 201 94.44 -9.08 -45.50
C ASN G 201 93.41 -10.02 -46.10
N ALA G 202 93.89 -10.92 -46.95
CA ALA G 202 93.03 -11.75 -47.77
C ALA G 202 92.79 -13.07 -47.06
N LEU G 203 93.84 -13.57 -46.41
CA LEU G 203 93.76 -14.83 -45.68
C LEU G 203 92.96 -14.64 -44.39
N GLU G 204 93.01 -13.43 -43.84
CA GLU G 204 92.26 -13.08 -42.63
C GLU G 204 90.98 -12.28 -42.88
N ALA G 205 90.72 -11.94 -44.15
CA ALA G 205 89.52 -11.20 -44.50
C ALA G 205 88.56 -12.04 -45.34
N ILE G 206 89.04 -12.58 -46.46
CA ILE G 206 88.19 -13.42 -47.33
C ILE G 206 88.38 -14.95 -47.22
N ARG G 207 89.64 -15.41 -47.28
CA ARG G 207 89.97 -16.81 -47.07
C ARG G 207 89.34 -17.45 -45.84
N PHE G 208 89.36 -16.73 -44.71
CA PHE G 208 88.79 -17.27 -43.49
C PHE G 208 87.28 -17.03 -43.36
N TYR G 209 86.86 -15.79 -43.62
CA TYR G 209 85.44 -15.45 -43.53
C TYR G 209 84.61 -16.34 -44.45
N VAL G 210 85.25 -16.89 -45.47
CA VAL G 210 84.57 -17.79 -46.41
C VAL G 210 84.47 -19.17 -45.79
N SER G 211 85.49 -19.53 -45.01
CA SER G 211 85.53 -20.83 -44.35
C SER G 211 84.62 -20.85 -43.12
N PHE G 212 83.97 -19.72 -42.84
CA PHE G 212 83.07 -19.64 -41.69
C PHE G 212 81.63 -19.91 -42.10
N ALA G 213 81.23 -19.39 -43.26
CA ALA G 213 79.87 -19.59 -43.75
C ALA G 213 79.58 -21.08 -43.83
N CYS G 214 80.65 -21.87 -43.93
CA CYS G 214 80.54 -23.31 -44.03
C CYS G 214 80.20 -23.90 -42.65
N SER G 215 80.93 -23.45 -41.63
CA SER G 215 80.72 -23.91 -40.27
C SER G 215 79.40 -23.42 -39.71
N PHE G 216 79.08 -22.15 -39.99
CA PHE G 216 77.83 -21.56 -39.51
C PHE G 216 76.63 -22.12 -40.27
N ALA G 217 76.92 -22.83 -41.36
CA ALA G 217 75.87 -23.43 -42.18
C ALA G 217 75.18 -24.52 -41.38
N PHE G 218 75.97 -25.33 -40.67
CA PHE G 218 75.45 -26.41 -39.85
C PHE G 218 74.73 -25.83 -38.64
N ALA G 219 75.12 -24.61 -38.25
CA ALA G 219 74.53 -23.94 -37.12
C ALA G 219 73.05 -23.65 -37.37
N GLU G 220 72.74 -23.17 -38.58
CA GLU G 220 71.37 -22.86 -38.94
C GLU G 220 70.60 -24.14 -39.20
N ARG G 221 71.27 -25.27 -39.00
CA ARG G 221 70.68 -26.59 -39.21
C ARG G 221 70.57 -27.30 -37.86
N GLU G 222 70.99 -26.61 -36.80
CA GLU G 222 70.94 -27.17 -35.45
C GLU G 222 71.92 -28.33 -35.35
N LEU G 223 73.09 -28.16 -35.96
CA LEU G 223 74.11 -29.21 -35.95
C LEU G 223 75.51 -28.67 -35.67
N MET G 224 76.32 -29.48 -34.98
CA MET G 224 77.68 -29.10 -34.62
C MET G 224 77.70 -27.77 -33.90
N GLU G 225 76.85 -27.65 -32.88
CA GLU G 225 76.74 -26.44 -32.09
C GLU G 225 78.10 -25.95 -31.59
N GLY G 226 78.71 -26.74 -30.71
CA GLY G 226 80.01 -26.38 -30.15
C GLY G 226 80.95 -25.69 -31.13
N ASN G 227 81.08 -26.26 -32.32
CA ASN G 227 81.95 -25.68 -33.34
C ASN G 227 81.52 -24.26 -33.69
N ALA G 228 80.22 -24.09 -33.95
CA ALA G 228 79.68 -22.78 -34.28
C ALA G 228 79.99 -21.78 -33.17
N LYS G 229 79.76 -22.19 -31.93
CA LYS G 229 80.01 -21.34 -30.78
C LYS G 229 81.46 -20.89 -30.76
N ILE G 230 82.37 -21.84 -30.95
CA ILE G 230 83.80 -21.55 -30.95
C ILE G 230 84.17 -20.72 -32.17
N ILE G 231 83.73 -21.17 -33.35
CA ILE G 231 84.01 -20.46 -34.60
C ILE G 231 83.57 -19.00 -34.54
N ARG G 232 82.43 -18.75 -33.92
CA ARG G 232 81.93 -17.38 -33.81
C ARG G 232 83.01 -16.50 -33.21
N LEU G 233 83.46 -16.88 -32.01
CA LEU G 233 84.49 -16.13 -31.30
C LEU G 233 85.70 -15.92 -32.21
N ILE G 234 86.02 -16.94 -33.01
CA ILE G 234 87.13 -16.87 -33.93
C ILE G 234 86.98 -15.68 -34.86
N ALA G 235 85.83 -15.62 -35.52
CA ALA G 235 85.53 -14.53 -36.46
C ALA G 235 85.64 -13.16 -35.79
N ARG G 236 85.20 -13.09 -34.53
CA ARG G 236 85.26 -11.82 -33.79
C ARG G 236 86.70 -11.37 -33.62
N ASP G 237 87.53 -12.25 -33.06
CA ASP G 237 88.94 -11.94 -32.84
C ASP G 237 89.60 -11.66 -34.18
N GLU G 238 89.06 -12.25 -35.23
CA GLU G 238 89.58 -12.09 -36.59
C GLU G 238 89.29 -10.67 -37.09
N ALA G 239 88.08 -10.20 -36.83
CA ALA G 239 87.66 -8.87 -37.25
C ALA G 239 88.76 -7.85 -36.96
N LEU G 240 89.33 -7.93 -35.77
CA LEU G 240 90.39 -7.02 -35.35
C LEU G 240 91.60 -7.15 -36.27
N HIS G 241 91.90 -8.40 -36.65
CA HIS G 241 93.05 -8.68 -37.51
C HIS G 241 93.02 -7.99 -38.87
N LEU G 242 92.05 -8.34 -39.73
CA LEU G 242 91.97 -7.72 -41.04
C LEU G 242 91.81 -6.21 -40.91
N THR G 243 91.20 -5.78 -39.82
CA THR G 243 91.00 -4.36 -39.57
C THR G 243 92.36 -3.66 -39.53
N GLY G 244 93.31 -4.28 -38.84
CA GLY G 244 94.63 -3.71 -38.72
C GLY G 244 95.43 -3.86 -40.01
N THR G 245 95.25 -4.99 -40.68
CA THR G 245 95.95 -5.27 -41.93
C THR G 245 95.67 -4.15 -42.93
N GLN G 246 94.53 -3.50 -42.77
CA GLN G 246 94.13 -2.40 -43.65
C GLN G 246 94.76 -1.10 -43.20
N HIS G 247 94.65 -0.81 -41.90
CA HIS G 247 95.21 0.42 -41.33
C HIS G 247 96.71 0.44 -41.59
N MET G 248 97.32 -0.73 -41.65
CA MET G 248 98.75 -0.86 -41.89
C MET G 248 99.03 -0.64 -43.38
N LEU G 249 98.07 -1.01 -44.21
CA LEU G 249 98.18 -0.87 -45.66
C LEU G 249 97.86 0.56 -46.10
N ASN G 250 96.73 1.06 -45.64
CA ASN G 250 96.27 2.41 -46.00
C ASN G 250 97.29 3.50 -45.65
N LEU G 251 97.83 3.45 -44.44
CA LEU G 251 98.80 4.44 -44.01
C LEU G 251 100.16 4.27 -44.70
N LEU G 252 100.42 3.06 -45.17
CA LEU G 252 101.68 2.78 -45.88
C LEU G 252 101.57 3.23 -47.32
N ARG G 253 100.34 3.31 -47.82
CA ARG G 253 100.09 3.73 -49.20
C ARG G 253 99.88 5.23 -49.27
N SER G 254 99.39 5.82 -48.18
CA SER G 254 99.15 7.25 -48.13
C SER G 254 100.45 8.03 -48.16
N GLY G 255 101.46 7.51 -47.47
CA GLY G 255 102.75 8.17 -47.43
C GLY G 255 102.88 9.10 -46.24
N ALA G 256 101.79 9.26 -45.51
CA ALA G 256 101.77 10.13 -44.33
C ALA G 256 102.77 9.62 -43.29
N ASP G 257 103.22 8.38 -43.46
CA ASP G 257 104.16 7.77 -42.55
C ASP G 257 105.46 7.43 -43.28
N ASP G 258 105.35 6.70 -44.38
CA ASP G 258 106.50 6.30 -45.17
C ASP G 258 106.42 6.92 -46.56
N PRO G 259 107.11 8.05 -46.78
CA PRO G 259 107.13 8.75 -48.06
C PRO G 259 107.50 7.87 -49.25
N GLU G 260 108.55 7.06 -49.09
CA GLU G 260 109.00 6.18 -50.16
C GLU G 260 107.91 5.22 -50.61
N MET G 261 107.29 4.54 -49.66
CA MET G 261 106.23 3.57 -49.96
C MET G 261 105.12 4.19 -50.82
N ALA G 262 104.90 5.48 -50.67
CA ALA G 262 103.87 6.17 -51.42
C ALA G 262 103.95 5.85 -52.92
N GLU G 263 105.17 5.68 -53.40
CA GLU G 263 105.39 5.36 -54.81
C GLU G 263 105.20 3.87 -55.03
N ILE G 264 105.77 3.07 -54.13
CA ILE G 264 105.68 1.62 -54.21
C ILE G 264 104.22 1.16 -54.31
N ALA G 265 103.31 1.99 -53.82
CA ALA G 265 101.88 1.66 -53.85
C ALA G 265 101.32 1.71 -55.28
N GLU G 266 101.95 2.53 -56.13
CA GLU G 266 101.50 2.66 -57.51
C GLU G 266 102.14 1.62 -58.42
N GLU G 267 103.41 1.31 -58.17
CA GLU G 267 104.13 0.33 -58.98
C GLU G 267 103.84 -1.08 -58.49
N CYS G 268 102.85 -1.20 -57.59
CA CYS G 268 102.44 -2.48 -57.05
C CYS G 268 100.92 -2.56 -57.05
N LYS G 269 100.28 -1.47 -57.43
CA LYS G 269 98.82 -1.40 -57.49
C LYS G 269 98.28 -2.60 -58.27
N GLN G 270 98.80 -2.79 -59.48
CA GLN G 270 98.38 -3.89 -60.34
C GLN G 270 98.87 -5.21 -59.74
N GLU G 271 100.07 -5.17 -59.17
CA GLU G 271 100.68 -6.34 -58.57
C GLU G 271 99.78 -6.94 -57.48
N CYS G 272 99.38 -6.11 -56.52
CA CYS G 272 98.53 -6.57 -55.43
C CYS G 272 97.17 -7.01 -55.95
N TYR G 273 96.60 -6.21 -56.85
CA TYR G 273 95.30 -6.53 -57.44
C TYR G 273 95.28 -7.96 -57.98
N ASP G 274 96.39 -8.38 -58.58
CA ASP G 274 96.48 -9.72 -59.13
C ASP G 274 96.29 -10.77 -58.05
N LEU G 275 97.11 -10.70 -57.01
CA LEU G 275 97.04 -11.64 -55.90
C LEU G 275 95.64 -11.74 -55.30
N PHE G 276 95.03 -10.59 -55.05
CA PHE G 276 93.68 -10.55 -54.48
C PHE G 276 92.68 -11.32 -55.33
N VAL G 277 92.47 -10.86 -56.55
CA VAL G 277 91.53 -11.49 -57.47
C VAL G 277 91.90 -12.94 -57.73
N GLN G 278 93.19 -13.19 -57.95
CA GLN G 278 93.68 -14.54 -58.24
C GLN G 278 93.44 -15.49 -57.07
N ALA G 279 93.94 -15.12 -55.89
CA ALA G 279 93.77 -15.95 -54.70
C ALA G 279 92.30 -16.25 -54.44
N ALA G 280 91.45 -15.26 -54.67
CA ALA G 280 90.01 -15.41 -54.46
C ALA G 280 89.47 -16.65 -55.17
N GLN G 281 89.96 -16.89 -56.39
CA GLN G 281 89.51 -18.05 -57.16
C GLN G 281 89.82 -19.37 -56.46
N GLN G 282 91.00 -19.45 -55.85
CA GLN G 282 91.40 -20.66 -55.15
C GLN G 282 90.27 -21.18 -54.27
N GLU G 283 89.56 -20.24 -53.65
CA GLU G 283 88.44 -20.59 -52.77
C GLU G 283 87.28 -21.23 -53.52
N LYS G 284 86.84 -20.58 -54.60
CA LYS G 284 85.72 -21.11 -55.38
C LYS G 284 85.90 -22.59 -55.71
N ASP G 285 87.14 -22.98 -55.98
CA ASP G 285 87.45 -24.37 -56.30
C ASP G 285 87.24 -25.26 -55.08
N TRP G 286 87.76 -24.81 -53.93
CA TRP G 286 87.63 -25.55 -52.69
C TRP G 286 86.22 -26.08 -52.48
N ALA G 287 85.23 -25.27 -52.86
CA ALA G 287 83.84 -25.66 -52.71
C ALA G 287 83.59 -27.01 -53.37
N ASP G 288 84.05 -27.15 -54.61
CA ASP G 288 83.90 -28.40 -55.36
C ASP G 288 84.37 -29.60 -54.55
N TYR G 289 85.48 -29.42 -53.82
CA TYR G 289 86.03 -30.51 -53.01
C TYR G 289 85.07 -30.92 -51.91
N LEU G 290 84.21 -30.00 -51.48
CA LEU G 290 83.24 -30.28 -50.44
C LEU G 290 81.90 -30.74 -50.99
N PHE G 291 81.42 -30.04 -52.02
CA PHE G 291 80.14 -30.38 -52.62
C PHE G 291 80.31 -31.40 -53.75
N ARG G 292 81.45 -32.06 -53.78
CA ARG G 292 81.75 -33.06 -54.80
C ARG G 292 80.80 -34.24 -54.67
N ASP G 293 80.74 -34.81 -53.46
CA ASP G 293 79.88 -35.96 -53.20
C ASP G 293 78.41 -35.56 -53.23
N GLY G 294 78.10 -34.39 -52.65
CA GLY G 294 76.73 -33.93 -52.62
C GLY G 294 76.58 -32.54 -52.03
N SER G 295 75.42 -31.94 -52.26
CA SER G 295 75.13 -30.60 -51.76
C SER G 295 74.72 -30.67 -50.28
N MET G 296 74.39 -29.52 -49.71
CA MET G 296 73.98 -29.46 -48.32
C MET G 296 72.66 -28.70 -48.23
N ILE G 297 71.80 -29.12 -47.30
CA ILE G 297 70.50 -28.50 -47.11
C ILE G 297 70.62 -26.99 -46.87
N GLY G 298 71.81 -26.54 -46.50
CA GLY G 298 72.02 -25.13 -46.24
C GLY G 298 72.57 -24.37 -47.43
N LEU G 299 73.50 -24.98 -48.15
CA LEU G 299 74.11 -24.34 -49.31
C LEU G 299 74.94 -25.34 -50.12
N ASN G 300 75.18 -25.00 -51.38
CA ASN G 300 75.97 -25.86 -52.26
C ASN G 300 77.00 -25.03 -53.02
N LYS G 301 77.76 -25.69 -53.89
CA LYS G 301 78.79 -25.02 -54.67
C LYS G 301 78.32 -23.69 -55.22
N ASP G 302 77.12 -23.69 -55.81
CA ASP G 302 76.56 -22.49 -56.40
C ASP G 302 76.57 -21.32 -55.42
N ILE G 303 75.85 -21.46 -54.32
CA ILE G 303 75.77 -20.42 -53.29
C ILE G 303 77.13 -19.96 -52.79
N LEU G 304 77.84 -20.86 -52.12
CA LEU G 304 79.14 -20.55 -51.55
C LEU G 304 80.03 -19.72 -52.48
N CYS G 305 79.99 -20.03 -53.77
CA CYS G 305 80.80 -19.29 -54.74
C CYS G 305 80.39 -17.82 -54.80
N GLN G 306 79.08 -17.57 -54.88
CA GLN G 306 78.56 -16.21 -54.95
C GLN G 306 79.14 -15.37 -53.81
N TYR G 307 79.28 -15.99 -52.64
CA TYR G 307 79.81 -15.30 -51.47
C TYR G 307 81.17 -14.68 -51.73
N VAL G 308 82.12 -15.50 -52.16
CA VAL G 308 83.48 -15.03 -52.44
C VAL G 308 83.46 -13.72 -53.23
N GLU G 309 82.56 -13.63 -54.20
CA GLU G 309 82.44 -12.42 -55.01
C GLU G 309 81.93 -11.25 -54.19
N TYR G 310 80.85 -11.48 -53.45
CA TYR G 310 80.25 -10.44 -52.61
C TYR G 310 81.23 -9.90 -51.57
N ILE G 311 81.95 -10.80 -50.91
CA ILE G 311 82.90 -10.42 -49.89
C ILE G 311 84.16 -9.75 -50.46
N THR G 312 84.83 -10.44 -51.38
CA THR G 312 86.04 -9.91 -52.00
C THR G 312 85.79 -8.58 -52.71
N ASN G 313 84.59 -8.43 -53.25
CA ASN G 313 84.23 -7.21 -53.96
C ASN G 313 84.32 -5.98 -53.06
N ILE G 314 83.92 -6.16 -51.80
CA ILE G 314 83.96 -5.07 -50.83
C ILE G 314 85.29 -5.07 -50.07
N ARG G 315 85.71 -6.27 -49.67
CA ARG G 315 86.95 -6.44 -48.91
C ARG G 315 88.10 -5.66 -49.54
N MET G 316 88.09 -5.57 -50.88
CA MET G 316 89.14 -4.85 -51.60
C MET G 316 88.83 -3.36 -51.75
N GLN G 317 87.55 -3.01 -51.69
CA GLN G 317 87.15 -1.62 -51.81
C GLN G 317 87.66 -0.81 -50.63
N ALA G 318 88.11 -1.51 -49.60
CA ALA G 318 88.64 -0.88 -48.39
C ALA G 318 90.12 -0.56 -48.56
N VAL G 319 90.92 -1.60 -48.85
CA VAL G 319 92.34 -1.43 -49.04
C VAL G 319 92.66 -0.35 -50.07
N GLY G 320 91.75 -0.18 -51.02
CA GLY G 320 91.94 0.83 -52.05
C GLY G 320 92.08 0.26 -53.45
N LEU G 321 92.14 -1.06 -53.57
CA LEU G 321 92.27 -1.69 -54.87
C LEU G 321 91.01 -1.58 -55.72
N ASP G 322 91.12 -2.11 -56.94
CA ASP G 322 90.05 -2.13 -57.95
C ASP G 322 88.96 -3.16 -57.66
N LEU G 323 87.81 -2.98 -58.30
CA LEU G 323 86.61 -3.79 -58.04
C LEU G 323 86.58 -4.99 -58.96
N PRO G 324 87.22 -6.12 -58.59
CA PRO G 324 87.36 -7.32 -59.47
C PRO G 324 86.21 -8.34 -59.89
N PHE G 325 85.45 -8.85 -58.92
CA PHE G 325 84.18 -9.55 -59.16
C PHE G 325 82.99 -8.61 -59.35
N GLN G 326 81.90 -9.11 -59.93
CA GLN G 326 80.69 -8.33 -60.16
C GLN G 326 80.01 -7.98 -58.83
N THR G 327 79.30 -6.85 -58.82
CA THR G 327 78.53 -6.40 -57.66
C THR G 327 77.30 -7.27 -57.44
N ARG G 328 76.95 -7.46 -56.17
CA ARG G 328 75.93 -8.44 -55.78
C ARG G 328 75.40 -8.19 -54.36
N SER G 329 74.30 -8.85 -54.01
CA SER G 329 73.73 -8.74 -52.67
C SER G 329 74.03 -10.02 -51.87
N ASN G 330 74.34 -9.86 -50.60
CA ASN G 330 74.87 -11.00 -49.90
C ASN G 330 73.90 -12.13 -50.12
N PRO G 331 74.43 -13.23 -50.66
CA PRO G 331 73.64 -14.41 -50.98
C PRO G 331 73.05 -15.08 -49.74
N ILE G 332 73.84 -15.13 -48.67
CA ILE G 332 73.44 -15.81 -47.44
C ILE G 332 73.63 -14.89 -46.24
N PRO G 333 72.70 -13.95 -46.14
CA PRO G 333 72.73 -12.80 -45.24
C PRO G 333 72.71 -13.20 -43.77
N TRP G 334 72.09 -14.33 -43.48
CA TRP G 334 71.89 -14.75 -42.13
C TRP G 334 73.24 -14.84 -41.48
N ILE G 335 74.29 -15.07 -42.24
CA ILE G 335 75.54 -15.38 -41.61
C ILE G 335 75.78 -14.25 -40.61
N ASN G 336 75.21 -13.08 -40.89
CA ASN G 336 75.41 -11.92 -40.05
C ASN G 336 75.16 -12.23 -38.57
N THR G 337 74.36 -13.24 -38.29
CA THR G 337 73.98 -13.48 -36.92
C THR G 337 75.26 -13.72 -36.13
N TRP G 338 76.30 -14.13 -36.85
CA TRP G 338 77.49 -14.72 -36.23
C TRP G 338 78.74 -13.84 -36.27
N LEU G 339 78.64 -12.61 -36.73
CA LEU G 339 79.85 -11.84 -37.00
C LEU G 339 79.88 -10.50 -36.28
N VAL G 340 80.12 -10.57 -34.97
CA VAL G 340 80.29 -9.37 -34.16
C VAL G 340 79.07 -8.47 -34.27
N SER G 341 77.89 -9.07 -34.34
CA SER G 341 76.67 -8.26 -34.44
C SER G 341 75.57 -8.46 -33.37
N ASP G 342 75.94 -8.97 -32.20
CA ASP G 342 75.00 -9.71 -31.38
C ASP G 342 74.00 -8.81 -30.67
N ILE G 361 34.23 6.41 -22.38
CA ILE G 361 34.65 7.23 -23.52
C ILE G 361 33.73 8.43 -23.70
N ASP G 362 33.65 9.27 -22.68
CA ASP G 362 32.80 10.44 -22.78
C ASP G 362 33.60 11.74 -22.80
N SER G 363 33.41 12.50 -23.86
CA SER G 363 33.85 13.89 -23.91
C SER G 363 32.62 14.73 -23.59
N GLU G 364 32.77 15.64 -22.64
CA GLU G 364 31.65 16.45 -22.18
C GLU G 364 31.09 17.28 -23.33
N VAL G 365 29.78 17.45 -23.34
CA VAL G 365 29.11 18.09 -24.48
C VAL G 365 29.62 19.51 -24.68
N ASP G 366 29.81 19.87 -25.94
CA ASP G 366 30.40 21.15 -26.31
C ASP G 366 29.57 21.80 -27.41
N THR G 367 28.42 22.32 -27.04
CA THR G 367 27.55 22.97 -28.01
C THR G 367 28.26 24.16 -28.62
N ASP G 368 29.01 24.86 -27.77
CA ASP G 368 29.64 26.13 -28.16
C ASP G 368 30.62 26.13 -29.35
N ASP G 369 31.51 25.13 -29.45
CA ASP G 369 32.48 25.15 -30.53
C ASP G 369 31.75 24.91 -31.84
N LEU G 370 30.67 24.13 -31.80
CA LEU G 370 29.98 23.77 -33.04
C LEU G 370 28.79 24.66 -33.36
N SER G 371 28.43 25.58 -32.47
CA SER G 371 27.26 26.39 -32.76
C SER G 371 27.50 27.13 -34.08
N ASN G 372 28.71 27.61 -34.28
CA ASN G 372 29.08 28.33 -35.50
C ASN G 372 29.08 27.54 -36.82
N PHE G 373 29.54 26.29 -36.78
CA PHE G 373 29.98 25.59 -37.99
C PHE G 373 28.96 25.64 -39.13
N GLN G 374 29.47 25.79 -40.35
CA GLN G 374 28.62 26.09 -41.49
C GLN G 374 28.14 24.85 -42.22
N LEU G 375 26.97 24.35 -41.81
CA LEU G 375 26.38 23.17 -42.41
C LEU G 375 25.92 23.45 -43.84
N ALA H 1 -71.03 -25.45 102.55
CA ALA H 1 -69.72 -25.38 103.27
C ALA H 1 -68.56 -25.39 102.28
N TYR H 2 -67.58 -24.52 102.51
CA TYR H 2 -66.42 -24.42 101.64
C TYR H 2 -65.26 -25.25 102.17
N THR H 3 -64.73 -26.13 101.32
CA THR H 3 -63.62 -26.98 101.70
C THR H 3 -62.43 -26.79 100.77
N THR H 4 -61.27 -26.48 101.35
CA THR H 4 -60.06 -26.27 100.57
C THR H 4 -59.68 -27.51 99.78
N PHE H 5 -60.13 -28.65 100.27
CA PHE H 5 -60.08 -29.89 99.54
C PHE H 5 -61.43 -30.51 99.75
N SER H 6 -62.10 -30.88 98.67
CA SER H 6 -63.32 -31.65 98.87
C SER H 6 -62.91 -33.11 99.05
N GLN H 7 -63.57 -33.79 99.97
CA GLN H 7 -63.31 -35.22 100.17
C GLN H 7 -63.66 -36.07 98.92
N THR H 8 -64.80 -35.76 98.33
CA THR H 8 -65.44 -36.63 97.36
C THR H 8 -64.66 -36.74 96.06
N LYS H 9 -64.73 -37.91 95.45
CA LYS H 9 -64.18 -38.08 94.12
C LYS H 9 -65.31 -37.71 93.19
N ASN H 10 -65.17 -36.55 92.56
CA ASN H 10 -66.21 -36.01 91.70
C ASN H 10 -65.61 -35.71 90.34
N ASP H 11 -66.23 -36.21 89.29
CA ASP H 11 -65.66 -36.07 87.96
C ASP H 11 -65.75 -34.62 87.53
N GLN H 12 -64.61 -33.94 87.47
CA GLN H 12 -64.64 -32.52 87.19
C GLN H 12 -65.35 -32.35 85.87
N LEU H 13 -65.31 -33.34 85.01
CA LEU H 13 -65.55 -33.08 83.61
C LEU H 13 -66.91 -32.41 83.52
N LYS H 14 -67.73 -32.62 84.53
CA LYS H 14 -69.14 -32.24 84.49
C LYS H 14 -69.44 -31.06 85.41
N GLU H 15 -68.53 -30.77 86.33
CA GLU H 15 -68.70 -29.66 87.25
C GLU H 15 -68.95 -28.36 86.49
N PRO H 16 -70.01 -27.63 86.86
CA PRO H 16 -70.35 -26.36 86.21
C PRO H 16 -69.27 -25.30 86.44
N MET H 17 -69.30 -24.26 85.62
CA MET H 17 -68.32 -23.17 85.73
C MET H 17 -68.14 -22.77 87.19
N PHE H 18 -69.27 -22.61 87.88
CA PHE H 18 -69.27 -22.22 89.29
C PHE H 18 -70.24 -23.12 90.06
N PHE H 19 -70.39 -22.86 91.35
CA PHE H 19 -71.32 -23.62 92.19
C PHE H 19 -71.13 -25.14 92.18
N GLY H 20 -69.89 -25.62 92.22
CA GLY H 20 -69.62 -27.05 92.20
C GLY H 20 -68.61 -27.55 93.21
N GLN H 21 -68.64 -28.84 93.54
CA GLN H 21 -67.86 -29.25 94.68
C GLN H 21 -66.47 -28.70 94.43
N PRO H 22 -65.97 -28.02 95.45
CA PRO H 22 -64.67 -27.32 95.43
C PRO H 22 -63.57 -28.22 94.90
N VAL H 23 -62.74 -27.73 93.99
CA VAL H 23 -61.80 -28.64 93.31
C VAL H 23 -60.83 -29.35 94.28
N ASN H 24 -60.93 -30.68 94.25
CA ASN H 24 -60.18 -31.56 95.16
C ASN H 24 -58.69 -31.59 94.93
N VAL H 25 -58.32 -31.65 93.66
CA VAL H 25 -56.93 -31.79 93.26
C VAL H 25 -56.66 -30.87 92.09
N ALA H 26 -55.40 -30.43 92.01
CA ALA H 26 -54.98 -29.61 90.90
C ALA H 26 -54.41 -30.55 89.86
N ARG H 27 -55.24 -30.91 88.91
CA ARG H 27 -54.78 -31.66 87.74
C ARG H 27 -54.93 -30.84 86.47
N TYR H 28 -54.26 -31.29 85.41
CA TYR H 28 -54.30 -30.60 84.12
C TYR H 28 -54.31 -31.60 82.98
N ASP H 29 -54.40 -32.88 83.33
CA ASP H 29 -54.42 -33.95 82.34
C ASP H 29 -55.57 -33.77 81.34
N GLN H 30 -56.62 -33.08 81.78
CA GLN H 30 -57.78 -32.84 80.93
C GLN H 30 -58.48 -31.54 81.31
N GLN H 31 -59.53 -31.22 80.56
CA GLN H 31 -60.37 -30.08 80.87
C GLN H 31 -61.74 -30.29 80.26
N LYS H 32 -62.72 -29.60 80.82
CA LYS H 32 -64.05 -29.53 80.21
C LYS H 32 -64.11 -28.40 79.19
N TYR H 33 -63.35 -27.34 79.45
CA TYR H 33 -63.30 -26.19 78.55
C TYR H 33 -61.86 -25.80 78.26
N ASP H 34 -61.35 -26.29 77.13
CA ASP H 34 -59.98 -26.02 76.70
C ASP H 34 -59.58 -24.56 76.75
N ILE H 35 -60.56 -23.67 76.61
CA ILE H 35 -60.29 -22.23 76.63
C ILE H 35 -59.42 -21.81 77.80
N PHE H 36 -59.94 -21.98 79.01
CA PHE H 36 -59.22 -21.61 80.23
C PHE H 36 -57.79 -22.09 80.23
N GLU H 37 -57.59 -23.37 79.95
CA GLU H 37 -56.25 -23.95 79.91
C GLU H 37 -55.31 -23.12 79.03
N LYS H 38 -55.79 -22.78 77.84
CA LYS H 38 -55.00 -22.00 76.89
C LYS H 38 -54.69 -20.60 77.42
N LEU H 39 -55.70 -19.94 77.98
CA LEU H 39 -55.52 -18.60 78.53
C LEU H 39 -54.36 -18.57 79.53
N ILE H 40 -54.18 -19.66 80.25
CA ILE H 40 -53.12 -19.77 81.24
C ILE H 40 -51.77 -19.84 80.53
N GLU H 41 -51.64 -20.77 79.60
CA GLU H 41 -50.40 -20.97 78.85
C GLU H 41 -49.96 -19.69 78.15
N LYS H 42 -50.83 -19.13 77.32
CA LYS H 42 -50.50 -17.91 76.59
C LYS H 42 -50.10 -16.79 77.55
N GLN H 43 -50.75 -16.75 78.71
CA GLN H 43 -50.43 -15.73 79.72
C GLN H 43 -49.06 -16.01 80.30
N LEU H 44 -48.84 -17.26 80.71
CA LEU H 44 -47.57 -17.68 81.29
C LEU H 44 -46.41 -17.30 80.38
N SER H 45 -46.61 -17.48 79.08
CA SER H 45 -45.57 -17.17 78.10
C SER H 45 -45.43 -15.66 77.93
N PHE H 46 -46.48 -14.93 78.31
CA PHE H 46 -46.48 -13.48 78.20
C PHE H 46 -45.80 -12.83 79.40
N PHE H 47 -45.42 -13.65 80.38
CA PHE H 47 -44.77 -13.14 81.58
C PHE H 47 -43.76 -12.04 81.25
N TRP H 48 -43.65 -11.06 82.15
CA TRP H 48 -42.72 -9.96 81.96
C TRP H 48 -42.61 -9.15 83.24
N ARG H 49 -41.45 -8.52 83.44
CA ARG H 49 -41.23 -7.72 84.63
C ARG H 49 -41.07 -6.24 84.27
N PRO H 50 -41.97 -5.39 84.79
CA PRO H 50 -41.99 -3.94 84.56
C PRO H 50 -40.63 -3.25 84.64
N GLU H 51 -39.72 -3.79 85.43
CA GLU H 51 -38.40 -3.20 85.59
C GLU H 51 -37.56 -3.34 84.33
N GLU H 52 -37.95 -4.25 83.45
CA GLU H 52 -37.22 -4.49 82.21
C GLU H 52 -37.13 -3.26 81.33
N VAL H 53 -38.27 -2.70 80.93
CA VAL H 53 -38.29 -1.52 80.09
C VAL H 53 -37.77 -0.30 80.84
N ASP H 54 -36.85 0.45 80.22
CA ASP H 54 -36.26 1.64 80.82
C ASP H 54 -37.18 2.86 80.92
N VAL H 55 -37.11 3.58 82.04
CA VAL H 55 -37.93 4.78 82.25
C VAL H 55 -37.18 6.13 82.30
N SER H 56 -35.90 6.14 81.97
CA SER H 56 -35.06 7.33 82.13
C SER H 56 -35.53 8.48 81.25
N ARG H 57 -35.52 8.25 79.94
CA ARG H 57 -35.95 9.27 78.99
C ARG H 57 -37.33 9.84 79.33
N ASP H 58 -38.16 9.02 79.97
CA ASP H 58 -39.51 9.44 80.34
C ASP H 58 -39.53 10.53 81.40
N ARG H 59 -38.61 10.47 82.36
CA ARG H 59 -38.54 11.46 83.42
C ARG H 59 -38.59 12.89 82.91
N ILE H 60 -37.62 13.25 82.07
CA ILE H 60 -37.55 14.60 81.51
C ILE H 60 -38.83 14.97 80.76
N ASP H 61 -39.45 13.97 80.13
CA ASP H 61 -40.68 14.19 79.38
C ASP H 61 -41.78 14.83 80.21
N TYR H 62 -42.09 14.25 81.36
CA TYR H 62 -43.13 14.78 82.23
C TYR H 62 -42.80 16.21 82.64
N GLN H 63 -41.53 16.44 82.96
CA GLN H 63 -41.07 17.76 83.37
C GLN H 63 -41.31 18.80 82.28
N ALA H 64 -41.28 18.35 81.03
CA ALA H 64 -41.49 19.25 79.89
C ALA H 64 -42.97 19.39 79.53
N LEU H 65 -43.72 18.31 79.56
CA LEU H 65 -45.08 18.34 79.03
C LEU H 65 -45.90 19.42 79.72
N PRO H 66 -46.65 20.16 78.91
CA PRO H 66 -47.40 21.33 79.37
C PRO H 66 -48.26 20.96 80.59
N GLU H 67 -48.83 21.98 81.25
CA GLU H 67 -49.66 21.74 82.42
C GLU H 67 -50.97 21.04 82.08
N HIS H 68 -51.68 21.57 81.09
CA HIS H 68 -52.95 20.97 80.68
C HIS H 68 -52.72 19.53 80.24
N GLU H 69 -51.48 19.24 79.85
CA GLU H 69 -51.12 17.89 79.42
C GLU H 69 -50.62 17.06 80.59
N LYS H 70 -49.77 17.65 81.42
CA LYS H 70 -49.23 16.94 82.59
C LYS H 70 -50.39 16.33 83.35
N HIS H 71 -51.47 17.10 83.48
CA HIS H 71 -52.67 16.67 84.18
C HIS H 71 -53.24 15.42 83.51
N ILE H 72 -53.47 15.51 82.21
CA ILE H 72 -54.02 14.41 81.44
C ILE H 72 -53.36 13.07 81.80
N PHE H 73 -52.03 13.01 81.68
CA PHE H 73 -51.24 11.78 81.98
C PHE H 73 -51.08 11.22 83.42
N ILE H 74 -50.76 12.07 84.39
CA ILE H 74 -50.79 11.73 85.81
C ILE H 74 -52.19 11.39 86.33
N SER H 75 -53.22 11.97 85.71
CA SER H 75 -54.59 11.71 86.13
C SER H 75 -55.09 10.36 85.62
N ASN H 76 -54.89 10.10 84.33
CA ASN H 76 -55.33 8.85 83.73
C ASN H 76 -54.55 7.66 84.30
N LEU H 77 -53.37 7.93 84.83
CA LEU H 77 -52.54 6.88 85.40
C LEU H 77 -53.11 6.49 86.77
N LYS H 78 -53.64 7.49 87.48
CA LYS H 78 -54.24 7.25 88.79
C LYS H 78 -55.45 6.35 88.62
N TYR H 79 -56.18 6.57 87.53
CA TYR H 79 -57.37 5.80 87.23
C TYR H 79 -57.04 4.33 86.99
N GLN H 80 -55.95 4.08 86.25
CA GLN H 80 -55.52 2.72 85.96
C GLN H 80 -55.03 2.07 87.25
N THR H 81 -54.20 2.81 87.99
CA THR H 81 -53.64 2.33 89.24
C THR H 81 -54.71 1.67 90.13
N LEU H 82 -55.84 2.35 90.28
CA LEU H 82 -56.92 1.84 91.12
C LEU H 82 -57.59 0.61 90.53
N LEU H 83 -57.96 0.67 89.26
CA LEU H 83 -58.62 -0.44 88.59
C LEU H 83 -57.98 -1.80 88.88
N ASP H 84 -56.69 -1.92 88.63
CA ASP H 84 -55.99 -3.18 88.87
C ASP H 84 -55.70 -3.43 90.34
N SER H 85 -55.43 -2.38 91.10
CA SER H 85 -55.15 -2.54 92.53
C SER H 85 -56.25 -3.39 93.14
N ILE H 86 -57.50 -3.08 92.81
CA ILE H 86 -58.65 -3.81 93.31
C ILE H 86 -58.80 -5.11 92.53
N GLN H 87 -58.63 -5.05 91.22
CA GLN H 87 -58.92 -6.21 90.41
C GLN H 87 -58.05 -7.35 90.94
N GLY H 88 -56.94 -6.97 91.57
CA GLY H 88 -55.91 -7.94 91.91
C GLY H 88 -56.39 -8.95 92.91
N ARG H 89 -56.90 -8.45 94.04
CA ARG H 89 -57.59 -9.25 95.05
C ARG H 89 -58.96 -9.78 94.61
N SER H 90 -59.71 -8.93 93.92
CA SER H 90 -61.10 -9.17 93.59
C SER H 90 -61.38 -10.56 93.03
N PRO H 91 -60.75 -10.93 91.90
CA PRO H 91 -60.98 -12.25 91.32
C PRO H 91 -60.79 -13.40 92.30
N ASN H 92 -59.81 -13.25 93.19
CA ASN H 92 -59.45 -14.23 94.26
C ASN H 92 -60.36 -14.52 95.48
N VAL H 93 -60.89 -13.50 96.16
CA VAL H 93 -61.96 -13.72 97.14
C VAL H 93 -63.37 -13.92 96.53
N ALA H 94 -63.77 -13.12 95.53
CA ALA H 94 -65.12 -13.20 94.94
C ALA H 94 -65.54 -14.47 94.15
N LEU H 95 -64.64 -14.98 93.32
CA LEU H 95 -64.85 -16.09 92.40
C LEU H 95 -64.31 -17.42 92.94
N LEU H 96 -63.14 -17.41 93.57
CA LEU H 96 -62.54 -18.67 93.99
C LEU H 96 -63.52 -19.61 94.70
N PRO H 97 -64.14 -19.16 95.80
CA PRO H 97 -65.09 -20.00 96.54
C PRO H 97 -66.18 -20.60 95.65
N LEU H 98 -66.39 -20.01 94.49
CA LEU H 98 -67.42 -20.49 93.56
C LEU H 98 -66.86 -21.40 92.48
N ILE H 99 -65.55 -21.31 92.24
CA ILE H 99 -64.90 -22.14 91.22
C ILE H 99 -65.20 -23.61 91.46
N SER H 100 -65.54 -24.31 90.38
CA SER H 100 -65.96 -25.72 90.48
C SER H 100 -65.18 -26.72 89.62
N ILE H 101 -64.34 -26.21 88.72
CA ILE H 101 -63.60 -27.07 87.79
C ILE H 101 -62.13 -26.68 87.81
N PRO H 102 -61.24 -27.62 87.53
CA PRO H 102 -59.82 -27.30 87.69
C PRO H 102 -59.30 -26.20 86.75
N GLU H 103 -59.40 -26.45 85.44
CA GLU H 103 -58.93 -25.49 84.45
C GLU H 103 -59.27 -24.05 84.82
N LEU H 104 -60.53 -23.80 85.14
CA LEU H 104 -60.98 -22.45 85.50
C LEU H 104 -60.25 -21.93 86.73
N GLU H 105 -60.07 -22.78 87.73
CA GLU H 105 -59.39 -22.40 88.96
C GLU H 105 -58.01 -21.80 88.69
N THR H 106 -57.10 -22.63 88.18
CA THR H 106 -55.74 -22.20 87.89
C THR H 106 -55.73 -20.87 87.15
N TRP H 107 -56.66 -20.70 86.22
CA TRP H 107 -56.76 -19.47 85.44
C TRP H 107 -57.01 -18.27 86.35
N VAL H 108 -57.95 -18.41 87.27
CA VAL H 108 -58.30 -17.34 88.19
C VAL H 108 -57.08 -16.79 88.92
N GLU H 109 -56.35 -17.67 89.60
CA GLU H 109 -55.16 -17.29 90.35
C GLU H 109 -54.14 -16.63 89.42
N THR H 110 -54.04 -17.13 88.20
CA THR H 110 -53.11 -16.58 87.21
C THR H 110 -53.65 -15.22 86.79
N TRP H 111 -54.96 -15.18 86.48
CA TRP H 111 -55.59 -13.94 86.08
C TRP H 111 -55.32 -12.87 87.09
N ALA H 112 -55.51 -13.20 88.37
CA ALA H 112 -55.26 -12.26 89.45
C ALA H 112 -53.79 -11.85 89.52
N PHE H 113 -52.90 -12.84 89.50
CA PHE H 113 -51.46 -12.58 89.57
C PHE H 113 -51.02 -11.61 88.49
N SER H 114 -51.53 -11.82 87.27
CA SER H 114 -51.19 -10.97 86.15
C SER H 114 -51.40 -9.49 86.47
N GLU H 115 -52.45 -9.20 87.22
CA GLU H 115 -52.78 -7.83 87.60
C GLU H 115 -51.75 -7.25 88.57
N THR H 116 -51.30 -8.07 89.51
CA THR H 116 -50.33 -7.64 90.51
C THR H 116 -49.14 -6.99 89.82
N ILE H 117 -48.77 -7.53 88.67
CA ILE H 117 -47.64 -7.00 87.89
C ILE H 117 -47.94 -5.59 87.42
N HIS H 118 -49.12 -5.40 86.86
CA HIS H 118 -49.53 -4.08 86.36
C HIS H 118 -49.47 -3.08 87.50
N SER H 119 -49.89 -3.54 88.68
CA SER H 119 -49.89 -2.68 89.87
C SER H 119 -48.46 -2.27 90.17
N ARG H 120 -47.55 -3.24 90.16
CA ARG H 120 -46.14 -2.99 90.44
C ARG H 120 -45.54 -2.03 89.42
N SER H 121 -45.92 -2.21 88.15
CA SER H 121 -45.41 -1.37 87.08
C SER H 121 -45.78 0.10 87.26
N TYR H 122 -47.06 0.37 87.46
CA TYR H 122 -47.52 1.74 87.65
C TYR H 122 -46.66 2.45 88.68
N THR H 123 -46.23 1.69 89.69
CA THR H 123 -45.39 2.23 90.76
C THR H 123 -44.01 2.58 90.20
N HIS H 124 -43.47 1.69 89.40
CA HIS H 124 -42.15 1.88 88.80
C HIS H 124 -42.13 3.12 87.90
N ILE H 125 -43.30 3.49 87.39
CA ILE H 125 -43.42 4.65 86.51
C ILE H 125 -43.43 5.94 87.32
N ILE H 126 -44.33 6.01 88.31
CA ILE H 126 -44.47 7.19 89.15
C ILE H 126 -43.13 7.63 89.74
N ARG H 127 -42.36 6.71 90.29
CA ARG H 127 -41.12 7.13 90.95
C ARG H 127 -40.24 7.86 89.94
N ASN H 128 -40.20 7.37 88.71
CA ASN H 128 -39.40 7.99 87.64
C ASN H 128 -39.80 9.41 87.19
N ILE H 129 -41.10 9.69 87.09
CA ILE H 129 -41.57 10.88 86.41
C ILE H 129 -42.02 11.93 87.42
N VAL H 130 -42.20 11.51 88.66
CA VAL H 130 -42.61 12.40 89.74
C VAL H 130 -41.54 12.43 90.81
N ASN H 131 -41.65 13.39 91.74
CA ASN H 131 -40.68 13.52 92.82
C ASN H 131 -41.08 12.72 94.06
N ASP H 132 -42.39 12.62 94.30
CA ASP H 132 -42.88 11.89 95.46
C ASP H 132 -44.00 10.93 95.10
N PRO H 133 -43.84 9.64 95.43
CA PRO H 133 -44.85 8.62 95.14
C PRO H 133 -46.13 8.79 95.96
N SER H 134 -45.96 8.93 97.27
CA SER H 134 -47.09 9.09 98.19
C SER H 134 -48.12 10.12 97.74
N VAL H 135 -47.68 11.35 97.52
CA VAL H 135 -48.58 12.42 97.10
C VAL H 135 -49.50 12.00 95.96
N VAL H 136 -48.97 11.19 95.04
CA VAL H 136 -49.75 10.73 93.91
C VAL H 136 -50.64 9.55 94.29
N PHE H 137 -50.16 8.73 95.23
CA PHE H 137 -50.91 7.57 95.70
C PHE H 137 -52.06 7.93 96.61
N ASP H 138 -51.78 8.72 97.64
CA ASP H 138 -52.80 9.14 98.60
C ASP H 138 -53.98 9.83 97.92
N ASP H 139 -53.80 10.22 96.67
CA ASP H 139 -54.86 10.89 95.92
C ASP H 139 -55.74 9.86 95.22
N ILE H 140 -55.11 8.79 94.74
CA ILE H 140 -55.83 7.71 94.05
C ILE H 140 -56.85 7.09 95.00
N VAL H 141 -56.71 7.40 96.29
CA VAL H 141 -57.61 6.86 97.30
C VAL H 141 -58.67 7.89 97.70
N THR H 142 -58.27 9.15 97.80
CA THR H 142 -59.18 10.22 98.19
C THR H 142 -59.25 11.32 97.13
N ASN H 143 -60.04 11.10 96.09
CA ASN H 143 -60.18 12.07 95.01
C ASN H 143 -61.59 12.03 94.43
N GLU H 144 -62.11 13.19 93.99
CA GLU H 144 -63.50 13.31 93.51
C GLU H 144 -63.97 12.55 92.23
N GLN H 145 -63.19 12.60 91.15
CA GLN H 145 -63.36 11.71 90.00
C GLN H 145 -63.06 10.24 90.32
N ILE H 146 -61.97 9.99 91.04
CA ILE H 146 -61.57 8.64 91.38
C ILE H 146 -62.64 7.85 92.14
N GLN H 147 -62.99 8.32 93.35
CA GLN H 147 -63.99 7.65 94.17
C GLN H 147 -65.32 7.39 93.48
N LYS H 148 -65.70 8.24 92.52
CA LYS H 148 -67.04 8.15 91.92
C LYS H 148 -67.39 6.84 91.19
N ARG H 149 -66.46 6.33 90.38
CA ARG H 149 -66.55 4.98 89.83
C ARG H 149 -65.95 3.94 90.75
N ALA H 150 -64.93 4.33 91.51
CA ALA H 150 -64.27 3.44 92.45
C ALA H 150 -65.25 2.56 93.21
N GLU H 151 -66.22 3.18 93.87
CA GLU H 151 -67.22 2.45 94.64
C GLU H 151 -68.19 1.71 93.74
N GLY H 152 -68.45 2.26 92.56
CA GLY H 152 -69.38 1.65 91.62
C GLY H 152 -69.20 0.17 91.38
N ILE H 153 -68.17 -0.19 90.62
CA ILE H 153 -67.90 -1.59 90.31
C ILE H 153 -67.40 -2.39 91.50
N SER H 154 -66.59 -1.75 92.36
CA SER H 154 -66.04 -2.42 93.54
C SER H 154 -67.14 -2.98 94.43
N SER H 155 -68.36 -2.47 94.28
CA SER H 155 -69.49 -2.92 95.08
C SER H 155 -69.90 -4.35 94.74
N TYR H 156 -70.05 -4.64 93.45
CA TYR H 156 -70.44 -5.96 93.00
C TYR H 156 -69.64 -7.07 93.66
N TYR H 157 -68.37 -6.79 93.94
CA TYR H 157 -67.50 -7.77 94.57
C TYR H 157 -67.89 -7.98 96.03
N ASP H 158 -67.91 -6.89 96.80
CA ASP H 158 -68.26 -6.95 98.21
C ASP H 158 -69.58 -7.67 98.42
N GLU H 159 -70.47 -7.57 97.43
CA GLU H 159 -71.77 -8.21 97.50
C GLU H 159 -71.66 -9.73 97.40
N LEU H 160 -71.00 -10.19 96.35
CA LEU H 160 -70.84 -11.63 96.14
C LEU H 160 -69.97 -12.24 97.23
N ILE H 161 -69.42 -11.39 98.09
CA ILE H 161 -68.59 -11.84 99.21
C ILE H 161 -69.47 -12.27 100.36
N GLU H 162 -70.45 -11.42 100.70
CA GLU H 162 -71.37 -11.73 101.79
C GLU H 162 -72.40 -12.74 101.32
N MET H 163 -73.03 -12.44 100.18
CA MET H 163 -74.03 -13.31 99.58
C MET H 163 -73.56 -14.76 99.54
N THR H 164 -72.48 -15.00 98.81
CA THR H 164 -71.91 -16.33 98.67
C THR H 164 -71.49 -16.91 100.02
N SER H 165 -71.10 -16.03 100.95
CA SER H 165 -70.67 -16.47 102.27
C SER H 165 -71.80 -17.12 103.06
N TYR H 166 -72.99 -16.51 103.03
CA TYR H 166 -74.13 -17.06 103.75
C TYR H 166 -74.60 -18.36 103.13
N TRP H 167 -74.25 -18.59 101.87
CA TRP H 167 -74.64 -19.81 101.17
C TRP H 167 -73.89 -21.03 101.72
N HIS H 168 -72.79 -20.77 102.40
CA HIS H 168 -71.98 -21.84 102.99
C HIS H 168 -72.10 -21.83 104.51
N LEU H 169 -71.98 -20.65 105.11
CA LEU H 169 -72.07 -20.51 106.56
C LEU H 169 -73.44 -20.93 107.05
N LEU H 170 -74.39 -20.89 106.11
CA LEU H 170 -75.82 -21.05 106.34
C LEU H 170 -76.47 -21.68 105.11
N GLY H 171 -77.68 -22.18 105.28
CA GLY H 171 -78.37 -23.00 104.30
C GLY H 171 -79.20 -22.14 103.36
N GLU H 172 -80.49 -22.39 103.31
CA GLU H 172 -81.39 -21.62 102.45
C GLU H 172 -82.69 -21.31 103.15
N GLY H 173 -83.54 -20.54 102.47
CA GLY H 173 -84.70 -19.89 103.05
C GLY H 173 -84.35 -18.79 104.05
N THR H 174 -84.99 -18.81 105.23
CA THR H 174 -84.87 -17.71 106.17
C THR H 174 -84.14 -18.09 107.46
N HIS H 175 -83.16 -17.26 107.82
CA HIS H 175 -82.51 -17.34 109.12
C HIS H 175 -82.58 -15.96 109.72
N THR H 176 -82.99 -15.89 110.99
CA THR H 176 -83.16 -14.58 111.62
C THR H 176 -82.17 -14.36 112.76
N VAL H 177 -81.44 -13.26 112.68
CA VAL H 177 -80.53 -12.86 113.74
C VAL H 177 -80.85 -11.44 114.21
N ASN H 178 -80.99 -11.27 115.52
CA ASN H 178 -81.26 -9.95 116.09
C ASN H 178 -82.50 -9.29 115.51
N GLY H 179 -83.53 -10.10 115.25
CA GLY H 179 -84.77 -9.58 114.72
C GLY H 179 -84.74 -9.29 113.22
N LYS H 180 -83.67 -9.74 112.57
CA LYS H 180 -83.50 -9.52 111.13
C LYS H 180 -83.49 -10.84 110.37
N THR H 181 -84.30 -10.90 109.31
CA THR H 181 -84.40 -12.12 108.52
C THR H 181 -83.71 -11.90 107.19
N VAL H 182 -82.70 -12.72 106.92
CA VAL H 182 -81.96 -12.64 105.69
C VAL H 182 -82.15 -13.93 104.92
N THR H 183 -82.54 -13.82 103.66
CA THR H 183 -82.82 -14.99 102.84
C THR H 183 -81.59 -15.37 102.00
N VAL H 184 -81.31 -16.67 101.95
CA VAL H 184 -80.32 -17.17 101.04
C VAL H 184 -81.06 -18.07 100.06
N SER H 185 -81.01 -17.71 98.79
CA SER H 185 -81.63 -18.51 97.76
C SER H 185 -80.57 -18.86 96.73
N LEU H 186 -80.46 -20.13 96.41
CA LEU H 186 -79.47 -20.53 95.41
C LEU H 186 -79.52 -19.60 94.20
N ARG H 187 -80.70 -19.48 93.59
CA ARG H 187 -80.88 -18.62 92.43
C ARG H 187 -80.54 -17.16 92.74
N GLU H 188 -80.72 -16.78 94.00
CA GLU H 188 -80.44 -15.40 94.41
C GLU H 188 -78.94 -15.13 94.43
N LEU H 189 -78.15 -16.19 94.29
CA LEU H 189 -76.70 -16.07 94.28
C LEU H 189 -76.15 -16.22 92.86
N LYS H 190 -76.84 -17.05 92.07
CA LYS H 190 -76.42 -17.28 90.69
C LYS H 190 -76.58 -16.02 89.85
N LYS H 191 -77.26 -15.03 90.41
CA LYS H 191 -77.47 -13.76 89.73
C LYS H 191 -76.45 -12.75 90.24
N LYS H 192 -76.12 -12.88 91.53
CA LYS H 192 -75.16 -11.99 92.16
C LYS H 192 -73.78 -12.24 91.55
N LEU H 193 -73.72 -13.20 90.64
CA LEU H 193 -72.48 -13.56 89.95
C LEU H 193 -72.53 -13.07 88.51
N TYR H 194 -73.53 -13.55 87.78
CA TYR H 194 -73.71 -13.19 86.38
C TYR H 194 -73.70 -11.69 86.16
N LEU H 195 -74.09 -10.94 87.19
CA LEU H 195 -74.13 -9.48 87.09
C LEU H 195 -72.79 -8.88 87.53
N CYS H 196 -72.17 -9.49 88.54
CA CYS H 196 -70.91 -9.02 89.06
C CYS H 196 -69.75 -9.23 88.08
N LEU H 197 -69.89 -10.23 87.21
CA LEU H 197 -68.86 -10.53 86.22
C LEU H 197 -69.01 -9.68 84.96
N MET H 198 -70.24 -9.28 84.66
CA MET H 198 -70.50 -8.47 83.48
C MET H 198 -69.95 -7.07 83.78
N SER H 199 -69.60 -6.86 85.05
CA SER H 199 -69.04 -5.60 85.50
C SER H 199 -67.54 -5.60 85.25
N VAL H 200 -66.97 -6.79 85.13
CA VAL H 200 -65.55 -6.95 84.87
C VAL H 200 -65.30 -6.94 83.37
N ASN H 201 -66.23 -7.50 82.60
CA ASN H 201 -65.99 -7.61 81.18
C ASN H 201 -65.81 -6.19 80.70
N ALA H 202 -66.35 -5.26 81.49
CA ALA H 202 -66.45 -3.87 81.08
C ALA H 202 -65.25 -3.10 81.61
N LEU H 203 -64.81 -3.47 82.82
CA LEU H 203 -63.66 -2.84 83.45
C LEU H 203 -62.36 -3.30 82.79
N GLU H 204 -62.39 -4.52 82.26
CA GLU H 204 -61.23 -5.09 81.56
C GLU H 204 -61.36 -5.08 80.03
N ALA H 205 -62.50 -4.60 79.52
CA ALA H 205 -62.71 -4.53 78.07
C ALA H 205 -62.79 -3.09 77.60
N ILE H 206 -63.74 -2.33 78.15
CA ILE H 206 -63.96 -0.94 77.76
C ILE H 206 -63.36 0.11 78.70
N ARG H 207 -63.39 -0.15 80.00
CA ARG H 207 -62.91 0.80 81.00
C ARG H 207 -61.41 1.01 80.92
N PHE H 208 -60.68 -0.08 80.70
CA PHE H 208 -59.23 -0.05 80.59
C PHE H 208 -58.74 0.29 79.18
N TYR H 209 -59.30 -0.36 78.18
CA TYR H 209 -58.92 -0.10 76.79
C TYR H 209 -59.09 1.37 76.43
N VAL H 210 -59.97 2.05 77.16
CA VAL H 210 -60.22 3.46 76.93
C VAL H 210 -59.11 4.27 77.60
N SER H 211 -58.62 3.75 78.72
CA SER H 211 -57.56 4.41 79.47
C SER H 211 -56.20 4.18 78.83
N PHE H 212 -56.18 3.44 77.71
CA PHE H 212 -54.93 3.16 77.02
C PHE H 212 -54.71 4.14 75.87
N ALA H 213 -55.79 4.48 75.16
CA ALA H 213 -55.70 5.42 74.05
C ALA H 213 -55.10 6.72 74.55
N CYS H 214 -55.23 6.96 75.85
CA CYS H 214 -54.71 8.17 76.47
C CYS H 214 -53.20 8.08 76.60
N SER H 215 -52.72 6.93 77.08
CA SER H 215 -51.29 6.70 77.27
C SER H 215 -50.57 6.56 75.93
N PHE H 216 -51.21 5.85 74.99
CA PHE H 216 -50.62 5.65 73.67
C PHE H 216 -50.70 6.92 72.85
N ALA H 217 -51.41 7.91 73.36
CA ALA H 217 -51.56 9.18 72.67
C ALA H 217 -50.22 9.92 72.70
N PHE H 218 -49.55 9.87 73.85
CA PHE H 218 -48.26 10.50 74.02
C PHE H 218 -47.21 9.75 73.23
N ALA H 219 -47.47 8.46 72.99
CA ALA H 219 -46.55 7.61 72.25
C ALA H 219 -46.41 8.10 70.81
N GLU H 220 -47.56 8.43 70.19
CA GLU H 220 -47.56 8.92 68.82
C GLU H 220 -47.04 10.35 68.77
N ARG H 221 -46.63 10.86 69.93
CA ARG H 221 -46.12 12.22 70.06
C ARG H 221 -44.64 12.15 70.45
N GLU H 222 -44.12 10.94 70.54
CA GLU H 222 -42.72 10.72 70.91
C GLU H 222 -42.51 11.18 72.36
N LEU H 223 -43.48 10.88 73.21
CA LEU H 223 -43.40 11.28 74.62
C LEU H 223 -43.82 10.17 75.58
N MET H 224 -43.17 10.13 76.74
CA MET H 224 -43.44 9.12 77.76
C MET H 224 -43.34 7.72 77.17
N GLU H 225 -42.23 7.46 76.48
CA GLU H 225 -41.98 6.16 75.86
C GLU H 225 -42.17 5.00 76.83
N GLY H 226 -41.30 4.95 77.83
CA GLY H 226 -41.37 3.88 78.83
C GLY H 226 -42.78 3.46 79.21
N ASN H 227 -43.64 4.44 79.46
CA ASN H 227 -45.01 4.14 79.84
C ASN H 227 -45.74 3.39 78.73
N ALA H 228 -45.61 3.90 77.50
CA ALA H 228 -46.24 3.26 76.35
C ALA H 228 -45.77 1.83 76.21
N LYS H 229 -44.46 1.62 76.35
CA LYS H 229 -43.88 0.29 76.25
C LYS H 229 -44.49 -0.65 77.28
N ILE H 230 -44.58 -0.18 78.52
CA ILE H 230 -45.15 -0.97 79.60
C ILE H 230 -46.66 -1.15 79.40
N ILE H 231 -47.34 -0.04 79.11
CA ILE H 231 -48.79 -0.07 78.90
C ILE H 231 -49.17 -1.05 77.79
N ARG H 232 -48.36 -1.11 76.73
CA ARG H 232 -48.64 -2.03 75.64
C ARG H 232 -48.80 -3.44 76.18
N LEU H 233 -47.77 -3.91 76.88
CA LEU H 233 -47.76 -5.24 77.47
C LEU H 233 -49.02 -5.44 78.31
N ILE H 234 -49.41 -4.39 79.02
CA ILE H 234 -50.60 -4.44 79.88
C ILE H 234 -51.82 -4.84 79.04
N ALA H 235 -52.05 -4.10 77.96
CA ALA H 235 -53.18 -4.35 77.08
C ALA H 235 -53.17 -5.78 76.55
N ARG H 236 -51.98 -6.29 76.25
CA ARG H 236 -51.85 -7.65 75.73
C ARG H 236 -52.33 -8.67 76.76
N ASP H 237 -51.77 -8.60 77.96
CA ASP H 237 -52.15 -9.51 79.03
C ASP H 237 -53.63 -9.32 79.35
N GLU H 238 -54.14 -8.13 79.06
CA GLU H 238 -55.53 -7.80 79.31
C GLU H 238 -56.43 -8.52 78.31
N ALA H 239 -55.99 -8.55 77.05
CA ALA H 239 -56.75 -9.19 75.99
C ALA H 239 -57.25 -10.56 76.45
N LEU H 240 -56.37 -11.31 77.09
CA LEU H 240 -56.71 -12.64 77.60
C LEU H 240 -57.84 -12.55 78.62
N HIS H 241 -57.78 -11.53 79.46
CA HIS H 241 -58.77 -11.34 80.52
C HIS H 241 -60.21 -11.18 80.01
N LEU H 242 -60.50 -10.10 79.30
CA LEU H 242 -61.86 -9.89 78.80
C LEU H 242 -62.28 -11.06 77.91
N THR H 243 -61.31 -11.69 77.26
CA THR H 243 -61.59 -12.82 76.40
C THR H 243 -62.24 -13.93 77.22
N GLY H 244 -61.71 -14.17 78.41
CA GLY H 244 -62.26 -15.19 79.28
C GLY H 244 -63.56 -14.76 79.92
N THR H 245 -63.65 -13.48 80.27
CA THR H 245 -64.85 -12.94 80.90
C THR H 245 -66.06 -13.20 80.00
N GLN H 246 -65.80 -13.33 78.70
CA GLN H 246 -66.86 -13.59 77.73
C GLN H 246 -67.18 -15.08 77.66
N HIS H 247 -66.13 -15.90 77.54
CA HIS H 247 -66.31 -17.34 77.47
C HIS H 247 -67.02 -17.83 78.73
N MET H 248 -66.81 -17.13 79.84
CA MET H 248 -67.43 -17.47 81.10
C MET H 248 -68.89 -17.02 81.09
N LEU H 249 -69.16 -15.93 80.38
CA LEU H 249 -70.50 -15.37 80.27
C LEU H 249 -71.33 -16.11 79.23
N ASN H 250 -70.77 -16.31 78.05
CA ASN H 250 -71.46 -16.98 76.96
C ASN H 250 -71.90 -18.40 77.33
N LEU H 251 -71.00 -19.17 77.94
CA LEU H 251 -71.33 -20.54 78.31
C LEU H 251 -72.29 -20.60 79.49
N LEU H 252 -72.32 -19.54 80.29
CA LEU H 252 -73.22 -19.48 81.44
C LEU H 252 -74.62 -19.06 80.98
N ARG H 253 -74.68 -18.39 79.83
CA ARG H 253 -75.94 -17.94 79.28
C ARG H 253 -76.53 -18.98 78.33
N SER H 254 -75.65 -19.77 77.72
CA SER H 254 -76.08 -20.81 76.80
C SER H 254 -76.83 -21.91 77.53
N GLY H 255 -76.35 -22.25 78.72
CA GLY H 255 -76.99 -23.29 79.50
C GLY H 255 -76.36 -24.65 79.27
N ALA H 256 -75.45 -24.72 78.30
CA ALA H 256 -74.76 -25.96 77.98
C ALA H 256 -73.98 -26.47 79.18
N ASP H 257 -73.80 -25.60 80.17
CA ASP H 257 -73.08 -25.94 81.39
C ASP H 257 -74.00 -25.86 82.60
N ASP H 258 -74.60 -24.69 82.78
CA ASP H 258 -75.51 -24.47 83.90
C ASP H 258 -76.92 -24.22 83.39
N PRO H 259 -77.78 -25.26 83.41
CA PRO H 259 -79.16 -25.18 82.94
C PRO H 259 -79.97 -24.05 83.59
N GLU H 260 -79.84 -23.91 84.90
CA GLU H 260 -80.57 -22.88 85.64
C GLU H 260 -80.24 -21.48 85.13
N MET H 261 -78.95 -21.18 85.03
CA MET H 261 -78.50 -19.87 84.56
C MET H 261 -79.12 -19.48 83.22
N ALA H 262 -79.42 -20.47 82.39
CA ALA H 262 -80.02 -20.23 81.09
C ALA H 262 -81.21 -19.27 81.19
N GLU H 263 -81.96 -19.38 82.27
CA GLU H 263 -83.13 -18.53 82.50
C GLU H 263 -82.67 -17.18 83.06
N ILE H 264 -81.78 -17.23 84.04
CA ILE H 264 -81.24 -16.04 84.67
C ILE H 264 -80.70 -15.06 83.65
N ALA H 265 -80.30 -15.58 82.49
CA ALA H 265 -79.74 -14.74 81.43
C ALA H 265 -80.81 -13.86 80.79
N GLU H 266 -82.07 -14.32 80.84
CA GLU H 266 -83.18 -13.56 80.26
C GLU H 266 -83.75 -12.55 81.25
N GLU H 267 -83.83 -12.94 82.51
CA GLU H 267 -84.36 -12.07 83.55
C GLU H 267 -83.30 -11.10 84.04
N CYS H 268 -82.17 -11.07 83.35
CA CYS H 268 -81.06 -10.19 83.68
C CYS H 268 -80.54 -9.52 82.41
N LYS H 269 -81.10 -9.92 81.27
CA LYS H 269 -80.72 -9.36 79.98
C LYS H 269 -80.75 -7.84 80.04
N GLN H 270 -81.89 -7.30 80.46
CA GLN H 270 -82.07 -5.86 80.57
C GLN H 270 -81.20 -5.33 81.71
N GLU H 271 -81.11 -6.11 82.78
CA GLU H 271 -80.33 -5.74 83.95
C GLU H 271 -78.87 -5.47 83.60
N CYS H 272 -78.23 -6.43 82.91
CA CYS H 272 -76.84 -6.28 82.51
C CYS H 272 -76.69 -5.13 81.52
N TYR H 273 -77.58 -5.09 80.54
CA TYR H 273 -77.55 -4.04 79.52
C TYR H 273 -77.45 -2.66 80.17
N ASP H 274 -78.17 -2.46 81.27
CA ASP H 274 -78.15 -1.20 81.97
C ASP H 274 -76.74 -0.84 82.42
N LEU H 275 -76.14 -1.73 83.21
CA LEU H 275 -74.79 -1.52 83.73
C LEU H 275 -73.79 -1.19 82.62
N PHE H 276 -73.82 -1.97 81.54
CA PHE H 276 -72.91 -1.75 80.42
C PHE H 276 -73.03 -0.33 79.87
N VAL H 277 -74.20 0.00 79.33
CA VAL H 277 -74.44 1.32 78.77
C VAL H 277 -74.23 2.43 79.79
N GLN H 278 -74.73 2.21 80.99
CA GLN H 278 -74.60 3.20 82.06
C GLN H 278 -73.15 3.45 82.44
N ALA H 279 -72.44 2.40 82.80
CA ALA H 279 -71.04 2.51 83.18
C ALA H 279 -70.22 3.19 82.09
N ALA H 280 -70.54 2.88 80.83
CA ALA H 280 -69.84 3.46 79.69
C ALA H 280 -69.80 4.98 79.78
N GLN H 281 -70.91 5.58 80.20
CA GLN H 281 -70.99 7.04 80.34
C GLN H 281 -69.98 7.60 81.33
N GLN H 282 -69.78 6.89 82.43
CA GLN H 282 -68.84 7.32 83.45
C GLN H 282 -67.52 7.73 82.82
N GLU H 283 -67.11 6.99 81.79
CA GLU H 283 -65.85 7.27 81.09
C GLU H 283 -65.88 8.60 80.34
N LYS H 284 -66.92 8.79 79.54
CA LYS H 284 -67.05 10.03 78.76
C LYS H 284 -66.82 11.27 79.63
N ASP H 285 -67.28 11.20 80.87
CA ASP H 285 -67.11 12.32 81.80
C ASP H 285 -65.64 12.47 82.18
N TRP H 286 -64.99 11.36 82.50
CA TRP H 286 -63.58 11.37 82.88
C TRP H 286 -62.75 12.23 81.94
N ALA H 287 -63.08 12.19 80.65
CA ALA H 287 -62.36 12.98 79.66
C ALA H 287 -62.33 14.45 80.07
N ASP H 288 -63.49 14.99 80.42
CA ASP H 288 -63.60 16.38 80.83
C ASP H 288 -62.59 16.72 81.92
N TYR H 289 -62.39 15.79 82.85
CA TYR H 289 -61.45 15.99 83.94
C TYR H 289 -60.02 16.17 83.42
N LEU H 290 -59.73 15.57 82.28
CA LEU H 290 -58.40 15.65 81.69
C LEU H 290 -58.28 16.82 80.70
N PHE H 291 -59.28 16.98 79.84
CA PHE H 291 -59.27 18.05 78.86
C PHE H 291 -59.91 19.32 79.41
N ARG H 292 -60.04 19.39 80.73
CA ARG H 292 -60.63 20.55 81.38
C ARG H 292 -59.76 21.77 81.17
N ASP H 293 -58.47 21.64 81.51
CA ASP H 293 -57.52 22.73 81.37
C ASP H 293 -57.22 23.02 79.90
N GLY H 294 -57.08 21.96 79.11
CA GLY H 294 -56.80 22.14 77.70
C GLY H 294 -56.78 20.83 76.92
N SER H 295 -56.85 20.94 75.60
CA SER H 295 -56.83 19.77 74.73
C SER H 295 -55.41 19.26 74.54
N MET H 296 -55.26 18.20 73.75
CA MET H 296 -53.95 17.64 73.48
C MET H 296 -53.73 17.54 71.98
N ILE H 297 -52.49 17.73 71.55
CA ILE H 297 -52.15 17.68 70.13
C ILE H 297 -52.57 16.35 69.50
N GLY H 298 -52.81 15.35 70.33
CA GLY H 298 -53.20 14.05 69.82
C GLY H 298 -54.71 13.82 69.80
N LEU H 299 -55.38 14.29 70.85
CA LEU H 299 -56.83 14.13 70.95
C LEU H 299 -57.40 14.96 72.09
N ASN H 300 -58.70 15.23 72.02
CA ASN H 300 -59.37 16.01 73.05
C ASN H 300 -60.68 15.33 73.45
N LYS H 301 -61.42 15.98 74.36
CA LYS H 301 -62.69 15.44 74.83
C LYS H 301 -63.53 14.87 73.70
N ASP H 302 -63.67 15.64 72.63
CA ASP H 302 -64.46 15.23 71.48
C ASP H 302 -64.08 13.83 71.00
N ILE H 303 -62.83 13.68 70.54
CA ILE H 303 -62.33 12.41 70.05
C ILE H 303 -62.49 11.26 71.04
N LEU H 304 -61.79 11.34 72.17
CA LEU H 304 -61.83 10.31 73.19
C LEU H 304 -63.25 9.77 73.45
N CYS H 305 -64.23 10.66 73.44
CA CYS H 305 -65.62 10.26 73.68
C CYS H 305 -66.10 9.31 72.58
N GLN H 306 -65.85 9.67 71.33
CA GLN H 306 -66.27 8.85 70.20
C GLN H 306 -65.80 7.41 70.38
N TYR H 307 -64.60 7.25 70.91
CA TYR H 307 -64.02 5.94 71.14
C TYR H 307 -64.93 5.04 71.97
N VAL H 308 -65.29 5.51 73.16
CA VAL H 308 -66.15 4.76 74.07
C VAL H 308 -67.33 4.15 73.32
N GLU H 309 -67.91 4.91 72.41
CA GLU H 309 -69.05 4.43 71.63
C GLU H 309 -68.63 3.31 70.67
N TYR H 310 -67.56 3.55 69.93
CA TYR H 310 -67.05 2.57 68.98
C TYR H 310 -66.67 1.25 69.64
N ILE H 311 -65.99 1.35 70.77
CA ILE H 311 -65.56 0.16 71.50
C ILE H 311 -66.70 -0.57 72.21
N THR H 312 -67.45 0.15 73.02
CA THR H 312 -68.57 -0.43 73.75
C THR H 312 -69.63 -1.01 72.79
N ASN H 313 -69.77 -0.39 71.63
CA ASN H 313 -70.74 -0.83 70.64
C ASN H 313 -70.46 -2.27 70.20
N ILE H 314 -69.19 -2.61 70.06
CA ILE H 314 -68.79 -3.95 69.65
C ILE H 314 -68.55 -4.84 70.85
N ARG H 315 -67.88 -4.29 71.86
CA ARG H 315 -67.56 -5.01 73.09
C ARG H 315 -68.78 -5.76 73.62
N MET H 316 -69.95 -5.17 73.45
CA MET H 316 -71.19 -5.78 73.92
C MET H 316 -71.80 -6.74 72.90
N GLN H 317 -71.47 -6.53 71.63
CA GLN H 317 -71.99 -7.39 70.57
C GLN H 317 -71.44 -8.80 70.71
N ALA H 318 -70.43 -8.94 71.57
CA ALA H 318 -69.80 -10.24 71.81
C ALA H 318 -70.53 -10.98 72.92
N VAL H 319 -70.64 -10.35 74.08
CA VAL H 319 -71.32 -10.97 75.22
C VAL H 319 -72.74 -11.40 74.85
N GLY H 320 -73.34 -10.71 73.89
CA GLY H 320 -74.68 -11.05 73.47
C GLY H 320 -75.71 -9.97 73.74
N LEU H 321 -75.31 -8.92 74.45
CA LEU H 321 -76.23 -7.83 74.75
C LEU H 321 -76.62 -7.01 73.53
N ASP H 322 -77.63 -6.19 73.74
CA ASP H 322 -78.21 -5.35 72.69
C ASP H 322 -77.30 -4.18 72.40
N LEU H 323 -77.35 -3.62 71.19
CA LEU H 323 -76.48 -2.48 70.90
C LEU H 323 -77.19 -1.14 71.03
N PRO H 324 -76.71 -0.30 71.95
CA PRO H 324 -77.31 1.02 72.19
C PRO H 324 -76.56 2.21 71.56
N PHE H 325 -75.24 2.24 71.73
CA PHE H 325 -74.42 3.36 71.21
C PHE H 325 -74.44 3.34 69.68
N GLN H 326 -74.40 4.51 69.05
CA GLN H 326 -74.51 4.49 67.59
C GLN H 326 -73.28 3.85 66.96
N THR H 327 -73.48 3.24 65.79
CA THR H 327 -72.39 2.59 65.08
C THR H 327 -71.44 3.69 64.59
N ARG H 328 -70.19 3.31 64.35
CA ARG H 328 -69.13 4.27 64.04
C ARG H 328 -67.89 3.58 63.47
N SER H 329 -66.97 4.39 62.93
CA SER H 329 -65.67 3.87 62.51
C SER H 329 -64.59 4.35 63.46
N ASN H 330 -63.65 3.46 63.80
CA ASN H 330 -62.81 3.80 64.90
C ASN H 330 -62.28 5.16 64.55
N PRO H 331 -62.48 6.08 65.49
CA PRO H 331 -62.02 7.46 65.40
C PRO H 331 -60.51 7.43 65.43
N ILE H 332 -59.98 6.58 66.30
CA ILE H 332 -58.57 6.33 66.33
C ILE H 332 -58.27 4.94 65.80
N PRO H 333 -57.59 4.91 64.66
CA PRO H 333 -56.95 3.70 64.12
C PRO H 333 -55.47 3.58 64.53
N TRP H 334 -54.81 4.71 64.81
CA TRP H 334 -53.41 4.71 65.22
C TRP H 334 -53.17 3.90 66.49
N ILE H 335 -54.24 3.57 67.20
CA ILE H 335 -54.13 2.80 68.44
C ILE H 335 -53.83 1.33 68.19
N ASN H 336 -54.29 0.80 67.06
CA ASN H 336 -54.07 -0.60 66.72
C ASN H 336 -52.60 -0.97 66.80
N THR H 337 -51.71 -0.01 66.64
CA THR H 337 -50.30 -0.35 66.55
C THR H 337 -49.93 -1.06 67.84
N TRP H 338 -50.65 -0.74 68.93
CA TRP H 338 -50.26 -1.15 70.27
C TRP H 338 -50.91 -2.39 70.82
N LEU H 339 -51.93 -2.88 70.11
CA LEU H 339 -52.63 -4.10 70.48
C LEU H 339 -52.33 -5.21 69.49
N VAL H 340 -51.44 -4.96 68.53
CA VAL H 340 -51.08 -6.05 67.63
C VAL H 340 -49.75 -6.72 68.00
N SER H 341 -49.81 -7.90 68.59
CA SER H 341 -48.65 -8.79 68.71
C SER H 341 -47.43 -8.09 69.31
N ASP H 342 -47.63 -7.39 70.42
CA ASP H 342 -46.64 -6.42 70.86
C ASP H 342 -45.28 -7.07 71.07
N ASN H 343 -44.25 -6.39 70.58
CA ASN H 343 -42.89 -6.91 70.63
C ASN H 343 -42.49 -7.27 72.06
N SER H 363 -35.80 -10.10 21.16
CA SER H 363 -36.78 -9.96 20.10
C SER H 363 -36.97 -11.26 19.34
N GLU H 364 -38.23 -11.61 19.10
CA GLU H 364 -38.55 -12.83 18.39
C GLU H 364 -39.07 -12.41 17.03
N VAL H 365 -38.38 -12.84 15.98
CA VAL H 365 -38.77 -12.48 14.64
C VAL H 365 -38.95 -13.71 13.78
N ASP H 366 -40.09 -13.81 13.12
CA ASP H 366 -40.27 -14.81 12.10
C ASP H 366 -41.23 -14.24 11.07
N THR H 367 -41.20 -14.78 9.87
CA THR H 367 -42.23 -14.50 8.89
C THR H 367 -43.33 -15.56 8.93
N ASP H 368 -43.19 -16.49 9.87
CA ASP H 368 -44.15 -17.57 10.03
C ASP H 368 -45.53 -17.11 10.49
N ASP H 369 -45.60 -16.56 11.70
CA ASP H 369 -46.85 -16.10 12.27
C ASP H 369 -47.45 -14.86 11.60
N LEU H 370 -46.57 -14.03 11.04
CA LEU H 370 -46.95 -12.88 10.21
C LEU H 370 -47.58 -13.21 8.85
N SER H 371 -47.13 -14.25 8.18
CA SER H 371 -47.43 -14.37 6.77
C SER H 371 -48.94 -14.39 6.55
N ASN H 372 -49.65 -14.73 7.62
CA ASN H 372 -51.04 -15.17 7.57
C ASN H 372 -52.02 -14.02 7.79
N PHE H 373 -51.64 -13.06 8.62
CA PHE H 373 -52.51 -11.92 8.90
C PHE H 373 -52.98 -11.26 7.61
N GLN H 374 -54.20 -10.72 7.64
CA GLN H 374 -54.78 -10.07 6.48
C GLN H 374 -55.27 -8.67 6.81
N LEU H 375 -54.32 -7.77 7.05
CA LEU H 375 -54.56 -6.37 7.40
C LEU H 375 -55.79 -5.76 6.71
PG ATP I . 7.81 6.96 -19.58
O1G ATP I . 8.34 5.74 -18.84
O2G ATP I . 7.86 6.67 -21.11
O3G ATP I . 8.70 8.16 -19.27
PB ATP I . 5.72 6.84 -17.78
O1B ATP I . 6.58 5.85 -16.94
O2B ATP I . 4.36 6.14 -18.00
O3B ATP I . 6.33 7.27 -19.16
PA ATP I . 6.67 8.88 -16.25
O1A ATP I . 7.51 9.64 -17.28
O2A ATP I . 6.08 9.88 -15.24
O3A ATP I . 5.48 8.12 -16.92
O5' ATP I . 7.68 7.95 -15.48
C5' ATP I . 7.27 7.34 -14.24
C4' ATP I . 8.35 6.83 -13.29
O4' ATP I . 8.46 5.44 -13.26
C3' ATP I . 9.70 7.39 -13.60
O3' ATP I . 10.24 7.76 -12.39
C2' ATP I . 10.46 6.36 -14.19
O2' ATP I . 11.67 6.27 -13.56
C1' ATP I . 9.79 5.10 -13.81
N9 ATP I . 9.86 4.19 -14.94
C8 ATP I . 9.60 4.45 -16.21
N7 ATP I . 9.78 3.33 -16.94
C5 ATP I . 10.15 2.36 -16.09
C6 ATP I . 10.47 1.01 -16.25
N6 ATP I . 10.43 0.39 -17.62
N1 ATP I . 10.82 0.27 -15.20
C2 ATP I . 10.86 0.82 -13.98
N3 ATP I . 10.56 2.11 -13.78
C4 ATP I . 10.21 2.90 -14.82
PG ATP J . -58.65 33.04 62.55
O1G ATP J . -57.81 32.22 63.52
O2G ATP J . -59.26 34.25 63.32
O3G ATP J . -59.79 32.17 62.01
PB ATP J . -56.44 32.88 60.89
O1B ATP J . -55.90 31.78 61.82
O2B ATP J . -55.32 33.92 60.76
O3B ATP J . -57.77 33.58 61.35
PA ATP J . -57.53 30.94 59.32
O1A ATP J . -59.02 31.20 59.54
O2A ATP J . -57.33 30.42 57.89
O3A ATP J . -56.70 32.25 59.48
O5' ATP J . -57.14 29.79 60.32
C5' ATP J . -55.90 29.11 60.14
C4' ATP J . -55.73 27.74 60.80
O4' ATP J . -54.90 27.74 61.90
C3' ATP J . -57.02 27.11 61.21
O3' ATP J . -56.98 25.81 60.80
C2' ATP J . -57.10 27.22 62.61
O2' ATP J . -57.43 25.98 63.13
C1' ATP J . -55.73 27.40 63.09
N9 ATP J . -55.75 28.32 64.20
C8 ATP J . -56.40 29.48 64.29
N7 ATP J . -56.15 30.02 65.50
C5 ATP J . -55.32 29.20 66.15
C6 ATP J . -54.73 29.24 67.41
N6 ATP J . -54.99 30.40 68.34
N1 ATP J . -53.94 28.24 67.82
C2 ATP J . -53.70 27.21 67.00
N3 ATP J . -54.25 27.14 65.77
C4 ATP J . -55.06 28.12 65.34
PG ATP K . -20.31 2.31 -0.04
O1G ATP K . -19.39 2.59 1.13
O2G ATP K . -19.96 3.26 -1.22
O3G ATP K . -21.77 2.51 0.36
PB ATP K . -20.79 -0.36 0.22
O1B ATP K . -22.30 -0.50 -0.08
O2B ATP K . -20.66 -0.21 1.76
O3B ATP K . -20.10 0.83 -0.53
PA ATP K . -18.53 -1.75 -0.07
O1A ATP K . -18.04 -3.20 -0.09
O2A ATP K . -17.90 -0.98 -1.24
O3A ATP K . -20.08 -1.68 -0.20
O5' ATP K . -17.97 -1.13 1.28
C5' ATP K . -16.84 -1.73 1.92
C4' ATP K . -16.96 -1.98 3.41
O4' ATP K . -16.35 -1.01 4.18
C3' ATP K . -18.40 -2.02 3.82
O3' ATP K . -18.76 -3.33 3.71
C2' ATP K . -18.46 -1.58 5.15
O2' ATP K . -18.27 -2.66 5.99
C1' ATP K . -17.24 -0.74 5.34
N9 ATP K . -17.77 0.61 5.41
C8 ATP K . -18.65 1.18 4.59
N7 ATP K . -18.88 2.44 5.02
C5 ATP K . -18.13 2.65 6.10
C6 ATP K . -17.96 3.75 6.95
N6 ATP K . -18.71 5.01 6.69
N1 ATP K . -17.11 3.66 7.98
C2 ATP K . -16.44 2.53 8.21
N3 ATP K . -16.59 1.45 7.41
C4 ATP K . -17.42 1.49 6.37
PG ATP L . 57.78 -35.14 -59.29
O1G ATP L . 58.75 -35.14 -58.11
O2G ATP L . 56.35 -34.87 -58.77
O3G ATP L . 57.82 -36.48 -60.03
PB ATP L . 57.84 -32.52 -59.81
O1B ATP L . 56.36 -32.13 -59.99
O2B ATP L . 58.68 -31.49 -60.60
O3B ATP L . 58.18 -33.97 -60.26
PA ATP L . 57.60 -31.13 -57.53
O1A ATP L . 57.84 -29.84 -58.32
O2A ATP L . 56.09 -31.32 -57.30
O3A ATP L . 58.15 -32.37 -58.28
O5' ATP L . 58.28 -30.86 -56.12
C5' ATP L . 58.97 -29.64 -55.90
C4' ATP L . 60.24 -29.69 -55.04
O4' ATP L . 60.54 -30.95 -54.56
C3' ATP L . 61.42 -29.19 -55.78
O3' ATP L . 62.12 -28.41 -54.92
C2' ATP L . 62.17 -30.34 -56.13
O2' ATP L . 63.52 -30.00 -56.10
C1' ATP L . 61.91 -31.27 -54.99
N9 ATP L . 62.20 -32.66 -55.28
C8 ATP L . 61.67 -33.42 -56.22
N7 ATP L . 62.20 -34.66 -56.13
C5 ATP L . 63.09 -34.64 -55.12
C6 ATP L . 63.94 -35.61 -54.59
N6 ATP L . 63.96 -37.00 -55.15
N1 ATP L . 64.73 -35.31 -53.55
C2 ATP L . 64.71 -34.07 -53.04
N3 ATP L . 63.91 -33.12 -53.54
C4 ATP L . 63.10 -33.38 -54.58
FE1 FEO M . -6.01 -12.28 40.56
FE2 FEO M . -7.06 -15.51 41.05
O FEO M . -6.05 -14.20 39.88
FE1 FEO N . 41.52 -8.64 4.91
FE2 FEO N . 43.56 -5.97 5.66
O FEO N . 41.69 -6.78 5.74
FE1 FEO O . 93.02 -17.42 -36.30
FE2 FEO O . 93.62 -14.22 -37.41
O FEO O . 92.29 -15.54 -36.62
FE1 FEO P . -54.31 -5.19 84.98
FE2 FEO P . -56.72 -7.33 83.80
O FEO P . -55.10 -6.17 83.38
#